data_9DCH
#
_entry.id   9DCH
#
loop_
_entity.id
_entity.type
_entity.pdbx_description
1 polymer 'TERRAmut RNA'
2 polymer 'Isoform 2 of Histone-lysine N-methyltransferase EZH2'
3 polymer 'Polycomb protein SUZ12'
4 polymer RBAP48
5 polymer 'Zinc finger protein AEBP2'
6 polymer 'Protein Jumonji'
7 polymer 'Polycomb protein EED'
8 non-polymer 'ZINC ION'
#
loop_
_entity_poly.entity_id
_entity_poly.type
_entity_poly.pdbx_seq_one_letter_code
_entity_poly.pdbx_strand_id
1 'polyribonucleotide' UGAGUGUGAG G
2 'polypeptide(L)'
;GQTGKKSEKGPVCWRKRVKSEYMRLRQLKRFRRADEVKSMFSSNRQKILERTEILNQEWKQRRIQPVHILTSVSSLRGTR
ECSVTSDLDFPTQVIPLKTLNAVASVPIMYSWSPLQQNFMVEDETVLHNIPYMGDEVLDQDGTFIEELIKNYDGKVHGDR
ECGFINDEIFVELVNALGQYNDDDDDDDGDDPEEREEKQKDLEDHRDDKESRPPRKFPSDKIFEAISSMFPDKGTAEELK
EKYKELTEQQLPGALPPECTPNIDGPNAKSVQREQSLHSFHTLFCRRCFKYDCFLHRKCNYSFHATPNTYKRKNTETALD
NKPCGPQCYQHLEGAKEFAAALTAERIKTPPKRPGGRRRGRLPNNSSRPSTPTINVLESKDTDSDREAGTETGGENNDKE
EEEKKDETSSSSEANSRCQTPIKMKPNIEPPENVEWSGAEASMFRVLIGTYYDNFCAIARLIGTKTCRQVYEFRVKESSI
IAPAPAEDVDTPPRKKKRKHRLWAAHCRKIQLKKDGSSNHVYNYQPCDHPRQPCDSSCPCVIAQNFCEKFCQCSSECQNR
FPGCRCKAQCNTKQCPCYLAVRECDPDLCLTCGAADHWDSKNVSCKNCSIQRGSKKHLLLAPSDVAGWGIFIKDPVQKNE
FISEYCGEIISQDEADRRGKVYDKYMCSFLFNLNNDFVVDATRKGNKIRFANHSVNPNCYAKVMMVNGDHRIGIFAKRAI
QTGEELFFDYRYSQADALKYVGIEREMEIP
;
A,H
3 'polypeptide(L)'
;MAPQKHGGGGGGFGGSAAVAAATASGGKSGGGSCGGGGSYSASSSSSAAAAAGAAVLPVKKPKMEHVQADHELFLQAFEK
PTQIYRFLRTRNLIAPIFLHRTLTYMSHRNSRTNIKRKTFKVDDMLSKVEKMKGEQESHSLSAHLQLTFTGFFHKNDKPS
PNSENEQNSVTLEVLLVKVCHKKRKDVSCPIRQVPTGKKQVPLNPDLNQTKPGNFPSLAVSSNEFEPSNSHMVKSYSLLF
RVTRPGRREFNGMINGETNENIDVNEELPARRKRNREDGEKTFVAQMTVFDKNRRLQLLDGEYEVAMQEMEECPISKKRA
TWETILDGKRLPPFETFSQGPTLQFTLRWTGETNDKSTAPIAKPLATRNSESLHQENKPGSVKPTQTIAVKESLTTDLQT
RKEKDTPNENRQKLRIFYQFLYNNNTRQQTEARDDLHCPWCTLNCRKLYSLLKHLKLCHSRFIFNYVYHPKGARIDVSIN
ECYDGSYAGNPQDIHRQPGFAFSRNGPVKRTPITHILVCRPKRTKASMSEFLESEDGEVEQQRTYSSGHNRLYFHSDTCL
PLRPQEMEVDSEDEKDPEWLREKTITQIEEFSDVNEGEKEVMKLWNLHVMKHGFIADNQMNHACMLFVENYGQKIIKKNL
CRNFMLHLVSMHDFNLISIMSIDKAVTKLREMQQKLEKGESASPANEEITEEQNGTANGFSEINSKEKALETDSVSGVSK
QSKKQKL
;
B,I
4 'polypeptide(L)'
;MADKEAAFDDAVEERVINEEYKIWKKNTPFLYDLVMTHALEWPSLTAQWLPDVTRPEGKDFSIHRLVLGTHTSDEQNHLV
IASVQLPNDDAQFDASHYDSEKGEFGGFGSVSGKIEIEIKINHEGEVNRARYMPQNPCIIATKTPSSDVLVFDYTKHPSK
PDPSGECNPDLRLRGHQKEGYGLSWNPNLSGHLLSASDDHTICLWDISAVPKEGKVVDAKTIFTGHTAVVEDVSWHLLHE
SLFGSVADDQKLMIWDTRSNNTSKPSHSVDAHTAEVNCLSFNPYSEFILATGSADKTVALWDLRNLKLKLHSFESHKDEI
FQVQWSPHNETILASSGTDRRLNVWDLSKIGEEQSPEDAEDGPPELLFIHGGHTAKISDFSWNPNEPWVICSVSEDNIMQ
VWQMAENIYNDEDPEGSVDPEGQGS
;
D,K
5 'polypeptide(L)'
;SSDGEPLSRMDSEDSISSTIMDVDSTISSGRSTPAMMNGQGSTTSSSKNIAYNCCWDQCQACFNSSPDLADHIRSIHVDG
QRGGVFVCLWKGCKVYNTPSTSQSWLQRHMLTHSGDKPFKCVVGGCNASFASQGGLARHVPTHFSQQNSSKVSSQPKAKE
ESPSKAGMNKRRKLKNKRRRSLPRPHDFFDAQTLDAIRHRAICFNLSAHIESLGKGHSVVFHSTVIAKRKEDSGKIKLLL
HWMPEDILPDVWVNESERHQLKTKVVHLSKLPKDTALLLDPNIYRTMPQKRLKR
;
F,M
6 'polypeptide(L)'
;QSQPNSPSTTPVKIVEPLLPPPATQISDLSKRKPKTEDFLTFLCLRGSPALPNSMVYFGSSQDEEEVEEEDDETEDVKTA
TNNASSSCQSTPRKGKTHKHVHNGHVFNGSSRSTREKEPVQKHKSKEATPAKEKHSDHRADSRREQASANHPAAAPSTGS
SAKGLAATHHHPPLHRSAQDLRKQVSKVNGVTRMSSLGAGVTSAKKMREVRPSPSKTVKYTATVTKGAVTYTKAKRELVK
DTKPNHHKPSSAVNHTISGKTESSNAKTRKQVLSLGGASKSTGPAVNGLKVSGRLNPKSCTKEVGGRQLREGLQLREGLR
NSKRRLEEAHQA
;
E,L
7 'polypeptide(L)'
;MSEREVSTAPAGTDMPAAKKQKLSSDENSNPDLSGDENDDAVSIESGTNTERPDTPTNTPNAPGRKSWGKGKWKSKKCKY
SFKCVNSLKEDHNQPLFGVQFNWHSKEGDPLVFATVGSNRVTLYECHSQGEIRLLQSYVDADADENFYTCAWTYDSNTSH
PLLAVAGSRGIIRIINPITMQCIKHYVGHGNAINELKFHPRDPNLLLSVSKDHALRLWNIQTDTLVAIFGGVEGHRDEVL
SADYDLLGEKIMSCGMDHSLKLWRINSKRMMNAIKESYDYNPNKTNRPFISQKIHFPDFSTRDIHRNYVDCVRWLGDLIL
SKSCENAIVCWKPGKMEDDIDKIKPSESNVTILGRFDYSQCDIWYMRFSMDFWQKMLALGNQVGKLYVWDLEVEDPHKAK
CTTLTHHKCGAAIRQTSFSRDSSILIAVCDDASIWRWDRLR
;
C,J
#
# COMPACT_ATOMS: atom_id res chain seq x y z
N GLU B 21 -28.80 19.57 -85.11
CA GLU B 21 -27.79 18.78 -84.42
C GLU B 21 -27.85 19.00 -82.92
N TYR B 22 -26.74 19.47 -82.34
CA TYR B 22 -26.70 19.74 -80.90
C TYR B 22 -27.67 20.86 -80.54
N MET B 23 -27.75 21.88 -81.38
CA MET B 23 -28.67 23.01 -81.11
C MET B 23 -30.11 22.54 -81.08
N ARG B 24 -30.50 21.67 -82.02
CA ARG B 24 -31.87 21.16 -82.04
C ARG B 24 -32.18 20.35 -80.78
N LEU B 25 -31.25 19.50 -80.36
CA LEU B 25 -31.46 18.73 -79.14
C LEU B 25 -31.56 19.64 -77.92
N ARG B 26 -30.71 20.66 -77.85
CA ARG B 26 -30.77 21.61 -76.74
C ARG B 26 -32.11 22.35 -76.73
N GLN B 27 -32.59 22.75 -77.90
CA GLN B 27 -33.88 23.44 -77.98
C GLN B 27 -35.02 22.51 -77.55
N LEU B 28 -34.97 21.25 -77.97
CA LEU B 28 -35.99 20.30 -77.56
C LEU B 28 -35.98 20.08 -76.06
N LYS B 29 -34.79 19.96 -75.47
CA LYS B 29 -34.68 19.80 -74.02
C LYS B 29 -35.21 21.04 -73.30
N ARG B 30 -34.90 22.23 -73.82
CA ARG B 30 -35.40 23.46 -73.20
C ARG B 30 -36.92 23.53 -73.28
N PHE B 31 -37.49 23.14 -74.42
CA PHE B 31 -38.95 23.13 -74.55
C PHE B 31 -39.59 22.13 -73.59
N ARG B 32 -38.98 20.95 -73.46
CA ARG B 32 -39.51 19.96 -72.51
C ARG B 32 -39.45 20.48 -71.09
N ARG B 33 -38.33 21.12 -70.71
CA ARG B 33 -38.21 21.68 -69.37
C ARG B 33 -39.23 22.79 -69.15
N ALA B 34 -39.46 23.63 -70.16
CA ALA B 34 -40.44 24.70 -70.03
C ALA B 34 -41.85 24.13 -69.86
N ASP B 35 -42.20 23.11 -70.63
CA ASP B 35 -43.51 22.48 -70.46
C ASP B 35 -43.64 21.86 -69.07
N GLU B 36 -42.58 21.20 -68.59
CA GLU B 36 -42.63 20.57 -67.28
C GLU B 36 -42.81 21.61 -66.18
N VAL B 37 -42.06 22.72 -66.24
CA VAL B 37 -42.18 23.73 -65.19
C VAL B 37 -43.53 24.43 -65.28
N LYS B 38 -44.05 24.64 -66.49
CA LYS B 38 -45.38 25.23 -66.62
C LYS B 38 -46.44 24.34 -65.99
N SER B 39 -46.37 23.03 -66.26
CA SER B 39 -47.33 22.10 -65.67
C SER B 39 -47.18 22.06 -64.15
N MET B 40 -45.94 22.07 -63.66
CA MET B 40 -45.72 22.05 -62.22
C MET B 40 -46.28 23.31 -61.56
N PHE B 41 -46.07 24.47 -62.17
CA PHE B 41 -46.62 25.71 -61.64
C PHE B 41 -48.14 25.69 -61.66
N SER B 42 -48.74 25.17 -62.73
CA SER B 42 -50.19 25.09 -62.79
C SER B 42 -50.75 24.19 -61.69
N SER B 43 -50.11 23.03 -61.48
CA SER B 43 -50.56 22.11 -60.43
C SER B 43 -50.39 22.73 -59.05
N ASN B 44 -49.24 23.37 -58.80
CA ASN B 44 -49.03 24.03 -57.52
C ASN B 44 -50.02 25.16 -57.32
N ARG B 45 -50.36 25.89 -58.38
CA ARG B 45 -51.34 26.96 -58.27
C ARG B 45 -52.72 26.41 -57.95
N GLN B 46 -53.10 25.28 -58.57
CA GLN B 46 -54.39 24.67 -58.24
C GLN B 46 -54.42 24.23 -56.77
N LYS B 47 -53.35 23.60 -56.30
CA LYS B 47 -53.30 23.20 -54.90
C LYS B 47 -53.35 24.39 -53.97
N ILE B 48 -52.63 25.47 -54.33
CA ILE B 48 -52.62 26.67 -53.51
C ILE B 48 -53.99 27.33 -53.49
N LEU B 49 -54.69 27.31 -54.62
CA LEU B 49 -56.04 27.87 -54.66
C LEU B 49 -56.98 27.06 -53.77
N GLU B 50 -56.88 25.74 -53.80
CA GLU B 50 -57.72 24.93 -52.91
C GLU B 50 -57.42 25.21 -51.45
N ARG B 51 -56.13 25.30 -51.11
CA ARG B 51 -55.75 25.55 -49.72
C ARG B 51 -56.14 26.94 -49.27
N THR B 52 -56.04 27.93 -50.16
CA THR B 52 -56.46 29.28 -49.78
C THR B 52 -57.98 29.38 -49.73
N GLU B 53 -58.70 28.54 -50.48
CA GLU B 53 -60.15 28.52 -50.36
C GLU B 53 -60.56 27.98 -48.99
N ILE B 54 -59.99 26.87 -48.57
CA ILE B 54 -60.32 26.36 -47.23
C ILE B 54 -59.82 27.32 -46.15
N LEU B 55 -58.67 27.96 -46.36
CA LEU B 55 -58.15 28.92 -45.39
C LEU B 55 -59.06 30.14 -45.26
N ASN B 56 -59.55 30.66 -46.37
CA ASN B 56 -60.47 31.81 -46.32
C ASN B 56 -61.82 31.40 -45.74
N GLN B 57 -62.25 30.16 -45.99
CA GLN B 57 -63.45 29.66 -45.32
C GLN B 57 -63.25 29.65 -43.81
N GLU B 58 -62.08 29.20 -43.35
CA GLU B 58 -61.78 29.23 -41.92
C GLU B 58 -61.72 30.66 -41.40
N TRP B 59 -61.11 31.56 -42.17
CA TRP B 59 -60.98 32.96 -41.75
C TRP B 59 -62.34 33.62 -41.60
N LYS B 60 -63.26 33.34 -42.53
CA LYS B 60 -64.58 33.96 -42.49
C LYS B 60 -65.53 33.27 -41.52
N GLN B 61 -65.08 32.21 -40.84
CA GLN B 61 -65.95 31.53 -39.88
C GLN B 61 -66.31 32.46 -38.72
N ARG B 62 -65.35 33.24 -38.23
CA ARG B 62 -65.58 34.16 -37.13
C ARG B 62 -65.04 35.53 -37.49
N ARG B 63 -65.72 36.57 -37.00
CA ARG B 63 -65.30 37.94 -37.23
C ARG B 63 -64.32 38.36 -36.14
N ILE B 64 -64.02 39.66 -36.07
CA ILE B 64 -63.10 40.20 -35.08
C ILE B 64 -63.81 41.30 -34.30
N GLN B 65 -63.34 41.53 -33.07
CA GLN B 65 -63.92 42.57 -32.25
C GLN B 65 -63.64 43.94 -32.86
N PRO B 66 -64.59 44.88 -32.76
CA PRO B 66 -64.39 46.21 -33.36
C PRO B 66 -63.23 46.95 -32.72
N VAL B 67 -62.16 47.16 -33.46
CA VAL B 67 -60.99 47.90 -32.99
C VAL B 67 -61.12 49.31 -33.53
N HIS B 68 -61.72 50.19 -32.73
CA HIS B 68 -61.93 51.57 -33.15
C HIS B 68 -60.62 52.35 -33.24
N ILE B 69 -59.56 51.87 -32.60
CA ILE B 69 -58.25 52.52 -32.59
C ILE B 69 -58.38 53.94 -32.07
N LEU B 70 -58.94 54.08 -30.87
CA LEU B 70 -59.10 55.40 -30.27
C LEU B 70 -57.74 56.02 -29.99
N THR B 71 -57.69 57.35 -30.01
CA THR B 71 -56.44 58.08 -29.82
C THR B 71 -56.13 58.25 -28.33
N SER B 72 -56.15 57.14 -27.59
CA SER B 72 -55.81 57.12 -26.17
C SER B 72 -56.56 58.20 -25.38
N VAL B 73 -55.82 59.12 -24.78
CA VAL B 73 -56.38 60.23 -24.02
C VAL B 73 -55.63 61.50 -24.41
N SER B 74 -56.00 62.61 -23.76
CA SER B 74 -55.39 63.91 -24.02
C SER B 74 -54.53 64.28 -22.82
N SER B 75 -53.26 63.84 -22.85
CA SER B 75 -52.29 64.13 -21.80
C SER B 75 -52.80 63.72 -20.42
N LEU B 76 -53.05 62.41 -20.28
CA LEU B 76 -53.54 61.88 -19.01
C LEU B 76 -52.51 62.07 -17.91
N ARG B 77 -51.24 61.80 -18.20
CA ARG B 77 -50.17 61.93 -17.22
C ARG B 77 -49.45 63.27 -17.30
N GLY B 78 -49.87 64.16 -18.19
CA GLY B 78 -49.21 65.45 -18.32
C GLY B 78 -47.77 65.34 -18.77
N THR B 79 -47.47 64.39 -19.66
CA THR B 79 -46.13 64.17 -20.16
C THR B 79 -45.99 64.79 -21.54
N ARG B 80 -44.86 64.52 -22.20
CA ARG B 80 -44.64 65.03 -23.55
C ARG B 80 -45.62 64.40 -24.52
N GLU B 81 -45.91 65.12 -25.59
CA GLU B 81 -46.87 64.70 -26.60
C GLU B 81 -46.18 64.49 -27.94
N CYS B 82 -46.70 63.55 -28.72
CA CYS B 82 -46.12 63.24 -30.02
C CYS B 82 -46.59 64.23 -31.08
N SER B 83 -45.61 64.79 -31.79
CA SER B 83 -45.89 65.75 -32.86
C SER B 83 -45.82 65.04 -34.21
N VAL B 84 -46.87 64.28 -34.51
CA VAL B 84 -46.96 63.57 -35.77
C VAL B 84 -47.30 64.56 -36.88
N THR B 85 -46.29 65.00 -37.62
CA THR B 85 -46.47 66.01 -38.65
C THR B 85 -46.80 65.34 -39.98
N SER B 86 -47.96 65.68 -40.53
CA SER B 86 -48.36 65.18 -41.84
C SER B 86 -47.79 66.09 -42.91
N ASP B 87 -46.93 65.54 -43.77
CA ASP B 87 -46.31 66.34 -44.82
C ASP B 87 -47.30 66.85 -45.85
N LEU B 88 -48.51 66.30 -45.88
CA LEU B 88 -49.56 66.78 -46.78
C LEU B 88 -50.27 67.95 -46.10
N ASP B 89 -51.40 68.40 -46.67
CA ASP B 89 -52.14 69.54 -46.14
C ASP B 89 -53.10 69.09 -45.03
N PHE B 90 -52.51 68.69 -43.91
CA PHE B 90 -53.27 68.25 -42.75
C PHE B 90 -52.63 68.80 -41.48
N PRO B 91 -53.43 69.01 -40.43
CA PRO B 91 -52.86 69.53 -39.18
C PRO B 91 -52.03 68.48 -38.46
N THR B 92 -51.15 68.97 -37.58
CA THR B 92 -50.28 68.12 -36.78
C THR B 92 -51.06 67.60 -35.58
N GLN B 93 -51.34 66.30 -35.57
CA GLN B 93 -52.01 65.69 -34.43
C GLN B 93 -51.06 65.60 -33.25
N VAL B 94 -51.62 65.71 -32.04
CA VAL B 94 -50.85 65.63 -30.81
C VAL B 94 -51.37 64.45 -29.99
N ILE B 95 -50.45 63.64 -29.49
CA ILE B 95 -50.79 62.46 -28.69
C ILE B 95 -49.73 62.29 -27.61
N PRO B 96 -50.12 62.15 -26.34
CA PRO B 96 -49.12 61.93 -25.29
C PRO B 96 -48.41 60.59 -25.47
N LEU B 97 -47.14 60.56 -25.10
CA LEU B 97 -46.34 59.35 -25.23
C LEU B 97 -46.61 58.42 -24.06
N LYS B 98 -47.06 57.20 -24.36
CA LYS B 98 -47.26 56.17 -23.34
C LYS B 98 -45.99 55.33 -23.30
N THR B 99 -45.10 55.66 -22.37
CA THR B 99 -43.81 54.99 -22.27
C THR B 99 -43.98 53.53 -21.86
N LEU B 100 -43.05 52.70 -22.29
CA LEU B 100 -43.04 51.28 -21.97
C LEU B 100 -42.05 51.00 -20.85
N ASN B 101 -42.48 50.18 -19.89
CA ASN B 101 -41.64 49.86 -18.74
C ASN B 101 -40.41 49.07 -19.16
N ALA B 102 -39.31 49.31 -18.44
CA ALA B 102 -38.03 48.70 -18.77
C ALA B 102 -38.01 47.22 -18.38
N VAL B 103 -37.12 46.48 -19.03
CA VAL B 103 -36.95 45.05 -18.80
C VAL B 103 -35.47 44.76 -18.63
N ALA B 104 -35.13 43.93 -17.64
CA ALA B 104 -33.74 43.60 -17.36
C ALA B 104 -33.14 42.82 -18.53
N SER B 105 -31.91 43.17 -18.89
CA SER B 105 -31.22 42.53 -19.99
C SER B 105 -30.41 41.34 -19.49
N VAL B 106 -29.73 40.68 -20.42
CA VAL B 106 -28.91 39.50 -20.12
C VAL B 106 -27.60 39.61 -20.90
N PRO B 107 -26.47 39.23 -20.31
CA PRO B 107 -25.20 39.32 -21.04
C PRO B 107 -25.21 38.44 -22.28
N ILE B 108 -24.51 38.91 -23.31
CA ILE B 108 -24.51 38.22 -24.59
C ILE B 108 -23.71 36.92 -24.50
N MET B 109 -24.14 35.93 -25.27
CA MET B 109 -23.43 34.65 -25.38
C MET B 109 -24.02 33.90 -26.57
N TYR B 110 -23.28 32.90 -27.04
CA TYR B 110 -23.70 32.09 -28.18
C TYR B 110 -24.08 30.69 -27.71
N SER B 111 -24.85 30.00 -28.55
CA SER B 111 -25.27 28.64 -28.26
C SER B 111 -24.11 27.66 -28.45
N TRP B 112 -24.18 26.55 -27.73
CA TRP B 112 -23.15 25.53 -27.79
C TRP B 112 -23.76 24.17 -27.50
N SER B 113 -23.07 23.12 -27.93
CA SER B 113 -23.55 21.76 -27.77
C SER B 113 -22.99 21.15 -26.50
N PRO B 114 -23.83 20.67 -25.58
CA PRO B 114 -23.31 20.03 -24.36
C PRO B 114 -22.48 18.80 -24.70
N LEU B 115 -21.45 18.57 -23.88
CA LEU B 115 -20.53 17.47 -24.13
C LEU B 115 -19.85 17.09 -22.82
N GLN B 116 -19.52 15.80 -22.68
CA GLN B 116 -18.85 15.29 -21.48
C GLN B 116 -17.42 14.87 -21.76
N GLN B 117 -17.21 13.98 -22.73
CA GLN B 117 -15.88 13.52 -23.08
C GLN B 117 -15.30 14.42 -24.17
N ASN B 118 -14.18 14.00 -24.75
CA ASN B 118 -13.58 14.75 -25.85
C ASN B 118 -14.22 14.36 -27.17
N PHE B 119 -13.93 15.15 -28.21
CA PHE B 119 -14.47 14.89 -29.54
C PHE B 119 -13.52 15.46 -30.58
N MET B 120 -12.68 14.61 -31.17
CA MET B 120 -11.73 15.10 -32.17
C MET B 120 -12.43 15.37 -33.49
N VAL B 121 -11.92 16.35 -34.21
CA VAL B 121 -12.50 16.81 -35.47
C VAL B 121 -11.50 16.52 -36.58
N GLU B 122 -11.97 15.87 -37.64
CA GLU B 122 -11.10 15.55 -38.77
C GLU B 122 -10.61 16.82 -39.43
N ASP B 123 -9.36 16.79 -39.89
CA ASP B 123 -8.75 17.94 -40.55
C ASP B 123 -7.59 17.51 -41.44
N PRO B 257 -18.13 -7.12 -56.74
CA PRO B 257 -16.78 -7.33 -56.20
C PRO B 257 -16.36 -6.24 -55.23
N GLU B 258 -17.24 -5.27 -55.00
CA GLU B 258 -16.93 -4.20 -54.05
C GLU B 258 -16.75 -4.73 -52.64
N CYS B 259 -17.60 -5.66 -52.23
CA CYS B 259 -17.51 -6.24 -50.89
C CYS B 259 -18.17 -7.61 -50.92
N THR B 260 -17.86 -8.41 -49.90
CA THR B 260 -18.45 -9.73 -49.78
C THR B 260 -19.94 -9.62 -49.46
N PRO B 261 -20.74 -10.60 -49.89
CA PRO B 261 -22.18 -10.57 -49.57
C PRO B 261 -22.45 -10.80 -48.10
N ASN B 262 -23.73 -10.71 -47.71
CA ASN B 262 -24.14 -10.84 -46.32
C ASN B 262 -24.60 -12.25 -46.03
N ILE B 263 -24.04 -12.85 -44.96
CA ILE B 263 -24.55 -14.13 -44.50
C ILE B 263 -25.99 -13.99 -44.05
N ASP B 264 -26.34 -12.85 -43.46
CA ASP B 264 -27.72 -12.57 -43.12
C ASP B 264 -28.59 -12.56 -44.38
N GLY B 265 -29.77 -13.16 -44.28
CA GLY B 265 -30.67 -13.24 -45.40
C GLY B 265 -30.55 -14.55 -46.14
N PRO B 266 -31.51 -14.84 -47.02
CA PRO B 266 -31.47 -16.10 -47.78
C PRO B 266 -30.23 -16.23 -48.67
N ASN B 267 -29.73 -15.13 -49.21
CA ASN B 267 -28.58 -15.19 -50.10
C ASN B 267 -27.31 -15.44 -49.28
N ALA B 268 -26.52 -16.42 -49.71
CA ALA B 268 -25.27 -16.76 -49.03
C ALA B 268 -24.35 -17.48 -50.00
N LYS B 269 -23.06 -17.48 -49.67
CA LYS B 269 -22.04 -18.16 -50.47
C LYS B 269 -20.84 -18.44 -49.58
N SER B 270 -19.74 -18.86 -50.19
CA SER B 270 -18.51 -19.19 -49.48
C SER B 270 -17.50 -18.07 -49.67
N VAL B 271 -16.92 -17.60 -48.58
CA VAL B 271 -15.94 -16.51 -48.61
C VAL B 271 -14.64 -17.06 -48.04
N GLN B 272 -13.60 -17.14 -48.87
CA GLN B 272 -12.29 -17.63 -48.44
C GLN B 272 -11.12 -16.84 -49.04
N ARG B 273 -11.39 -15.82 -49.85
CA ARG B 273 -10.29 -15.03 -50.40
C ARG B 273 -9.53 -14.29 -49.29
N GLU B 274 -10.26 -13.69 -48.35
CA GLU B 274 -9.67 -12.92 -47.26
C GLU B 274 -10.26 -13.43 -45.94
N GLN B 275 -10.28 -14.75 -45.79
CA GLN B 275 -10.92 -15.43 -44.66
C GLN B 275 -12.42 -15.09 -44.70
N SER B 276 -13.08 -15.12 -43.55
CA SER B 276 -14.50 -14.79 -43.48
C SER B 276 -14.80 -13.65 -42.51
N LEU B 277 -13.78 -13.01 -41.94
CA LEU B 277 -13.94 -11.97 -40.94
C LEU B 277 -13.15 -10.74 -41.39
N HIS B 278 -13.82 -9.86 -42.14
CA HIS B 278 -13.22 -8.61 -42.57
C HIS B 278 -14.10 -7.39 -42.32
N SER B 279 -15.41 -7.57 -42.10
CA SER B 279 -16.27 -6.42 -41.81
C SER B 279 -16.06 -5.91 -40.40
N PHE B 280 -15.85 -6.81 -39.44
CA PHE B 280 -15.68 -6.43 -38.05
C PHE B 280 -14.21 -6.24 -37.66
N HIS B 281 -13.27 -6.35 -38.60
CA HIS B 281 -11.87 -6.20 -38.29
C HIS B 281 -11.27 -4.90 -38.80
N THR B 282 -11.75 -4.38 -39.94
CA THR B 282 -11.21 -3.13 -40.45
C THR B 282 -11.53 -1.96 -39.51
N LEU B 283 -12.76 -1.90 -39.02
CA LEU B 283 -13.17 -0.85 -38.09
C LEU B 283 -13.01 -1.36 -36.66
N PHE B 284 -12.03 -0.80 -35.94
CA PHE B 284 -11.79 -1.23 -34.58
C PHE B 284 -11.19 -0.07 -33.79
N CYS B 285 -11.58 0.03 -32.52
CA CYS B 285 -10.98 0.98 -31.57
C CYS B 285 -10.79 0.20 -30.28
N ARG B 286 -9.65 -0.49 -30.16
CA ARG B 286 -9.43 -1.39 -29.03
C ARG B 286 -9.27 -0.66 -27.71
N ARG B 287 -8.99 0.65 -27.75
CA ARG B 287 -8.79 1.40 -26.51
C ARG B 287 -10.06 1.44 -25.68
N CYS B 288 -11.20 1.67 -26.32
CA CYS B 288 -12.48 1.73 -25.61
C CYS B 288 -13.56 0.88 -26.26
N PHE B 289 -13.19 -0.02 -27.16
CA PHE B 289 -14.09 -1.04 -27.72
C PHE B 289 -15.30 -0.39 -28.41
N LYS B 290 -15.00 0.34 -29.47
CA LYS B 290 -16.03 0.99 -30.25
C LYS B 290 -15.76 0.78 -31.74
N TYR B 291 -16.82 0.88 -32.54
CA TYR B 291 -16.73 0.74 -33.98
C TYR B 291 -16.71 2.12 -34.62
N ASP B 292 -15.60 2.43 -35.31
CA ASP B 292 -15.38 3.74 -35.92
C ASP B 292 -15.53 4.85 -34.89
N CYS B 293 -14.67 4.78 -33.87
CA CYS B 293 -14.74 5.71 -32.75
C CYS B 293 -14.36 7.12 -33.17
N PHE B 294 -15.02 8.10 -32.56
CA PHE B 294 -14.66 9.50 -32.77
C PHE B 294 -13.41 9.89 -32.00
N LEU B 295 -13.20 9.28 -30.83
CA LEU B 295 -12.07 9.67 -29.98
C LEU B 295 -10.73 9.36 -30.65
N HIS B 296 -10.61 8.20 -31.27
CA HIS B 296 -9.35 7.76 -31.89
C HIS B 296 -9.56 7.60 -33.38
N ARG B 297 -9.42 8.70 -34.12
CA ARG B 297 -9.42 8.66 -35.58
C ARG B 297 -7.96 8.68 -36.06
N LYS B 298 -7.32 7.53 -35.92
CA LYS B 298 -5.90 7.38 -36.23
C LYS B 298 -5.74 7.21 -37.74
N CYS B 299 -4.52 6.83 -38.16
CA CYS B 299 -4.27 6.61 -39.59
C CYS B 299 -5.17 5.51 -40.14
N ASN B 300 -5.43 4.47 -39.36
CA ASN B 300 -6.35 3.39 -39.72
C ASN B 300 -5.93 2.73 -41.03
N TYR B 301 -4.77 2.06 -40.95
CA TYR B 301 -4.22 1.37 -42.12
C TYR B 301 -5.23 0.39 -42.72
N SER B 302 -6.00 -0.28 -41.88
CA SER B 302 -7.09 -1.12 -42.37
C SER B 302 -8.16 -0.25 -43.00
N PHE B 303 -8.58 -0.62 -44.21
CA PHE B 303 -9.54 0.18 -44.96
C PHE B 303 -10.28 -0.71 -45.95
N HIS B 304 -11.38 -0.17 -46.47
CA HIS B 304 -12.21 -0.85 -47.48
C HIS B 304 -12.74 -2.19 -46.97
N ALA B 305 -13.02 -2.27 -45.68
CA ALA B 305 -13.57 -3.47 -45.04
C ALA B 305 -12.70 -4.70 -45.31
N THR B 306 -11.38 -4.50 -45.24
CA THR B 306 -10.43 -5.58 -45.45
C THR B 306 -10.20 -6.37 -44.17
N THR B 315 -4.17 -23.41 -25.49
CA THR B 315 -4.82 -23.97 -26.67
C THR B 315 -4.97 -25.48 -26.56
N GLU B 316 -4.17 -26.08 -25.67
CA GLU B 316 -4.22 -27.52 -25.47
C GLU B 316 -5.54 -27.93 -24.82
N THR B 317 -6.10 -29.03 -25.30
CA THR B 317 -7.35 -29.55 -24.76
C THR B 317 -7.37 -31.06 -24.90
N ALA B 318 -8.18 -31.70 -24.07
CA ALA B 318 -8.29 -33.15 -24.10
C ALA B 318 -9.10 -33.60 -25.31
N LEU B 319 -8.83 -34.83 -25.75
CA LEU B 319 -9.56 -35.38 -26.89
C LEU B 319 -11.01 -35.65 -26.51
N ASP B 320 -11.91 -35.48 -27.48
CA ASP B 320 -13.34 -35.67 -27.27
C ASP B 320 -13.65 -37.16 -27.37
N ASN B 321 -13.32 -37.88 -26.30
CA ASN B 321 -13.58 -39.30 -26.25
C ASN B 321 -15.07 -39.58 -26.17
N LYS B 322 -15.49 -40.70 -26.78
CA LYS B 322 -16.86 -41.18 -26.84
C LYS B 322 -17.73 -40.26 -27.70
N PRO B 323 -18.78 -40.79 -28.34
CA PRO B 323 -19.66 -39.95 -29.19
C PRO B 323 -20.60 -39.07 -28.36
N CYS B 324 -20.09 -37.91 -27.95
CA CYS B 324 -20.87 -36.95 -27.17
C CYS B 324 -22.12 -36.54 -27.93
N GLY B 325 -23.29 -36.92 -27.41
CA GLY B 325 -24.53 -36.71 -28.11
C GLY B 325 -24.64 -37.59 -29.34
N PRO B 326 -24.59 -36.99 -30.52
CA PRO B 326 -24.56 -37.79 -31.75
C PRO B 326 -23.19 -38.42 -31.99
N GLN B 327 -23.03 -39.07 -33.14
CA GLN B 327 -21.75 -39.69 -33.45
C GLN B 327 -20.65 -38.65 -33.59
N CYS B 328 -19.49 -38.95 -33.02
CA CYS B 328 -18.35 -38.04 -33.02
C CYS B 328 -17.30 -38.51 -34.03
N TYR B 329 -16.46 -37.55 -34.45
CA TYR B 329 -15.37 -37.88 -35.35
C TYR B 329 -14.32 -38.76 -34.68
N GLN B 330 -14.13 -38.59 -33.37
CA GLN B 330 -13.20 -39.46 -32.64
C GLN B 330 -13.72 -40.89 -32.58
N HIS B 331 -15.03 -41.07 -32.48
CA HIS B 331 -15.63 -42.40 -32.45
C HIS B 331 -15.48 -43.14 -33.78
N LEU B 332 -15.16 -42.42 -34.86
CA LEU B 332 -14.95 -43.06 -36.15
C LEU B 332 -13.74 -43.99 -36.10
N GLU B 333 -13.83 -45.11 -36.80
CA GLU B 333 -12.76 -46.10 -36.80
C GLU B 333 -11.57 -45.57 -37.58
N GLY B 334 -10.52 -45.18 -36.87
CA GLY B 334 -9.29 -44.74 -37.51
C GLY B 334 -9.37 -43.41 -38.22
N ALA B 335 -9.56 -42.34 -37.46
CA ALA B 335 -9.59 -40.99 -38.04
C ALA B 335 -8.67 -40.05 -37.27
N LYS B 336 -8.46 -40.35 -35.98
CA LYS B 336 -7.61 -39.49 -35.15
C LYS B 336 -6.16 -39.52 -35.61
N GLU B 337 -5.65 -40.67 -36.03
CA GLU B 337 -4.28 -40.73 -36.53
C GLU B 337 -4.15 -39.93 -37.82
N PHE B 338 -5.15 -39.97 -38.68
CA PHE B 338 -5.13 -39.16 -39.90
C PHE B 338 -5.17 -37.67 -39.56
N ALA B 339 -5.95 -37.30 -38.53
CA ALA B 339 -5.97 -35.91 -38.10
C ALA B 339 -4.59 -35.48 -37.59
N ALA B 340 -3.98 -36.32 -36.76
CA ALA B 340 -2.63 -36.01 -36.29
C ALA B 340 -1.67 -35.87 -37.46
N ALA B 341 -1.80 -36.73 -38.46
CA ALA B 341 -0.93 -36.68 -39.63
C ALA B 341 -1.10 -35.37 -40.40
N LEU B 342 -2.35 -34.94 -40.61
CA LEU B 342 -2.53 -33.77 -41.46
C LEU B 342 -2.21 -32.47 -40.72
N THR B 343 -2.34 -32.46 -39.38
CA THR B 343 -1.81 -31.31 -38.65
C THR B 343 -0.28 -31.34 -38.58
N ALA B 344 0.33 -32.55 -38.56
CA ALA B 344 1.78 -32.63 -38.61
C ALA B 344 2.32 -32.12 -39.95
N GLU B 345 1.64 -32.46 -41.04
CA GLU B 345 2.05 -31.98 -42.36
C GLU B 345 1.73 -30.51 -42.56
N ARG B 346 0.86 -29.94 -41.74
CA ARG B 346 0.51 -28.53 -41.83
C ARG B 346 1.50 -27.62 -41.14
N ILE B 347 2.52 -28.17 -40.48
CA ILE B 347 3.51 -27.37 -39.79
C ILE B 347 4.40 -26.65 -40.79
N LYS B 425 -6.27 -48.21 -42.90
CA LYS B 425 -6.85 -47.92 -41.60
C LYS B 425 -7.28 -46.45 -41.40
N PRO B 426 -6.39 -45.47 -41.71
CA PRO B 426 -6.79 -44.07 -41.48
C PRO B 426 -7.83 -43.57 -42.46
N ASN B 427 -9.07 -43.41 -41.96
CA ASN B 427 -10.18 -42.85 -42.74
C ASN B 427 -10.38 -43.61 -44.04
N ILE B 428 -10.30 -44.94 -43.97
CA ILE B 428 -10.51 -45.77 -45.15
C ILE B 428 -11.99 -45.93 -45.48
N GLU B 429 -12.88 -45.76 -44.50
CA GLU B 429 -14.30 -45.88 -44.76
C GLU B 429 -14.76 -44.72 -45.63
N PRO B 430 -15.62 -44.98 -46.62
CA PRO B 430 -16.12 -43.89 -47.48
C PRO B 430 -16.91 -42.88 -46.68
N PRO B 431 -16.79 -41.60 -47.02
CA PRO B 431 -17.55 -40.56 -46.31
C PRO B 431 -18.93 -40.37 -46.91
N GLU B 432 -19.77 -39.66 -46.15
CA GLU B 432 -21.12 -39.37 -46.60
C GLU B 432 -21.12 -38.19 -47.57
N ASN B 433 -22.25 -38.01 -48.26
CA ASN B 433 -22.42 -36.93 -49.24
C ASN B 433 -23.66 -36.14 -48.84
N VAL B 434 -23.45 -35.03 -48.12
CA VAL B 434 -24.52 -34.15 -47.67
C VAL B 434 -24.23 -32.74 -48.17
N GLU B 435 -25.23 -32.13 -48.79
CA GLU B 435 -25.05 -30.77 -49.30
C GLU B 435 -24.90 -29.78 -48.14
N TRP B 436 -23.98 -28.84 -48.30
CA TRP B 436 -23.70 -27.83 -47.29
C TRP B 436 -23.88 -26.45 -47.90
N SER B 437 -24.62 -25.59 -47.20
CA SER B 437 -24.84 -24.23 -47.68
C SER B 437 -23.56 -23.40 -47.59
N GLY B 438 -23.52 -22.34 -48.39
CA GLY B 438 -22.34 -21.48 -48.38
C GLY B 438 -22.12 -20.81 -47.05
N ALA B 439 -23.20 -20.31 -46.43
CA ALA B 439 -23.08 -19.69 -45.11
C ALA B 439 -22.60 -20.69 -44.07
N GLU B 440 -23.15 -21.91 -44.10
CA GLU B 440 -22.72 -22.93 -43.16
C GLU B 440 -21.25 -23.28 -43.35
N ALA B 441 -20.80 -23.40 -44.61
CA ALA B 441 -19.40 -23.71 -44.88
C ALA B 441 -18.49 -22.59 -44.40
N SER B 442 -18.87 -21.33 -44.65
CA SER B 442 -18.05 -20.21 -44.23
C SER B 442 -17.97 -20.13 -42.70
N MET B 443 -19.09 -20.33 -42.02
CA MET B 443 -19.09 -20.32 -40.56
C MET B 443 -18.26 -21.45 -40.00
N PHE B 444 -18.36 -22.65 -40.62
CA PHE B 444 -17.55 -23.77 -40.18
C PHE B 444 -16.06 -23.48 -40.34
N ARG B 445 -15.67 -22.91 -41.49
CA ARG B 445 -14.28 -22.58 -41.71
C ARG B 445 -13.78 -21.56 -40.69
N VAL B 446 -14.58 -20.52 -40.44
CA VAL B 446 -14.18 -19.48 -39.50
C VAL B 446 -14.02 -20.06 -38.10
N LEU B 447 -14.95 -20.93 -37.68
CA LEU B 447 -14.88 -21.49 -36.34
C LEU B 447 -13.76 -22.52 -36.22
N ILE B 448 -13.46 -23.24 -37.31
CA ILE B 448 -12.37 -24.20 -37.29
C ILE B 448 -11.02 -23.51 -37.30
N GLY B 449 -10.98 -22.27 -37.81
CA GLY B 449 -9.77 -21.48 -37.74
C GLY B 449 -9.31 -21.17 -36.33
N THR B 450 -10.20 -21.31 -35.34
CA THR B 450 -9.87 -21.05 -33.94
C THR B 450 -9.96 -22.30 -33.08
N TYR B 451 -11.09 -23.02 -33.15
CA TYR B 451 -11.29 -24.18 -32.28
C TYR B 451 -10.33 -25.32 -32.64
N TYR B 452 -10.03 -25.48 -33.93
CA TYR B 452 -9.08 -26.49 -34.42
C TYR B 452 -9.64 -27.88 -34.09
N ASP B 453 -8.95 -28.70 -33.28
CA ASP B 453 -9.32 -30.10 -33.13
C ASP B 453 -10.66 -30.28 -32.43
N ASN B 454 -11.17 -29.24 -31.79
CA ASN B 454 -12.46 -29.34 -31.10
C ASN B 454 -13.57 -29.67 -32.09
N PHE B 455 -14.39 -30.67 -31.75
CA PHE B 455 -15.47 -31.09 -32.62
C PHE B 455 -16.84 -31.00 -31.96
N CYS B 456 -16.97 -31.43 -30.70
CA CYS B 456 -18.29 -31.42 -30.06
C CYS B 456 -18.83 -30.00 -29.92
N ALA B 457 -17.98 -29.06 -29.46
CA ALA B 457 -18.44 -27.69 -29.28
C ALA B 457 -18.72 -27.01 -30.61
N ILE B 458 -17.86 -27.24 -31.61
CA ILE B 458 -18.06 -26.60 -32.91
C ILE B 458 -19.29 -27.15 -33.60
N ALA B 459 -19.67 -28.40 -33.31
CA ALA B 459 -20.93 -28.92 -33.79
C ALA B 459 -22.10 -28.36 -33.00
N ARG B 460 -21.91 -28.14 -31.70
CA ARG B 460 -22.98 -27.60 -30.87
C ARG B 460 -23.36 -26.19 -31.31
N LEU B 461 -22.36 -25.35 -31.59
CA LEU B 461 -22.67 -23.99 -32.01
C LEU B 461 -23.28 -23.96 -33.41
N ILE B 462 -22.84 -24.86 -34.29
CA ILE B 462 -23.29 -24.89 -35.68
C ILE B 462 -24.65 -25.58 -35.76
N GLY B 463 -25.33 -25.42 -36.89
CA GLY B 463 -26.56 -26.13 -37.14
C GLY B 463 -26.27 -27.48 -37.76
N THR B 464 -26.94 -28.52 -37.25
CA THR B 464 -26.65 -29.90 -37.63
C THR B 464 -25.17 -30.18 -37.47
N LYS B 465 -24.45 -30.24 -38.59
CA LYS B 465 -22.99 -30.30 -38.61
C LYS B 465 -22.48 -31.51 -37.81
N THR B 466 -22.82 -32.69 -38.33
CA THR B 466 -22.40 -33.93 -37.70
C THR B 466 -20.88 -33.98 -37.58
N CYS B 467 -20.40 -34.47 -36.44
CA CYS B 467 -18.96 -34.51 -36.20
C CYS B 467 -18.26 -35.41 -37.20
N ARG B 468 -18.89 -36.55 -37.55
CA ARG B 468 -18.36 -37.37 -38.63
C ARG B 468 -18.37 -36.60 -39.94
N GLN B 469 -19.47 -35.89 -40.22
CA GLN B 469 -19.50 -35.03 -41.40
C GLN B 469 -18.50 -33.89 -41.30
N VAL B 470 -18.28 -33.36 -40.09
CA VAL B 470 -17.29 -32.30 -39.89
C VAL B 470 -15.90 -32.81 -40.27
N TYR B 471 -15.55 -34.02 -39.80
CA TYR B 471 -14.29 -34.63 -40.19
C TYR B 471 -14.25 -34.88 -41.68
N GLU B 472 -15.41 -35.21 -42.28
CA GLU B 472 -15.47 -35.41 -43.72
C GLU B 472 -15.09 -34.14 -44.47
N PHE B 473 -15.66 -32.99 -44.07
CA PHE B 473 -15.29 -31.74 -44.74
C PHE B 473 -13.85 -31.37 -44.45
N ARG B 474 -13.37 -31.65 -43.24
CA ARG B 474 -11.98 -31.36 -42.91
C ARG B 474 -11.03 -32.15 -43.79
N VAL B 475 -11.34 -33.42 -44.05
CA VAL B 475 -10.50 -34.24 -44.92
C VAL B 475 -10.63 -33.77 -46.37
N LYS B 476 -11.85 -33.40 -46.79
CA LYS B 476 -12.06 -32.97 -48.16
C LYS B 476 -11.30 -31.68 -48.46
N GLU B 477 -11.27 -30.75 -47.50
CA GLU B 477 -10.58 -29.48 -47.72
C GLU B 477 -9.09 -29.69 -47.94
N SER B 478 -8.47 -30.60 -47.17
CA SER B 478 -7.06 -30.90 -47.36
C SER B 478 -6.80 -31.50 -48.73
N SER B 479 -7.64 -32.43 -49.17
CA SER B 479 -7.48 -33.01 -50.49
C SER B 479 -7.69 -31.97 -51.59
N ILE B 480 -8.72 -31.12 -51.43
CA ILE B 480 -8.97 -30.07 -52.41
C ILE B 480 -7.83 -29.06 -52.41
N ILE B 481 -7.37 -28.65 -51.24
CA ILE B 481 -6.28 -27.69 -51.14
C ILE B 481 -5.52 -27.89 -49.83
N HIS B 520 5.18 18.46 -22.41
CA HIS B 520 5.70 17.78 -23.60
C HIS B 520 5.29 16.31 -23.63
N VAL B 521 4.17 16.01 -22.98
CA VAL B 521 3.66 14.64 -22.92
C VAL B 521 2.79 14.38 -24.15
N TYR B 522 3.08 13.29 -24.84
CA TYR B 522 2.36 12.91 -26.05
C TYR B 522 1.38 11.79 -25.75
N ASN B 523 0.54 11.48 -26.73
CA ASN B 523 -0.43 10.41 -26.59
C ASN B 523 0.25 9.06 -26.63
N TYR B 524 -0.28 8.11 -25.87
CA TYR B 524 0.29 6.76 -25.76
C TYR B 524 -0.14 5.95 -26.97
N GLN B 525 0.59 6.09 -28.06
CA GLN B 525 0.30 5.33 -29.28
C GLN B 525 0.76 3.89 -29.10
N PRO B 526 -0.11 2.91 -29.32
CA PRO B 526 0.28 1.51 -29.10
C PRO B 526 1.39 1.08 -30.04
N CYS B 527 2.20 0.12 -29.58
CA CYS B 527 3.33 -0.41 -30.34
C CYS B 527 3.06 -1.86 -30.68
N ASP B 528 3.33 -2.22 -31.93
CA ASP B 528 3.17 -3.60 -32.41
C ASP B 528 4.32 -3.98 -33.33
N HIS B 529 5.54 -3.64 -32.93
CA HIS B 529 6.72 -3.96 -33.73
C HIS B 529 7.25 -5.33 -33.36
N PRO B 530 7.29 -6.29 -34.29
CA PRO B 530 7.85 -7.62 -34.00
C PRO B 530 9.32 -7.79 -34.34
N ARG B 531 9.93 -6.81 -35.03
CA ARG B 531 11.33 -6.95 -35.43
C ARG B 531 12.26 -6.99 -34.21
N GLN B 532 11.99 -6.16 -33.21
CA GLN B 532 12.85 -6.07 -32.04
C GLN B 532 12.00 -5.60 -30.86
N PRO B 533 12.41 -5.90 -29.63
CA PRO B 533 11.66 -5.43 -28.46
C PRO B 533 11.75 -3.92 -28.32
N CYS B 534 11.01 -3.40 -27.34
CA CYS B 534 10.93 -1.97 -27.11
C CYS B 534 12.21 -1.44 -26.48
N ASP B 535 13.22 -1.16 -27.31
CA ASP B 535 14.49 -0.62 -26.81
C ASP B 535 15.15 0.14 -27.95
N SER B 536 15.07 1.47 -27.91
CA SER B 536 15.65 2.38 -28.89
C SER B 536 15.11 2.18 -30.29
N SER B 537 14.09 1.34 -30.46
CA SER B 537 13.47 1.12 -31.76
C SER B 537 11.95 1.09 -31.66
N CYS B 538 11.38 1.72 -30.63
CA CYS B 538 9.96 1.71 -30.37
C CYS B 538 9.41 3.13 -30.33
N PRO B 539 8.21 3.36 -30.87
CA PRO B 539 7.60 4.69 -30.71
C PRO B 539 7.39 5.08 -29.25
N CYS B 540 7.06 4.12 -28.39
CA CYS B 540 6.89 4.42 -26.97
C CYS B 540 8.20 4.87 -26.35
N VAL B 541 9.30 4.20 -26.70
CA VAL B 541 10.61 4.63 -26.22
C VAL B 541 10.98 5.98 -26.81
N ILE B 542 10.63 6.21 -28.08
CA ILE B 542 10.86 7.51 -28.69
C ILE B 542 10.02 8.57 -28.01
N ALA B 543 8.78 8.23 -27.65
CA ALA B 543 7.87 9.15 -26.98
C ALA B 543 8.03 9.13 -25.47
N GLN B 544 9.07 8.48 -24.96
CA GLN B 544 9.31 8.29 -23.53
C GLN B 544 8.01 8.09 -22.75
N ASN B 545 7.27 7.06 -23.16
CA ASN B 545 6.01 6.71 -22.52
C ASN B 545 6.02 5.24 -22.12
N PHE B 546 5.30 4.93 -21.06
CA PHE B 546 5.19 3.55 -20.59
C PHE B 546 4.31 2.74 -21.54
N CYS B 547 4.75 1.52 -21.85
CA CYS B 547 3.95 0.62 -22.67
C CYS B 547 2.73 0.17 -21.88
N GLU B 548 1.56 0.66 -22.25
CA GLU B 548 0.33 0.33 -21.55
C GLU B 548 -0.21 -1.00 -22.06
N LYS B 549 -1.43 -1.34 -21.65
CA LYS B 549 -2.00 -2.65 -22.00
C LYS B 549 -2.24 -2.78 -23.49
N PHE B 550 -2.56 -1.67 -24.18
CA PHE B 550 -2.85 -1.76 -25.61
C PHE B 550 -1.60 -2.00 -26.44
N CYS B 551 -0.41 -1.83 -25.87
CA CYS B 551 0.81 -2.13 -26.61
C CYS B 551 0.91 -3.63 -26.87
N GLN B 552 1.43 -3.98 -28.05
CA GLN B 552 1.55 -5.37 -28.47
C GLN B 552 2.96 -5.90 -28.28
N CYS B 553 3.66 -5.44 -27.25
CA CYS B 553 4.99 -5.93 -26.94
C CYS B 553 4.91 -7.12 -25.99
N SER B 554 6.08 -7.62 -25.58
CA SER B 554 6.13 -8.72 -24.64
C SER B 554 5.64 -8.28 -23.26
N SER B 555 5.11 -9.24 -22.50
CA SER B 555 4.61 -8.93 -21.16
C SER B 555 5.71 -8.49 -20.21
N GLU B 556 6.97 -8.81 -20.53
CA GLU B 556 8.12 -8.41 -19.72
C GLU B 556 8.87 -7.25 -20.36
N CYS B 557 8.16 -6.33 -20.99
CA CYS B 557 8.78 -5.20 -21.67
C CYS B 557 9.44 -4.26 -20.66
N GLN B 558 10.56 -3.65 -21.08
CA GLN B 558 11.28 -2.74 -20.21
C GLN B 558 10.45 -1.49 -19.90
N ASN B 559 9.72 -0.98 -20.89
CA ASN B 559 8.92 0.22 -20.71
C ASN B 559 7.61 -0.03 -19.98
N ARG B 560 7.27 -1.28 -19.70
CA ARG B 560 6.02 -1.58 -19.01
C ARG B 560 5.98 -0.87 -17.66
N PHE B 561 4.83 -0.30 -17.33
CA PHE B 561 4.70 0.50 -16.13
C PHE B 561 4.31 -0.39 -14.95
N PRO B 562 5.14 -0.50 -13.93
CA PRO B 562 4.72 -1.21 -12.71
C PRO B 562 3.58 -0.47 -12.03
N GLY B 563 2.63 -1.23 -11.51
CA GLY B 563 1.48 -0.63 -10.86
C GLY B 563 1.79 -0.12 -9.47
N CYS B 564 0.76 0.45 -8.84
CA CYS B 564 0.86 0.87 -7.46
C CYS B 564 0.45 -0.27 -6.52
N ARG B 565 1.21 -0.45 -5.44
CA ARG B 565 0.80 -1.39 -4.37
C ARG B 565 0.40 -0.45 -3.21
N CYS B 566 -0.04 0.76 -3.56
CA CYS B 566 -0.39 1.79 -2.59
C CYS B 566 -1.49 1.30 -1.65
N LYS B 567 -1.43 1.78 -0.41
CA LYS B 567 -2.46 1.39 0.59
C LYS B 567 -3.79 2.06 0.24
N ALA B 568 -3.76 3.37 -0.03
CA ALA B 568 -5.00 4.11 -0.31
C ALA B 568 -4.68 5.51 -0.78
N GLN B 569 -5.60 6.06 -1.56
CA GLN B 569 -5.71 7.48 -1.92
C GLN B 569 -4.65 7.96 -2.90
N CYS B 570 -3.61 7.14 -3.13
CA CYS B 570 -2.62 7.35 -4.18
C CYS B 570 -2.25 8.82 -4.39
N ASN B 571 -2.15 9.57 -3.29
CA ASN B 571 -1.90 11.03 -3.39
C ASN B 571 -0.51 11.38 -2.84
N THR B 572 0.25 10.37 -2.41
CA THR B 572 1.64 10.65 -1.96
C THR B 572 2.43 11.11 -3.16
N LYS B 573 2.96 12.33 -3.13
CA LYS B 573 3.68 12.88 -4.30
C LYS B 573 4.68 11.82 -4.80
N GLN B 574 5.19 10.99 -3.89
CA GLN B 574 6.13 9.92 -4.29
C GLN B 574 5.52 9.01 -5.34
N CYS B 575 4.39 8.38 -5.01
CA CYS B 575 3.78 7.39 -5.93
C CYS B 575 4.39 7.56 -7.32
N PRO B 576 5.13 6.57 -7.85
CA PRO B 576 5.60 6.69 -9.24
C PRO B 576 4.57 7.28 -10.18
N CYS B 577 3.28 6.96 -9.99
CA CYS B 577 2.24 7.59 -10.80
C CYS B 577 2.23 9.09 -10.60
N TYR B 578 2.29 9.53 -9.33
CA TYR B 578 2.31 10.96 -9.04
C TYR B 578 3.62 11.60 -9.46
N LEU B 579 4.73 10.88 -9.30
CA LEU B 579 6.02 11.38 -9.77
C LEU B 579 6.02 11.56 -11.29
N ALA B 580 5.41 10.63 -12.02
CA ALA B 580 5.33 10.70 -13.46
C ALA B 580 4.16 11.54 -13.94
N VAL B 581 3.38 12.10 -13.02
CA VAL B 581 2.16 12.85 -13.35
C VAL B 581 1.28 11.98 -14.23
N ARG B 582 0.76 10.89 -13.69
CA ARG B 582 0.02 9.91 -14.45
C ARG B 582 -1.18 9.45 -13.65
N GLU B 583 -2.15 8.87 -14.36
CA GLU B 583 -3.30 8.25 -13.73
C GLU B 583 -2.93 6.81 -13.35
N CYS B 584 -3.92 6.03 -12.90
CA CYS B 584 -3.71 4.65 -12.51
C CYS B 584 -4.38 3.75 -13.54
N ASP B 585 -3.58 3.00 -14.27
CA ASP B 585 -4.12 2.10 -15.29
C ASP B 585 -4.89 0.98 -14.62
N PRO B 586 -6.15 0.74 -15.00
CA PRO B 586 -6.95 -0.29 -14.32
C PRO B 586 -6.36 -1.69 -14.42
N ASP B 587 -5.69 -2.01 -15.52
CA ASP B 587 -5.14 -3.35 -15.70
C ASP B 587 -3.79 -3.54 -15.01
N LEU B 588 -3.14 -2.45 -14.61
CA LEU B 588 -1.82 -2.52 -13.97
C LEU B 588 -1.90 -2.22 -12.47
N CYS B 589 -2.47 -1.08 -12.10
CA CYS B 589 -2.63 -0.70 -10.70
C CYS B 589 -3.89 -1.38 -10.18
N LEU B 590 -3.73 -2.56 -9.59
CA LEU B 590 -4.88 -3.40 -9.24
C LEU B 590 -5.38 -3.13 -7.82
N THR B 591 -4.53 -3.36 -6.83
CA THR B 591 -4.94 -3.16 -5.44
C THR B 591 -5.02 -1.69 -5.04
N CYS B 592 -4.54 -0.79 -5.90
CA CYS B 592 -4.60 0.64 -5.59
C CYS B 592 -6.03 1.16 -5.55
N GLY B 593 -6.91 0.58 -6.37
CA GLY B 593 -8.30 1.00 -6.39
C GLY B 593 -8.77 1.47 -7.75
N ALA B 594 -7.93 1.31 -8.77
CA ALA B 594 -8.25 1.73 -10.13
C ALA B 594 -9.04 0.69 -10.90
N ALA B 595 -9.32 -0.46 -10.30
CA ALA B 595 -10.09 -1.50 -10.97
C ALA B 595 -11.28 -1.98 -10.16
N ASP B 596 -11.16 -2.05 -8.84
CA ASP B 596 -12.25 -2.56 -8.02
C ASP B 596 -13.38 -1.54 -7.93
N HIS B 597 -14.62 -2.05 -7.90
CA HIS B 597 -15.82 -1.24 -7.75
C HIS B 597 -15.93 -0.20 -8.86
N TRP B 598 -16.04 -0.69 -10.10
CA TRP B 598 -16.15 0.21 -11.24
C TRP B 598 -17.46 1.00 -11.21
N ASP B 599 -18.57 0.31 -10.94
CA ASP B 599 -19.88 0.95 -10.92
C ASP B 599 -20.22 1.33 -9.48
N SER B 600 -19.63 2.44 -9.03
CA SER B 600 -19.82 2.92 -7.67
C SER B 600 -19.42 4.39 -7.63
N LYS B 601 -19.29 4.93 -6.42
CA LYS B 601 -18.87 6.32 -6.23
C LYS B 601 -17.35 6.43 -6.38
N ASN B 602 -16.79 7.56 -5.97
CA ASN B 602 -15.36 7.77 -6.08
C ASN B 602 -14.59 6.67 -5.35
N VAL B 603 -13.60 6.10 -6.03
CA VAL B 603 -12.82 5.00 -5.50
C VAL B 603 -11.85 5.52 -4.45
N SER B 604 -11.21 4.59 -3.72
CA SER B 604 -10.28 4.99 -2.68
C SER B 604 -9.12 5.81 -3.25
N CYS B 605 -8.58 5.37 -4.38
CA CYS B 605 -7.47 6.09 -5.01
C CYS B 605 -7.98 7.43 -5.54
N LYS B 606 -7.34 8.52 -5.10
CA LYS B 606 -7.73 9.86 -5.53
C LYS B 606 -7.16 10.22 -6.90
N ASN B 607 -6.36 9.36 -7.50
CA ASN B 607 -5.81 9.58 -8.84
C ASN B 607 -6.62 8.85 -9.89
N CYS B 608 -7.94 8.78 -9.72
CA CYS B 608 -8.81 8.12 -10.69
C CYS B 608 -10.11 8.88 -10.92
N SER B 609 -10.25 10.10 -10.40
CA SER B 609 -11.51 10.83 -10.53
C SER B 609 -11.79 11.22 -11.97
N ILE B 610 -10.77 11.68 -12.71
CA ILE B 610 -10.99 12.11 -14.08
C ILE B 610 -11.26 10.92 -14.99
N GLN B 611 -10.66 9.76 -14.70
CA GLN B 611 -10.93 8.56 -15.49
C GLN B 611 -12.38 8.13 -15.35
N ARG B 612 -12.92 8.19 -14.14
CA ARG B 612 -14.32 7.84 -13.92
C ARG B 612 -15.28 8.91 -14.45
N GLY B 613 -14.79 10.11 -14.72
CA GLY B 613 -15.64 11.17 -15.23
C GLY B 613 -16.44 11.92 -14.19
N SER B 614 -16.24 11.63 -12.91
CA SER B 614 -16.97 12.29 -11.84
C SER B 614 -16.32 13.63 -11.52
N LYS B 615 -17.14 14.68 -11.48
CA LYS B 615 -16.65 16.03 -11.21
C LYS B 615 -17.66 16.73 -10.32
N LYS B 616 -17.43 18.03 -10.09
CA LYS B 616 -18.28 18.82 -9.21
C LYS B 616 -19.25 19.65 -10.02
N HIS B 617 -20.46 19.84 -9.48
CA HIS B 617 -21.49 20.60 -10.16
C HIS B 617 -21.10 22.08 -10.27
N LEU B 618 -21.38 22.66 -11.43
CA LEU B 618 -21.09 24.07 -11.68
C LEU B 618 -22.35 24.76 -12.18
N LEU B 619 -22.39 26.08 -11.99
CA LEU B 619 -23.54 26.89 -12.36
C LEU B 619 -23.10 28.00 -13.30
N LEU B 620 -24.09 28.73 -13.83
CA LEU B 620 -23.86 29.82 -14.77
C LEU B 620 -24.64 31.03 -14.32
N ALA B 621 -23.99 32.19 -14.32
CA ALA B 621 -24.60 33.43 -13.88
C ALA B 621 -23.80 34.59 -14.45
N PRO B 622 -24.38 35.79 -14.49
CA PRO B 622 -23.60 36.96 -14.90
C PRO B 622 -22.45 37.21 -13.94
N SER B 623 -21.24 37.28 -14.49
CA SER B 623 -20.05 37.43 -13.67
C SER B 623 -19.98 38.83 -13.06
N ASP B 624 -19.47 38.91 -11.83
CA ASP B 624 -19.27 40.19 -11.18
C ASP B 624 -18.14 40.99 -11.79
N VAL B 625 -17.33 40.38 -12.67
CA VAL B 625 -16.25 41.08 -13.34
C VAL B 625 -16.71 41.49 -14.73
N ALA B 626 -17.07 40.51 -15.56
CA ALA B 626 -17.50 40.77 -16.92
C ALA B 626 -18.14 39.52 -17.51
N GLY B 627 -19.26 39.70 -18.20
CA GLY B 627 -19.89 38.58 -18.89
C GLY B 627 -20.43 37.55 -17.93
N TRP B 628 -20.37 36.29 -18.35
CA TRP B 628 -20.83 35.17 -17.55
C TRP B 628 -19.67 34.60 -16.72
N GLY B 629 -20.03 33.88 -15.68
CA GLY B 629 -19.05 33.25 -14.81
C GLY B 629 -19.60 31.99 -14.20
N ILE B 630 -18.71 31.05 -13.91
CA ILE B 630 -19.09 29.77 -13.33
C ILE B 630 -18.92 29.86 -11.81
N PHE B 631 -20.00 29.59 -11.09
CA PHE B 631 -20.01 29.58 -9.64
C PHE B 631 -20.25 28.17 -9.17
N ILE B 632 -19.33 27.63 -8.37
CA ILE B 632 -19.43 26.25 -7.91
C ILE B 632 -20.44 26.16 -6.79
N LYS B 633 -21.24 25.09 -6.81
CA LYS B 633 -22.30 24.92 -5.82
C LYS B 633 -21.76 24.52 -4.46
N ASP B 634 -20.67 23.76 -4.42
CA ASP B 634 -20.15 23.23 -3.16
C ASP B 634 -18.70 23.64 -2.96
N PRO B 635 -18.24 23.78 -1.72
CA PRO B 635 -16.85 24.14 -1.48
C PRO B 635 -15.90 23.02 -1.88
N VAL B 636 -14.71 23.41 -2.33
CA VAL B 636 -13.67 22.49 -2.76
C VAL B 636 -12.41 22.77 -1.93
N GLN B 637 -11.86 21.72 -1.33
CA GLN B 637 -10.66 21.87 -0.52
C GLN B 637 -9.44 22.08 -1.42
N LYS B 638 -8.27 22.17 -0.79
CA LYS B 638 -7.04 22.38 -1.53
C LYS B 638 -6.69 21.14 -2.34
N ASN B 639 -6.41 21.33 -3.63
CA ASN B 639 -6.05 20.25 -4.55
C ASN B 639 -7.13 19.16 -4.57
N GLU B 640 -8.33 19.58 -4.97
CA GLU B 640 -9.47 18.68 -5.09
C GLU B 640 -10.09 18.84 -6.46
N PHE B 641 -10.46 17.72 -7.08
CA PHE B 641 -11.03 17.74 -8.42
C PHE B 641 -12.34 18.50 -8.44
N ILE B 642 -12.51 19.36 -9.43
CA ILE B 642 -13.72 20.16 -9.58
C ILE B 642 -14.42 19.85 -10.90
N SER B 643 -13.69 19.91 -12.02
CA SER B 643 -14.29 19.69 -13.32
C SER B 643 -13.20 19.29 -14.29
N GLU B 644 -13.62 18.92 -15.50
CA GLU B 644 -12.71 18.60 -16.60
C GLU B 644 -12.98 19.54 -17.75
N TYR B 645 -11.92 20.17 -18.26
CA TYR B 645 -12.05 21.14 -19.36
C TYR B 645 -12.06 20.39 -20.69
N CYS B 646 -13.19 19.75 -20.97
CA CYS B 646 -13.37 18.97 -22.19
C CYS B 646 -13.75 19.92 -23.33
N GLY B 647 -14.14 19.34 -24.45
CA GLY B 647 -14.53 20.13 -25.60
C GLY B 647 -14.25 19.35 -26.89
N GLU B 648 -13.77 20.08 -27.89
CA GLU B 648 -13.46 19.51 -29.20
C GLU B 648 -11.95 19.53 -29.40
N ILE B 649 -11.38 18.37 -29.70
CA ILE B 649 -9.95 18.25 -29.93
C ILE B 649 -9.64 18.65 -31.36
N ILE B 650 -8.72 19.59 -31.54
CA ILE B 650 -8.34 20.08 -32.86
C ILE B 650 -6.82 20.17 -32.94
N SER B 651 -6.32 20.14 -34.18
CA SER B 651 -4.89 20.24 -34.42
C SER B 651 -4.41 21.67 -34.19
N GLN B 652 -3.09 21.84 -34.21
CA GLN B 652 -2.50 23.14 -33.91
C GLN B 652 -2.94 24.19 -34.94
N ASP B 653 -2.90 23.85 -36.23
CA ASP B 653 -3.41 24.77 -37.24
C ASP B 653 -4.91 24.95 -37.10
N GLU B 654 -5.64 23.87 -36.85
CA GLU B 654 -7.06 23.97 -36.57
C GLU B 654 -7.32 24.75 -35.29
N ALA B 655 -6.45 24.62 -34.29
CA ALA B 655 -6.57 25.42 -33.08
C ALA B 655 -6.40 26.91 -33.40
N ASP B 656 -5.43 27.24 -34.25
CA ASP B 656 -5.21 28.63 -34.63
C ASP B 656 -6.46 29.18 -35.36
N ARG B 657 -7.00 28.40 -36.30
CA ARG B 657 -8.16 28.84 -37.04
C ARG B 657 -9.37 29.04 -36.13
N ARG B 658 -9.63 28.07 -35.25
CA ARG B 658 -10.76 28.17 -34.34
C ARG B 658 -10.58 29.34 -33.37
N GLY B 659 -9.36 29.55 -32.88
CA GLY B 659 -9.11 30.67 -31.99
C GLY B 659 -9.32 32.01 -32.67
N LYS B 660 -8.89 32.13 -33.93
CA LYS B 660 -9.15 33.36 -34.68
C LYS B 660 -10.65 33.57 -34.86
N VAL B 661 -11.38 32.51 -35.18
CA VAL B 661 -12.83 32.62 -35.35
C VAL B 661 -13.48 33.08 -34.05
N TYR B 662 -13.06 32.50 -32.92
CA TYR B 662 -13.65 32.86 -31.63
C TYR B 662 -13.28 34.28 -31.22
N ASP B 663 -12.03 34.69 -31.47
CA ASP B 663 -11.57 36.02 -31.11
C ASP B 663 -12.08 37.10 -32.07
N LYS B 664 -12.67 36.71 -33.20
CA LYS B 664 -13.33 37.69 -34.06
C LYS B 664 -14.36 38.50 -33.27
N TYR B 665 -15.02 37.86 -32.31
CA TYR B 665 -15.92 38.56 -31.39
C TYR B 665 -15.31 38.72 -30.00
N MET B 666 -13.99 38.58 -29.88
CA MET B 666 -13.24 38.89 -28.65
C MET B 666 -13.66 37.98 -27.49
N CYS B 667 -13.62 36.67 -27.72
CA CYS B 667 -13.87 35.69 -26.67
C CYS B 667 -13.26 34.37 -27.11
N SER B 668 -12.22 33.92 -26.42
CA SER B 668 -11.49 32.71 -26.77
C SER B 668 -11.55 31.71 -25.62
N PHE B 669 -11.67 30.43 -25.97
CA PHE B 669 -11.70 29.35 -24.99
C PHE B 669 -10.63 28.29 -25.25
N LEU B 670 -9.65 28.58 -26.09
CA LEU B 670 -8.62 27.61 -26.43
C LEU B 670 -7.75 27.30 -25.21
N PHE B 671 -7.39 26.03 -25.06
CA PHE B 671 -6.58 25.56 -23.94
C PHE B 671 -5.59 24.54 -24.46
N ASN B 672 -4.46 24.42 -23.78
CA ASN B 672 -3.41 23.49 -24.16
C ASN B 672 -3.53 22.21 -23.35
N LEU B 673 -3.50 21.07 -24.05
CA LEU B 673 -3.58 19.75 -23.42
C LEU B 673 -2.30 18.95 -23.60
N ASN B 674 -1.85 18.77 -24.84
CA ASN B 674 -0.59 18.10 -25.11
C ASN B 674 0.28 18.96 -26.02
N ASN B 675 1.39 18.41 -26.51
CA ASN B 675 2.27 19.17 -27.39
C ASN B 675 1.57 19.52 -28.71
N ASP B 676 0.80 18.58 -29.26
CA ASP B 676 0.13 18.77 -30.53
C ASP B 676 -1.39 18.68 -30.40
N PHE B 677 -1.92 18.77 -29.19
CA PHE B 677 -3.34 18.66 -28.93
C PHE B 677 -3.84 19.91 -28.21
N VAL B 678 -4.98 20.43 -28.66
CA VAL B 678 -5.59 21.62 -28.08
C VAL B 678 -7.07 21.36 -27.88
N VAL B 679 -7.58 21.71 -26.71
CA VAL B 679 -9.00 21.53 -26.38
C VAL B 679 -9.71 22.86 -26.53
N ASP B 680 -10.76 22.89 -27.33
CA ASP B 680 -11.58 24.07 -27.54
C ASP B 680 -13.03 23.74 -27.18
N ALA B 681 -13.66 24.60 -26.39
CA ALA B 681 -15.01 24.35 -25.90
C ALA B 681 -15.92 25.53 -26.20
N THR B 682 -15.83 26.09 -27.40
CA THR B 682 -16.70 27.20 -27.78
C THR B 682 -18.05 26.69 -28.26
N ARG B 683 -18.06 25.91 -29.34
CA ARG B 683 -19.30 25.35 -29.87
C ARG B 683 -19.71 24.05 -29.18
N LYS B 684 -18.82 23.43 -28.42
CA LYS B 684 -19.13 22.18 -27.74
C LYS B 684 -18.23 22.07 -26.51
N GLY B 685 -18.85 22.08 -25.33
CA GLY B 685 -18.09 22.01 -24.09
C GLY B 685 -18.95 21.72 -22.88
N ASN B 686 -18.53 22.23 -21.72
CA ASN B 686 -19.26 22.03 -20.47
C ASN B 686 -19.38 23.37 -19.76
N LYS B 687 -19.93 23.34 -18.55
CA LYS B 687 -20.14 24.56 -17.79
C LYS B 687 -18.83 25.16 -17.28
N ILE B 688 -17.73 24.39 -17.29
CA ILE B 688 -16.45 24.90 -16.83
C ILE B 688 -15.76 25.78 -17.86
N ARG B 689 -16.41 26.04 -19.00
CA ARG B 689 -15.80 26.86 -20.03
C ARG B 689 -15.71 28.33 -19.61
N PHE B 690 -16.62 28.81 -18.77
CA PHE B 690 -16.64 30.20 -18.35
C PHE B 690 -15.88 30.33 -17.05
N ALA B 691 -14.57 30.42 -17.16
CA ALA B 691 -13.67 30.53 -16.02
C ALA B 691 -13.13 31.95 -15.95
N ASN B 692 -13.26 32.57 -14.77
CA ASN B 692 -12.84 33.95 -14.61
C ASN B 692 -11.32 34.00 -14.42
N HIS B 693 -10.76 35.21 -14.57
CA HIS B 693 -9.31 35.41 -14.50
C HIS B 693 -9.03 36.40 -13.39
N SER B 694 -8.10 36.06 -12.49
CA SER B 694 -7.75 36.98 -11.42
C SER B 694 -6.32 36.77 -10.99
N VAL B 695 -5.71 37.85 -10.52
CA VAL B 695 -4.32 37.84 -10.04
C VAL B 695 -4.13 36.96 -8.82
N ASN B 696 -5.20 36.59 -8.15
CA ASN B 696 -5.16 35.67 -7.01
C ASN B 696 -6.16 34.54 -7.27
N PRO B 697 -5.79 33.59 -8.12
CA PRO B 697 -6.76 32.56 -8.53
C PRO B 697 -7.19 31.69 -7.37
N ASN B 698 -8.43 31.22 -7.47
CA ASN B 698 -8.99 30.26 -6.53
C ASN B 698 -8.94 28.83 -7.07
N CYS B 699 -8.40 28.62 -8.27
CA CYS B 699 -8.36 27.30 -8.88
C CYS B 699 -7.14 27.20 -9.78
N TYR B 700 -6.76 25.96 -10.09
CA TYR B 700 -5.65 25.71 -10.99
C TYR B 700 -5.88 24.38 -11.70
N ALA B 701 -5.26 24.23 -12.87
CA ALA B 701 -5.47 23.08 -13.73
C ALA B 701 -4.14 22.38 -14.00
N LYS B 702 -4.17 21.05 -13.98
CA LYS B 702 -3.00 20.24 -14.31
C LYS B 702 -3.42 19.12 -15.24
N VAL B 703 -2.50 18.71 -16.11
CA VAL B 703 -2.75 17.71 -17.14
C VAL B 703 -2.25 16.36 -16.63
N MET B 704 -3.12 15.35 -16.70
CA MET B 704 -2.79 14.00 -16.27
C MET B 704 -3.13 13.01 -17.38
N MET B 705 -2.24 12.06 -17.62
CA MET B 705 -2.43 11.05 -18.65
C MET B 705 -3.32 9.94 -18.10
N VAL B 706 -4.55 9.84 -18.62
CA VAL B 706 -5.54 8.89 -18.13
C VAL B 706 -5.73 7.82 -19.18
N ASN B 707 -5.36 6.58 -18.83
CA ASN B 707 -5.62 5.40 -19.66
C ASN B 707 -5.07 5.58 -21.08
N GLY B 708 -3.86 6.12 -21.18
CA GLY B 708 -3.23 6.32 -22.47
C GLY B 708 -3.63 7.58 -23.21
N ASP B 709 -4.55 8.36 -22.66
CA ASP B 709 -4.99 9.61 -23.27
C ASP B 709 -4.83 10.74 -22.27
N HIS B 710 -4.64 11.95 -22.79
CA HIS B 710 -4.37 13.13 -21.98
C HIS B 710 -5.66 13.90 -21.73
N ARG B 711 -5.87 14.29 -20.48
CA ARG B 711 -7.07 15.03 -20.09
C ARG B 711 -6.67 16.19 -19.20
N ILE B 712 -7.51 17.21 -19.15
CA ILE B 712 -7.29 18.41 -18.34
C ILE B 712 -8.27 18.40 -17.17
N GLY B 713 -7.73 18.50 -15.95
CA GLY B 713 -8.55 18.49 -14.76
C GLY B 713 -8.47 19.83 -14.05
N ILE B 714 -9.54 20.15 -13.32
CA ILE B 714 -9.67 21.41 -12.61
C ILE B 714 -9.53 21.15 -11.13
N PHE B 715 -8.61 21.89 -10.48
CA PHE B 715 -8.34 21.72 -9.07
C PHE B 715 -8.32 23.07 -8.37
N ALA B 716 -8.71 23.08 -7.10
CA ALA B 716 -8.81 24.31 -6.32
C ALA B 716 -7.46 24.61 -5.66
N LYS B 717 -6.97 25.83 -5.87
CA LYS B 717 -5.70 26.24 -5.27
C LYS B 717 -5.82 26.38 -3.76
N ARG B 718 -6.97 26.81 -3.25
CA ARG B 718 -7.19 26.99 -1.83
C ARG B 718 -8.57 26.46 -1.48
N ALA B 719 -8.91 26.52 -0.20
CA ALA B 719 -10.22 26.11 0.29
C ALA B 719 -11.24 27.18 -0.11
N ILE B 720 -11.71 27.08 -1.36
CA ILE B 720 -12.63 28.07 -1.89
C ILE B 720 -13.94 28.05 -1.11
N GLN B 721 -14.56 29.22 -0.98
CA GLN B 721 -15.82 29.32 -0.26
C GLN B 721 -16.99 28.95 -1.18
N THR B 722 -18.14 28.70 -0.55
CA THR B 722 -19.31 28.27 -1.30
C THR B 722 -19.88 29.42 -2.12
N GLY B 723 -20.09 29.18 -3.40
CA GLY B 723 -20.75 30.13 -4.27
C GLY B 723 -19.85 31.16 -4.91
N GLU B 724 -18.58 31.23 -4.53
CA GLU B 724 -17.68 32.22 -5.12
C GLU B 724 -17.34 31.81 -6.55
N GLU B 725 -17.14 32.80 -7.40
CA GLU B 725 -16.78 32.51 -8.78
C GLU B 725 -15.36 31.95 -8.84
N LEU B 726 -15.19 30.94 -9.69
CA LEU B 726 -13.88 30.31 -9.83
C LEU B 726 -12.95 31.21 -10.61
N PHE B 727 -11.70 31.29 -10.17
CA PHE B 727 -10.68 32.09 -10.83
C PHE B 727 -9.63 31.20 -11.45
N PHE B 728 -9.21 31.54 -12.67
CA PHE B 728 -8.25 30.75 -13.42
C PHE B 728 -7.23 31.69 -14.04
N ASP B 729 -5.96 31.44 -13.76
CA ASP B 729 -4.89 32.22 -14.39
C ASP B 729 -4.68 31.75 -15.82
N TYR B 730 -4.68 32.69 -16.76
CA TYR B 730 -4.54 32.36 -18.17
C TYR B 730 -3.09 32.33 -18.63
N ARG B 731 -2.14 32.61 -17.75
CA ARG B 731 -0.73 32.59 -18.14
C ARG B 731 -0.26 31.18 -18.47
N TYR B 732 -0.85 30.17 -17.84
CA TYR B 732 -0.45 28.79 -18.11
C TYR B 732 -0.79 28.40 -19.54
N SER B 733 -1.95 28.84 -20.04
CA SER B 733 -2.36 28.52 -21.40
C SER B 733 -1.53 29.30 -22.41
N GLN B 734 -1.66 28.90 -23.68
CA GLN B 734 -0.94 29.59 -24.75
C GLN B 734 -1.38 31.04 -24.87
N ALA B 735 -2.68 31.29 -24.75
CA ALA B 735 -3.24 32.64 -24.80
C ALA B 735 -3.50 33.12 -23.37
N ASP B 736 -2.93 34.26 -23.03
CA ASP B 736 -3.09 34.82 -21.69
C ASP B 736 -4.00 36.06 -21.72
N GLN C 68 -26.02 78.15 -26.38
CA GLN C 68 -27.21 77.62 -27.05
C GLN C 68 -26.88 76.46 -27.97
N ALA C 69 -27.88 75.95 -28.68
CA ALA C 69 -27.73 74.83 -29.60
C ALA C 69 -27.10 73.63 -28.91
N ASP C 70 -25.84 73.35 -29.22
CA ASP C 70 -25.14 72.26 -28.55
C ASP C 70 -25.01 72.55 -27.06
N HIS C 71 -24.74 73.80 -26.69
CA HIS C 71 -24.64 74.15 -25.28
C HIS C 71 -25.98 73.95 -24.59
N GLU C 72 -27.08 74.31 -25.25
CA GLU C 72 -28.40 74.09 -24.67
C GLU C 72 -28.71 72.61 -24.51
N LEU C 73 -28.35 71.80 -25.51
CA LEU C 73 -28.56 70.36 -25.41
C LEU C 73 -27.75 69.77 -24.26
N PHE C 74 -26.50 70.21 -24.10
CA PHE C 74 -25.69 69.76 -22.99
C PHE C 74 -26.28 70.19 -21.66
N LEU C 75 -26.84 71.40 -21.61
CA LEU C 75 -27.49 71.87 -20.39
C LEU C 75 -28.69 71.02 -20.04
N GLN C 76 -29.48 70.64 -21.03
CA GLN C 76 -30.62 69.75 -20.77
C GLN C 76 -30.15 68.38 -20.32
N ALA C 77 -29.10 67.85 -20.94
CA ALA C 77 -28.57 66.55 -20.55
C ALA C 77 -27.97 66.59 -19.15
N PHE C 78 -27.50 67.77 -18.72
CA PHE C 78 -27.05 67.93 -17.35
C PHE C 78 -28.24 68.01 -16.39
N GLU C 79 -29.27 68.75 -16.79
CA GLU C 79 -30.43 68.94 -15.91
C GLU C 79 -31.23 67.66 -15.72
N LYS C 80 -31.20 66.74 -16.67
CA LYS C 80 -31.98 65.51 -16.52
C LYS C 80 -31.55 64.70 -15.31
N PRO C 81 -30.27 64.35 -15.12
CA PRO C 81 -29.89 63.76 -13.83
C PRO C 81 -30.07 64.71 -12.66
N THR C 82 -29.87 66.01 -12.89
CA THR C 82 -30.17 66.99 -11.86
C THR C 82 -31.66 66.97 -11.52
N GLN C 83 -32.51 66.82 -12.54
CA GLN C 83 -33.95 66.70 -12.28
C GLN C 83 -34.25 65.43 -11.48
N ILE C 84 -33.59 64.32 -11.83
CA ILE C 84 -33.81 63.07 -11.09
C ILE C 84 -33.41 63.23 -9.64
N TYR C 85 -32.26 63.86 -9.40
CA TYR C 85 -31.83 64.13 -8.03
C TYR C 85 -32.82 65.05 -7.32
N ARG C 86 -33.37 66.01 -8.04
CA ARG C 86 -34.36 66.91 -7.44
C ARG C 86 -35.61 66.15 -7.00
N PHE C 87 -36.12 65.26 -7.86
CA PHE C 87 -37.28 64.46 -7.47
C PHE C 87 -36.94 63.54 -6.31
N LEU C 88 -35.74 62.97 -6.31
CA LEU C 88 -35.32 62.11 -5.20
C LEU C 88 -35.27 62.89 -3.89
N ARG C 89 -34.75 64.11 -3.93
CA ARG C 89 -34.62 64.91 -2.71
C ARG C 89 -35.96 65.46 -2.23
N THR C 90 -36.89 65.72 -3.14
CA THR C 90 -38.17 66.30 -2.74
C THR C 90 -38.94 65.37 -1.81
N ARG C 91 -38.96 64.07 -2.14
CA ARG C 91 -39.71 63.11 -1.32
C ARG C 91 -39.10 62.98 0.07
N ASN C 92 -37.77 63.06 0.19
CA ASN C 92 -37.15 63.02 1.51
C ASN C 92 -37.56 64.21 2.35
N LEU C 93 -37.86 65.34 1.72
CA LEU C 93 -38.30 66.52 2.45
C LEU C 93 -39.64 66.27 3.14
N ILE C 94 -40.57 65.62 2.45
CA ILE C 94 -41.91 65.43 3.00
C ILE C 94 -41.88 64.45 4.16
N ALA C 95 -41.19 63.33 4.00
CA ALA C 95 -41.16 62.27 5.03
C ALA C 95 -39.74 61.73 5.17
N PRO C 96 -39.01 62.17 6.19
CA PRO C 96 -37.68 61.60 6.44
C PRO C 96 -37.77 60.15 6.89
N ILE C 97 -36.70 59.40 6.60
CA ILE C 97 -36.66 57.98 6.93
C ILE C 97 -36.20 57.77 8.37
N PHE C 98 -35.11 58.41 8.76
CA PHE C 98 -34.57 58.27 10.12
C PHE C 98 -34.19 59.64 10.65
N LEU C 99 -34.14 59.74 11.98
CA LEU C 99 -33.81 61.00 12.62
C LEU C 99 -32.36 61.38 12.38
N HIS C 100 -32.12 62.66 12.06
CA HIS C 100 -30.77 63.18 11.96
C HIS C 100 -30.18 63.54 13.31
N ARG C 101 -30.99 63.55 14.36
CA ARG C 101 -30.48 63.85 15.69
C ARG C 101 -29.47 62.79 16.15
N THR C 102 -29.75 61.52 15.85
CA THR C 102 -28.92 60.41 16.31
C THR C 102 -27.68 60.18 15.45
N LEU C 103 -27.42 61.02 14.45
CA LEU C 103 -26.22 60.90 13.64
C LEU C 103 -25.03 61.35 14.49
N THR C 104 -24.19 60.40 14.89
CA THR C 104 -23.08 60.72 15.79
C THR C 104 -22.08 61.65 15.14
N TYR C 105 -21.75 61.42 13.87
CA TYR C 105 -20.82 62.30 13.17
C TYR C 105 -21.39 63.70 13.04
N MET C 106 -22.68 63.82 12.75
CA MET C 106 -23.34 65.12 12.63
C MET C 106 -23.87 65.54 14.00
N SER C 107 -22.93 65.80 14.91
CA SER C 107 -23.27 66.18 16.27
C SER C 107 -23.47 67.68 16.46
N HIS C 108 -23.16 68.48 15.44
CA HIS C 108 -23.37 69.92 15.54
C HIS C 108 -24.85 70.25 15.72
N ARG C 109 -25.71 69.61 14.92
CA ARG C 109 -27.14 69.83 15.02
C ARG C 109 -27.74 68.98 16.13
N ASN C 110 -28.81 69.50 16.74
CA ASN C 110 -29.52 68.81 17.81
C ASN C 110 -28.58 68.41 18.94
N SER C 111 -27.68 69.33 19.31
CA SER C 111 -26.71 69.07 20.37
C SER C 111 -27.34 69.31 21.74
N ARG C 112 -28.37 68.53 22.02
CA ARG C 112 -29.06 68.61 23.30
C ARG C 112 -28.22 67.94 24.40
N THR C 113 -28.40 68.41 25.62
CA THR C 113 -27.69 67.84 26.76
C THR C 113 -28.20 66.44 27.06
N ASN C 114 -27.31 65.61 27.61
CA ASN C 114 -27.60 64.23 27.94
C ASN C 114 -27.58 64.06 29.45
N ILE C 115 -28.67 63.53 30.01
CA ILE C 115 -28.77 63.23 31.42
C ILE C 115 -29.48 61.91 31.61
N LYS C 116 -28.73 60.84 31.88
CA LYS C 116 -29.30 59.52 32.05
C LYS C 116 -29.81 59.26 33.46
N ARG C 117 -29.64 60.21 34.38
CA ARG C 117 -30.11 60.01 35.75
C ARG C 117 -31.62 60.00 35.86
N LYS C 118 -32.33 60.39 34.81
CA LYS C 118 -33.79 60.41 34.84
C LYS C 118 -34.34 58.99 34.83
N THR C 119 -34.71 58.47 36.00
CA THR C 119 -35.18 57.10 36.12
C THR C 119 -36.58 56.95 35.53
N PHE C 120 -36.92 55.71 35.19
CA PHE C 120 -38.24 55.40 34.64
C PHE C 120 -39.34 55.41 35.69
N LYS C 121 -39.00 55.52 36.97
CA LYS C 121 -40.02 55.59 38.00
C LYS C 121 -40.67 56.97 38.11
N VAL C 122 -40.14 57.98 37.42
CA VAL C 122 -40.57 59.37 37.63
C VAL C 122 -41.15 60.00 36.37
N ASP C 123 -41.81 59.19 35.53
CA ASP C 123 -42.38 59.70 34.28
C ASP C 123 -43.36 60.84 34.53
N ASP C 124 -44.10 60.79 35.63
CA ASP C 124 -45.07 61.85 35.93
C ASP C 124 -44.38 63.19 36.10
N MET C 125 -43.26 63.21 36.83
CA MET C 125 -42.50 64.45 36.99
C MET C 125 -41.80 64.82 35.69
N LEU C 126 -41.27 63.83 34.96
CA LEU C 126 -40.50 64.12 33.76
C LEU C 126 -41.36 64.76 32.68
N SER C 127 -42.58 64.26 32.50
CA SER C 127 -43.47 64.80 31.48
C SER C 127 -43.99 66.17 31.88
N HIS C 144 -73.87 76.78 22.09
CA HIS C 144 -75.10 77.29 21.50
C HIS C 144 -74.86 78.62 20.81
N LEU C 145 -75.36 78.76 19.59
CA LEU C 145 -75.23 79.98 18.80
C LEU C 145 -76.59 80.38 18.26
N GLN C 146 -76.85 81.69 18.26
CA GLN C 146 -78.10 82.26 17.77
C GLN C 146 -77.81 82.95 16.44
N LEU C 147 -77.87 82.18 15.35
CA LEU C 147 -77.58 82.69 14.02
C LEU C 147 -78.87 83.18 13.36
N THR C 148 -78.80 83.48 12.07
CA THR C 148 -79.96 83.95 11.34
C THR C 148 -80.02 83.32 9.94
N THR C 150 -83.09 85.96 6.47
CA THR C 150 -82.78 86.82 5.33
C THR C 150 -82.81 86.01 4.03
N GLY C 151 -82.00 86.43 3.06
CA GLY C 151 -81.94 85.75 1.78
C GLY C 151 -80.72 86.20 1.00
N PHE C 152 -80.49 85.50 -0.11
CA PHE C 152 -79.35 85.80 -0.96
C PHE C 152 -79.52 87.16 -1.62
N PHE C 153 -78.43 87.91 -1.68
CA PHE C 153 -78.42 89.26 -2.26
C PHE C 153 -77.61 89.26 -3.55
N HIS C 154 -78.07 90.04 -4.52
CA HIS C 154 -77.39 90.15 -5.80
C HIS C 154 -77.76 91.44 -6.51
N VAL C 170 -87.30 80.45 -1.68
CA VAL C 170 -86.13 79.64 -1.97
C VAL C 170 -85.68 78.89 -0.72
N THR C 171 -86.16 77.65 -0.58
CA THR C 171 -85.80 76.83 0.57
C THR C 171 -84.33 76.43 0.49
N LEU C 172 -83.67 76.41 1.64
CA LEU C 172 -82.26 76.06 1.74
C LEU C 172 -82.06 75.04 2.84
N GLU C 173 -81.05 74.20 2.68
CA GLU C 173 -80.72 73.16 3.65
C GLU C 173 -79.25 73.26 4.02
N VAL C 174 -78.94 72.88 5.27
CA VAL C 174 -77.58 72.92 5.79
C VAL C 174 -77.15 71.48 6.04
N LEU C 175 -76.02 71.10 5.45
CA LEU C 175 -75.47 69.76 5.58
C LEU C 175 -74.11 69.81 6.27
N LEU C 176 -73.64 68.64 6.69
CA LEU C 176 -72.37 68.50 7.38
C LEU C 176 -71.43 67.64 6.56
N VAL C 177 -70.19 68.10 6.39
CA VAL C 177 -69.16 67.37 5.66
C VAL C 177 -68.09 66.93 6.66
N LYS C 178 -67.80 65.64 6.69
CA LYS C 178 -66.87 65.06 7.65
C LYS C 178 -65.72 64.38 6.92
N VAL C 179 -64.51 64.56 7.45
CA VAL C 179 -63.31 63.90 6.96
C VAL C 179 -62.76 63.03 8.08
N CYS C 180 -62.40 61.80 7.75
CA CYS C 180 -61.93 60.83 8.73
C CYS C 180 -60.48 60.42 8.42
N HIS C 181 -59.99 59.46 9.17
CA HIS C 181 -58.63 58.95 9.00
C HIS C 181 -58.63 57.79 8.02
N LYS C 182 -57.65 57.79 7.12
CA LYS C 182 -57.56 56.76 6.08
C LYS C 182 -57.14 55.45 6.73
N LYS C 183 -58.10 54.55 6.95
CA LYS C 183 -57.83 53.26 7.55
C LYS C 183 -57.31 52.29 6.49
N ARG C 184 -56.95 51.07 6.94
CA ARG C 184 -56.49 50.06 6.01
C ARG C 184 -57.64 49.47 5.20
N LYS C 185 -58.79 49.26 5.84
CA LYS C 185 -59.93 48.67 5.15
C LYS C 185 -60.46 49.58 4.06
N ASP C 186 -60.58 50.88 4.35
CA ASP C 186 -61.11 51.86 3.41
C ASP C 186 -59.99 52.80 2.98
N VAL C 187 -59.71 52.83 1.68
CA VAL C 187 -58.64 53.69 1.17
C VAL C 187 -58.97 55.16 1.39
N SER C 188 -60.20 55.56 1.11
CA SER C 188 -60.63 56.94 1.28
C SER C 188 -61.23 57.16 2.66
N CYS C 189 -61.24 58.41 3.07
CA CYS C 189 -61.79 58.77 4.37
C CYS C 189 -63.31 58.69 4.34
N PRO C 190 -63.94 57.91 5.22
CA PRO C 190 -65.41 57.85 5.23
C PRO C 190 -66.01 59.21 5.56
N ILE C 191 -67.15 59.50 4.93
CA ILE C 191 -67.86 60.76 5.11
C ILE C 191 -69.30 60.46 5.50
N ARG C 192 -69.79 61.11 6.54
CA ARG C 192 -71.15 60.97 7.01
C ARG C 192 -71.87 62.30 6.86
N GLN C 193 -73.07 62.27 6.30
CA GLN C 193 -73.86 63.47 6.04
C GLN C 193 -74.99 63.56 7.05
N VAL C 194 -75.13 64.74 7.67
CA VAL C 194 -76.20 64.99 8.64
C VAL C 194 -76.91 66.29 8.24
N PRO C 195 -77.77 66.27 7.22
CA PRO C 195 -78.43 67.51 6.79
C PRO C 195 -79.53 67.96 7.75
N THR C 196 -80.11 69.12 7.48
CA THR C 196 -81.18 69.66 8.32
C THR C 196 -82.41 69.97 7.49
N GLY C 197 -83.40 70.63 8.10
CA GLY C 197 -84.62 70.97 7.41
C GLY C 197 -84.48 72.21 6.54
N LYS C 198 -85.61 72.63 6.00
CA LYS C 198 -85.67 73.80 5.12
C LYS C 198 -86.78 74.73 5.57
N LYS C 199 -86.59 76.01 5.33
CA LYS C 199 -87.55 77.04 5.71
C LYS C 199 -87.80 77.97 4.54
N GLN C 200 -88.98 78.61 4.54
CA GLN C 200 -89.37 79.52 3.47
C GLN C 200 -88.77 80.90 3.74
N VAL C 201 -87.46 80.97 3.59
CA VAL C 201 -86.75 82.25 3.79
C VAL C 201 -87.12 83.20 2.65
N PRO C 202 -87.22 84.51 2.91
CA PRO C 202 -87.52 85.44 1.83
C PRO C 202 -86.44 85.44 0.76
N LEU C 203 -86.87 85.60 -0.49
CA LEU C 203 -85.95 85.61 -1.64
C LEU C 203 -85.50 87.05 -1.88
N ASN C 204 -84.27 87.35 -1.48
CA ASN C 204 -83.66 88.68 -1.61
C ASN C 204 -84.53 89.74 -0.94
N PRO C 205 -84.63 89.76 0.39
CA PRO C 205 -85.48 90.73 1.09
C PRO C 205 -84.88 92.14 1.07
N ALA C 219 -81.72 81.54 13.43
CA ALA C 219 -81.20 80.18 13.49
C ALA C 219 -80.57 79.91 14.86
N VAL C 220 -80.81 78.71 15.38
CA VAL C 220 -80.28 78.29 16.69
C VAL C 220 -79.42 77.06 16.47
N SER C 221 -78.19 77.10 16.98
CA SER C 221 -77.28 75.97 16.84
C SER C 221 -77.76 74.78 17.67
N SER C 222 -77.64 73.59 17.10
CA SER C 222 -78.02 72.36 17.76
C SER C 222 -76.80 71.69 18.38
N ASN C 223 -77.06 70.73 19.26
CA ASN C 223 -76.00 69.99 19.94
C ASN C 223 -75.60 68.74 19.16
N GLU C 224 -75.28 68.91 17.88
CA GLU C 224 -74.86 67.79 17.05
C GLU C 224 -73.43 67.36 17.38
N PHE C 225 -72.57 68.33 17.70
CA PHE C 225 -71.18 68.05 18.02
C PHE C 225 -71.05 67.57 19.46
N GLU C 226 -69.81 67.29 19.87
CA GLU C 226 -69.51 66.82 21.21
C GLU C 226 -70.30 65.56 21.58
N HIS C 231 -62.75 59.50 19.65
CA HIS C 231 -62.35 60.53 18.71
C HIS C 231 -62.17 59.96 17.31
N MET C 232 -63.15 59.17 16.87
CA MET C 232 -63.08 58.58 15.53
C MET C 232 -63.13 59.66 14.45
N VAL C 233 -63.99 60.66 14.63
CA VAL C 233 -64.13 61.73 13.65
C VAL C 233 -62.96 62.70 13.79
N LYS C 234 -62.26 62.94 12.68
CA LYS C 234 -61.12 63.84 12.71
C LYS C 234 -61.54 65.28 12.98
N SER C 235 -62.62 65.73 12.35
CA SER C 235 -63.08 67.10 12.52
C SER C 235 -64.55 67.19 12.14
N TYR C 236 -65.18 68.29 12.55
CA TYR C 236 -66.58 68.57 12.25
C TYR C 236 -66.67 69.83 11.39
N SER C 237 -67.45 69.75 10.32
CA SER C 237 -67.63 70.88 9.43
C SER C 237 -69.10 70.95 8.98
N LEU C 238 -69.53 72.15 8.61
CA LEU C 238 -70.89 72.40 8.15
C LEU C 238 -70.85 73.15 6.83
N LEU C 239 -71.72 72.74 5.90
CA LEU C 239 -71.80 73.35 4.58
C LEU C 239 -73.24 73.72 4.27
N PHE C 240 -73.42 74.89 3.67
CA PHE C 240 -74.75 75.37 3.30
C PHE C 240 -75.08 74.99 1.87
N ARG C 241 -76.37 75.05 1.54
CA ARG C 241 -76.86 74.72 0.21
C ARG C 241 -77.97 75.70 -0.14
N VAL C 242 -77.62 76.78 -0.84
CA VAL C 242 -78.59 77.79 -1.23
C VAL C 242 -78.17 78.45 -2.54
N PHE C 283 -75.89 76.41 -6.22
CA PHE C 283 -76.73 76.45 -5.04
C PHE C 283 -76.09 75.69 -3.87
N VAL C 284 -74.77 75.75 -3.79
CA VAL C 284 -74.00 75.08 -2.75
C VAL C 284 -73.09 76.09 -2.08
N ALA C 285 -72.65 75.74 -0.86
CA ALA C 285 -71.77 76.62 -0.09
C ALA C 285 -70.97 75.75 0.87
N GLN C 286 -69.67 75.64 0.62
CA GLN C 286 -68.78 74.85 1.47
C GLN C 286 -67.98 75.78 2.36
N MET C 287 -67.94 75.46 3.65
CA MET C 287 -67.25 76.28 4.64
C MET C 287 -66.32 75.41 5.47
N THR C 288 -65.20 75.99 5.87
CA THR C 288 -64.21 75.30 6.71
C THR C 288 -64.48 75.66 8.17
N VAL C 289 -65.40 74.92 8.78
CA VAL C 289 -65.76 75.18 10.18
C VAL C 289 -64.57 74.90 11.08
N PHE C 290 -63.85 73.81 10.86
CA PHE C 290 -62.71 73.43 11.67
C PHE C 290 -61.46 73.36 10.80
N ASP C 291 -60.34 73.76 11.38
CA ASP C 291 -59.06 73.73 10.68
C ASP C 291 -58.54 72.29 10.58
N LYS C 292 -57.59 72.10 9.67
CA LYS C 292 -56.97 70.79 9.54
C LYS C 292 -56.17 70.41 10.78
N ASN C 293 -55.67 71.41 11.51
CA ASN C 293 -54.92 71.18 12.74
C ASN C 293 -55.77 71.38 13.98
N ARG C 294 -57.09 71.28 13.85
CA ARG C 294 -58.03 71.48 14.96
C ARG C 294 -57.90 72.87 15.57
N ARG C 295 -57.48 73.85 14.77
CA ARG C 295 -57.38 75.22 15.25
C ARG C 295 -58.76 75.85 15.36
N LEU C 296 -58.85 76.89 16.21
CA LEU C 296 -60.11 77.58 16.40
C LEU C 296 -60.54 78.28 15.12
N GLN C 297 -61.80 78.09 14.74
CA GLN C 297 -62.34 78.70 13.54
C GLN C 297 -63.85 78.75 13.65
N LEU C 298 -64.46 79.56 12.78
CA LEU C 298 -65.91 79.77 12.77
C LEU C 298 -66.41 80.24 14.14
N LEU C 299 -65.68 81.19 14.71
CA LEU C 299 -66.01 81.72 16.02
C LEU C 299 -67.16 82.73 15.89
N ASP C 300 -67.42 83.47 16.96
CA ASP C 300 -68.52 84.44 16.95
C ASP C 300 -68.24 85.56 15.94
N GLY C 301 -69.31 86.03 15.31
CA GLY C 301 -69.21 87.07 14.31
C GLY C 301 -70.15 86.86 13.14
N GLU C 302 -70.88 87.91 12.77
CA GLU C 302 -71.85 87.84 11.68
C GLU C 302 -71.31 88.53 10.43
N TYR C 303 -71.46 87.87 9.29
CA TYR C 303 -71.01 88.42 8.02
C TYR C 303 -71.72 87.69 6.89
N GLU C 304 -71.46 88.15 5.67
CA GLU C 304 -72.08 87.57 4.47
C GLU C 304 -71.31 86.32 4.09
N VAL C 305 -71.88 85.15 4.38
CA VAL C 305 -71.26 83.86 4.06
C VAL C 305 -71.52 83.59 2.58
N ALA C 306 -70.52 83.89 1.74
CA ALA C 306 -70.68 83.72 0.31
C ALA C 306 -70.81 82.25 -0.05
N MET C 307 -71.62 81.96 -1.08
CA MET C 307 -71.85 80.61 -1.56
C MET C 307 -71.10 80.41 -2.86
N GLN C 308 -70.36 79.30 -2.95
CA GLN C 308 -69.58 79.01 -4.14
C GLN C 308 -70.48 78.72 -5.33
N GLU C 309 -70.12 79.26 -6.48
CA GLU C 309 -70.89 79.04 -7.70
C GLU C 309 -70.72 77.61 -8.18
N MET C 310 -71.82 77.03 -8.68
CA MET C 310 -71.83 75.67 -9.21
C MET C 310 -71.33 74.65 -8.18
N PHE C 337 -67.48 88.72 4.00
CA PHE C 337 -68.45 89.20 3.03
C PHE C 337 -67.89 89.14 1.61
N SER C 338 -68.78 89.07 0.63
CA SER C 338 -68.36 89.01 -0.77
C SER C 338 -69.50 89.52 -1.65
N GLN C 339 -69.16 89.85 -2.89
CA GLN C 339 -70.15 90.37 -3.82
C GLN C 339 -71.16 89.30 -4.26
N GLY C 340 -70.83 88.02 -4.08
CA GLY C 340 -71.73 86.95 -4.45
C GLY C 340 -72.88 86.80 -3.48
N PRO C 341 -73.85 85.96 -3.83
CA PRO C 341 -74.99 85.75 -2.93
C PRO C 341 -74.55 85.17 -1.60
N THR C 342 -75.22 85.61 -0.53
CA THR C 342 -74.88 85.17 0.81
C THR C 342 -76.11 85.23 1.70
N LEU C 343 -76.08 84.45 2.78
CA LEU C 343 -77.14 84.42 3.77
C LEU C 343 -76.61 84.99 5.08
N GLN C 344 -77.30 85.99 5.62
CA GLN C 344 -76.86 86.63 6.85
C GLN C 344 -77.12 85.70 8.03
N PHE C 345 -76.04 85.34 8.73
CA PHE C 345 -76.13 84.48 9.92
C PHE C 345 -75.36 85.13 11.05
N THR C 346 -75.98 85.23 12.22
CA THR C 346 -75.34 85.80 13.41
C THR C 346 -74.58 84.71 14.15
N LEU C 347 -73.46 84.29 13.54
CA LEU C 347 -72.66 83.22 14.11
C LEU C 347 -72.11 83.62 15.47
N ARG C 348 -72.24 82.71 16.43
CA ARG C 348 -71.76 82.95 17.79
C ARG C 348 -70.83 81.82 18.23
N TRP C 349 -70.45 81.82 19.51
CA TRP C 349 -69.59 80.76 20.03
C TRP C 349 -70.34 79.43 20.03
N THR C 350 -69.59 78.35 19.78
CA THR C 350 -70.12 76.99 19.72
C THR C 350 -71.27 76.88 18.73
N ARG C 415 -19.90 82.35 4.07
CA ARG C 415 -20.29 82.31 2.67
C ARG C 415 -20.22 80.90 2.11
N ILE C 416 -21.34 80.19 2.14
CA ILE C 416 -21.42 78.81 1.68
C ILE C 416 -21.67 78.81 0.17
N PHE C 417 -20.87 78.02 -0.55
CA PHE C 417 -20.97 77.93 -2.00
C PHE C 417 -21.17 76.48 -2.43
N TYR C 418 -21.77 76.31 -3.60
CA TYR C 418 -21.99 74.99 -4.20
C TYR C 418 -21.48 75.02 -5.64
N GLN C 419 -21.19 73.82 -6.15
CA GLN C 419 -20.74 73.68 -7.54
C GLN C 419 -21.30 72.36 -8.07
N PHE C 420 -22.39 72.45 -8.83
CA PHE C 420 -23.04 71.27 -9.38
C PHE C 420 -22.26 70.76 -10.58
N LEU C 421 -21.98 69.45 -10.58
CA LEU C 421 -21.17 68.81 -11.60
C LEU C 421 -21.87 67.54 -12.06
N TYR C 422 -21.35 66.97 -13.15
CA TYR C 422 -21.84 65.68 -13.65
C TYR C 422 -20.64 64.97 -14.29
N ASN C 423 -19.98 64.12 -13.50
CA ASN C 423 -18.75 63.44 -13.91
C ASN C 423 -17.72 64.45 -14.39
N ASN C 424 -17.60 65.55 -13.65
CA ASN C 424 -16.64 66.62 -13.94
C ASN C 424 -16.89 67.23 -15.32
N ASN C 425 -18.16 67.45 -15.66
CA ASN C 425 -18.49 68.09 -16.93
C ASN C 425 -18.39 69.61 -16.85
N THR C 426 -19.20 70.22 -15.99
CA THR C 426 -19.18 71.67 -15.83
C THR C 426 -19.69 72.00 -14.44
N ARG C 427 -19.28 73.16 -13.94
CA ARG C 427 -19.56 73.55 -12.57
C ARG C 427 -20.72 74.56 -12.53
N GLN C 428 -21.00 75.09 -11.35
CA GLN C 428 -22.05 76.08 -11.17
C GLN C 428 -21.73 76.91 -9.93
N GLN C 429 -22.42 78.03 -9.79
CA GLN C 429 -22.22 78.95 -8.67
C GLN C 429 -23.57 79.22 -8.02
N THR C 430 -23.78 78.65 -6.83
CA THR C 430 -25.01 78.84 -6.08
C THR C 430 -24.68 79.06 -4.61
N GLU C 431 -25.43 79.96 -3.97
CA GLU C 431 -25.21 80.33 -2.57
C GLU C 431 -26.15 79.52 -1.67
N ALA C 432 -26.22 79.92 -0.40
CA ALA C 432 -27.07 79.23 0.58
C ALA C 432 -27.99 80.24 1.26
N ARG C 433 -29.13 79.75 1.74
CA ARG C 433 -30.13 80.58 2.39
C ARG C 433 -29.95 80.61 3.90
N ASP C 434 -30.05 79.47 4.55
CA ASP C 434 -29.98 79.36 6.00
C ASP C 434 -28.64 78.80 6.44
N ASP C 435 -28.47 78.72 7.77
CA ASP C 435 -27.23 78.24 8.35
C ASP C 435 -27.03 76.77 8.01
N LEU C 436 -26.08 76.48 7.11
CA LEU C 436 -25.77 75.12 6.68
C LEU C 436 -27.02 74.38 6.24
N HIS C 437 -27.81 75.04 5.39
CA HIS C 437 -29.04 74.47 4.86
C HIS C 437 -28.75 73.77 3.54
N CYS C 438 -29.21 72.53 3.43
CA CYS C 438 -29.06 71.78 2.18
C CYS C 438 -30.06 72.30 1.15
N PRO C 439 -29.60 72.71 -0.03
CA PRO C 439 -30.56 73.22 -1.04
C PRO C 439 -31.56 72.18 -1.50
N TRP C 440 -31.28 70.90 -1.30
CA TRP C 440 -32.20 69.85 -1.73
C TRP C 440 -33.32 69.63 -0.72
N CYS C 441 -32.98 69.40 0.53
CA CYS C 441 -33.96 69.13 1.58
C CYS C 441 -33.71 70.07 2.76
N THR C 442 -34.79 70.36 3.48
CA THR C 442 -34.71 71.28 4.62
C THR C 442 -33.97 70.60 5.76
N LEU C 443 -32.83 71.17 6.14
CA LEU C 443 -32.06 70.64 7.27
C LEU C 443 -31.18 71.77 7.80
N ASN C 444 -31.41 72.15 9.05
CA ASN C 444 -30.68 73.26 9.69
C ASN C 444 -29.51 72.68 10.48
N CYS C 445 -28.40 72.47 9.78
CA CYS C 445 -27.17 72.03 10.43
C CYS C 445 -26.52 73.22 11.13
N ARG C 446 -25.92 72.94 12.30
CA ARG C 446 -25.30 74.00 13.08
C ARG C 446 -24.01 74.49 12.42
N LYS C 447 -23.17 73.56 11.97
CA LYS C 447 -21.90 73.92 11.36
C LYS C 447 -21.58 72.88 10.28
N LEU C 448 -20.39 72.99 9.69
CA LEU C 448 -20.00 72.14 8.58
C LEU C 448 -19.92 70.67 8.97
N TYR C 449 -19.71 70.35 10.25
CA TYR C 449 -19.60 68.96 10.67
C TYR C 449 -20.91 68.22 10.43
N SER C 450 -22.04 68.84 10.74
CA SER C 450 -23.35 68.25 10.51
C SER C 450 -23.81 68.39 9.06
N LEU C 451 -23.06 69.10 8.23
CA LEU C 451 -23.41 69.31 6.83
C LEU C 451 -22.68 68.36 5.89
N LEU C 452 -21.35 68.31 5.97
CA LEU C 452 -20.58 67.47 5.05
C LEU C 452 -20.90 65.99 5.24
N LYS C 453 -20.96 65.53 6.50
CA LYS C 453 -21.26 64.13 6.77
C LYS C 453 -22.66 63.76 6.28
N HIS C 454 -23.64 64.62 6.53
CA HIS C 454 -25.00 64.35 6.07
C HIS C 454 -25.06 64.31 4.55
N LEU C 455 -24.36 65.24 3.88
CA LEU C 455 -24.37 65.24 2.42
C LEU C 455 -23.70 63.98 1.86
N LYS C 456 -22.61 63.53 2.47
CA LYS C 456 -21.93 62.35 1.95
C LYS C 456 -22.73 61.07 2.20
N LEU C 457 -23.30 60.92 3.40
CA LEU C 457 -23.94 59.66 3.76
C LEU C 457 -25.43 59.62 3.44
N CYS C 458 -26.20 60.62 3.84
CA CYS C 458 -27.64 60.63 3.66
C CYS C 458 -28.07 60.87 2.23
N HIS C 459 -27.15 61.24 1.34
CA HIS C 459 -27.46 61.48 -0.08
C HIS C 459 -26.56 60.58 -0.92
N SER C 460 -27.02 59.35 -1.15
CA SER C 460 -26.21 58.39 -1.89
C SER C 460 -26.30 58.61 -3.40
N ARG C 461 -27.33 59.35 -3.85
CA ARG C 461 -27.53 59.53 -5.28
C ARG C 461 -26.37 60.28 -5.91
N PHE C 462 -25.83 61.27 -5.21
CA PHE C 462 -24.74 62.09 -5.70
C PHE C 462 -23.67 62.25 -4.63
N ILE C 463 -22.42 62.32 -5.07
CA ILE C 463 -21.27 62.39 -4.16
C ILE C 463 -20.80 63.83 -4.01
N PHE C 464 -19.98 64.08 -2.99
CA PHE C 464 -19.51 65.42 -2.70
C PHE C 464 -18.01 65.40 -2.45
N ASN C 465 -17.36 66.53 -2.73
CA ASN C 465 -15.93 66.72 -2.46
C ASN C 465 -15.80 68.02 -1.67
N TYR C 466 -15.91 67.91 -0.35
CA TYR C 466 -15.77 69.07 0.52
C TYR C 466 -14.35 69.62 0.42
N VAL C 467 -14.24 70.94 0.23
CA VAL C 467 -12.95 71.59 0.02
C VAL C 467 -12.72 72.76 0.96
N TYR C 468 -13.74 73.22 1.68
CA TYR C 468 -13.65 74.33 2.63
C TYR C 468 -13.38 75.65 1.92
N HIS C 469 -13.86 76.75 2.49
CA HIS C 469 -13.70 78.07 1.91
C HIS C 469 -13.15 79.03 2.96
N PRO C 470 -12.35 80.01 2.54
CA PRO C 470 -11.85 81.01 3.50
C PRO C 470 -12.97 81.77 4.20
N LYS C 471 -14.07 82.04 3.52
CA LYS C 471 -15.20 82.76 4.11
C LYS C 471 -16.26 81.82 4.69
N GLY C 472 -16.62 80.75 3.96
CA GLY C 472 -17.60 79.81 4.45
C GLY C 472 -17.22 78.38 4.15
N ALA C 473 -18.14 77.63 3.53
CA ALA C 473 -17.88 76.25 3.14
C ALA C 473 -18.21 76.09 1.66
N ARG C 474 -17.25 75.55 0.91
CA ARG C 474 -17.41 75.31 -0.53
C ARG C 474 -17.57 73.81 -0.77
N ILE C 475 -18.62 73.45 -1.51
CA ILE C 475 -18.94 72.06 -1.78
C ILE C 475 -19.10 71.86 -3.27
N ASP C 476 -18.85 70.64 -3.73
CA ASP C 476 -19.03 70.25 -5.12
C ASP C 476 -20.02 69.09 -5.19
N VAL C 477 -20.99 69.20 -6.08
CA VAL C 477 -22.08 68.24 -6.18
C VAL C 477 -21.99 67.53 -7.52
N SER C 478 -21.99 66.20 -7.50
CA SER C 478 -21.97 65.39 -8.70
C SER C 478 -22.42 63.97 -8.35
N ILE C 479 -23.02 63.30 -9.33
CA ILE C 479 -23.51 61.94 -9.15
C ILE C 479 -22.43 60.97 -9.61
N ASN C 480 -22.10 60.00 -8.77
CA ASN C 480 -21.08 59.02 -9.12
C ASN C 480 -21.59 58.10 -10.23
N GLU C 481 -20.64 57.54 -10.97
CA GLU C 481 -20.99 56.72 -12.13
C GLU C 481 -21.61 55.39 -11.70
N CYS C 482 -20.99 54.69 -10.75
CA CYS C 482 -21.40 53.34 -10.40
C CYS C 482 -22.81 53.30 -9.81
N TYR C 483 -22.97 53.84 -8.61
CA TYR C 483 -24.25 53.84 -7.90
C TYR C 483 -24.93 52.47 -7.95
N ASP C 484 -24.37 51.48 -7.28
CA ASP C 484 -24.99 50.15 -7.26
C ASP C 484 -26.27 50.18 -6.42
N GLY C 485 -27.29 50.88 -6.92
CA GLY C 485 -28.56 50.97 -6.24
C GLY C 485 -29.67 50.27 -6.98
N SER C 486 -29.38 49.10 -7.54
CA SER C 486 -30.35 48.32 -8.30
C SER C 486 -31.33 47.65 -7.33
N TYR C 487 -32.15 46.75 -7.85
CA TYR C 487 -33.12 46.05 -7.02
C TYR C 487 -32.41 45.23 -5.94
N ALA C 488 -32.84 45.41 -4.70
CA ALA C 488 -32.21 44.77 -3.55
C ALA C 488 -33.02 43.59 -3.03
N GLY C 489 -34.08 43.19 -3.73
CA GLY C 489 -34.90 42.07 -3.33
C GLY C 489 -34.51 40.79 -4.03
N ASN C 490 -35.52 40.00 -4.38
CA ASN C 490 -35.28 38.73 -5.05
C ASN C 490 -34.85 38.98 -6.49
N PRO C 491 -33.67 38.49 -6.92
CA PRO C 491 -33.27 38.66 -8.32
C PRO C 491 -34.18 37.93 -9.30
N GLN C 492 -34.99 36.98 -8.82
CA GLN C 492 -35.89 36.24 -9.71
C GLN C 492 -36.92 37.17 -10.35
N ASP C 493 -37.38 38.18 -9.62
CA ASP C 493 -38.38 39.11 -10.13
C ASP C 493 -37.81 40.13 -11.11
N ILE C 494 -36.48 40.17 -11.27
CA ILE C 494 -35.87 41.14 -12.18
C ILE C 494 -36.22 40.82 -13.63
N HIS C 495 -36.23 39.53 -13.98
CA HIS C 495 -36.48 39.09 -15.35
C HIS C 495 -37.88 38.53 -15.54
N ARG C 496 -38.77 38.72 -14.57
CA ARG C 496 -40.13 38.20 -14.69
C ARG C 496 -40.89 38.98 -15.78
N GLN C 497 -41.96 38.35 -16.27
CA GLN C 497 -42.75 38.95 -17.33
C GLN C 497 -43.47 40.19 -16.83
N PRO C 498 -43.72 41.17 -17.71
CA PRO C 498 -44.46 42.37 -17.30
C PRO C 498 -45.84 42.01 -16.77
N GLY C 499 -46.27 42.75 -15.75
CA GLY C 499 -47.50 42.45 -15.04
C GLY C 499 -47.33 41.51 -13.87
N PHE C 500 -46.13 40.92 -13.69
CA PHE C 500 -45.86 40.05 -12.57
C PHE C 500 -44.55 40.35 -11.86
N ALA C 501 -43.62 41.06 -12.49
CA ALA C 501 -42.35 41.39 -11.84
C ALA C 501 -42.60 42.28 -10.63
N PHE C 502 -41.97 41.92 -9.51
CA PHE C 502 -42.02 42.66 -8.24
C PHE C 502 -43.46 42.99 -7.83
N SER C 503 -44.44 42.25 -8.38
CA SER C 503 -45.84 42.54 -8.12
C SER C 503 -46.27 42.18 -6.71
N ARG C 504 -45.44 41.44 -5.97
CA ARG C 504 -45.76 41.04 -4.60
C ARG C 504 -47.08 40.27 -4.57
N ASN C 505 -47.17 39.25 -5.42
CA ASN C 505 -48.34 38.37 -5.41
C ASN C 505 -48.29 37.40 -4.24
N GLY C 506 -47.09 36.90 -3.93
CA GLY C 506 -46.90 35.95 -2.86
C GLY C 506 -45.44 35.69 -2.59
N PRO C 507 -45.16 34.75 -1.68
CA PRO C 507 -43.76 34.42 -1.37
C PRO C 507 -43.04 33.87 -2.58
N VAL C 508 -41.76 34.24 -2.70
CA VAL C 508 -40.90 33.80 -3.78
C VAL C 508 -39.66 33.14 -3.18
N LYS C 509 -39.36 31.92 -3.62
CA LYS C 509 -38.20 31.20 -3.12
C LYS C 509 -36.91 31.79 -3.68
N ARG C 510 -35.84 31.67 -2.91
CA ARG C 510 -34.54 32.19 -3.31
C ARG C 510 -33.45 31.37 -2.65
N THR C 511 -32.20 31.70 -3.00
CA THR C 511 -30.98 31.07 -2.52
C THR C 511 -30.51 31.73 -1.21
N PRO C 512 -29.83 30.98 -0.35
CA PRO C 512 -29.36 31.56 0.91
C PRO C 512 -28.14 32.46 0.70
N ILE C 513 -28.07 33.54 1.47
CA ILE C 513 -26.96 34.48 1.38
C ILE C 513 -26.87 35.24 2.70
N THR C 514 -25.64 35.63 3.06
CA THR C 514 -25.39 36.47 4.21
C THR C 514 -24.47 37.62 3.81
N HIS C 515 -24.68 38.78 4.43
CA HIS C 515 -23.94 39.99 4.06
C HIS C 515 -23.41 40.67 5.30
N ILE C 516 -22.16 41.13 5.23
CA ILE C 516 -21.52 41.89 6.29
C ILE C 516 -20.65 42.96 5.65
N LEU C 517 -20.88 44.22 5.99
CA LEU C 517 -20.13 45.33 5.42
C LEU C 517 -19.61 46.34 6.44
N VAL C 518 -20.20 46.42 7.63
CA VAL C 518 -19.74 47.33 8.68
C VAL C 518 -19.26 46.46 9.83
N CYS C 519 -17.95 46.29 9.94
CA CYS C 519 -17.40 45.41 10.96
C CYS C 519 -17.47 46.03 12.36
N ARG C 520 -16.77 47.15 12.55
CA ARG C 520 -16.80 47.85 13.83
C ARG C 520 -16.42 49.31 13.63
N PRO C 521 -17.30 50.25 13.96
CA PRO C 521 -16.91 51.66 13.90
C PRO C 521 -15.78 51.97 14.87
N LYS C 522 -14.86 52.84 14.44
CA LYS C 522 -13.73 53.19 15.27
C LYS C 522 -14.09 54.18 16.37
N ARG C 523 -15.22 54.86 16.26
CA ARG C 523 -15.64 55.88 17.24
C ARG C 523 -14.55 56.92 17.45
N THR C 524 -13.93 57.35 16.35
CA THR C 524 -12.83 58.31 16.40
C THR C 524 -13.40 59.72 16.56
N LYS C 525 -12.53 60.72 16.42
CA LYS C 525 -12.91 62.12 16.55
C LYS C 525 -12.91 62.80 15.19
N ALA C 526 -13.38 64.05 15.18
CA ALA C 526 -13.43 64.81 13.95
C ALA C 526 -12.03 65.09 13.43
N SER C 527 -11.84 64.93 12.12
CA SER C 527 -10.56 65.16 11.48
C SER C 527 -10.78 65.87 10.15
N MET C 528 -9.96 66.89 9.88
CA MET C 528 -10.07 67.60 8.62
C MET C 528 -9.66 66.72 7.45
N SER C 529 -8.65 65.87 7.64
CA SER C 529 -8.19 65.01 6.56
C SER C 529 -9.27 64.07 6.05
N GLU C 530 -10.22 63.72 6.92
CA GLU C 530 -11.36 62.92 6.47
C GLU C 530 -12.19 63.68 5.44
N PHE C 531 -12.41 64.98 5.66
CA PHE C 531 -13.14 65.78 4.69
C PHE C 531 -12.36 65.92 3.39
N LEU C 532 -11.05 66.10 3.49
CA LEU C 532 -10.20 66.26 2.31
C LEU C 532 -9.73 64.91 1.79
N GLN C 541 -10.59 50.79 2.40
CA GLN C 541 -11.62 50.27 1.53
C GLN C 541 -12.76 49.66 2.33
N GLN C 542 -13.89 49.41 1.66
CA GLN C 542 -15.04 48.81 2.34
C GLN C 542 -14.77 47.36 2.69
N ARG C 543 -14.48 46.53 1.68
CA ARG C 543 -14.17 45.11 1.87
C ARG C 543 -15.30 44.39 2.61
N THR C 544 -16.47 44.40 1.99
CA THR C 544 -17.63 43.76 2.60
C THR C 544 -17.48 42.23 2.55
N TYR C 545 -18.15 41.58 3.49
CA TYR C 545 -18.11 40.13 3.62
C TYR C 545 -19.46 39.55 3.20
N SER C 546 -19.42 38.56 2.32
CA SER C 546 -20.63 37.92 1.82
C SER C 546 -20.41 36.41 1.80
N SER C 547 -21.52 35.67 1.89
CA SER C 547 -21.47 34.22 1.88
C SER C 547 -22.70 33.69 1.14
N GLY C 548 -22.59 32.45 0.67
CA GLY C 548 -23.70 31.81 -0.01
C GLY C 548 -23.92 32.34 -1.41
N HIS C 549 -25.11 32.06 -1.93
CA HIS C 549 -25.52 32.48 -3.26
C HIS C 549 -26.42 33.71 -3.14
N ASN C 550 -25.99 34.82 -3.74
CA ASN C 550 -26.72 36.07 -3.66
C ASN C 550 -27.03 36.61 -5.06
N ARG C 551 -27.41 35.73 -5.97
CA ARG C 551 -27.72 36.12 -7.34
C ARG C 551 -28.63 35.08 -7.96
N LEU C 552 -29.06 35.36 -9.18
CA LEU C 552 -29.90 34.45 -9.95
C LEU C 552 -29.06 33.81 -11.05
N TYR C 553 -29.13 32.48 -11.13
CA TYR C 553 -28.30 31.74 -12.06
C TYR C 553 -29.07 31.44 -13.35
N PHE C 554 -28.35 30.93 -14.35
CA PHE C 554 -28.89 30.70 -15.67
C PHE C 554 -28.57 29.29 -16.14
N HIS C 555 -29.39 28.79 -17.05
CA HIS C 555 -29.16 27.48 -17.64
C HIS C 555 -27.97 27.53 -18.60
N SER C 556 -27.34 26.36 -18.80
CA SER C 556 -26.17 26.30 -19.67
C SER C 556 -26.56 26.33 -21.14
N ASP C 557 -27.67 25.67 -21.48
CA ASP C 557 -28.04 25.54 -22.90
C ASP C 557 -28.38 26.89 -23.52
N THR C 558 -29.13 27.72 -22.80
CA THR C 558 -29.59 29.01 -23.31
C THR C 558 -29.49 30.03 -22.19
N CYS C 559 -30.11 31.19 -22.37
CA CYS C 559 -30.10 32.25 -21.38
C CYS C 559 -31.35 32.25 -20.51
N LEU C 560 -32.02 31.12 -20.39
CA LEU C 560 -33.20 31.05 -19.54
C LEU C 560 -32.77 31.11 -18.08
N PRO C 561 -33.39 31.98 -17.26
CA PRO C 561 -32.98 32.09 -15.86
C PRO C 561 -33.23 30.80 -15.09
N LEU C 562 -32.19 30.31 -14.42
CA LEU C 562 -32.29 29.07 -13.67
C LEU C 562 -32.90 29.35 -12.30
N ARG C 563 -34.06 28.75 -12.04
CA ARG C 563 -34.74 28.97 -10.77
C ARG C 563 -33.98 28.30 -9.63
N PRO C 564 -34.10 28.85 -8.40
CA PRO C 564 -33.49 28.15 -7.25
C PRO C 564 -34.05 26.76 -7.03
N GLN C 565 -35.33 26.54 -7.35
CA GLN C 565 -35.90 25.20 -7.21
C GLN C 565 -35.29 24.24 -8.22
N GLU C 566 -34.90 24.76 -9.39
CA GLU C 566 -34.27 23.92 -10.41
C GLU C 566 -32.79 23.74 -10.12
N MET C 567 -32.47 23.25 -8.92
CA MET C 567 -31.09 23.05 -8.50
C MET C 567 -30.83 21.71 -7.82
N GLU C 568 -31.82 20.83 -7.72
CA GLU C 568 -31.65 19.55 -7.06
C GLU C 568 -30.57 18.71 -7.75
N VAL C 569 -30.67 18.59 -9.07
CA VAL C 569 -29.62 17.93 -9.84
C VAL C 569 -29.05 18.93 -10.85
N ASP C 570 -29.89 19.37 -11.78
CA ASP C 570 -29.54 20.38 -12.77
C ASP C 570 -28.16 20.15 -13.37
N SER C 571 -27.78 18.89 -13.57
CA SER C 571 -26.43 18.60 -14.05
C SER C 571 -26.22 19.13 -15.47
N GLU C 572 -27.16 18.87 -16.37
CA GLU C 572 -27.06 19.29 -17.77
C GLU C 572 -25.74 18.84 -18.38
N ASP C 573 -25.30 17.65 -18.00
CA ASP C 573 -24.10 17.02 -18.54
C ASP C 573 -24.36 15.53 -18.63
N GLU C 574 -24.46 15.02 -19.86
CA GLU C 574 -24.89 13.66 -20.12
C GLU C 574 -23.72 12.80 -20.57
N LYS C 575 -23.77 11.52 -20.22
CA LYS C 575 -22.71 10.59 -20.59
C LYS C 575 -22.57 10.48 -22.11
N ASP C 576 -23.69 10.38 -22.81
CA ASP C 576 -23.70 10.29 -24.27
C ASP C 576 -24.79 11.19 -24.81
N PRO C 577 -24.44 12.35 -25.37
CA PRO C 577 -25.46 13.28 -25.84
C PRO C 577 -26.20 12.75 -27.06
N GLU C 578 -27.43 13.25 -27.23
CA GLU C 578 -28.30 12.77 -28.29
C GLU C 578 -27.71 13.04 -29.67
N TRP C 579 -27.11 14.21 -29.87
CA TRP C 579 -26.52 14.52 -31.16
C TRP C 579 -25.36 13.59 -31.47
N LEU C 580 -24.61 13.16 -30.46
CA LEU C 580 -23.56 12.17 -30.68
C LEU C 580 -24.15 10.84 -31.18
N ARG C 581 -25.25 10.40 -30.59
CA ARG C 581 -25.89 9.17 -31.03
C ARG C 581 -26.38 9.31 -32.48
N GLU C 582 -26.99 10.45 -32.80
CA GLU C 582 -27.47 10.66 -34.17
C GLU C 582 -26.31 10.66 -35.16
N LYS C 583 -25.20 11.32 -34.79
CA LYS C 583 -24.03 11.34 -35.68
C LYS C 583 -23.44 9.95 -35.87
N THR C 584 -23.39 9.15 -34.80
CA THR C 584 -22.88 7.79 -34.91
C THR C 584 -23.78 6.95 -35.81
N ILE C 585 -25.10 7.08 -35.66
CA ILE C 585 -26.02 6.33 -36.49
C ILE C 585 -25.86 6.73 -37.96
N THR C 586 -25.74 8.03 -38.22
CA THR C 586 -25.55 8.50 -39.58
C THR C 586 -24.25 7.97 -40.18
N GLN C 587 -23.17 7.99 -39.38
CA GLN C 587 -21.89 7.50 -39.87
C GLN C 587 -21.94 6.00 -40.17
N ILE C 588 -22.64 5.23 -39.33
CA ILE C 588 -22.79 3.80 -39.59
C ILE C 588 -23.58 3.57 -40.86
N GLU C 589 -24.70 4.28 -41.02
CA GLU C 589 -25.54 4.11 -42.21
C GLU C 589 -24.89 4.66 -43.47
N GLU C 590 -23.86 5.48 -43.34
CA GLU C 590 -23.17 6.05 -44.50
C GLU C 590 -22.12 5.13 -45.09
N PHE C 591 -21.89 3.97 -44.48
CA PHE C 591 -20.91 3.02 -45.01
C PHE C 591 -21.41 2.43 -46.33
N SER C 592 -20.46 2.05 -47.18
CA SER C 592 -20.78 1.49 -48.48
C SER C 592 -20.31 0.05 -48.67
N ASP C 593 -19.40 -0.44 -47.83
CA ASP C 593 -18.83 -1.77 -47.97
C ASP C 593 -19.17 -2.65 -46.76
N VAL C 594 -20.42 -2.55 -46.28
CA VAL C 594 -20.86 -3.31 -45.12
C VAL C 594 -22.22 -3.92 -45.44
N ASN C 595 -22.59 -4.92 -44.63
CA ASN C 595 -23.85 -5.64 -44.79
C ASN C 595 -24.93 -5.04 -43.90
N GLU C 596 -26.19 -5.31 -44.27
CA GLU C 596 -27.32 -4.74 -43.54
C GLU C 596 -27.34 -5.20 -42.09
N GLY C 597 -27.29 -6.52 -41.87
CA GLY C 597 -27.20 -7.02 -40.51
C GLY C 597 -25.90 -6.63 -39.85
N GLU C 598 -24.81 -6.62 -40.61
CA GLU C 598 -23.52 -6.16 -40.08
C GLU C 598 -23.59 -4.68 -39.69
N LYS C 599 -24.20 -3.85 -40.55
CA LYS C 599 -24.35 -2.45 -40.21
C LYS C 599 -25.17 -2.28 -38.95
N GLU C 600 -26.26 -3.04 -38.83
CA GLU C 600 -27.10 -2.93 -37.64
C GLU C 600 -26.34 -3.33 -36.38
N VAL C 601 -25.58 -4.43 -36.44
CA VAL C 601 -24.90 -4.90 -35.24
C VAL C 601 -23.75 -3.97 -34.86
N MET C 602 -23.01 -3.44 -35.84
CA MET C 602 -21.96 -2.48 -35.52
C MET C 602 -22.55 -1.19 -34.94
N LYS C 603 -23.68 -0.72 -35.50
CA LYS C 603 -24.33 0.45 -34.94
C LYS C 603 -24.77 0.19 -33.50
N LEU C 604 -25.32 -0.99 -33.24
CA LEU C 604 -25.76 -1.32 -31.90
C LEU C 604 -24.60 -1.34 -30.92
N TRP C 605 -23.49 -1.97 -31.33
CA TRP C 605 -22.32 -2.06 -30.44
C TRP C 605 -21.73 -0.67 -30.19
N ASN C 606 -21.61 0.14 -31.24
CA ASN C 606 -21.06 1.49 -31.06
C ASN C 606 -21.95 2.34 -30.17
N LEU C 607 -23.28 2.24 -30.35
CA LEU C 607 -24.19 2.99 -29.50
C LEU C 607 -24.10 2.52 -28.04
N HIS C 608 -24.00 1.21 -27.82
CA HIS C 608 -23.86 0.70 -26.46
C HIS C 608 -22.56 1.18 -25.82
N VAL C 609 -21.47 1.19 -26.59
CA VAL C 609 -20.18 1.65 -26.06
C VAL C 609 -20.26 3.14 -25.71
N MET C 610 -20.88 3.94 -26.58
CA MET C 610 -21.02 5.37 -26.30
C MET C 610 -21.89 5.62 -25.08
N LYS C 611 -22.99 4.86 -24.94
CA LYS C 611 -23.89 5.05 -23.82
C LYS C 611 -23.30 4.57 -22.50
N HIS C 612 -22.39 3.59 -22.54
CA HIS C 612 -21.79 3.06 -21.32
C HIS C 612 -20.37 3.57 -21.06
N GLY C 613 -19.63 3.95 -22.10
CA GLY C 613 -18.30 4.50 -21.91
C GLY C 613 -17.31 3.53 -21.31
N PHE C 614 -17.29 2.30 -21.81
CA PHE C 614 -16.38 1.29 -21.26
C PHE C 614 -14.95 1.62 -21.65
N ILE C 615 -14.06 1.65 -20.66
CA ILE C 615 -12.64 1.89 -20.90
C ILE C 615 -11.74 0.80 -20.33
N ALA C 616 -12.16 0.10 -19.27
CA ALA C 616 -11.33 -0.97 -18.71
C ALA C 616 -11.29 -2.16 -19.66
N ASP C 617 -10.10 -2.73 -19.84
CA ASP C 617 -9.94 -3.85 -20.77
C ASP C 617 -10.70 -5.08 -20.29
N ASN C 618 -10.50 -5.47 -19.03
CA ASN C 618 -11.15 -6.67 -18.51
C ASN C 618 -12.67 -6.51 -18.54
N GLN C 619 -13.17 -5.32 -18.19
CA GLN C 619 -14.61 -5.09 -18.22
C GLN C 619 -15.19 -5.33 -19.61
N MET C 620 -14.35 -5.20 -20.66
CA MET C 620 -14.80 -5.49 -22.02
C MET C 620 -15.45 -6.87 -22.09
N ASN C 621 -14.85 -7.86 -21.41
CA ASN C 621 -15.44 -9.19 -21.37
C ASN C 621 -16.88 -9.13 -20.87
N HIS C 622 -17.09 -8.49 -19.72
CA HIS C 622 -18.44 -8.38 -19.18
C HIS C 622 -19.35 -7.62 -20.13
N ALA C 623 -18.79 -6.71 -20.93
CA ALA C 623 -19.59 -5.98 -21.91
C ALA C 623 -20.29 -6.94 -22.85
N CYS C 624 -19.61 -8.01 -23.27
CA CYS C 624 -20.22 -8.97 -24.18
C CYS C 624 -21.45 -9.64 -23.58
N MET C 625 -21.56 -9.67 -22.24
CA MET C 625 -22.76 -10.21 -21.63
C MET C 625 -23.93 -9.23 -21.68
N LEU C 626 -23.64 -7.93 -21.63
CA LEU C 626 -24.69 -6.94 -21.42
C LEU C 626 -25.75 -7.00 -22.53
N PHE C 627 -25.31 -7.19 -23.78
CA PHE C 627 -26.24 -7.29 -24.90
C PHE C 627 -27.32 -8.33 -24.61
N VAL C 628 -26.93 -9.49 -24.11
CA VAL C 628 -27.88 -10.57 -23.86
C VAL C 628 -28.94 -10.12 -22.87
N GLU C 629 -28.54 -9.34 -21.88
CA GLU C 629 -29.51 -8.85 -20.90
C GLU C 629 -30.46 -7.84 -21.51
N ASN C 630 -30.02 -7.07 -22.51
CA ASN C 630 -30.81 -5.95 -23.01
C ASN C 630 -31.25 -6.12 -24.45
N TYR C 631 -30.32 -6.35 -25.39
CA TYR C 631 -30.58 -6.18 -26.80
C TYR C 631 -30.73 -7.49 -27.56
N GLY C 632 -30.88 -8.62 -26.87
CA GLY C 632 -31.05 -9.89 -27.55
C GLY C 632 -32.34 -9.97 -28.34
N GLN C 633 -33.41 -9.35 -27.82
CA GLN C 633 -34.69 -9.40 -28.51
C GLN C 633 -34.63 -8.72 -29.87
N LYS C 634 -33.92 -7.58 -29.95
CA LYS C 634 -33.78 -6.89 -31.23
C LYS C 634 -33.04 -7.74 -32.25
N ILE C 635 -31.97 -8.42 -31.82
CA ILE C 635 -31.22 -9.27 -32.73
C ILE C 635 -32.07 -10.45 -33.18
N ILE C 636 -32.84 -11.04 -32.26
CA ILE C 636 -33.69 -12.17 -32.61
C ILE C 636 -34.75 -11.74 -33.62
N LYS C 637 -35.39 -10.60 -33.39
CA LYS C 637 -36.42 -10.12 -34.31
C LYS C 637 -35.83 -9.76 -35.67
N LYS C 638 -34.68 -9.11 -35.69
CA LYS C 638 -34.02 -8.71 -36.93
C LYS C 638 -33.31 -9.87 -37.61
N ASN C 639 -33.15 -11.01 -36.92
CA ASN C 639 -32.45 -12.18 -37.43
C ASN C 639 -31.01 -11.82 -37.82
N LEU C 640 -30.25 -11.39 -36.81
CA LEU C 640 -28.85 -11.02 -36.97
C LEU C 640 -27.94 -11.90 -36.12
N CYS C 641 -28.34 -13.15 -35.90
CA CYS C 641 -27.55 -14.05 -35.06
C CYS C 641 -26.19 -14.36 -35.69
N ARG C 642 -26.17 -14.59 -37.01
CA ARG C 642 -24.91 -14.92 -37.67
C ARG C 642 -23.94 -13.76 -37.63
N ASN C 643 -24.42 -12.54 -37.87
CA ASN C 643 -23.55 -11.37 -37.77
C ASN C 643 -23.05 -11.18 -36.36
N PHE C 644 -23.91 -11.41 -35.37
CA PHE C 644 -23.50 -11.33 -33.97
C PHE C 644 -22.35 -12.30 -33.71
N MET C 645 -22.52 -13.55 -34.15
CA MET C 645 -21.50 -14.56 -33.92
C MET C 645 -20.19 -14.20 -34.61
N LEU C 646 -20.27 -13.71 -35.85
CA LEU C 646 -19.07 -13.32 -36.57
C LEU C 646 -18.34 -12.20 -35.85
N HIS C 647 -19.07 -11.17 -35.42
CA HIS C 647 -18.45 -10.06 -34.69
C HIS C 647 -17.85 -10.54 -33.36
N LEU C 648 -18.56 -11.42 -32.65
CA LEU C 648 -18.06 -11.91 -31.37
C LEU C 648 -16.79 -12.72 -31.55
N VAL C 649 -16.73 -13.54 -32.60
CA VAL C 649 -15.51 -14.26 -32.92
C VAL C 649 -14.39 -13.29 -33.27
N SER C 650 -14.74 -12.18 -33.93
CA SER C 650 -13.74 -11.17 -34.30
C SER C 650 -13.30 -10.42 -33.03
N MET C 651 -12.59 -11.15 -32.18
CA MET C 651 -12.05 -10.60 -30.94
C MET C 651 -10.56 -10.88 -30.77
N HIS C 652 -10.08 -12.04 -31.20
CA HIS C 652 -8.71 -12.45 -30.91
C HIS C 652 -7.69 -11.51 -31.52
N ASP C 653 -8.08 -10.79 -32.58
CA ASP C 653 -7.20 -9.80 -33.19
C ASP C 653 -6.85 -8.71 -32.19
N PHE C 654 -7.74 -8.46 -31.24
CA PHE C 654 -7.53 -7.45 -30.20
C PHE C 654 -7.98 -7.93 -28.83
N ASN C 655 -7.80 -9.21 -28.52
CA ASN C 655 -8.09 -9.79 -27.20
C ASN C 655 -9.58 -9.58 -26.91
N LEU C 656 -9.93 -8.81 -25.88
CA LEU C 656 -11.33 -8.51 -25.57
C LEU C 656 -12.14 -9.79 -25.34
N ILE C 657 -11.82 -10.48 -24.24
CA ILE C 657 -12.44 -11.74 -23.81
C ILE C 657 -11.79 -12.89 -24.58
N SER C 658 -12.37 -14.08 -24.47
CA SER C 658 -11.76 -15.27 -25.04
C SER C 658 -12.85 -16.20 -25.53
N ILE C 659 -12.45 -17.45 -25.80
CA ILE C 659 -13.35 -18.43 -26.40
C ILE C 659 -14.49 -18.78 -25.45
N MET C 660 -14.20 -18.83 -24.15
CA MET C 660 -15.24 -19.18 -23.18
C MET C 660 -16.36 -18.16 -23.19
N SER C 661 -16.01 -16.87 -23.25
CA SER C 661 -17.02 -15.82 -23.32
C SER C 661 -17.83 -15.92 -24.61
N ILE C 662 -17.17 -16.24 -25.72
CA ILE C 662 -17.88 -16.40 -26.99
C ILE C 662 -18.91 -17.51 -26.88
N ASP C 663 -18.50 -18.65 -26.34
CA ASP C 663 -19.42 -19.77 -26.19
C ASP C 663 -20.57 -19.41 -25.26
N LYS C 664 -20.27 -18.72 -24.16
CA LYS C 664 -21.31 -18.35 -23.21
C LYS C 664 -22.34 -17.42 -23.86
N ALA C 665 -21.86 -16.41 -24.59
CA ALA C 665 -22.78 -15.46 -25.22
C ALA C 665 -23.61 -16.13 -26.31
N VAL C 666 -22.98 -16.98 -27.13
CA VAL C 666 -23.72 -17.66 -28.19
C VAL C 666 -24.79 -18.57 -27.59
N THR C 667 -24.45 -19.28 -26.51
CA THR C 667 -25.46 -20.09 -25.83
C THR C 667 -26.58 -19.21 -25.27
N LYS C 668 -26.23 -18.07 -24.69
CA LYS C 668 -27.23 -17.21 -24.08
C LYS C 668 -28.24 -16.69 -25.12
N LEU C 669 -27.74 -16.25 -26.28
CA LEU C 669 -28.69 -15.77 -27.29
C LEU C 669 -29.43 -16.91 -27.96
N ARG C 670 -28.90 -18.14 -27.90
CA ARG C 670 -29.64 -19.28 -28.43
C ARG C 670 -30.99 -19.44 -27.75
N GLU C 671 -31.10 -19.01 -26.49
CA GLU C 671 -32.39 -19.05 -25.81
C GLU C 671 -33.40 -18.10 -26.45
N MET C 672 -32.95 -16.91 -26.87
CA MET C 672 -33.85 -15.95 -27.48
C MET C 672 -34.39 -16.45 -28.82
N GLN C 673 -33.51 -17.01 -29.66
CA GLN C 673 -33.94 -17.50 -30.96
C GLN C 673 -34.94 -18.64 -30.82
N GLN C 674 -34.68 -19.57 -29.90
CA GLN C 674 -35.62 -20.67 -29.69
C GLN C 674 -36.90 -20.19 -29.01
N LYS C 675 -36.79 -19.17 -28.15
CA LYS C 675 -37.99 -18.62 -27.52
C LYS C 675 -38.91 -17.97 -28.56
N LEU C 676 -38.33 -17.21 -29.49
CA LEU C 676 -39.12 -16.62 -30.56
C LEU C 676 -39.69 -17.69 -31.48
N GLU C 677 -38.90 -18.72 -31.78
CA GLU C 677 -39.36 -19.80 -32.65
C GLU C 677 -40.34 -20.72 -31.92
N ASP D 3 -56.99 49.77 -10.49
CA ASP D 3 -56.95 50.49 -11.75
C ASP D 3 -55.53 50.61 -12.27
N LYS D 4 -55.40 51.03 -13.54
CA LYS D 4 -54.08 51.21 -14.12
C LYS D 4 -53.29 52.29 -13.40
N GLU D 5 -53.96 53.39 -13.04
CA GLU D 5 -53.30 54.45 -12.28
C GLU D 5 -52.84 53.94 -10.92
N ALA D 6 -53.65 53.11 -10.27
CA ALA D 6 -53.24 52.53 -8.99
C ALA D 6 -52.00 51.65 -9.15
N ALA D 7 -51.96 50.85 -10.22
CA ALA D 7 -50.79 50.01 -10.47
C ALA D 7 -49.56 50.85 -10.73
N PHE D 8 -49.70 51.93 -11.50
CA PHE D 8 -48.57 52.81 -11.76
C PHE D 8 -48.08 53.47 -10.49
N ASP D 9 -49.00 53.91 -9.63
CA ASP D 9 -48.63 54.50 -8.36
C ASP D 9 -47.91 53.50 -7.47
N ASP D 10 -48.38 52.24 -7.46
CA ASP D 10 -47.70 51.20 -6.69
C ASP D 10 -46.29 50.95 -7.22
N ALA D 11 -46.12 50.96 -8.55
CA ALA D 11 -44.80 50.79 -9.12
C ALA D 11 -43.87 51.93 -8.72
N VAL D 12 -44.37 53.17 -8.76
CA VAL D 12 -43.58 54.32 -8.35
C VAL D 12 -43.21 54.22 -6.88
N GLU D 13 -44.18 53.78 -6.05
CA GLU D 13 -43.92 53.61 -4.63
C GLU D 13 -42.84 52.58 -4.39
N GLU D 14 -42.88 51.46 -5.12
CA GLU D 14 -41.84 50.45 -4.97
C GLU D 14 -40.47 50.99 -5.37
N ARG D 15 -40.42 51.77 -6.46
CA ARG D 15 -39.17 52.38 -6.88
C ARG D 15 -38.62 53.30 -5.81
N VAL D 16 -39.49 54.13 -5.21
CA VAL D 16 -39.04 55.05 -4.18
C VAL D 16 -38.60 54.30 -2.93
N ILE D 17 -39.28 53.19 -2.60
CA ILE D 17 -38.87 52.37 -1.46
C ILE D 17 -37.48 51.81 -1.69
N ASN D 18 -37.21 51.32 -2.91
CA ASN D 18 -35.89 50.81 -3.22
C ASN D 18 -34.83 51.90 -3.09
N GLU D 19 -35.13 53.10 -3.60
CA GLU D 19 -34.16 54.19 -3.49
C GLU D 19 -33.91 54.58 -2.04
N GLU D 20 -34.96 54.63 -1.23
CA GLU D 20 -34.81 54.96 0.19
C GLU D 20 -33.99 53.91 0.92
N TYR D 21 -34.21 52.62 0.59
CA TYR D 21 -33.41 51.56 1.19
C TYR D 21 -31.94 51.68 0.79
N LYS D 22 -31.69 52.00 -0.48
CA LYS D 22 -30.31 52.20 -0.93
C LYS D 22 -29.66 53.35 -0.18
N ILE D 23 -30.41 54.43 0.06
CA ILE D 23 -29.89 55.54 0.85
C ILE D 23 -29.60 55.09 2.28
N TRP D 24 -30.52 54.33 2.87
CA TRP D 24 -30.36 53.90 4.26
C TRP D 24 -29.16 53.00 4.45
N LYS D 25 -28.86 52.17 3.44
CA LYS D 25 -27.73 51.24 3.55
C LYS D 25 -26.42 51.99 3.81
N LYS D 26 -26.29 53.20 3.27
CA LYS D 26 -25.05 53.96 3.44
C LYS D 26 -24.82 54.40 4.87
N ASN D 27 -25.88 54.60 5.65
CA ASN D 27 -25.73 55.01 7.06
C ASN D 27 -25.68 53.80 7.99
N THR D 28 -24.86 52.82 7.62
CA THR D 28 -24.64 51.64 8.47
C THR D 28 -23.61 51.89 9.56
N PRO D 29 -22.42 52.42 9.26
CA PRO D 29 -21.40 52.54 10.32
C PRO D 29 -21.67 53.68 11.28
N PHE D 30 -22.16 54.81 10.78
CA PHE D 30 -22.35 56.00 11.60
C PHE D 30 -23.56 55.91 12.51
N LEU D 31 -24.37 54.86 12.39
CA LEU D 31 -25.53 54.68 13.24
C LEU D 31 -25.59 53.31 13.91
N TYR D 32 -24.82 52.32 13.46
CA TYR D 32 -24.89 50.98 14.00
C TYR D 32 -23.49 50.51 14.39
N ASP D 33 -23.46 49.53 15.30
CA ASP D 33 -22.21 48.89 15.69
C ASP D 33 -21.86 47.74 14.76
N LEU D 34 -22.83 46.93 14.38
CA LEU D 34 -22.62 45.83 13.46
C LEU D 34 -23.75 45.82 12.42
N VAL D 35 -23.40 45.39 11.21
CA VAL D 35 -24.34 45.32 10.10
C VAL D 35 -24.30 43.89 9.58
N MET D 36 -25.25 43.07 10.03
CA MET D 36 -25.34 41.66 9.62
C MET D 36 -26.75 41.41 9.10
N THR D 37 -26.87 41.25 7.78
CA THR D 37 -28.14 40.96 7.12
C THR D 37 -27.99 39.69 6.30
N HIS D 38 -28.78 38.67 6.63
CA HIS D 38 -28.72 37.38 5.96
C HIS D 38 -30.03 37.11 5.23
N ALA D 39 -29.93 36.63 4.00
CA ALA D 39 -31.09 36.35 3.15
C ALA D 39 -31.39 34.86 3.23
N LEU D 40 -32.41 34.51 4.03
CA LEU D 40 -32.80 33.11 4.18
C LEU D 40 -33.38 32.60 2.88
N GLU D 41 -33.06 31.34 2.54
CA GLU D 41 -33.58 30.73 1.32
C GLU D 41 -35.11 30.65 1.36
N TRP D 42 -35.64 30.09 2.43
CA TRP D 42 -37.08 30.10 2.69
C TRP D 42 -37.46 31.40 3.38
N PRO D 43 -38.41 32.17 2.84
CA PRO D 43 -38.64 33.53 3.35
C PRO D 43 -39.00 33.57 4.82
N SER D 44 -38.39 34.50 5.56
CA SER D 44 -38.54 34.56 7.00
C SER D 44 -39.84 35.26 7.37
N LEU D 45 -40.57 34.68 8.32
CA LEU D 45 -41.78 35.28 8.86
C LEU D 45 -41.69 35.55 10.36
N THR D 46 -40.59 35.19 11.00
CA THR D 46 -40.42 35.38 12.43
C THR D 46 -38.95 35.36 12.78
N ALA D 47 -38.62 35.86 13.98
CA ALA D 47 -37.25 35.89 14.45
C ALA D 47 -37.22 35.70 15.97
N GLN D 48 -36.05 35.29 16.46
CA GLN D 48 -35.82 35.11 17.88
C GLN D 48 -34.32 35.06 18.13
N TRP D 49 -33.95 35.04 19.42
CA TRP D 49 -32.55 35.02 19.84
C TRP D 49 -32.41 33.95 20.93
N LEU D 50 -31.73 32.85 20.60
CA LEU D 50 -31.48 31.81 21.58
C LEU D 50 -30.47 32.31 22.61
N PRO D 51 -30.61 31.93 23.88
CA PRO D 51 -29.71 32.43 24.93
C PRO D 51 -28.38 31.70 25.00
N ASP D 52 -28.14 30.72 24.13
CA ASP D 52 -26.89 29.99 24.17
C ASP D 52 -25.72 30.90 23.81
N VAL D 53 -24.62 30.75 24.53
CA VAL D 53 -23.40 31.53 24.30
C VAL D 53 -22.20 30.66 24.63
N THR D 54 -21.10 30.87 23.91
CA THR D 54 -19.87 30.11 24.13
C THR D 54 -18.72 30.89 23.50
N ARG D 55 -17.76 31.30 24.33
CA ARG D 55 -16.59 32.06 23.88
C ARG D 55 -15.34 31.29 24.29
N PRO D 56 -14.85 30.39 23.44
CA PRO D 56 -13.68 29.58 23.80
C PRO D 56 -12.39 30.38 23.64
N GLU D 57 -11.33 29.84 24.24
CA GLU D 57 -10.01 30.44 24.10
C GLU D 57 -9.48 30.26 22.68
N GLY D 58 -8.89 31.32 22.15
CA GLY D 58 -8.41 31.32 20.78
C GLY D 58 -9.48 31.59 19.74
N LYS D 59 -10.75 31.62 20.13
CA LYS D 59 -11.87 31.94 19.24
C LYS D 59 -12.73 32.94 20.00
N ASP D 60 -12.44 34.23 19.79
CA ASP D 60 -13.08 35.30 20.55
C ASP D 60 -14.56 35.46 20.25
N PHE D 61 -15.09 34.81 19.22
CA PHE D 61 -16.51 34.91 18.92
C PHE D 61 -17.34 34.20 19.98
N SER D 62 -18.62 34.54 20.02
CA SER D 62 -19.59 33.92 20.91
C SER D 62 -20.59 33.12 20.08
N ILE D 63 -20.86 31.88 20.51
CA ILE D 63 -21.78 31.02 19.79
C ILE D 63 -23.20 31.50 20.01
N HIS D 64 -23.76 32.18 19.00
CA HIS D 64 -25.11 32.72 19.06
C HIS D 64 -26.00 31.97 18.08
N ARG D 65 -27.17 31.56 18.54
CA ARG D 65 -28.13 30.84 17.72
C ARG D 65 -29.40 31.67 17.58
N LEU D 66 -29.96 31.68 16.38
CA LEU D 66 -31.18 32.43 16.09
C LEU D 66 -32.13 31.52 15.32
N VAL D 67 -33.42 31.64 15.62
CA VAL D 67 -34.44 30.79 15.02
C VAL D 67 -35.02 31.55 13.82
N LEU D 68 -34.73 31.05 12.62
CA LEU D 68 -35.24 31.64 11.40
C LEU D 68 -36.63 31.07 11.10
N GLY D 69 -37.13 31.34 9.90
CA GLY D 69 -38.45 30.88 9.52
C GLY D 69 -38.52 30.30 8.12
N THR D 70 -39.73 29.96 7.69
CA THR D 70 -39.94 29.36 6.37
C THR D 70 -41.36 29.68 5.95
N HIS D 71 -41.53 30.55 4.95
CA HIS D 71 -42.85 31.06 4.59
C HIS D 71 -43.03 31.11 3.08
N THR D 72 -42.52 30.11 2.36
CA THR D 72 -42.83 29.93 0.95
C THR D 72 -44.03 29.00 0.80
N SER D 73 -44.59 28.95 -0.41
CA SER D 73 -45.89 28.32 -0.61
C SER D 73 -45.86 26.82 -0.27
N ASP D 74 -45.18 26.02 -1.09
CA ASP D 74 -44.98 24.61 -0.75
C ASP D 74 -43.82 24.05 -1.56
N GLU D 75 -42.62 23.99 -0.94
CA GLU D 75 -41.52 23.18 -1.48
C GLU D 75 -40.78 22.55 -0.29
N GLN D 76 -41.29 21.40 0.15
CA GLN D 76 -40.73 20.69 1.32
C GLN D 76 -40.48 21.66 2.47
N ASN D 77 -41.58 22.19 3.01
CA ASN D 77 -41.52 23.22 4.03
C ASN D 77 -40.67 22.77 5.21
N HIS D 78 -39.81 23.67 5.68
CA HIS D 78 -38.79 23.35 6.68
C HIS D 78 -38.91 24.27 7.89
N LEU D 79 -37.95 24.16 8.79
CA LEU D 79 -37.85 25.03 9.96
C LEU D 79 -36.36 25.21 10.24
N VAL D 80 -35.83 26.36 9.84
CA VAL D 80 -34.39 26.58 9.81
C VAL D 80 -33.91 27.09 11.16
N ILE D 81 -32.85 26.48 11.67
CA ILE D 81 -32.15 26.95 12.86
C ILE D 81 -30.67 27.07 12.51
N ALA D 82 -30.12 28.26 12.66
CA ALA D 82 -28.74 28.54 12.29
C ALA D 82 -27.96 28.99 13.53
N SER D 83 -26.67 29.23 13.33
CA SER D 83 -25.79 29.73 14.39
C SER D 83 -24.99 30.90 13.86
N VAL D 84 -24.89 31.96 14.66
CA VAL D 84 -24.13 33.15 14.30
C VAL D 84 -23.13 33.46 15.41
N GLN D 85 -22.26 34.42 15.13
CA GLN D 85 -21.18 34.79 16.04
C GLN D 85 -21.36 36.26 16.45
N LEU D 86 -20.36 36.77 17.18
CA LEU D 86 -20.33 38.16 17.61
C LEU D 86 -18.88 38.62 17.69
N PRO D 87 -18.58 39.84 17.24
CA PRO D 87 -17.19 40.33 17.28
C PRO D 87 -16.61 40.44 18.68
N ASN D 88 -17.45 40.46 19.72
CA ASN D 88 -17.02 40.52 21.11
C ASN D 88 -16.28 41.83 21.41
N ASP D 89 -15.69 41.93 22.60
CA ASP D 89 -14.98 43.15 22.97
C ASP D 89 -13.81 43.43 22.04
N ASP D 90 -13.04 42.39 21.70
CA ASP D 90 -11.96 42.52 20.72
C ASP D 90 -12.58 42.40 19.34
N ALA D 91 -13.20 43.50 18.90
CA ALA D 91 -13.90 43.49 17.61
C ALA D 91 -12.94 43.25 16.45
N GLN D 92 -11.80 43.95 16.45
CA GLN D 92 -10.77 43.78 15.43
C GLN D 92 -11.36 43.97 14.02
N PHE D 93 -11.78 45.21 13.76
CA PHE D 93 -12.41 45.53 12.49
C PHE D 93 -11.49 45.22 11.32
N ASP D 94 -10.22 45.60 11.43
CA ASP D 94 -9.22 45.26 10.42
C ASP D 94 -8.15 44.34 10.98
N ALA D 95 -7.46 44.76 12.06
CA ALA D 95 -6.44 43.96 12.75
C ALA D 95 -5.35 43.46 11.81
N SER D 96 -5.25 44.03 10.61
CA SER D 96 -4.27 43.66 9.58
C SER D 96 -4.40 42.20 9.16
N HIS D 97 -5.44 41.49 9.59
CA HIS D 97 -5.63 40.09 9.21
C HIS D 97 -7.08 39.73 8.92
N TYR D 98 -8.00 40.69 8.92
CA TYR D 98 -9.40 40.37 8.70
C TYR D 98 -9.61 39.80 7.30
N ASP D 99 -10.39 38.73 7.22
CA ASP D 99 -10.65 38.06 5.95
C ASP D 99 -12.14 37.87 5.72
N GLU D 104 -11.65 33.97 8.38
CA GLU D 104 -12.44 34.70 9.37
C GLU D 104 -11.71 35.96 9.83
N PHE D 105 -12.42 36.83 10.53
CA PHE D 105 -11.84 38.08 10.99
C PHE D 105 -10.95 37.83 12.20
N GLY D 106 -10.35 38.91 12.70
CA GLY D 106 -9.58 38.86 13.92
C GLY D 106 -10.38 39.01 15.19
N GLY D 107 -11.70 39.16 15.08
CA GLY D 107 -12.54 39.33 16.25
C GLY D 107 -13.67 38.31 16.36
N PHE D 108 -14.00 37.66 15.25
CA PHE D 108 -15.01 36.61 15.21
C PHE D 108 -15.01 35.91 13.86
N GLY D 109 -15.95 35.00 13.65
CA GLY D 109 -16.02 34.27 12.39
C GLY D 109 -16.56 35.11 11.25
N SER D 110 -15.68 35.49 10.32
CA SER D 110 -16.06 36.28 9.14
C SER D 110 -15.91 35.48 7.85
N VAL D 111 -15.80 34.16 7.94
CA VAL D 111 -15.69 33.30 6.76
C VAL D 111 -16.26 31.94 7.12
N SER D 112 -16.52 31.14 6.09
CA SER D 112 -17.03 29.76 6.23
C SER D 112 -18.38 29.82 6.91
N GLY D 113 -18.54 29.25 8.11
CA GLY D 113 -19.85 29.16 8.72
C GLY D 113 -20.32 30.41 9.44
N LYS D 114 -20.47 31.50 8.70
CA LYS D 114 -21.04 32.72 9.29
C LYS D 114 -22.51 32.53 9.62
N ILE D 115 -23.28 32.00 8.68
CA ILE D 115 -24.73 31.83 8.84
C ILE D 115 -25.10 30.38 8.57
N GLU D 116 -24.19 29.46 8.87
CA GLU D 116 -24.42 28.05 8.62
C GLU D 116 -25.63 27.55 9.41
N ILE D 117 -26.40 26.66 8.80
CA ILE D 117 -27.61 26.12 9.38
C ILE D 117 -27.27 24.86 10.17
N GLU D 118 -27.74 24.78 11.41
CA GLU D 118 -27.46 23.63 12.26
C GLU D 118 -28.49 22.52 12.08
N ILE D 119 -29.76 22.82 12.32
CA ILE D 119 -30.84 21.84 12.24
C ILE D 119 -31.94 22.40 11.35
N LYS D 120 -32.42 21.57 10.42
CA LYS D 120 -33.49 21.94 9.50
C LYS D 120 -34.58 20.87 9.55
N ILE D 121 -35.52 21.04 10.49
CA ILE D 121 -36.62 20.10 10.60
C ILE D 121 -37.74 20.50 9.63
N ASN D 122 -38.26 19.53 8.90
CA ASN D 122 -39.28 19.81 7.90
C ASN D 122 -40.60 20.20 8.55
N HIS D 123 -41.28 21.15 7.93
CA HIS D 123 -42.54 21.69 8.43
C HIS D 123 -43.67 21.35 7.48
N GLU D 124 -44.90 21.48 7.99
CA GLU D 124 -46.12 21.20 7.22
C GLU D 124 -46.92 22.49 7.12
N GLY D 125 -46.63 23.28 6.09
CA GLY D 125 -47.35 24.53 5.87
C GLY D 125 -46.46 25.75 5.95
N GLU D 126 -46.88 26.73 6.75
CA GLU D 126 -46.13 27.97 6.93
C GLU D 126 -45.67 28.09 8.38
N VAL D 127 -44.62 28.86 8.57
CA VAL D 127 -44.04 29.12 9.88
C VAL D 127 -44.34 30.58 10.22
N ASN D 128 -45.30 30.81 11.11
CA ASN D 128 -45.68 32.17 11.46
C ASN D 128 -44.79 32.74 12.57
N ARG D 129 -44.65 32.01 13.67
CA ARG D 129 -43.82 32.44 14.80
C ARG D 129 -42.85 31.32 15.16
N ALA D 130 -41.70 31.73 15.68
CA ALA D 130 -40.64 30.82 16.12
C ALA D 130 -40.27 31.11 17.56
N ARG D 131 -41.28 31.26 18.42
CA ARG D 131 -41.04 31.52 19.83
C ARG D 131 -40.58 30.24 20.51
N TYR D 132 -39.46 30.33 21.23
CA TYR D 132 -38.93 29.20 21.97
C TYR D 132 -39.13 29.44 23.47
N MET D 133 -38.80 28.42 24.25
CA MET D 133 -38.87 28.52 25.70
C MET D 133 -37.50 28.87 26.25
N PRO D 134 -37.30 30.07 26.82
CA PRO D 134 -35.97 30.40 27.36
C PRO D 134 -35.52 29.49 28.49
N GLN D 135 -36.46 28.97 29.29
CA GLN D 135 -36.09 28.06 30.37
C GLN D 135 -35.47 26.78 29.82
N ASN D 136 -36.08 26.22 28.77
CA ASN D 136 -35.57 25.02 28.11
C ASN D 136 -35.45 25.33 26.62
N PRO D 137 -34.31 25.85 26.19
CA PRO D 137 -34.18 26.31 24.79
C PRO D 137 -34.24 25.19 23.76
N CYS D 138 -34.38 23.93 24.17
CA CYS D 138 -34.45 22.84 23.20
C CYS D 138 -35.73 22.88 22.39
N ILE D 139 -36.85 23.21 23.03
CA ILE D 139 -38.16 23.16 22.39
C ILE D 139 -38.45 24.48 21.70
N ILE D 140 -39.01 24.40 20.49
CA ILE D 140 -39.42 25.58 19.73
C ILE D 140 -40.83 25.34 19.20
N ALA D 141 -41.71 26.31 19.38
CA ALA D 141 -43.08 26.23 18.92
C ALA D 141 -43.25 27.02 17.63
N THR D 142 -44.19 26.56 16.78
CA THR D 142 -44.43 27.17 15.49
C THR D 142 -45.93 27.28 15.25
N LYS D 143 -46.31 28.26 14.42
CA LYS D 143 -47.69 28.49 14.03
C LYS D 143 -47.85 28.25 12.54
N THR D 144 -48.93 27.57 12.18
CA THR D 144 -49.19 27.14 10.81
C THR D 144 -50.58 27.56 10.40
N PRO D 145 -50.85 27.68 9.10
CA PRO D 145 -52.21 28.04 8.65
C PRO D 145 -53.27 27.04 9.08
N SER D 146 -52.89 25.81 9.38
CA SER D 146 -53.84 24.82 9.86
C SER D 146 -54.30 25.18 11.27
N SER D 147 -55.17 24.33 11.82
CA SER D 147 -55.72 24.56 13.15
C SER D 147 -54.81 24.10 14.27
N ASP D 148 -53.64 23.55 13.94
CA ASP D 148 -52.73 23.00 14.94
C ASP D 148 -51.41 23.76 14.92
N VAL D 149 -50.78 23.83 16.10
CA VAL D 149 -49.47 24.42 16.24
C VAL D 149 -48.43 23.30 16.16
N LEU D 150 -47.20 23.68 15.84
CA LEU D 150 -46.11 22.72 15.69
C LEU D 150 -45.02 23.01 16.72
N VAL D 151 -44.61 21.98 17.43
CA VAL D 151 -43.53 22.06 18.40
C VAL D 151 -42.44 21.09 17.98
N PHE D 152 -41.24 21.60 17.76
CA PHE D 152 -40.12 20.82 17.25
C PHE D 152 -39.01 20.73 18.30
N ASP D 153 -37.91 20.10 17.91
CA ASP D 153 -36.74 19.96 18.79
C ASP D 153 -35.52 19.76 17.89
N TYR D 154 -34.67 20.78 17.83
CA TYR D 154 -33.52 20.75 16.93
C TYR D 154 -32.47 19.73 17.33
N THR D 155 -32.56 19.16 18.53
CA THR D 155 -31.59 18.16 18.97
C THR D 155 -32.01 16.75 18.57
N LYS D 156 -33.23 16.34 18.96
CA LYS D 156 -33.71 15.00 18.63
C LYS D 156 -33.88 14.82 17.13
N HIS D 157 -34.39 15.82 16.45
CA HIS D 157 -34.61 15.71 15.01
C HIS D 157 -33.27 15.73 14.28
N PRO D 158 -33.07 14.84 13.31
CA PRO D 158 -31.81 14.82 12.58
C PRO D 158 -31.67 16.02 11.65
N SER D 159 -30.42 16.36 11.35
CA SER D 159 -30.10 17.44 10.44
C SER D 159 -30.01 16.89 9.02
N LYS D 160 -29.60 17.72 8.06
CA LYS D 160 -29.49 17.35 6.65
C LYS D 160 -30.80 16.76 6.15
N PRO D 161 -31.83 17.58 5.96
CA PRO D 161 -33.15 17.04 5.59
C PRO D 161 -33.12 16.29 4.28
N ASP D 162 -33.85 15.18 4.22
CA ASP D 162 -33.99 14.42 3.00
C ASP D 162 -34.94 15.13 2.04
N PRO D 163 -34.89 14.79 0.75
CA PRO D 163 -35.84 15.38 -0.20
C PRO D 163 -37.26 14.85 0.02
N SER D 164 -37.84 15.19 1.17
CA SER D 164 -39.19 14.78 1.52
C SER D 164 -39.79 15.83 2.44
N GLY D 165 -41.03 15.60 2.86
CA GLY D 165 -41.72 16.56 3.70
C GLY D 165 -42.66 15.95 4.72
N GLU D 166 -43.46 16.79 5.37
CA GLU D 166 -44.45 16.37 6.36
C GLU D 166 -43.81 15.58 7.50
N CYS D 167 -42.70 16.12 8.01
CA CYS D 167 -42.03 15.51 9.15
C CYS D 167 -42.89 15.64 10.40
N ASN D 168 -43.01 14.54 11.15
CA ASN D 168 -43.81 14.54 12.36
C ASN D 168 -43.07 15.26 13.47
N PRO D 169 -43.62 16.33 14.05
CA PRO D 169 -42.95 17.01 15.16
C PRO D 169 -43.15 16.35 16.51
N ASP D 170 -43.96 15.29 16.58
CA ASP D 170 -44.22 14.52 17.79
C ASP D 170 -44.91 15.36 18.87
N LEU D 171 -45.23 16.61 18.54
CA LEU D 171 -45.93 17.50 19.47
C LEU D 171 -46.67 18.55 18.64
N ARG D 172 -47.98 18.35 18.46
CA ARG D 172 -48.82 19.27 17.72
C ARG D 172 -49.89 19.81 18.65
N LEU D 173 -49.95 21.13 18.76
CA LEU D 173 -50.94 21.80 19.62
C LEU D 173 -52.10 22.25 18.74
N ARG D 174 -53.19 21.48 18.77
CA ARG D 174 -54.37 21.74 17.95
C ARG D 174 -55.46 22.33 18.84
N GLY D 175 -55.48 23.66 18.93
CA GLY D 175 -56.50 24.34 19.70
C GLY D 175 -57.21 25.43 18.92
N HIS D 176 -56.59 25.88 17.84
CA HIS D 176 -57.14 26.97 17.04
C HIS D 176 -58.15 26.42 16.03
N GLN D 177 -58.80 27.33 15.30
CA GLN D 177 -59.71 26.98 14.23
C GLN D 177 -59.25 27.49 12.88
N LYS D 178 -58.94 28.78 12.78
CA LYS D 178 -58.46 29.39 11.56
C LYS D 178 -56.95 29.61 11.65
N GLU D 179 -56.40 30.31 10.67
CA GLU D 179 -54.97 30.60 10.66
C GLU D 179 -54.60 31.50 11.83
N GLY D 180 -53.44 31.22 12.43
CA GLY D 180 -52.97 32.00 13.57
C GLY D 180 -51.77 32.85 13.25
N TYR D 181 -51.55 33.92 14.03
CA TYR D 181 -50.41 34.79 13.81
C TYR D 181 -49.76 35.24 15.11
N GLY D 182 -50.18 34.71 16.26
CA GLY D 182 -49.60 35.08 17.53
C GLY D 182 -49.02 33.86 18.24
N LEU D 183 -48.00 34.11 19.06
CA LEU D 183 -47.37 33.07 19.87
C LEU D 183 -46.42 33.74 20.86
N SER D 184 -46.41 33.25 22.10
CA SER D 184 -45.49 33.76 23.10
C SER D 184 -45.33 32.75 24.23
N TRP D 185 -44.10 32.56 24.68
CA TRP D 185 -43.80 31.69 25.80
C TRP D 185 -43.67 32.49 27.10
N ASN D 186 -43.55 31.78 28.20
CA ASN D 186 -43.43 32.40 29.51
C ASN D 186 -42.01 32.27 30.02
N PRO D 187 -41.22 33.34 30.05
CA PRO D 187 -39.87 33.24 30.64
C PRO D 187 -39.88 32.85 32.10
N ASN D 188 -40.89 33.26 32.87
CA ASN D 188 -40.91 32.99 34.30
C ASN D 188 -41.11 31.50 34.58
N LEU D 189 -42.11 30.89 33.93
CA LEU D 189 -42.43 29.48 34.14
C LEU D 189 -42.24 28.73 32.84
N SER D 190 -41.51 27.62 32.90
CA SER D 190 -41.28 26.81 31.72
C SER D 190 -42.59 26.30 31.15
N GLY D 191 -42.76 26.46 29.84
CA GLY D 191 -44.01 26.12 29.19
C GLY D 191 -44.93 27.31 29.05
N HIS D 192 -46.25 27.06 29.10
CA HIS D 192 -47.26 28.12 29.09
C HIS D 192 -47.12 29.00 27.85
N LEU D 193 -47.40 28.38 26.69
CA LEU D 193 -47.38 29.07 25.42
C LEU D 193 -48.81 29.48 25.05
N LEU D 194 -48.97 30.73 24.63
CA LEU D 194 -50.26 31.27 24.21
C LEU D 194 -50.15 31.78 22.78
N SER D 195 -51.24 31.62 22.03
CA SER D 195 -51.26 32.00 20.62
C SER D 195 -52.52 32.82 20.34
N ALA D 196 -52.34 33.93 19.62
CA ALA D 196 -53.45 34.77 19.18
C ALA D 196 -53.64 34.58 17.69
N SER D 197 -54.84 34.16 17.30
CA SER D 197 -55.14 33.79 15.92
C SER D 197 -56.14 34.76 15.32
N ASP D 198 -56.50 34.49 14.05
CA ASP D 198 -57.42 35.35 13.31
C ASP D 198 -58.88 35.11 13.65
N ASP D 199 -59.20 34.05 14.38
CA ASP D 199 -60.59 33.72 14.69
C ASP D 199 -61.06 34.43 15.95
N HIS D 200 -60.79 35.73 16.03
CA HIS D 200 -61.34 36.62 17.05
C HIS D 200 -61.04 36.15 18.47
N THR D 201 -59.94 35.43 18.66
CA THR D 201 -59.63 34.88 19.98
C THR D 201 -58.16 34.55 20.08
N ILE D 202 -57.71 34.35 21.31
CA ILE D 202 -56.33 33.95 21.61
C ILE D 202 -56.38 32.69 22.45
N CYS D 203 -55.61 31.68 22.06
CA CYS D 203 -55.59 30.38 22.73
C CYS D 203 -54.24 30.15 23.39
N LEU D 204 -54.27 29.54 24.58
CA LEU D 204 -53.08 29.26 25.36
C LEU D 204 -52.99 27.77 25.66
N TRP D 205 -51.78 27.22 25.62
CA TRP D 205 -51.52 25.83 25.94
C TRP D 205 -50.67 25.74 27.20
N ASP D 206 -50.93 24.70 28.00
CA ASP D 206 -50.15 24.50 29.22
C ASP D 206 -48.69 24.21 28.90
N ILE D 207 -48.44 23.36 27.90
CA ILE D 207 -47.10 22.94 27.50
C ILE D 207 -46.35 22.39 28.70
N SER D 208 -45.22 23.02 29.04
CA SER D 208 -44.38 22.62 30.16
C SER D 208 -44.00 21.14 30.07
N ALA D 209 -44.48 20.35 31.02
CA ALA D 209 -44.23 18.90 31.03
C ALA D 209 -45.21 18.22 30.07
N VAL D 210 -44.97 18.45 28.79
CA VAL D 210 -45.84 17.86 27.77
C VAL D 210 -45.65 16.34 27.76
N PRO D 211 -46.69 15.55 27.49
CA PRO D 211 -46.52 14.10 27.43
C PRO D 211 -45.54 13.70 26.33
N LYS D 212 -44.77 12.64 26.60
CA LYS D 212 -43.83 12.13 25.62
C LYS D 212 -44.56 11.68 24.36
N GLU D 213 -44.04 12.10 23.20
CA GLU D 213 -44.65 11.82 21.90
C GLU D 213 -46.11 12.30 21.88
N GLY D 214 -46.35 13.46 22.49
CA GLY D 214 -47.68 14.02 22.57
C GLY D 214 -48.12 14.68 21.28
N LYS D 215 -48.39 13.87 20.25
CA LYS D 215 -48.79 14.37 18.95
C LYS D 215 -50.08 15.16 19.03
N VAL D 216 -51.05 14.66 19.79
CA VAL D 216 -52.34 15.30 19.95
C VAL D 216 -52.33 16.08 21.27
N VAL D 217 -52.41 17.41 21.18
CA VAL D 217 -52.43 18.28 22.34
C VAL D 217 -53.61 19.23 22.19
N ASP D 218 -54.48 19.26 23.20
CA ASP D 218 -55.63 20.15 23.21
C ASP D 218 -55.28 21.49 23.86
N ALA D 219 -56.12 22.48 23.60
CA ALA D 219 -55.90 23.81 24.15
C ALA D 219 -56.27 23.84 25.63
N LYS D 220 -55.30 24.20 26.48
CA LYS D 220 -55.56 24.29 27.91
C LYS D 220 -56.58 25.39 28.22
N THR D 221 -56.43 26.55 27.57
CA THR D 221 -57.35 27.66 27.80
C THR D 221 -57.49 28.45 26.51
N ILE D 222 -58.66 29.08 26.35
CA ILE D 222 -58.96 29.91 25.18
C ILE D 222 -59.52 31.23 25.69
N PHE D 223 -58.99 32.34 25.17
CA PHE D 223 -59.43 33.68 25.55
C PHE D 223 -60.14 34.31 24.36
N THR D 224 -61.47 34.30 24.40
CA THR D 224 -62.30 34.90 23.37
C THR D 224 -63.05 36.07 24.00
N GLY D 225 -62.41 37.24 23.99
CA GLY D 225 -63.00 38.42 24.57
C GLY D 225 -62.93 39.64 23.68
N HIS D 226 -62.25 39.51 22.55
CA HIS D 226 -62.08 40.61 21.60
C HIS D 226 -63.01 40.41 20.41
N THR D 227 -63.74 41.46 20.04
CA THR D 227 -64.70 41.35 18.96
C THR D 227 -64.02 41.14 17.61
N ALA D 228 -62.91 41.82 17.37
CA ALA D 228 -62.22 41.78 16.08
C ALA D 228 -60.99 40.88 16.17
N VAL D 229 -60.27 40.79 15.04
CA VAL D 229 -59.18 39.85 14.91
C VAL D 229 -57.98 40.31 15.73
N VAL D 230 -57.37 39.38 16.47
CA VAL D 230 -56.19 39.67 17.26
C VAL D 230 -54.94 39.43 16.41
N GLU D 231 -53.86 40.13 16.75
CA GLU D 231 -52.61 40.02 16.01
C GLU D 231 -51.39 39.77 16.89
N ASP D 232 -51.52 39.85 18.21
CA ASP D 232 -50.39 39.59 19.10
C ASP D 232 -50.91 39.26 20.49
N VAL D 233 -50.13 38.46 21.21
CA VAL D 233 -50.41 38.14 22.61
C VAL D 233 -49.08 37.95 23.33
N SER D 234 -48.79 38.82 24.29
CA SER D 234 -47.52 38.80 25.01
C SER D 234 -47.75 38.78 26.51
N TRP D 235 -46.93 38.01 27.22
CA TRP D 235 -47.00 37.93 28.66
C TRP D 235 -46.26 39.08 29.32
N HIS D 236 -46.40 39.17 30.63
CA HIS D 236 -45.71 40.17 31.44
C HIS D 236 -44.46 39.57 32.07
N LEU D 237 -43.33 40.23 31.87
CA LEU D 237 -42.05 39.70 32.35
C LEU D 237 -42.00 39.69 33.87
N LEU D 238 -42.41 40.79 34.50
CA LEU D 238 -42.31 40.89 35.96
C LEU D 238 -43.26 39.92 36.64
N HIS D 239 -44.52 39.91 36.23
CA HIS D 239 -45.54 39.07 36.84
C HIS D 239 -46.08 38.11 35.79
N GLU D 240 -46.01 36.81 36.08
CA GLU D 240 -46.45 35.79 35.15
C GLU D 240 -47.93 35.47 35.25
N SER D 241 -48.68 36.18 36.10
CA SER D 241 -50.09 35.90 36.32
C SER D 241 -51.01 36.70 35.43
N LEU D 242 -50.48 37.49 34.50
CA LEU D 242 -51.31 38.30 33.62
C LEU D 242 -50.60 38.51 32.29
N PHE D 243 -51.39 38.80 31.26
CA PHE D 243 -50.86 39.06 29.93
C PHE D 243 -51.86 39.93 29.18
N GLY D 244 -51.41 40.50 28.07
CA GLY D 244 -52.22 41.43 27.30
C GLY D 244 -52.63 40.83 25.97
N SER D 245 -53.90 41.06 25.62
CA SER D 245 -54.47 40.63 24.34
C SER D 245 -54.82 41.87 23.53
N VAL D 246 -54.28 41.96 22.32
CA VAL D 246 -54.47 43.12 21.44
C VAL D 246 -55.13 42.64 20.16
N ALA D 247 -56.19 43.32 19.75
CA ALA D 247 -56.96 42.94 18.57
C ALA D 247 -57.30 44.17 17.75
N ASP D 248 -57.86 43.92 16.56
CA ASP D 248 -58.26 45.01 15.68
C ASP D 248 -59.31 45.90 16.34
N ASP D 249 -60.11 45.33 17.23
CA ASP D 249 -61.03 46.14 18.03
C ASP D 249 -60.22 47.14 18.84
N GLN D 250 -60.72 48.36 18.97
CA GLN D 250 -59.92 49.43 19.56
C GLN D 250 -59.78 49.22 21.06
N LYS D 251 -58.99 48.22 21.45
CA LYS D 251 -58.74 47.93 22.86
C LYS D 251 -57.49 47.10 23.03
N LEU D 252 -56.44 47.68 23.62
CA LEU D 252 -55.22 46.95 23.95
C LEU D 252 -55.37 46.27 25.32
N MET D 253 -56.34 45.35 25.37
CA MET D 253 -56.76 44.78 26.64
C MET D 253 -55.65 43.96 27.28
N ILE D 254 -55.67 43.93 28.62
CA ILE D 254 -54.75 43.13 29.41
C ILE D 254 -55.58 42.18 30.27
N TRP D 255 -55.26 40.89 30.21
CA TRP D 255 -56.02 39.85 30.87
C TRP D 255 -55.19 39.19 31.96
N ASP D 256 -55.75 39.11 33.16
CA ASP D 256 -55.09 38.45 34.28
C ASP D 256 -55.47 36.97 34.29
N THR D 257 -54.46 36.11 34.37
CA THR D 257 -54.70 34.67 34.37
C THR D 257 -55.33 34.24 35.69
N ARG D 258 -56.03 33.11 35.63
CA ARG D 258 -56.73 32.54 36.79
C ARG D 258 -57.74 33.51 37.38
N SER D 259 -58.37 34.32 36.53
CA SER D 259 -59.38 35.27 36.96
C SER D 259 -60.80 34.72 36.85
N ASN D 260 -60.97 33.49 36.38
CA ASN D 260 -62.28 32.86 36.21
C ASN D 260 -63.19 33.70 35.32
N ASN D 261 -62.60 34.30 34.28
CA ASN D 261 -63.37 35.12 33.34
C ASN D 261 -62.63 35.12 32.01
N THR D 262 -63.13 34.32 31.07
CA THR D 262 -62.52 34.20 29.75
C THR D 262 -63.15 35.13 28.71
N SER D 263 -64.10 35.96 29.12
CA SER D 263 -64.79 36.87 28.20
C SER D 263 -64.49 38.34 28.46
N LYS D 264 -64.30 38.73 29.71
CA LYS D 264 -64.04 40.12 30.04
C LYS D 264 -62.60 40.30 30.47
N PRO D 265 -61.76 41.00 29.70
CA PRO D 265 -60.39 41.25 30.14
C PRO D 265 -60.35 42.14 31.38
N SER D 266 -59.31 41.95 32.19
CA SER D 266 -59.18 42.72 33.41
C SER D 266 -59.05 44.21 33.12
N HIS D 267 -58.25 44.56 32.12
CA HIS D 267 -58.08 45.95 31.69
C HIS D 267 -58.84 46.16 30.39
N SER D 268 -59.84 47.04 30.43
CA SER D 268 -60.74 47.26 29.30
C SER D 268 -60.59 48.65 28.69
N VAL D 269 -59.48 49.33 28.95
CA VAL D 269 -59.28 50.66 28.39
C VAL D 269 -59.05 50.54 26.89
N ASP D 270 -59.76 51.38 26.12
CA ASP D 270 -59.64 51.32 24.67
C ASP D 270 -58.23 51.67 24.21
N ALA D 271 -57.65 52.75 24.76
CA ALA D 271 -56.27 53.15 24.52
C ALA D 271 -56.04 53.59 23.08
N HIS D 272 -57.07 53.49 22.23
CA HIS D 272 -56.97 53.88 20.83
C HIS D 272 -58.36 53.98 20.23
N THR D 273 -58.43 54.59 19.06
CA THR D 273 -59.68 54.73 18.31
C THR D 273 -59.66 53.95 17.00
N ALA D 274 -58.60 53.18 16.74
CA ALA D 274 -58.46 52.42 15.51
C ALA D 274 -57.96 51.02 15.84
N GLU D 275 -57.59 50.29 14.78
CA GLU D 275 -57.10 48.93 14.95
C GLU D 275 -55.77 48.93 15.70
N VAL D 276 -55.57 47.89 16.51
CA VAL D 276 -54.34 47.71 17.27
C VAL D 276 -53.82 46.31 17.02
N ASN D 277 -52.51 46.19 16.76
CA ASN D 277 -51.94 44.90 16.38
C ASN D 277 -50.64 44.56 17.09
N CYS D 278 -50.29 45.26 18.17
CA CYS D 278 -49.05 44.96 18.88
C CYS D 278 -49.23 45.28 20.36
N LEU D 279 -48.41 44.62 21.19
CA LEU D 279 -48.45 44.79 22.64
C LEU D 279 -47.22 44.13 23.25
N SER D 280 -46.60 44.81 24.20
CA SER D 280 -45.44 44.28 24.92
C SER D 280 -45.17 45.18 26.12
N PHE D 281 -44.35 44.67 27.04
CA PHE D 281 -43.93 45.44 28.22
C PHE D 281 -42.42 45.38 28.39
N ASN D 282 -41.94 45.89 29.54
CA ASN D 282 -40.51 45.95 29.83
C ASN D 282 -40.26 45.35 31.21
N PRO D 283 -39.25 44.48 31.36
CA PRO D 283 -38.99 43.89 32.68
C PRO D 283 -38.34 44.86 33.64
N TYR D 284 -37.35 45.62 33.17
CA TYR D 284 -36.71 46.63 34.00
C TYR D 284 -37.70 47.73 34.39
N SER D 285 -38.52 48.15 33.44
CA SER D 285 -39.57 49.14 33.67
C SER D 285 -40.90 48.42 33.55
N GLU D 286 -41.39 47.89 34.67
CA GLU D 286 -42.62 47.09 34.65
C GLU D 286 -43.81 47.93 34.18
N PHE D 287 -43.87 49.19 34.61
CA PHE D 287 -44.97 50.06 34.24
C PHE D 287 -45.00 50.34 32.74
N ILE D 288 -43.84 50.52 32.12
CA ILE D 288 -43.76 50.84 30.70
C ILE D 288 -44.34 49.70 29.87
N LEU D 289 -45.27 50.02 28.97
CA LEU D 289 -45.92 49.02 28.14
C LEU D 289 -46.31 49.67 26.82
N ALA D 290 -45.48 49.48 25.80
CA ALA D 290 -45.79 50.02 24.48
C ALA D 290 -46.77 49.11 23.75
N THR D 291 -47.67 49.73 22.98
CA THR D 291 -48.65 49.00 22.19
C THR D 291 -48.76 49.64 20.82
N GLY D 292 -48.88 48.80 19.80
CA GLY D 292 -49.00 49.27 18.43
C GLY D 292 -50.45 49.33 17.97
N SER D 293 -50.69 50.16 16.96
CA SER D 293 -52.06 50.40 16.51
C SER D 293 -52.05 50.89 15.07
N ALA D 294 -53.23 50.86 14.45
CA ALA D 294 -53.41 51.40 13.11
C ALA D 294 -53.44 52.92 13.11
N ASP D 295 -53.80 53.53 14.23
CA ASP D 295 -53.89 54.99 14.33
C ASP D 295 -52.54 55.67 14.22
N LYS D 296 -51.45 54.91 14.05
CA LYS D 296 -50.10 55.45 13.93
C LYS D 296 -49.72 56.30 15.14
N THR D 297 -50.29 55.96 16.30
CA THR D 297 -50.13 56.74 17.53
C THR D 297 -49.81 55.80 18.69
N VAL D 298 -48.83 54.93 18.49
CA VAL D 298 -48.38 54.00 19.51
C VAL D 298 -48.10 54.75 20.80
N ALA D 299 -48.81 54.42 21.86
CA ALA D 299 -48.79 55.18 23.10
C ALA D 299 -48.30 54.30 24.25
N LEU D 300 -47.37 54.83 25.03
CA LEU D 300 -46.93 54.18 26.25
C LEU D 300 -47.99 54.34 27.34
N TRP D 301 -48.13 53.31 28.17
CA TRP D 301 -49.13 53.31 29.23
C TRP D 301 -48.49 52.83 30.53
N ASP D 302 -49.10 53.21 31.64
CA ASP D 302 -48.66 52.81 32.97
C ASP D 302 -49.73 51.92 33.60
N LEU D 303 -49.28 50.85 34.26
CA LEU D 303 -50.21 49.94 34.92
C LEU D 303 -50.97 50.64 36.04
N ARG D 304 -50.29 51.47 36.82
CA ARG D 304 -50.94 52.18 37.91
C ARG D 304 -51.98 53.16 37.39
N ASN D 305 -51.65 53.89 36.31
CA ASN D 305 -52.55 54.88 35.72
C ASN D 305 -52.64 54.61 34.23
N LEU D 306 -53.73 53.95 33.81
CA LEU D 306 -53.94 53.62 32.41
C LEU D 306 -54.93 54.54 31.71
N LYS D 307 -55.87 55.13 32.45
CA LYS D 307 -56.83 56.05 31.84
C LYS D 307 -56.13 57.28 31.28
N LEU D 308 -55.18 57.82 32.01
CA LEU D 308 -54.41 58.96 31.53
C LEU D 308 -53.52 58.55 30.36
N LYS D 309 -53.38 59.45 29.40
CA LYS D 309 -52.58 59.21 28.21
C LYS D 309 -51.21 59.87 28.37
N LEU D 310 -50.15 59.05 28.38
CA LEU D 310 -48.79 59.56 28.43
C LEU D 310 -48.34 59.99 27.05
N HIS D 311 -47.03 60.19 26.87
CA HIS D 311 -46.53 60.74 25.63
C HIS D 311 -46.73 59.74 24.48
N SER D 312 -47.83 59.89 23.76
CA SER D 312 -48.07 59.07 22.58
C SER D 312 -47.04 59.40 21.50
N PHE D 313 -46.21 58.42 21.14
CA PHE D 313 -45.15 58.65 20.18
C PHE D 313 -45.70 58.84 18.78
N GLU D 314 -45.85 60.09 18.34
CA GLU D 314 -46.47 60.42 17.07
C GLU D 314 -45.41 60.30 15.96
N SER D 315 -45.07 59.06 15.62
CA SER D 315 -44.08 58.81 14.59
C SER D 315 -44.44 57.70 13.62
N HIS D 316 -45.42 56.86 13.92
CA HIS D 316 -45.80 55.80 13.00
C HIS D 316 -46.62 56.36 11.85
N LYS D 317 -46.78 55.55 10.79
CA LYS D 317 -47.54 55.97 9.63
C LYS D 317 -48.46 54.87 9.10
N ASP D 318 -48.60 53.75 9.81
CA ASP D 318 -49.45 52.65 9.39
C ASP D 318 -49.76 51.78 10.60
N GLU D 319 -50.33 50.61 10.36
CA GLU D 319 -50.57 49.65 11.44
C GLU D 319 -49.25 49.17 12.02
N ILE D 320 -49.21 48.97 13.33
CA ILE D 320 -48.03 48.46 14.03
C ILE D 320 -48.34 47.06 14.53
N PHE D 321 -47.49 46.10 14.16
CA PHE D 321 -47.73 44.70 14.48
C PHE D 321 -46.78 44.13 15.53
N GLN D 322 -45.63 44.75 15.78
CA GLN D 322 -44.65 44.19 16.70
C GLN D 322 -44.02 45.33 17.50
N VAL D 323 -44.16 45.27 18.83
CA VAL D 323 -43.52 46.20 19.73
C VAL D 323 -42.73 45.41 20.76
N GLN D 324 -41.64 46.01 21.25
CA GLN D 324 -40.84 45.39 22.29
C GLN D 324 -39.86 46.40 22.90
N TRP D 325 -39.85 46.50 24.22
CA TRP D 325 -38.93 47.37 24.92
C TRP D 325 -37.65 46.61 25.26
N SER D 326 -36.54 47.35 25.33
CA SER D 326 -35.24 46.73 25.61
C SER D 326 -35.18 46.30 27.07
N PRO D 327 -34.95 45.01 27.36
CA PRO D 327 -34.89 44.58 28.76
C PRO D 327 -33.72 45.14 29.53
N HIS D 328 -32.53 45.19 28.91
CA HIS D 328 -31.32 45.57 29.63
C HIS D 328 -31.39 47.02 30.11
N ASN D 329 -31.83 47.93 29.23
CA ASN D 329 -31.92 49.33 29.60
C ASN D 329 -33.13 49.57 30.50
N GLU D 330 -33.35 50.84 30.84
CA GLU D 330 -34.43 51.22 31.76
C GLU D 330 -35.56 51.95 31.07
N THR D 331 -35.24 52.95 30.24
CA THR D 331 -36.27 53.77 29.61
C THR D 331 -36.19 53.69 28.09
N ILE D 332 -36.03 52.49 27.55
CA ILE D 332 -35.94 52.27 26.11
C ILE D 332 -37.07 51.35 25.68
N LEU D 333 -37.84 51.77 24.69
CA LEU D 333 -38.91 50.98 24.11
C LEU D 333 -38.80 51.04 22.59
N ALA D 334 -39.46 50.11 21.92
CA ALA D 334 -39.37 50.04 20.46
C ALA D 334 -40.66 49.46 19.88
N SER D 335 -40.87 49.70 18.59
CA SER D 335 -42.08 49.29 17.91
C SER D 335 -41.78 49.06 16.44
N SER D 336 -42.62 48.24 15.80
CA SER D 336 -42.51 47.98 14.37
C SER D 336 -43.85 47.46 13.85
N GLY D 337 -44.11 47.68 12.58
CA GLY D 337 -45.36 47.28 11.98
C GLY D 337 -45.33 47.31 10.48
N THR D 338 -46.51 47.55 9.89
CA THR D 338 -46.66 47.55 8.43
C THR D 338 -45.95 48.70 7.74
N ASP D 339 -45.56 49.74 8.49
CA ASP D 339 -44.82 50.86 7.94
C ASP D 339 -43.33 50.57 7.80
N ARG D 340 -42.94 49.30 7.91
CA ARG D 340 -41.57 48.81 7.75
C ARG D 340 -40.53 49.69 8.43
N ARG D 341 -40.87 50.25 9.59
CA ARG D 341 -39.93 51.07 10.36
C ARG D 341 -39.87 50.53 11.78
N LEU D 342 -38.66 50.35 12.29
CA LEU D 342 -38.45 49.94 13.68
C LEU D 342 -38.06 51.19 14.46
N ASN D 343 -39.05 51.82 15.09
CA ASN D 343 -38.83 53.03 15.87
C ASN D 343 -38.56 52.65 17.31
N VAL D 344 -37.46 53.16 17.87
CA VAL D 344 -37.09 52.91 19.25
C VAL D 344 -37.43 54.16 20.06
N TRP D 345 -38.28 54.00 21.07
CA TRP D 345 -38.73 55.13 21.88
C TRP D 345 -37.70 55.48 22.94
N ASP D 346 -38.02 56.48 23.75
CA ASP D 346 -37.20 56.88 24.89
C ASP D 346 -38.07 57.73 25.80
N LEU D 347 -37.72 57.76 27.08
CA LEU D 347 -38.55 58.41 28.09
C LEU D 347 -37.89 59.62 28.74
N SER D 348 -36.56 59.68 28.79
CA SER D 348 -35.89 60.79 29.48
C SER D 348 -36.19 62.14 28.83
N LYS D 349 -36.40 62.16 27.51
CA LYS D 349 -36.68 63.40 26.79
C LYS D 349 -38.17 63.69 26.67
N ILE D 350 -39.03 62.86 27.25
CA ILE D 350 -40.47 63.01 27.13
C ILE D 350 -40.93 64.15 28.03
N GLY D 351 -41.75 65.04 27.48
CA GLY D 351 -42.27 66.16 28.25
C GLY D 351 -41.20 67.12 28.74
N GLU D 352 -40.21 67.41 27.90
CA GLU D 352 -39.12 68.31 28.27
C GLU D 352 -38.84 69.26 27.11
N GLU D 353 -38.27 70.41 27.46
CA GLU D 353 -37.94 71.41 26.47
C GLU D 353 -36.82 70.93 25.54
N GLN D 354 -36.86 71.41 24.30
CA GLN D 354 -35.89 71.00 23.30
C GLN D 354 -35.67 72.14 22.33
N SER D 355 -34.52 72.09 21.65
CA SER D 355 -34.18 73.09 20.65
C SER D 355 -35.09 72.94 19.44
N PRO D 356 -35.26 74.01 18.65
CA PRO D 356 -36.12 73.92 17.46
C PRO D 356 -35.68 72.84 16.48
N GLU D 357 -34.38 72.60 16.35
CA GLU D 357 -33.91 71.51 15.49
C GLU D 357 -34.39 70.16 16.03
N ASP D 358 -34.36 69.98 17.34
CA ASP D 358 -34.86 68.74 17.94
C ASP D 358 -36.34 68.57 17.67
N ALA D 359 -37.11 69.66 17.77
CA ALA D 359 -38.54 69.59 17.47
C ALA D 359 -38.78 69.24 16.02
N GLU D 360 -37.99 69.81 15.10
CA GLU D 360 -38.12 69.51 13.68
C GLU D 360 -37.78 68.05 13.40
N ASP D 361 -36.78 67.50 14.10
CA ASP D 361 -36.41 66.10 13.90
C ASP D 361 -37.50 65.15 14.35
N GLY D 362 -38.42 65.59 15.19
CA GLY D 362 -39.49 64.75 15.69
C GLY D 362 -39.71 64.94 17.17
N PRO D 363 -40.52 64.10 17.78
CA PRO D 363 -40.72 64.17 19.23
C PRO D 363 -39.42 63.90 19.96
N PRO D 364 -39.14 64.64 21.04
CA PRO D 364 -37.94 64.33 21.83
C PRO D 364 -37.96 62.93 22.42
N GLU D 365 -39.13 62.41 22.77
CA GLU D 365 -39.22 61.08 23.34
C GLU D 365 -38.79 60.01 22.34
N LEU D 366 -39.15 60.16 21.07
CA LEU D 366 -38.66 59.24 20.05
C LEU D 366 -37.16 59.41 19.89
N LEU D 367 -36.40 58.34 20.15
CA LEU D 367 -34.94 58.39 20.10
C LEU D 367 -34.38 57.81 18.82
N PHE D 368 -34.76 56.58 18.46
CA PHE D 368 -34.15 55.88 17.35
C PHE D 368 -35.24 55.31 16.45
N ILE D 369 -34.96 55.31 15.14
CA ILE D 369 -35.86 54.72 14.15
C ILE D 369 -35.00 53.95 13.15
N HIS D 370 -35.39 52.71 12.88
CA HIS D 370 -34.65 51.83 11.97
C HIS D 370 -35.43 51.68 10.67
N GLY D 371 -34.80 52.05 9.55
CA GLY D 371 -35.44 52.01 8.26
C GLY D 371 -34.77 51.08 7.28
N GLY D 372 -34.39 49.89 7.73
CA GLY D 372 -33.71 48.94 6.87
C GLY D 372 -34.59 47.80 6.40
N HIS D 373 -35.83 48.11 6.02
CA HIS D 373 -36.76 47.10 5.54
C HIS D 373 -37.40 47.58 4.24
N THR D 374 -37.72 46.61 3.38
CA THR D 374 -38.42 46.87 2.13
C THR D 374 -39.89 46.46 2.17
N ALA D 375 -40.22 45.39 2.87
CA ALA D 375 -41.59 44.91 3.01
C ALA D 375 -42.02 45.04 4.46
N LYS D 376 -43.23 44.56 4.75
CA LYS D 376 -43.79 44.64 6.10
C LYS D 376 -42.89 43.90 7.08
N ILE D 377 -42.66 44.50 8.24
CA ILE D 377 -41.80 43.91 9.26
C ILE D 377 -42.54 42.74 9.90
N SER D 378 -41.91 41.56 9.88
CA SER D 378 -42.55 40.38 10.46
C SER D 378 -42.33 40.32 11.97
N ASP D 379 -41.08 40.41 12.40
CA ASP D 379 -40.77 40.31 13.83
C ASP D 379 -39.44 40.98 14.10
N PHE D 380 -39.24 41.36 15.36
CA PHE D 380 -37.98 41.92 15.83
C PHE D 380 -37.83 41.60 17.31
N SER D 381 -36.57 41.45 17.75
CA SER D 381 -36.31 41.10 19.14
C SER D 381 -34.90 41.50 19.51
N TRP D 382 -34.73 41.96 20.75
CA TRP D 382 -33.41 42.29 21.27
C TRP D 382 -32.65 41.01 21.62
N ASN D 383 -31.32 41.12 21.66
CA ASN D 383 -30.48 39.99 22.05
C ASN D 383 -30.27 39.99 23.55
N PRO D 384 -30.63 38.92 24.26
CA PRO D 384 -30.43 38.91 25.72
C PRO D 384 -28.98 39.06 26.14
N ASN D 385 -28.04 38.53 25.37
CA ASN D 385 -26.63 38.58 25.76
C ASN D 385 -26.00 39.93 25.37
N GLU D 386 -25.96 40.22 24.07
CA GLU D 386 -25.39 41.47 23.61
C GLU D 386 -26.26 42.65 24.04
N PRO D 387 -25.65 43.83 24.27
CA PRO D 387 -26.43 44.96 24.79
C PRO D 387 -27.44 45.51 23.80
N TRP D 388 -27.02 45.79 22.57
CA TRP D 388 -27.86 46.49 21.61
C TRP D 388 -28.23 45.66 20.38
N VAL D 389 -27.73 44.43 20.27
CA VAL D 389 -27.97 43.66 19.06
C VAL D 389 -29.44 43.30 18.95
N ILE D 390 -30.03 43.55 17.78
CA ILE D 390 -31.45 43.30 17.53
C ILE D 390 -31.57 42.47 16.25
N CYS D 391 -32.45 41.48 16.29
CA CYS D 391 -32.78 40.66 15.13
C CYS D 391 -34.16 41.05 14.63
N SER D 392 -34.22 41.67 13.46
CA SER D 392 -35.47 42.08 12.82
C SER D 392 -35.59 41.43 11.46
N VAL D 393 -36.80 40.99 11.11
CA VAL D 393 -37.05 40.29 9.86
C VAL D 393 -38.20 40.95 9.13
N SER D 394 -38.21 40.76 7.81
CA SER D 394 -39.25 41.33 6.96
C SER D 394 -39.86 40.26 6.06
N GLU D 395 -40.71 40.66 5.11
CA GLU D 395 -41.34 39.74 4.19
C GLU D 395 -40.57 39.54 2.90
N ASP D 396 -39.41 40.19 2.76
CA ASP D 396 -38.55 40.03 1.59
C ASP D 396 -37.48 38.97 1.81
N ASN D 397 -37.69 38.05 2.75
CA ASN D 397 -36.73 36.97 3.05
C ASN D 397 -35.38 37.54 3.46
N ILE D 398 -35.41 38.55 4.33
CA ILE D 398 -34.20 39.19 4.83
C ILE D 398 -34.26 39.20 6.35
N MET D 399 -33.24 38.62 6.99
CA MET D 399 -33.08 38.67 8.44
C MET D 399 -31.92 39.61 8.76
N GLN D 400 -32.17 40.59 9.61
CA GLN D 400 -31.20 41.64 9.93
C GLN D 400 -30.76 41.53 11.37
N VAL D 401 -29.45 41.46 11.59
CA VAL D 401 -28.86 41.49 12.93
C VAL D 401 -28.02 42.75 13.02
N TRP D 402 -28.39 43.66 13.91
CA TRP D 402 -27.71 44.93 14.06
C TRP D 402 -27.80 45.39 15.51
N GLN D 403 -26.87 46.26 15.89
CA GLN D 403 -26.81 46.82 17.23
C GLN D 403 -26.92 48.34 17.14
N MET D 404 -27.88 48.90 17.88
CA MET D 404 -28.04 50.34 17.94
C MET D 404 -26.85 50.98 18.65
N ALA D 405 -26.32 52.06 18.07
CA ALA D 405 -25.14 52.70 18.62
C ALA D 405 -25.43 53.26 20.01
N GLU D 406 -24.50 53.01 20.94
CA GLU D 406 -24.61 53.50 22.30
C GLU D 406 -23.96 54.86 22.50
N ASN D 407 -23.41 55.46 21.44
CA ASN D 407 -22.74 56.75 21.58
C ASN D 407 -23.69 57.83 22.07
N ILE D 408 -24.97 57.73 21.73
CA ILE D 408 -25.94 58.74 22.17
C ILE D 408 -26.12 58.67 23.68
N TYR D 409 -25.98 57.50 24.28
CA TYR D 409 -26.03 57.35 25.73
C TYR D 409 -24.65 57.42 26.36
N ASN D 410 -23.90 58.48 26.02
CA ASN D 410 -22.56 58.71 26.53
C ASN D 410 -22.52 60.04 27.28
N ASP D 411 -22.02 60.01 28.50
CA ASP D 411 -21.92 61.19 29.36
C ASP D 411 -23.29 61.87 29.53
N SER E 181 -14.30 48.49 -15.68
CA SER E 181 -15.06 47.71 -14.70
C SER E 181 -16.49 47.47 -15.19
N LEU E 182 -17.24 46.69 -14.42
CA LEU E 182 -18.62 46.41 -14.79
C LEU E 182 -19.48 47.65 -14.60
N PRO E 183 -20.22 48.09 -15.62
CA PRO E 183 -21.09 49.26 -15.46
C PRO E 183 -22.24 49.00 -14.48
N ARG E 184 -23.08 50.01 -14.27
CA ARG E 184 -24.21 49.84 -13.38
C ARG E 184 -25.15 48.76 -13.93
N PRO E 185 -25.75 47.94 -13.08
CA PRO E 185 -26.61 46.85 -13.58
C PRO E 185 -27.77 47.38 -14.40
N HIS E 186 -28.60 48.22 -13.79
CA HIS E 186 -29.74 48.84 -14.48
C HIS E 186 -30.34 49.87 -13.53
N ASP E 187 -30.99 50.88 -14.12
CA ASP E 187 -31.63 51.94 -13.36
C ASP E 187 -33.04 51.47 -13.01
N PHE E 188 -33.17 50.84 -11.84
CA PHE E 188 -34.49 50.40 -11.38
C PHE E 188 -35.41 51.59 -11.16
N PHE E 189 -34.88 52.66 -10.57
CA PHE E 189 -35.65 53.87 -10.37
C PHE E 189 -35.54 54.79 -11.59
N ASP E 190 -36.53 55.67 -11.72
CA ASP E 190 -36.60 56.72 -12.74
C ASP E 190 -36.80 56.19 -14.15
N ALA E 191 -37.12 54.90 -14.30
CA ALA E 191 -37.45 54.38 -15.62
C ALA E 191 -38.75 54.96 -16.15
N GLN E 192 -39.81 54.96 -15.34
CA GLN E 192 -41.10 55.50 -15.76
C GLN E 192 -41.66 56.42 -14.66
N THR E 193 -41.16 56.25 -13.44
CA THR E 193 -41.62 57.07 -12.32
C THR E 193 -41.18 58.52 -12.42
N LEU E 194 -40.22 58.84 -13.29
CA LEU E 194 -39.73 60.22 -13.39
C LEU E 194 -40.82 61.15 -13.90
N ASP E 195 -41.61 60.71 -14.88
CA ASP E 195 -42.68 61.55 -15.40
C ASP E 195 -43.75 61.80 -14.34
N ALA E 196 -44.10 60.78 -13.57
CA ALA E 196 -45.07 60.96 -12.49
C ALA E 196 -44.54 61.90 -11.42
N ILE E 197 -43.25 61.78 -11.10
CA ILE E 197 -42.65 62.68 -10.12
C ILE E 197 -42.68 64.11 -10.62
N ARG E 198 -42.37 64.31 -11.90
CA ARG E 198 -42.41 65.66 -12.46
C ARG E 198 -43.84 66.22 -12.44
N HIS E 199 -44.82 65.39 -12.77
CA HIS E 199 -46.22 65.84 -12.74
C HIS E 199 -46.62 66.25 -11.33
N ARG E 200 -46.25 65.43 -10.33
CA ARG E 200 -46.58 65.75 -8.95
C ARG E 200 -45.90 67.04 -8.50
N ALA E 201 -44.63 67.22 -8.89
CA ALA E 201 -43.91 68.44 -8.53
C ALA E 201 -44.56 69.67 -9.15
N ILE E 202 -44.95 69.57 -10.42
CA ILE E 202 -45.61 70.69 -11.08
C ILE E 202 -46.93 71.02 -10.37
N CYS E 203 -47.70 69.99 -10.05
CA CYS E 203 -48.98 70.21 -9.37
C CYS E 203 -48.77 70.87 -8.01
N PHE E 204 -47.80 70.38 -7.24
CA PHE E 204 -47.55 70.94 -5.91
C PHE E 204 -47.09 72.39 -6.01
N ASN E 205 -46.16 72.68 -6.93
CA ASN E 205 -45.66 74.04 -7.07
C ASN E 205 -46.77 75.00 -7.49
N LEU E 206 -47.63 74.57 -8.42
CA LEU E 206 -48.72 75.43 -8.86
C LEU E 206 -49.75 75.64 -7.75
N SER E 207 -50.11 74.58 -7.04
CA SER E 207 -51.20 74.67 -6.08
C SER E 207 -50.79 75.41 -4.81
N ALA E 208 -49.61 75.10 -4.27
CA ALA E 208 -49.24 75.59 -2.95
C ALA E 208 -48.13 76.62 -2.95
N HIS E 209 -47.32 76.70 -4.00
CA HIS E 209 -46.16 77.60 -4.03
C HIS E 209 -45.25 77.35 -2.82
N ILE E 210 -45.08 76.08 -2.48
CA ILE E 210 -44.23 75.72 -1.35
C ILE E 210 -42.78 76.10 -1.63
N GLU E 211 -42.32 75.84 -2.86
CA GLU E 211 -40.97 76.20 -3.26
C GLU E 211 -40.88 77.62 -3.84
N SER E 212 -42.01 78.31 -3.99
CA SER E 212 -42.02 79.65 -4.54
C SER E 212 -42.11 80.73 -3.46
N LEU E 213 -43.12 80.66 -2.59
CA LEU E 213 -43.30 81.61 -1.51
C LEU E 213 -43.12 81.00 -0.13
N GLY E 214 -42.99 79.68 -0.03
CA GLY E 214 -42.82 79.00 1.24
C GLY E 214 -41.40 78.86 1.71
N LYS E 215 -40.46 79.56 1.07
CA LYS E 215 -39.04 79.61 1.42
C LYS E 215 -38.34 78.26 1.26
N GLY E 216 -38.99 77.26 0.67
CA GLY E 216 -38.39 75.96 0.48
C GLY E 216 -38.47 75.04 1.68
N HIS E 217 -39.06 75.48 2.79
CA HIS E 217 -39.18 74.64 3.97
C HIS E 217 -40.52 74.80 4.66
N SER E 218 -41.48 75.49 4.06
CA SER E 218 -42.80 75.65 4.64
C SER E 218 -43.82 75.77 3.50
N VAL E 219 -45.09 75.52 3.84
CA VAL E 219 -46.16 75.50 2.85
C VAL E 219 -46.76 76.90 2.79
N VAL E 220 -46.57 77.57 1.65
CA VAL E 220 -47.17 78.89 1.42
C VAL E 220 -48.61 78.72 0.99
N PHE E 221 -49.37 79.81 1.02
CA PHE E 221 -50.77 79.77 0.61
C PHE E 221 -51.24 81.20 0.38
N HIS E 222 -52.38 81.33 -0.30
CA HIS E 222 -53.05 82.61 -0.49
C HIS E 222 -54.45 82.48 0.08
N SER E 223 -54.81 83.38 0.99
CA SER E 223 -56.09 83.31 1.69
C SER E 223 -57.07 84.32 1.11
N THR E 224 -58.36 83.97 1.15
CA THR E 224 -59.44 84.83 0.72
C THR E 224 -60.42 85.01 1.86
N VAL E 225 -61.16 86.12 1.82
CA VAL E 225 -62.10 86.44 2.89
C VAL E 225 -63.39 85.66 2.69
N ILE E 226 -63.43 84.45 3.24
CA ILE E 226 -64.64 83.63 3.13
C ILE E 226 -65.77 84.24 3.95
N ALA E 227 -65.45 84.78 5.12
CA ALA E 227 -66.44 85.41 5.99
C ALA E 227 -65.75 86.49 6.80
N LYS E 228 -66.45 87.00 7.80
CA LYS E 228 -65.91 88.06 8.66
C LYS E 228 -66.64 88.03 10.00
N ARG E 229 -66.15 88.84 10.92
CA ARG E 229 -66.75 88.98 12.24
C ARG E 229 -67.01 90.45 12.53
N LYS E 230 -68.14 90.72 13.18
CA LYS E 230 -68.49 92.09 13.53
C LYS E 230 -67.46 92.67 14.50
N GLU E 231 -67.03 93.90 14.23
CA GLU E 231 -66.04 94.56 15.06
C GLU E 231 -66.16 96.08 14.94
N LYS E 237 -63.66 91.46 12.37
CA LYS E 237 -62.57 90.57 11.96
C LYS E 237 -62.80 90.03 10.56
N LEU E 238 -62.14 88.92 10.24
CA LEU E 238 -62.29 88.30 8.93
C LEU E 238 -61.97 86.81 9.05
N LEU E 239 -62.50 86.04 8.10
CA LEU E 239 -62.26 84.60 8.02
C LEU E 239 -61.45 84.35 6.75
N LEU E 240 -60.12 84.45 6.89
CA LEU E 240 -59.21 84.31 5.74
C LEU E 240 -58.95 82.83 5.48
N HIS E 241 -59.95 82.18 4.87
CA HIS E 241 -59.82 80.78 4.52
C HIS E 241 -58.76 80.60 3.43
N TRP E 242 -58.04 79.49 3.50
CA TRP E 242 -56.93 79.21 2.60
C TRP E 242 -57.35 78.21 1.54
N MET E 243 -56.91 78.46 0.30
CA MET E 243 -57.38 77.69 -0.84
C MET E 243 -57.01 76.21 -0.78
N PRO E 244 -55.75 75.80 -0.51
CA PRO E 244 -55.43 74.36 -0.58
C PRO E 244 -56.07 73.57 0.54
N GLU E 245 -57.10 72.79 0.21
CA GLU E 245 -57.77 71.97 1.21
C GLU E 245 -56.87 70.80 1.61
N ASP E 246 -56.94 70.44 2.89
CA ASP E 246 -56.15 69.36 3.48
C ASP E 246 -54.65 69.59 3.34
N ILE E 247 -54.24 70.84 3.10
CA ILE E 247 -52.83 71.19 3.02
C ILE E 247 -52.57 72.32 4.01
N LEU E 248 -53.31 73.42 3.87
CA LEU E 248 -53.19 74.55 4.78
C LEU E 248 -54.48 74.69 5.57
N PRO E 249 -54.44 74.56 6.89
CA PRO E 249 -55.66 74.69 7.69
C PRO E 249 -56.22 76.09 7.63
N ASP E 250 -57.54 76.19 7.79
CA ASP E 250 -58.25 77.46 7.74
C ASP E 250 -58.59 77.93 9.16
N VAL E 251 -58.21 79.16 9.47
CA VAL E 251 -58.39 79.75 10.79
C VAL E 251 -58.98 81.14 10.64
N TRP E 252 -59.12 81.83 11.77
CA TRP E 252 -59.71 83.16 11.83
C TRP E 252 -58.65 84.20 12.16
N VAL E 253 -58.83 85.41 11.64
CA VAL E 253 -57.90 86.51 11.86
C VAL E 253 -58.70 87.78 12.14
N ASN E 254 -58.20 88.59 13.08
CA ASN E 254 -58.84 89.86 13.39
C ASN E 254 -58.74 90.80 12.19
N GLU E 255 -59.58 91.84 12.21
CA GLU E 255 -59.67 92.74 11.05
C GLU E 255 -58.32 93.36 10.73
N SER E 256 -57.68 93.97 11.72
CA SER E 256 -56.32 94.45 11.52
C SER E 256 -55.36 93.29 11.28
N GLU E 257 -55.54 92.20 12.03
CA GLU E 257 -54.68 91.03 11.86
C GLU E 257 -54.81 90.45 10.46
N ARG E 258 -56.05 90.35 9.95
CA ARG E 258 -56.24 89.85 8.59
C ARG E 258 -55.64 90.81 7.58
N HIS E 259 -55.95 92.10 7.70
CA HIS E 259 -55.45 93.10 6.76
C HIS E 259 -53.93 93.17 6.74
N GLN E 260 -53.26 92.79 7.83
CA GLN E 260 -51.81 92.81 7.84
C GLN E 260 -51.24 91.46 7.38
N LEU E 261 -51.50 90.40 8.14
CA LEU E 261 -51.02 89.06 7.78
C LEU E 261 -52.14 88.25 7.13
N LYS E 262 -52.60 88.72 5.96
CA LYS E 262 -53.55 87.94 5.17
C LYS E 262 -52.95 86.61 4.74
N THR E 263 -51.67 86.61 4.37
CA THR E 263 -50.99 85.41 3.91
C THR E 263 -50.23 84.77 5.07
N LYS E 264 -50.50 83.48 5.30
CA LYS E 264 -49.85 82.72 6.36
C LYS E 264 -49.13 81.52 5.77
N VAL E 265 -47.90 81.28 6.23
CA VAL E 265 -47.07 80.18 5.76
C VAL E 265 -46.81 79.26 6.94
N VAL E 266 -47.01 77.97 6.74
CA VAL E 266 -46.95 76.97 7.80
C VAL E 266 -45.83 75.98 7.50
N HIS E 267 -45.03 75.67 8.51
CA HIS E 267 -43.93 74.73 8.36
C HIS E 267 -44.44 73.33 8.09
N LEU E 268 -43.71 72.58 7.25
CA LEU E 268 -44.17 71.27 6.80
C LEU E 268 -44.30 70.29 7.96
N SER E 269 -43.30 70.26 8.85
CA SER E 269 -43.41 69.41 10.04
C SER E 269 -44.50 69.90 10.98
N LYS E 270 -44.86 71.18 10.91
CA LYS E 270 -45.98 71.70 11.67
C LYS E 270 -47.32 71.42 11.01
N LEU E 271 -47.33 70.95 9.77
CA LEU E 271 -48.57 70.62 9.10
C LEU E 271 -49.25 69.45 9.79
N PRO E 272 -50.58 69.39 9.78
CA PRO E 272 -51.28 68.28 10.42
C PRO E 272 -50.90 66.95 9.78
N LYS E 273 -50.73 65.94 10.63
CA LYS E 273 -50.38 64.61 10.13
C LYS E 273 -51.59 63.88 9.55
N ASP E 274 -52.79 64.17 10.05
CA ASP E 274 -53.98 63.48 9.56
C ASP E 274 -54.25 63.82 8.09
N THR E 275 -54.07 65.08 7.72
CA THR E 275 -54.28 65.52 6.35
C THR E 275 -53.04 65.42 5.49
N ALA E 276 -51.92 64.96 6.05
CA ALA E 276 -50.69 64.81 5.27
C ALA E 276 -50.88 63.80 4.15
N LEU E 277 -51.55 62.68 4.45
CA LEU E 277 -51.81 61.67 3.42
C LEU E 277 -52.67 62.23 2.30
N LEU E 278 -53.70 63.01 2.65
CA LEU E 278 -54.56 63.61 1.65
C LEU E 278 -53.86 64.73 0.88
N LEU E 279 -52.79 65.30 1.43
CA LEU E 279 -52.06 66.35 0.73
C LEU E 279 -51.45 65.83 -0.56
N ASP E 280 -50.86 64.64 -0.53
CA ASP E 280 -50.27 64.03 -1.70
C ASP E 280 -50.26 62.51 -1.55
N PRO E 281 -50.70 61.76 -2.55
CA PRO E 281 -50.79 60.30 -2.42
C PRO E 281 -49.53 59.54 -2.77
N ASN E 282 -48.46 60.22 -3.18
CA ASN E 282 -47.22 59.56 -3.57
C ASN E 282 -46.14 59.64 -2.49
N ILE E 283 -46.47 60.13 -1.30
CA ILE E 283 -45.49 60.22 -0.23
C ILE E 283 -45.36 58.89 0.51
N TYR E 284 -46.46 58.15 0.65
CA TYR E 284 -46.45 56.85 1.32
C TYR E 284 -47.65 56.06 0.86
N ARG E 285 -47.41 54.92 0.23
CA ARG E 285 -48.47 54.03 -0.23
C ARG E 285 -48.15 52.62 0.20
N THR E 286 -49.16 51.91 0.70
CA THR E 286 -49.00 50.55 1.20
C THR E 286 -49.26 49.58 0.05
N MET E 287 -48.19 49.00 -0.48
CA MET E 287 -48.29 48.08 -1.61
C MET E 287 -48.81 46.70 -1.20
N PRO E 288 -48.20 46.01 -0.23
CA PRO E 288 -48.64 44.64 0.09
C PRO E 288 -49.82 44.56 1.03
N GLN E 289 -50.44 45.68 1.40
CA GLN E 289 -51.58 45.65 2.31
C GLN E 289 -52.86 45.15 1.64
N LYS E 290 -52.86 44.97 0.32
CA LYS E 290 -54.06 44.52 -0.37
C LYS E 290 -54.47 43.13 0.08
N ARG E 291 -53.50 42.22 0.24
CA ARG E 291 -53.78 40.84 0.61
C ARG E 291 -52.76 40.40 1.67
N LEU E 292 -52.90 39.15 2.10
CA LEU E 292 -52.04 38.55 3.11
C LEU E 292 -51.99 39.40 4.38
N LYS E 293 -50.85 40.04 4.64
CA LYS E 293 -50.69 40.93 5.78
C LYS E 293 -50.97 40.20 7.09
N ARG E 294 -52.20 40.32 7.58
CA ARG E 294 -52.61 39.65 8.81
C ARG E 294 -52.60 38.12 8.64
N PRO F 21 -23.52 85.05 -9.47
CA PRO F 21 -24.11 85.00 -8.13
C PRO F 21 -25.62 85.17 -8.15
N PRO F 22 -26.36 84.10 -8.49
CA PRO F 22 -27.82 84.20 -8.56
C PRO F 22 -28.49 84.06 -7.20
N ALA F 23 -27.96 84.76 -6.19
CA ALA F 23 -28.52 84.81 -4.84
C ALA F 23 -28.82 83.41 -4.29
N THR F 24 -30.05 83.20 -3.83
CA THR F 24 -30.43 81.94 -3.23
C THR F 24 -30.38 80.82 -4.26
N GLN F 25 -29.81 79.68 -3.85
CA GLN F 25 -29.65 78.55 -4.77
C GLN F 25 -30.99 78.01 -5.23
N ILE F 26 -31.99 78.02 -4.35
CA ILE F 26 -33.28 77.39 -4.68
C ILE F 26 -33.91 78.09 -5.87
N SER F 27 -34.02 79.42 -5.82
CA SER F 27 -34.75 80.16 -6.85
C SER F 27 -34.11 80.06 -8.23
N ASP F 28 -32.81 79.74 -8.31
CA ASP F 28 -32.15 79.64 -9.60
C ASP F 28 -31.92 78.20 -10.05
N LEU F 29 -31.96 77.23 -9.14
CA LEU F 29 -31.70 75.84 -9.47
C LEU F 29 -32.94 74.97 -9.42
N SER F 30 -33.70 75.00 -8.33
CA SER F 30 -34.80 74.06 -8.13
C SER F 30 -35.98 74.35 -9.01
N LYS F 31 -35.86 75.28 -9.97
CA LYS F 31 -36.89 75.51 -10.96
C LYS F 31 -36.84 74.51 -12.11
N ARG F 32 -35.85 73.62 -12.13
CA ARG F 32 -35.74 72.64 -13.19
C ARG F 32 -36.78 71.54 -13.08
N LYS F 33 -37.13 71.12 -11.87
CA LYS F 33 -38.25 70.20 -11.72
C LYS F 33 -39.57 70.82 -12.18
N PRO F 34 -39.93 72.05 -11.76
CA PRO F 34 -41.09 72.73 -12.40
C PRO F 34 -40.68 73.55 -13.63
N LYS F 35 -40.49 72.86 -14.75
CA LYS F 35 -40.08 73.50 -16.00
C LYS F 35 -41.26 73.77 -16.92
N THR F 36 -42.39 74.15 -16.34
CA THR F 36 -43.60 74.46 -17.09
C THR F 36 -44.22 75.72 -16.48
N GLU F 37 -45.50 75.95 -16.76
CA GLU F 37 -46.20 77.15 -16.30
C GLU F 37 -46.62 77.02 -14.84
N ASP F 38 -45.63 76.75 -13.98
CA ASP F 38 -45.84 76.71 -12.55
C ASP F 38 -44.68 77.30 -11.76
N PHE F 39 -43.83 78.11 -12.41
CA PHE F 39 -42.66 78.68 -11.78
C PHE F 39 -42.96 79.95 -10.98
N LEU F 40 -44.21 80.42 -11.00
CA LEU F 40 -44.63 81.60 -10.23
C LEU F 40 -43.80 82.82 -10.59
N THR F 41 -43.49 82.97 -11.88
CA THR F 41 -42.74 84.11 -12.42
C THR F 41 -41.38 84.16 -11.72
N PHE F 42 -41.01 85.27 -11.06
CA PHE F 42 -39.74 85.42 -10.37
C PHE F 42 -38.57 85.21 -11.31
N LEU F 43 -37.38 84.96 -10.75
CA LEU F 43 -36.20 84.74 -11.57
C LEU F 43 -36.27 83.40 -12.32
N CYS F 44 -37.13 82.48 -11.88
CA CYS F 44 -37.27 81.21 -12.58
C CYS F 44 -37.80 81.42 -13.99
N LEU F 45 -38.79 82.31 -14.15
CA LEU F 45 -39.32 82.61 -15.47
C LEU F 45 -38.31 83.31 -16.36
N ARG F 46 -37.31 83.97 -15.77
CA ARG F 46 -36.28 84.64 -16.55
C ARG F 46 -35.25 83.62 -17.00
N GLY F 47 -34.12 84.09 -17.52
CA GLY F 47 -33.09 83.21 -18.02
C GLY F 47 -32.28 82.56 -16.90
N SER F 48 -32.94 81.74 -16.10
CA SER F 48 -32.28 81.02 -15.01
C SER F 48 -31.52 79.81 -15.52
N PRO F 49 -32.11 78.93 -16.35
CA PRO F 49 -31.33 77.82 -16.90
C PRO F 49 -30.14 78.27 -17.73
N ALA F 50 -30.27 79.38 -18.46
CA ALA F 50 -29.20 79.89 -19.31
C ALA F 50 -28.48 81.03 -18.60
N LEU F 51 -27.56 81.68 -19.31
CA LEU F 51 -26.81 82.79 -18.75
C LEU F 51 -27.55 84.11 -18.96
N LYS G 77 -48.02 46.89 -68.12
CA LYS G 77 -48.57 45.63 -68.60
C LYS G 77 -49.49 45.01 -67.56
N CYS G 78 -49.23 45.30 -66.30
CA CYS G 78 -50.05 44.77 -65.22
C CYS G 78 -51.40 45.46 -65.20
N LYS G 79 -52.35 44.84 -64.49
CA LYS G 79 -53.71 45.36 -64.38
C LYS G 79 -53.96 46.03 -63.04
N TYR G 80 -52.94 46.67 -62.47
CA TYR G 80 -53.07 47.35 -61.19
C TYR G 80 -52.58 48.79 -61.32
N SER G 81 -53.16 49.67 -60.49
CA SER G 81 -52.80 51.08 -60.52
C SER G 81 -53.01 51.65 -59.13
N PHE G 82 -51.92 51.86 -58.40
CA PHE G 82 -51.97 52.47 -57.07
C PHE G 82 -51.64 53.95 -57.18
N LYS G 83 -52.26 54.75 -56.31
CA LYS G 83 -52.07 56.19 -56.30
C LYS G 83 -51.81 56.66 -54.87
N CYS G 84 -50.85 57.56 -54.71
CA CYS G 84 -50.52 58.11 -53.39
C CYS G 84 -51.69 58.94 -52.86
N VAL G 85 -52.03 58.73 -51.59
CA VAL G 85 -53.16 59.39 -50.97
C VAL G 85 -52.72 60.36 -49.88
N ASN G 86 -51.89 59.92 -48.95
CA ASN G 86 -51.47 60.75 -47.83
C ASN G 86 -50.17 60.21 -47.27
N SER G 87 -49.49 61.06 -46.49
CA SER G 87 -48.23 60.69 -45.85
C SER G 87 -48.03 61.54 -44.61
N LEU G 88 -47.15 61.08 -43.72
CA LEU G 88 -46.86 61.78 -42.48
C LEU G 88 -45.42 61.53 -42.10
N LYS G 89 -45.04 61.99 -40.91
CA LYS G 89 -43.69 61.82 -40.38
C LYS G 89 -43.76 61.58 -38.88
N GLU G 90 -42.66 61.06 -38.33
CA GLU G 90 -42.58 60.74 -36.91
C GLU G 90 -41.82 61.84 -36.16
N ASP G 91 -41.95 61.80 -34.83
CA ASP G 91 -41.34 62.82 -33.99
C ASP G 91 -39.83 62.59 -33.85
N HIS G 92 -39.41 61.33 -33.75
CA HIS G 92 -38.03 61.01 -33.41
C HIS G 92 -37.06 61.11 -34.57
N ASN G 93 -37.54 61.11 -35.81
CA ASN G 93 -36.72 61.29 -37.02
C ASN G 93 -35.51 60.36 -37.02
N GLN G 94 -35.79 59.07 -37.03
CA GLN G 94 -34.77 58.02 -37.07
C GLN G 94 -35.21 56.97 -38.06
N PRO G 95 -34.28 56.16 -38.58
CA PRO G 95 -34.64 55.15 -39.58
C PRO G 95 -35.68 54.17 -39.05
N LEU G 96 -36.57 53.76 -39.94
CA LEU G 96 -37.64 52.81 -39.65
C LEU G 96 -37.41 51.54 -40.44
N PHE G 97 -37.42 50.40 -39.75
CA PHE G 97 -37.09 49.13 -40.40
C PHE G 97 -38.32 48.31 -40.75
N GLY G 98 -39.13 47.97 -39.75
CA GLY G 98 -40.19 47.01 -39.95
C GLY G 98 -41.56 47.67 -39.98
N VAL G 99 -42.34 47.40 -41.04
CA VAL G 99 -43.69 47.91 -41.19
C VAL G 99 -44.55 46.82 -41.81
N GLN G 100 -45.66 46.48 -41.14
CA GLN G 100 -46.61 45.51 -41.66
C GLN G 100 -48.02 46.01 -41.41
N PHE G 101 -48.94 45.59 -42.29
CA PHE G 101 -50.34 45.94 -42.18
C PHE G 101 -51.05 44.97 -41.23
N ASN G 102 -52.32 45.24 -40.98
CA ASN G 102 -53.15 44.36 -40.16
C ASN G 102 -54.05 43.55 -41.10
N TRP G 103 -53.49 42.44 -41.59
CA TRP G 103 -54.24 41.58 -42.50
C TRP G 103 -55.42 40.90 -41.80
N HIS G 104 -55.37 40.81 -40.47
CA HIS G 104 -56.40 40.11 -39.72
C HIS G 104 -57.65 40.94 -39.51
N SER G 105 -57.72 42.14 -40.07
CA SER G 105 -58.92 42.97 -40.01
C SER G 105 -59.82 42.63 -41.18
N LYS G 106 -61.09 42.34 -40.88
CA LYS G 106 -62.04 41.93 -41.89
C LYS G 106 -62.62 43.15 -42.60
N GLU G 107 -63.65 42.94 -43.42
CA GLU G 107 -64.27 44.04 -44.14
C GLU G 107 -65.03 44.95 -43.18
N GLY G 108 -65.16 46.20 -43.58
CA GLY G 108 -65.81 47.22 -42.75
C GLY G 108 -64.88 47.99 -41.84
N ASP G 109 -63.97 47.29 -41.18
CA ASP G 109 -63.00 47.95 -40.32
C ASP G 109 -62.00 48.72 -41.18
N PRO G 110 -61.77 50.00 -40.91
CA PRO G 110 -60.79 50.76 -41.71
C PRO G 110 -59.38 50.25 -41.49
N LEU G 111 -58.55 50.42 -42.50
CA LEU G 111 -57.19 49.89 -42.47
C LEU G 111 -56.37 50.58 -41.39
N VAL G 112 -55.58 49.79 -40.66
CA VAL G 112 -54.68 50.28 -39.62
C VAL G 112 -53.33 49.60 -39.78
N PHE G 113 -52.26 50.39 -39.75
CA PHE G 113 -50.91 49.87 -39.91
C PHE G 113 -50.00 50.48 -38.86
N ALA G 114 -48.89 49.78 -38.58
CA ALA G 114 -47.94 50.18 -37.57
C ALA G 114 -46.55 50.37 -38.19
N THR G 115 -45.70 51.10 -37.47
CA THR G 115 -44.34 51.34 -37.91
C THR G 115 -43.43 51.42 -36.70
N VAL G 116 -42.14 51.11 -36.92
CA VAL G 116 -41.17 51.11 -35.84
C VAL G 116 -40.06 52.10 -36.17
N GLY G 117 -39.05 52.19 -35.29
CA GLY G 117 -37.95 53.11 -35.50
C GLY G 117 -37.45 53.74 -34.21
N SER G 118 -36.13 53.73 -34.02
CA SER G 118 -35.50 54.24 -32.82
C SER G 118 -36.07 53.60 -31.56
N ASN G 119 -36.18 54.38 -30.49
CA ASN G 119 -36.71 53.90 -29.22
C ASN G 119 -38.18 54.25 -29.04
N ARG G 120 -38.83 54.78 -30.07
CA ARG G 120 -40.22 55.21 -29.99
C ARG G 120 -40.99 54.58 -31.15
N VAL G 121 -41.87 53.63 -30.83
CA VAL G 121 -42.71 53.01 -31.84
C VAL G 121 -43.98 53.84 -32.01
N THR G 122 -44.51 53.86 -33.23
CA THR G 122 -45.68 54.67 -33.56
C THR G 122 -46.67 53.85 -34.38
N LEU G 123 -47.95 54.12 -34.16
CA LEU G 123 -49.02 53.53 -34.94
C LEU G 123 -49.56 54.56 -35.92
N TYR G 124 -50.57 54.18 -36.69
CA TYR G 124 -51.20 55.10 -37.64
C TYR G 124 -52.57 54.55 -38.01
N GLU G 125 -53.40 55.44 -38.55
CA GLU G 125 -54.73 55.06 -39.01
C GLU G 125 -55.16 56.07 -40.06
N CYS G 126 -55.14 55.66 -41.33
CA CYS G 126 -55.39 56.56 -42.45
C CYS G 126 -56.76 56.27 -43.04
N HIS G 127 -57.58 57.31 -43.15
CA HIS G 127 -58.92 57.19 -43.70
C HIS G 127 -58.87 57.38 -45.21
N SER G 128 -60.03 57.48 -45.85
CA SER G 128 -60.09 57.64 -47.30
C SER G 128 -59.91 59.11 -47.66
N GLN G 129 -60.15 59.45 -48.94
CA GLN G 129 -60.02 60.82 -49.44
C GLN G 129 -58.62 61.36 -49.23
N GLY G 130 -57.63 60.48 -49.27
CA GLY G 130 -56.24 60.87 -49.11
C GLY G 130 -55.91 61.51 -47.78
N GLU G 131 -56.44 60.95 -46.69
CA GLU G 131 -56.21 61.47 -45.36
C GLU G 131 -55.53 60.42 -44.49
N ILE G 132 -54.46 60.81 -43.82
CA ILE G 132 -53.74 59.95 -42.89
C ILE G 132 -53.77 60.60 -41.51
N ARG G 133 -54.14 59.82 -40.50
CA ARG G 133 -54.24 60.31 -39.14
C ARG G 133 -53.41 59.43 -38.22
N LEU G 134 -52.91 60.05 -37.15
CA LEU G 134 -52.11 59.35 -36.16
C LEU G 134 -53.01 58.88 -35.02
N LEU G 135 -52.94 57.59 -34.71
CA LEU G 135 -53.77 57.04 -33.65
C LEU G 135 -53.03 57.04 -32.31
N GLN G 136 -51.88 56.34 -32.26
CA GLN G 136 -51.15 56.15 -31.01
C GLN G 136 -49.65 56.22 -31.29
N SER G 137 -48.90 56.48 -30.21
CA SER G 137 -47.45 56.51 -30.25
C SER G 137 -46.91 56.02 -28.91
N TYR G 138 -45.77 55.33 -28.96
CA TYR G 138 -45.11 54.81 -27.77
C TYR G 138 -43.64 55.20 -27.80
N VAL G 139 -42.98 55.03 -26.66
CA VAL G 139 -41.56 55.33 -26.52
C VAL G 139 -40.96 54.38 -25.50
N ASP G 140 -39.73 53.97 -25.75
CA ASP G 140 -38.98 53.07 -24.86
C ASP G 140 -37.56 53.58 -24.67
N ALA G 141 -37.44 54.88 -24.39
CA ALA G 141 -36.15 55.55 -24.25
C ALA G 141 -35.58 55.44 -22.83
N ASP G 142 -36.06 54.50 -22.03
CA ASP G 142 -35.49 54.30 -20.70
C ASP G 142 -34.02 53.86 -20.80
N ALA G 143 -33.71 52.98 -21.74
CA ALA G 143 -32.35 52.53 -22.00
C ALA G 143 -32.02 52.74 -23.48
N ASP G 144 -30.86 52.23 -23.90
CA ASP G 144 -30.44 52.33 -25.29
C ASP G 144 -31.07 51.18 -26.09
N GLU G 145 -32.39 51.28 -26.26
CA GLU G 145 -33.16 50.26 -26.95
C GLU G 145 -33.31 50.61 -28.43
N ASN G 146 -33.72 49.61 -29.20
CA ASN G 146 -33.97 49.77 -30.62
C ASN G 146 -34.95 48.70 -31.06
N PHE G 147 -35.58 48.92 -32.22
CA PHE G 147 -36.57 48.00 -32.73
C PHE G 147 -36.34 47.74 -34.22
N TYR G 148 -36.56 46.50 -34.64
CA TYR G 148 -36.37 46.10 -36.02
C TYR G 148 -37.60 45.48 -36.66
N THR G 149 -38.36 44.67 -35.91
CA THR G 149 -39.44 43.87 -36.47
C THR G 149 -40.79 44.40 -35.99
N CYS G 150 -41.79 44.31 -36.86
CA CYS G 150 -43.14 44.79 -36.59
C CYS G 150 -44.17 43.76 -37.01
N ALA G 151 -43.96 42.51 -36.62
CA ALA G 151 -44.87 41.44 -36.99
C ALA G 151 -46.25 41.66 -36.35
N TRP G 152 -47.29 41.43 -37.15
CA TRP G 152 -48.67 41.61 -36.72
C TRP G 152 -49.30 40.27 -36.38
N THR G 153 -50.17 40.28 -35.38
CA THR G 153 -50.85 39.06 -34.93
C THR G 153 -52.13 39.47 -34.22
N TYR G 154 -52.75 38.51 -33.53
CA TYR G 154 -53.99 38.75 -32.80
C TYR G 154 -54.12 37.71 -31.71
N ASP G 155 -55.00 38.00 -30.75
CA ASP G 155 -55.29 37.09 -29.64
C ASP G 155 -56.62 36.40 -29.90
N SER G 156 -56.61 35.07 -29.84
CA SER G 156 -57.81 34.31 -30.17
C SER G 156 -58.89 34.49 -29.10
N ASN G 157 -58.51 34.38 -27.83
CA ASN G 157 -59.49 34.47 -26.75
C ASN G 157 -59.87 35.90 -26.41
N THR G 158 -59.13 36.89 -26.92
CA THR G 158 -59.36 38.29 -26.61
C THR G 158 -59.86 39.09 -27.81
N SER G 159 -59.38 38.77 -29.01
CA SER G 159 -59.83 39.37 -30.27
C SER G 159 -59.42 40.84 -30.39
N HIS G 160 -58.24 41.18 -29.89
CA HIS G 160 -57.62 42.46 -30.18
C HIS G 160 -56.27 42.24 -30.87
N PRO G 161 -55.92 43.09 -31.84
CA PRO G 161 -54.64 42.91 -32.53
C PRO G 161 -53.46 43.21 -31.62
N LEU G 162 -52.37 42.48 -31.86
CA LEU G 162 -51.12 42.68 -31.14
C LEU G 162 -49.99 42.95 -32.13
N LEU G 163 -49.00 43.70 -31.68
CA LEU G 163 -47.83 44.02 -32.49
C LEU G 163 -46.59 43.54 -31.77
N ALA G 164 -45.70 42.87 -32.50
CA ALA G 164 -44.47 42.32 -31.94
C ALA G 164 -43.29 43.17 -32.36
N VAL G 165 -42.49 43.60 -31.38
CA VAL G 165 -41.32 44.43 -31.60
C VAL G 165 -40.16 43.86 -30.80
N ALA G 166 -38.98 43.82 -31.40
CA ALA G 166 -37.80 43.31 -30.71
C ALA G 166 -36.56 43.88 -31.37
N GLY G 167 -35.47 43.81 -30.64
CA GLY G 167 -34.18 44.27 -31.16
C GLY G 167 -33.30 44.79 -30.04
N SER G 168 -32.11 45.23 -30.45
CA SER G 168 -31.11 45.75 -29.52
C SER G 168 -30.85 44.78 -28.38
N ARG G 169 -31.50 45.00 -27.24
CA ARG G 169 -31.37 44.08 -26.11
C ARG G 169 -31.95 42.71 -26.43
N GLY G 170 -32.77 42.60 -27.47
CA GLY G 170 -33.36 41.35 -27.84
C GLY G 170 -34.66 41.01 -27.14
N ILE G 171 -35.23 41.96 -26.38
CA ILE G 171 -36.48 41.70 -25.69
C ILE G 171 -37.63 41.83 -26.68
N ILE G 172 -38.48 40.81 -26.73
CA ILE G 172 -39.65 40.81 -27.62
C ILE G 172 -40.84 41.30 -26.82
N ARG G 173 -41.39 42.44 -27.22
CA ARG G 173 -42.53 43.04 -26.52
C ARG G 173 -43.78 42.90 -27.38
N ILE G 174 -44.87 42.44 -26.77
CA ILE G 174 -46.16 42.33 -27.46
C ILE G 174 -47.04 43.49 -27.03
N ILE G 175 -47.01 44.57 -27.82
CA ILE G 175 -47.77 45.77 -27.50
C ILE G 175 -49.24 45.54 -27.81
N ASN G 176 -50.11 46.04 -26.93
CA ASN G 176 -51.56 45.96 -27.12
C ASN G 176 -52.12 47.37 -27.27
N PRO G 177 -52.33 47.85 -28.50
CA PRO G 177 -52.85 49.22 -28.66
C PRO G 177 -54.21 49.44 -28.03
N ILE G 178 -55.04 48.41 -27.91
CA ILE G 178 -56.38 48.60 -27.36
C ILE G 178 -56.31 49.07 -25.91
N THR G 179 -55.44 48.45 -25.11
CA THR G 179 -55.22 48.86 -23.73
C THR G 179 -54.01 49.75 -23.56
N MET G 180 -53.21 49.93 -24.61
CA MET G 180 -52.03 50.80 -24.61
C MET G 180 -51.06 50.41 -23.48
N GLN G 181 -50.67 49.14 -23.48
CA GLN G 181 -49.73 48.62 -22.49
C GLN G 181 -49.12 47.33 -23.01
N CYS G 182 -47.85 47.11 -22.68
CA CYS G 182 -47.17 45.89 -23.10
C CYS G 182 -47.77 44.67 -22.41
N ILE G 183 -47.80 43.55 -23.13
CA ILE G 183 -48.40 42.33 -22.63
C ILE G 183 -47.36 41.30 -22.17
N LYS G 184 -46.22 41.21 -22.84
CA LYS G 184 -45.23 40.20 -22.47
C LYS G 184 -43.87 40.62 -23.00
N HIS G 185 -42.83 40.17 -22.31
CA HIS G 185 -41.44 40.39 -22.70
C HIS G 185 -40.71 39.06 -22.74
N TYR G 186 -39.90 38.87 -23.78
CA TYR G 186 -39.20 37.62 -24.01
C TYR G 186 -37.70 37.88 -24.04
N VAL G 187 -36.97 37.18 -23.19
CA VAL G 187 -35.52 37.32 -23.09
C VAL G 187 -34.90 35.93 -23.16
N GLY G 188 -33.65 35.87 -23.63
CA GLY G 188 -32.96 34.61 -23.77
C GLY G 188 -32.08 34.57 -25.00
N HIS G 189 -32.33 35.48 -25.94
CA HIS G 189 -31.52 35.57 -27.14
C HIS G 189 -30.16 36.19 -26.82
N GLY G 190 -29.13 35.68 -27.47
CA GLY G 190 -27.78 36.18 -27.25
C GLY G 190 -27.47 37.50 -27.92
N ASN G 191 -28.35 37.99 -28.79
CA ASN G 191 -28.14 39.26 -29.46
C ASN G 191 -29.49 39.78 -29.93
N ALA G 192 -29.48 40.78 -30.81
CA ALA G 192 -30.71 41.41 -31.25
C ALA G 192 -31.50 40.50 -32.18
N ILE G 193 -32.82 40.50 -32.03
CA ILE G 193 -33.69 39.74 -32.92
C ILE G 193 -33.78 40.46 -34.25
N ASN G 194 -33.64 39.70 -35.34
CA ASN G 194 -33.59 40.28 -36.68
C ASN G 194 -34.92 40.22 -37.43
N GLU G 195 -35.69 39.15 -37.25
CA GLU G 195 -36.95 39.02 -37.97
C GLU G 195 -37.94 38.26 -37.11
N LEU G 196 -39.22 38.41 -37.46
CA LEU G 196 -40.30 37.77 -36.72
C LEU G 196 -41.44 37.45 -37.67
N LYS G 197 -41.97 36.23 -37.55
CA LYS G 197 -43.12 35.79 -38.33
C LYS G 197 -44.05 34.99 -37.41
N PHE G 198 -45.30 34.87 -37.84
CA PHE G 198 -46.32 34.19 -37.05
C PHE G 198 -46.88 33.01 -37.82
N HIS G 199 -47.21 31.96 -37.09
CA HIS G 199 -47.61 30.70 -37.70
C HIS G 199 -49.07 30.78 -38.14
N PRO G 200 -49.41 30.39 -39.38
CA PRO G 200 -50.77 30.66 -39.89
C PRO G 200 -51.87 29.93 -39.15
N ARG G 201 -51.78 28.60 -39.01
CA ARG G 201 -52.87 27.84 -38.41
C ARG G 201 -53.08 28.23 -36.96
N ASP G 202 -52.01 28.31 -36.18
CA ASP G 202 -52.07 28.75 -34.79
C ASP G 202 -51.41 30.11 -34.67
N PRO G 203 -52.16 31.18 -34.46
CA PRO G 203 -51.55 32.52 -34.47
C PRO G 203 -50.69 32.82 -33.25
N ASN G 204 -50.52 31.87 -32.33
CA ASN G 204 -49.77 32.11 -31.10
C ASN G 204 -48.32 31.63 -31.19
N LEU G 205 -47.90 31.13 -32.34
CA LEU G 205 -46.52 30.66 -32.52
C LEU G 205 -45.75 31.72 -33.30
N LEU G 206 -44.63 32.16 -32.73
CA LEU G 206 -43.80 33.21 -33.31
C LEU G 206 -42.46 32.63 -33.71
N LEU G 207 -42.05 32.91 -34.95
CA LEU G 207 -40.75 32.48 -35.46
C LEU G 207 -39.76 33.61 -35.22
N SER G 208 -38.90 33.44 -34.23
CA SER G 208 -37.91 34.44 -33.87
C SER G 208 -36.54 33.94 -34.30
N VAL G 209 -35.88 34.69 -35.18
CA VAL G 209 -34.53 34.39 -35.62
C VAL G 209 -33.59 35.34 -34.86
N SER G 210 -32.88 34.79 -33.90
CA SER G 210 -31.94 35.57 -33.12
C SER G 210 -30.57 35.61 -33.81
N LYS G 211 -29.77 36.60 -33.42
CA LYS G 211 -28.45 36.78 -34.02
C LYS G 211 -27.38 35.90 -33.39
N ASP G 212 -27.71 35.16 -32.32
CA ASP G 212 -26.72 34.31 -31.66
C ASP G 212 -26.59 32.97 -32.37
N HIS G 213 -26.44 33.00 -33.70
CA HIS G 213 -26.22 31.80 -34.51
C HIS G 213 -27.27 30.73 -34.23
N ALA G 214 -28.52 31.15 -34.10
CA ALA G 214 -29.59 30.21 -33.80
C ALA G 214 -30.92 30.82 -34.21
N LEU G 215 -31.94 29.97 -34.29
CA LEU G 215 -33.32 30.37 -34.51
C LEU G 215 -34.19 29.66 -33.49
N ARG G 216 -35.24 30.34 -33.05
CA ARG G 216 -36.10 29.81 -31.99
C ARG G 216 -37.56 29.98 -32.36
N LEU G 217 -38.40 29.11 -31.81
CA LEU G 217 -39.84 29.18 -31.97
C LEU G 217 -40.46 29.43 -30.60
N TRP G 218 -41.31 30.44 -30.51
CA TRP G 218 -41.90 30.87 -29.25
C TRP G 218 -43.39 30.60 -29.24
N ASN G 219 -43.89 30.09 -28.13
CA ASN G 219 -45.33 29.90 -27.92
C ASN G 219 -45.82 31.03 -27.03
N ILE G 220 -46.60 31.94 -27.61
CA ILE G 220 -47.05 33.13 -26.90
C ILE G 220 -48.01 32.77 -25.77
N GLN G 221 -48.87 31.76 -25.98
CA GLN G 221 -49.87 31.42 -24.99
C GLN G 221 -49.25 31.02 -23.66
N THR G 222 -48.20 30.19 -23.69
CA THR G 222 -47.58 29.70 -22.47
C THR G 222 -46.26 30.39 -22.16
N ASP G 223 -45.75 31.24 -23.05
CA ASP G 223 -44.48 31.94 -22.87
C ASP G 223 -43.34 30.95 -22.61
N THR G 224 -43.22 29.98 -23.52
CA THR G 224 -42.20 28.94 -23.43
C THR G 224 -41.50 28.81 -24.77
N LEU G 225 -40.24 28.37 -24.73
CA LEU G 225 -39.43 28.17 -25.92
C LEU G 225 -39.75 26.78 -26.47
N VAL G 226 -40.51 26.74 -27.57
CA VAL G 226 -41.00 25.48 -28.10
C VAL G 226 -39.83 24.63 -28.61
N ALA G 227 -38.95 25.22 -29.40
CA ALA G 227 -37.83 24.47 -29.97
C ALA G 227 -36.70 25.43 -30.30
N ILE G 228 -35.47 24.95 -30.16
CA ILE G 228 -34.29 25.74 -30.48
C ILE G 228 -33.65 25.19 -31.74
N PHE G 229 -34.03 25.72 -32.89
CA PHE G 229 -33.51 25.23 -34.17
C PHE G 229 -32.08 25.74 -34.34
N GLY G 230 -31.13 24.82 -34.35
CA GLY G 230 -29.71 25.15 -34.41
C GLY G 230 -29.00 24.24 -33.43
N GLY G 231 -27.75 23.93 -33.75
CA GLY G 231 -27.01 22.97 -32.95
C GLY G 231 -25.75 22.46 -33.61
N VAL G 232 -25.61 21.12 -33.63
CA VAL G 232 -24.40 20.50 -34.17
C VAL G 232 -24.22 20.87 -35.65
N GLU G 233 -25.31 20.82 -36.41
CA GLU G 233 -25.27 21.11 -37.85
C GLU G 233 -26.30 22.17 -38.21
N GLY G 234 -26.58 23.08 -37.29
CA GLY G 234 -27.58 24.11 -37.53
C GLY G 234 -27.14 25.51 -37.19
N HIS G 235 -27.25 26.42 -38.16
CA HIS G 235 -27.00 27.85 -37.97
C HIS G 235 -25.57 28.11 -37.50
N ARG G 236 -24.63 27.83 -38.42
CA ARG G 236 -23.23 28.16 -38.16
C ARG G 236 -23.04 29.66 -37.93
N ASP G 237 -23.90 30.49 -38.51
CA ASP G 237 -23.83 31.94 -38.32
C ASP G 237 -25.20 32.49 -37.93
N GLU G 238 -25.32 33.81 -37.85
CA GLU G 238 -26.58 34.42 -37.49
C GLU G 238 -27.62 34.24 -38.60
N VAL G 239 -28.86 33.99 -38.20
CA VAL G 239 -29.97 33.83 -39.14
C VAL G 239 -30.61 35.19 -39.34
N LEU G 240 -30.42 35.77 -40.52
CA LEU G 240 -30.96 37.11 -40.79
C LEU G 240 -32.49 37.10 -40.84
N SER G 241 -33.07 36.17 -41.60
CA SER G 241 -34.52 36.13 -41.78
C SER G 241 -34.97 34.72 -42.10
N ALA G 242 -36.26 34.48 -41.88
CA ALA G 242 -36.86 33.18 -42.14
C ALA G 242 -38.31 33.38 -42.53
N ASP G 243 -38.87 32.38 -43.20
CA ASP G 243 -40.24 32.47 -43.68
C ASP G 243 -41.05 31.23 -43.31
N TYR G 244 -42.26 31.12 -43.86
CA TYR G 244 -43.15 29.99 -43.62
C TYR G 244 -43.67 29.49 -44.96
N ASP G 245 -44.05 28.21 -44.98
CA ASP G 245 -44.71 27.66 -46.15
C ASP G 245 -46.14 28.19 -46.26
N LEU G 246 -46.77 27.93 -47.40
CA LEU G 246 -48.13 28.41 -47.62
C LEU G 246 -49.10 27.79 -46.62
N LEU G 247 -48.89 26.51 -46.27
CA LEU G 247 -49.75 25.82 -45.32
C LEU G 247 -49.13 25.72 -43.93
N GLY G 248 -47.90 26.19 -43.74
CA GLY G 248 -47.28 26.13 -42.44
C GLY G 248 -46.73 24.78 -42.04
N GLU G 249 -46.36 23.95 -43.02
CA GLU G 249 -45.80 22.63 -42.72
C GLU G 249 -44.27 22.63 -42.79
N LYS G 250 -43.69 23.37 -43.73
CA LYS G 250 -42.24 23.45 -43.90
C LYS G 250 -41.78 24.86 -43.59
N ILE G 251 -40.62 24.96 -42.94
CA ILE G 251 -40.05 26.24 -42.52
C ILE G 251 -38.71 26.43 -43.21
N MET G 252 -38.55 27.58 -43.86
CA MET G 252 -37.28 27.97 -44.44
C MET G 252 -36.58 28.94 -43.51
N SER G 253 -35.28 29.11 -43.71
CA SER G 253 -34.51 30.04 -42.87
C SER G 253 -33.24 30.44 -43.62
N CYS G 254 -33.16 31.70 -44.01
CA CYS G 254 -31.92 32.24 -44.56
C CYS G 254 -30.96 32.59 -43.42
N GLY G 255 -29.78 33.06 -43.78
CA GLY G 255 -28.80 33.40 -42.76
C GLY G 255 -27.59 34.10 -43.35
N MET G 256 -26.65 34.40 -42.46
CA MET G 256 -25.39 35.05 -42.84
C MET G 256 -24.31 34.05 -43.20
N ASP G 257 -24.58 32.75 -43.10
CA ASP G 257 -23.62 31.71 -43.44
C ASP G 257 -23.74 31.27 -44.90
N HIS G 258 -24.38 32.09 -45.74
CA HIS G 258 -24.59 31.77 -47.16
C HIS G 258 -25.32 30.44 -47.32
N SER G 259 -26.25 30.16 -46.42
CA SER G 259 -26.93 28.88 -46.37
C SER G 259 -28.45 29.08 -46.33
N LEU G 260 -29.16 28.21 -47.05
CA LEU G 260 -30.62 28.19 -47.06
C LEU G 260 -31.15 26.95 -46.36
N LYS G 261 -30.52 26.57 -45.25
CA LYS G 261 -30.90 25.36 -44.54
C LYS G 261 -32.35 25.45 -44.08
N LEU G 262 -33.02 24.30 -44.06
CA LEU G 262 -34.45 24.24 -43.82
C LEU G 262 -34.75 23.24 -42.71
N TRP G 263 -35.70 23.59 -41.85
CA TRP G 263 -36.14 22.73 -40.76
C TRP G 263 -37.63 22.47 -40.91
N ARG G 264 -37.97 21.25 -41.29
CA ARG G 264 -39.36 20.84 -41.36
C ARG G 264 -39.99 20.83 -39.98
N ILE G 265 -41.28 21.14 -39.92
CA ILE G 265 -42.06 20.99 -38.70
C ILE G 265 -43.05 19.85 -38.91
N ASN G 266 -42.79 19.03 -39.92
CA ASN G 266 -43.68 17.93 -40.28
C ASN G 266 -43.35 16.63 -39.58
N SER G 267 -42.23 16.53 -38.88
CA SER G 267 -41.89 15.30 -38.17
C SER G 267 -42.84 15.09 -37.00
N LYS G 268 -43.00 13.82 -36.60
CA LYS G 268 -43.88 13.50 -35.48
C LYS G 268 -43.37 14.14 -34.18
N ARG G 269 -42.04 14.30 -34.05
CA ARG G 269 -41.50 14.95 -32.87
C ARG G 269 -41.94 16.42 -32.79
N MET G 270 -42.04 17.09 -33.94
CA MET G 270 -42.52 18.46 -33.95
C MET G 270 -43.96 18.53 -33.45
N MET G 271 -44.82 17.62 -33.91
CA MET G 271 -46.20 17.58 -33.42
C MET G 271 -46.25 17.29 -31.93
N ASN G 272 -45.42 16.36 -31.45
CA ASN G 272 -45.40 16.04 -30.03
C ASN G 272 -44.97 17.25 -29.21
N ALA G 273 -43.93 17.95 -29.65
CA ALA G 273 -43.46 19.13 -28.92
C ALA G 273 -44.51 20.23 -28.93
N ILE G 274 -45.18 20.44 -30.07
CA ILE G 274 -46.20 21.48 -30.16
C ILE G 274 -47.36 21.15 -29.21
N LYS G 275 -47.79 19.89 -29.20
CA LYS G 275 -48.87 19.48 -28.31
C LYS G 275 -48.47 19.65 -26.84
N GLU G 276 -47.25 19.23 -26.49
CA GLU G 276 -46.78 19.36 -25.12
C GLU G 276 -46.72 20.82 -24.69
N SER G 277 -46.22 21.70 -25.56
CA SER G 277 -46.20 23.12 -25.25
C SER G 277 -47.61 23.67 -25.13
N TYR G 278 -48.54 23.16 -25.93
CA TYR G 278 -49.94 23.58 -25.82
C TYR G 278 -50.52 23.22 -24.47
N ASP G 279 -50.17 22.03 -23.95
CA ASP G 279 -50.64 21.59 -22.64
C ASP G 279 -49.51 21.60 -21.61
N TYR G 280 -48.66 22.62 -21.65
CA TYR G 280 -47.56 22.77 -20.71
C TYR G 280 -47.91 23.79 -19.64
N ASN G 281 -47.33 23.60 -18.45
CA ASN G 281 -47.49 24.53 -17.35
C ASN G 281 -46.17 24.63 -16.58
N PRO G 282 -45.45 25.74 -16.69
CA PRO G 282 -44.16 25.85 -15.96
C PRO G 282 -44.32 25.76 -14.46
N ASN G 283 -45.44 26.22 -13.91
CA ASN G 283 -45.65 26.14 -12.47
C ASN G 283 -45.80 24.69 -12.01
N LYS G 284 -46.47 23.86 -12.81
CA LYS G 284 -46.73 22.49 -12.40
C LYS G 284 -45.45 21.68 -12.28
N THR G 285 -44.52 21.85 -13.21
CA THR G 285 -43.30 21.04 -13.27
C THR G 285 -42.12 21.82 -12.71
N ASN G 286 -41.31 21.13 -11.90
CA ASN G 286 -40.09 21.75 -11.37
C ASN G 286 -39.00 21.78 -12.42
N ARG G 287 -38.91 20.76 -13.26
CA ARG G 287 -37.91 20.74 -14.31
C ARG G 287 -38.26 21.75 -15.40
N PRO G 288 -37.25 22.31 -16.07
CA PRO G 288 -37.53 23.25 -17.16
C PRO G 288 -38.14 22.53 -18.35
N PHE G 289 -38.80 23.33 -19.20
CA PHE G 289 -39.41 22.79 -20.41
C PHE G 289 -38.35 22.16 -21.30
N ILE G 290 -38.63 20.96 -21.79
CA ILE G 290 -37.65 20.18 -22.56
C ILE G 290 -37.80 20.62 -24.01
N SER G 291 -37.04 21.64 -24.40
CA SER G 291 -37.03 22.07 -25.78
C SER G 291 -36.34 21.02 -26.66
N GLN G 292 -36.81 20.91 -27.90
CA GLN G 292 -36.25 19.95 -28.85
C GLN G 292 -35.18 20.65 -29.67
N LYS G 293 -33.91 20.39 -29.34
CA LYS G 293 -32.80 20.95 -30.09
C LYS G 293 -32.67 20.17 -31.39
N ILE G 294 -33.03 20.79 -32.51
CA ILE G 294 -32.94 20.15 -33.82
C ILE G 294 -31.56 20.49 -34.37
N HIS G 295 -30.58 19.66 -34.04
CA HIS G 295 -29.21 19.91 -34.48
C HIS G 295 -29.05 19.70 -35.97
N PHE G 296 -29.74 18.70 -36.53
CA PHE G 296 -29.57 18.33 -37.92
C PHE G 296 -30.77 18.78 -38.75
N PRO G 297 -30.60 19.70 -39.68
CA PRO G 297 -31.72 20.10 -40.54
C PRO G 297 -32.08 18.99 -41.51
N ASP G 298 -33.35 19.00 -41.92
CA ASP G 298 -33.82 18.01 -42.89
C ASP G 298 -33.35 18.28 -44.30
N PHE G 299 -32.87 19.48 -44.59
CA PHE G 299 -32.45 19.83 -45.94
C PHE G 299 -31.68 21.15 -45.86
N SER G 300 -30.50 21.18 -46.48
CA SER G 300 -29.69 22.39 -46.49
C SER G 300 -29.02 22.55 -47.84
N THR G 301 -28.69 23.80 -48.18
CA THR G 301 -28.04 24.10 -49.45
C THR G 301 -27.18 25.34 -49.28
N ARG G 302 -26.10 25.41 -50.05
CA ARG G 302 -25.17 26.53 -49.99
C ARG G 302 -24.99 27.14 -51.38
N ASP G 303 -25.07 26.29 -52.42
CA ASP G 303 -24.69 26.72 -53.76
C ASP G 303 -25.64 27.75 -54.36
N ILE G 304 -26.86 27.89 -53.83
CA ILE G 304 -27.81 28.82 -54.43
C ILE G 304 -27.34 30.26 -54.25
N HIS G 305 -26.92 30.63 -53.04
CA HIS G 305 -26.53 31.99 -52.72
C HIS G 305 -25.03 32.04 -52.48
N ARG G 306 -24.33 32.85 -53.28
CA ARG G 306 -22.89 33.01 -53.08
C ARG G 306 -22.59 33.81 -51.81
N ASN G 307 -23.42 34.81 -51.52
CA ASN G 307 -23.28 35.64 -50.33
C ASN G 307 -24.41 35.33 -49.35
N TYR G 308 -24.48 36.10 -48.27
CA TYR G 308 -25.50 35.90 -47.26
C TYR G 308 -26.88 36.22 -47.81
N VAL G 309 -27.89 35.52 -47.29
CA VAL G 309 -29.28 35.67 -47.71
C VAL G 309 -30.05 36.32 -46.56
N ASP G 310 -30.82 37.36 -46.88
CA ASP G 310 -31.56 38.12 -45.88
C ASP G 310 -33.07 38.10 -46.07
N CYS G 311 -33.58 37.43 -47.10
CA CYS G 311 -35.02 37.35 -47.32
C CYS G 311 -35.35 36.01 -47.97
N VAL G 312 -36.56 35.52 -47.68
CA VAL G 312 -37.01 34.23 -48.19
C VAL G 312 -38.52 34.18 -48.13
N ARG G 313 -39.13 33.50 -49.10
CA ARG G 313 -40.57 33.32 -49.16
C ARG G 313 -40.86 31.91 -49.65
N TRP G 314 -42.15 31.57 -49.69
CA TRP G 314 -42.60 30.24 -50.10
C TRP G 314 -43.69 30.41 -51.17
N LEU G 315 -43.27 30.49 -52.43
CA LEU G 315 -44.22 30.58 -53.53
C LEU G 315 -44.78 29.19 -53.81
N GLY G 316 -45.86 28.85 -53.12
CA GLY G 316 -46.43 27.52 -53.23
C GLY G 316 -45.47 26.45 -52.77
N ASP G 317 -45.10 25.54 -53.67
CA ASP G 317 -44.10 24.53 -53.38
C ASP G 317 -42.68 24.96 -53.71
N LEU G 318 -42.50 26.15 -54.29
CA LEU G 318 -41.17 26.63 -54.63
C LEU G 318 -40.67 27.58 -53.54
N ILE G 319 -39.43 28.06 -53.72
CA ILE G 319 -38.78 28.95 -52.76
C ILE G 319 -38.44 30.25 -53.48
N LEU G 320 -38.77 31.38 -52.84
CA LEU G 320 -38.52 32.69 -53.40
C LEU G 320 -37.52 33.47 -52.54
N SER G 321 -36.45 32.81 -52.13
CA SER G 321 -35.45 33.45 -51.27
C SER G 321 -34.76 34.60 -52.00
N LYS G 322 -34.39 35.62 -51.23
CA LYS G 322 -33.76 36.81 -51.77
C LYS G 322 -32.51 37.13 -50.96
N SER G 323 -31.46 37.60 -51.65
CA SER G 323 -30.19 37.94 -51.03
C SER G 323 -29.74 39.28 -51.59
N CYS G 324 -28.49 39.64 -51.32
CA CYS G 324 -27.93 40.92 -51.73
C CYS G 324 -27.54 40.95 -53.21
N GLU G 325 -27.97 39.96 -54.00
CA GLU G 325 -27.68 39.92 -55.42
C GLU G 325 -28.73 40.63 -56.26
N ASN G 326 -29.47 41.57 -55.66
CA ASN G 326 -30.56 42.31 -56.30
C ASN G 326 -31.44 41.40 -57.15
N ALA G 327 -31.78 40.24 -56.59
CA ALA G 327 -32.63 39.28 -57.27
C ALA G 327 -33.25 38.35 -56.24
N ILE G 328 -34.48 37.92 -56.50
CA ILE G 328 -35.18 36.96 -55.67
C ILE G 328 -35.31 35.69 -56.50
N VAL G 329 -34.43 34.72 -56.24
CA VAL G 329 -34.39 33.50 -57.04
C VAL G 329 -35.58 32.60 -56.67
N CYS G 330 -36.28 32.13 -57.69
CA CYS G 330 -37.39 31.21 -57.54
C CYS G 330 -36.89 29.83 -57.96
N TRP G 331 -36.61 28.98 -56.98
CA TRP G 331 -36.04 27.65 -57.21
C TRP G 331 -36.85 26.60 -56.50
N LYS G 332 -36.54 25.33 -56.80
CA LYS G 332 -37.21 24.19 -56.22
C LYS G 332 -36.18 23.16 -55.75
N PRO G 333 -36.33 22.63 -54.53
CA PRO G 333 -35.32 21.73 -53.99
C PRO G 333 -35.22 20.44 -54.79
N GLY G 334 -34.00 19.88 -54.84
CA GLY G 334 -33.81 18.60 -55.49
C GLY G 334 -33.89 18.68 -57.00
N LYS G 335 -34.30 17.57 -57.60
CA LYS G 335 -34.41 17.46 -59.06
C LYS G 335 -35.75 18.06 -59.51
N MET G 336 -36.12 17.80 -60.76
CA MET G 336 -37.35 18.38 -61.30
C MET G 336 -38.56 17.51 -60.96
N GLU G 337 -38.49 16.21 -61.24
CA GLU G 337 -39.64 15.34 -61.12
C GLU G 337 -39.91 14.86 -59.69
N ASP G 338 -38.93 14.99 -58.79
CA ASP G 338 -39.12 14.48 -57.44
C ASP G 338 -40.09 15.35 -56.66
N ASP G 339 -40.93 14.71 -55.85
CA ASP G 339 -41.88 15.45 -55.03
C ASP G 339 -41.12 16.12 -53.90
N ILE G 340 -41.53 17.35 -53.57
CA ILE G 340 -40.83 18.12 -52.55
C ILE G 340 -40.96 17.45 -51.18
N ASP G 341 -42.15 16.95 -50.85
CA ASP G 341 -42.37 16.32 -49.54
C ASP G 341 -41.69 14.97 -49.41
N LYS G 342 -41.15 14.42 -50.50
CA LYS G 342 -40.44 13.15 -50.47
C LYS G 342 -38.96 13.30 -50.81
N ILE G 343 -38.39 14.48 -50.60
CA ILE G 343 -36.98 14.71 -50.89
C ILE G 343 -36.14 14.14 -49.75
N LYS G 344 -35.16 13.32 -50.09
CA LYS G 344 -34.30 12.72 -49.09
C LYS G 344 -33.37 13.76 -48.47
N PRO G 345 -32.99 13.58 -47.20
CA PRO G 345 -32.06 14.55 -46.58
C PRO G 345 -30.70 14.60 -47.23
N SER G 346 -30.32 13.58 -48.00
CA SER G 346 -29.00 13.52 -48.60
C SER G 346 -28.93 14.19 -49.97
N GLU G 347 -30.01 14.80 -50.44
CA GLU G 347 -29.99 15.48 -51.73
C GLU G 347 -28.99 16.62 -51.71
N SER G 348 -28.18 16.72 -52.77
CA SER G 348 -27.13 17.71 -52.84
C SER G 348 -27.08 18.40 -54.20
N ASN G 349 -28.22 18.54 -54.86
CA ASN G 349 -28.30 19.23 -56.15
C ASN G 349 -29.59 20.03 -56.19
N VAL G 350 -29.50 21.27 -56.66
CA VAL G 350 -30.65 22.15 -56.76
C VAL G 350 -30.77 22.69 -58.18
N THR G 351 -31.99 23.07 -58.55
CA THR G 351 -32.27 23.62 -59.87
C THR G 351 -32.95 24.97 -59.73
N ILE G 352 -32.57 25.90 -60.59
CA ILE G 352 -33.11 27.27 -60.58
C ILE G 352 -34.18 27.38 -61.65
N LEU G 353 -35.33 27.94 -61.26
CA LEU G 353 -36.48 28.05 -62.16
C LEU G 353 -36.81 29.50 -62.49
N GLY G 354 -36.90 30.38 -61.49
CA GLY G 354 -37.24 31.75 -61.72
C GLY G 354 -36.33 32.69 -60.95
N ARG G 355 -36.27 33.93 -61.43
CA ARG G 355 -35.44 34.96 -60.79
C ARG G 355 -35.95 36.32 -61.25
N PHE G 356 -36.45 37.11 -60.31
CA PHE G 356 -36.94 38.46 -60.60
C PHE G 356 -35.81 39.44 -60.37
N ASP G 357 -35.50 40.24 -61.39
CA ASP G 357 -34.31 41.08 -61.40
C ASP G 357 -34.68 42.56 -61.37
N TYR G 358 -34.04 43.30 -60.47
CA TYR G 358 -34.11 44.75 -60.46
C TYR G 358 -32.71 45.28 -60.20
N SER G 359 -32.59 46.59 -59.96
CA SER G 359 -31.31 47.24 -59.80
C SER G 359 -31.35 48.18 -58.60
N GLN G 360 -30.16 48.61 -58.17
CA GLN G 360 -29.99 49.53 -57.05
C GLN G 360 -30.67 48.99 -55.78
N CYS G 361 -30.50 47.69 -55.53
CA CYS G 361 -31.13 47.02 -54.41
C CYS G 361 -30.11 46.11 -53.73
N ASP G 362 -28.93 46.63 -53.44
CA ASP G 362 -27.82 45.85 -52.90
C ASP G 362 -27.60 46.03 -51.40
N ILE G 363 -28.47 46.79 -50.72
CA ILE G 363 -28.30 47.03 -49.29
C ILE G 363 -28.65 45.77 -48.52
N TRP G 364 -28.32 45.75 -47.22
CA TRP G 364 -28.54 44.60 -46.36
C TRP G 364 -29.68 44.87 -45.39
N TYR G 365 -30.30 43.78 -44.94
CA TYR G 365 -31.42 43.80 -44.00
C TYR G 365 -32.60 44.61 -44.55
N MET G 366 -33.16 44.09 -45.63
CA MET G 366 -34.41 44.60 -46.20
C MET G 366 -35.29 43.44 -46.60
N ARG G 367 -36.58 43.59 -46.34
CA ARG G 367 -37.53 42.49 -46.48
C ARG G 367 -38.65 42.85 -47.45
N PHE G 368 -39.24 41.83 -48.06
CA PHE G 368 -40.35 41.98 -48.99
C PHE G 368 -41.54 41.18 -48.51
N SER G 369 -42.73 41.70 -48.79
CA SER G 369 -43.98 41.05 -48.40
C SER G 369 -44.93 41.03 -49.59
N MET G 370 -45.34 39.84 -50.01
CA MET G 370 -46.24 39.69 -51.13
C MET G 370 -47.68 39.78 -50.67
N ASP G 371 -48.61 39.88 -51.63
CA ASP G 371 -50.02 39.97 -51.31
C ASP G 371 -50.54 38.60 -50.88
N PHE G 372 -51.63 38.62 -50.11
CA PHE G 372 -52.25 37.37 -49.66
C PHE G 372 -52.69 36.54 -50.85
N TRP G 373 -53.23 37.18 -51.89
CA TRP G 373 -53.69 36.46 -53.08
C TRP G 373 -52.54 36.00 -53.97
N GLN G 374 -51.30 36.34 -53.62
CA GLN G 374 -50.09 35.90 -54.31
C GLN G 374 -49.98 36.48 -55.72
N LYS G 375 -50.96 37.25 -56.16
CA LYS G 375 -50.88 37.95 -57.43
C LYS G 375 -49.92 39.13 -57.40
N MET G 376 -49.61 39.65 -56.22
CA MET G 376 -48.78 40.84 -56.05
C MET G 376 -47.59 40.51 -55.14
N LEU G 377 -46.39 40.82 -55.61
CA LEU G 377 -45.19 40.73 -54.79
C LEU G 377 -44.44 42.06 -54.90
N ALA G 378 -44.19 42.70 -53.76
CA ALA G 378 -43.56 44.01 -53.72
C ALA G 378 -42.32 43.99 -52.83
N LEU G 379 -41.29 44.69 -53.28
CA LEU G 379 -40.04 44.81 -52.52
C LEU G 379 -39.57 46.25 -52.60
N GLY G 380 -39.34 46.86 -51.43
CA GLY G 380 -38.89 48.23 -51.39
C GLY G 380 -37.45 48.38 -51.86
N ASN G 381 -37.13 49.56 -52.36
CA ASN G 381 -35.81 49.87 -52.87
C ASN G 381 -35.18 50.99 -52.06
N GLN G 382 -33.84 50.98 -52.00
CA GLN G 382 -33.14 51.98 -51.19
C GLN G 382 -33.13 53.35 -51.85
N VAL G 383 -33.14 53.41 -53.18
CA VAL G 383 -33.15 54.70 -53.86
C VAL G 383 -34.44 55.44 -53.56
N GLY G 384 -35.57 54.73 -53.59
CA GLY G 384 -36.86 55.34 -53.34
C GLY G 384 -37.97 54.77 -54.20
N LYS G 385 -37.60 53.95 -55.17
CA LYS G 385 -38.57 53.36 -56.08
C LYS G 385 -39.27 52.16 -55.42
N LEU G 386 -40.34 51.71 -56.07
CA LEU G 386 -41.08 50.54 -55.62
C LEU G 386 -41.34 49.63 -56.81
N TYR G 387 -41.46 48.33 -56.54
CA TYR G 387 -41.66 47.33 -57.58
C TYR G 387 -42.79 46.40 -57.17
N VAL G 388 -43.67 46.07 -58.12
CA VAL G 388 -44.73 45.10 -57.92
C VAL G 388 -44.60 44.02 -58.98
N TRP G 389 -45.00 42.80 -58.63
CA TRP G 389 -44.80 41.64 -59.48
C TRP G 389 -46.09 40.84 -59.61
N ASP G 390 -46.21 40.15 -60.74
CA ASP G 390 -47.34 39.25 -61.00
C ASP G 390 -46.85 37.81 -60.91
N LEU G 391 -47.47 37.02 -60.03
CA LEU G 391 -47.03 35.67 -59.75
C LEU G 391 -48.15 34.64 -59.86
N GLU G 392 -49.13 34.88 -60.73
CA GLU G 392 -50.23 33.95 -60.93
C GLU G 392 -50.47 33.59 -62.39
N VAL G 393 -50.01 34.42 -63.34
CA VAL G 393 -50.23 34.14 -64.75
C VAL G 393 -49.50 32.86 -65.15
N GLU G 394 -49.87 32.33 -66.31
CA GLU G 394 -49.25 31.12 -66.81
C GLU G 394 -47.74 31.30 -66.96
N ASP G 395 -46.99 30.25 -66.59
CA ASP G 395 -45.53 30.23 -66.53
C ASP G 395 -45.05 31.18 -65.44
N PRO G 396 -43.80 31.04 -64.96
CA PRO G 396 -43.29 31.99 -63.95
C PRO G 396 -43.29 33.43 -64.43
N HIS G 397 -42.97 34.36 -63.54
CA HIS G 397 -43.02 35.77 -63.88
C HIS G 397 -42.03 36.10 -64.99
N LYS G 398 -42.43 37.00 -65.87
CA LYS G 398 -41.60 37.48 -66.96
C LYS G 398 -41.97 38.93 -67.23
N ALA G 399 -41.54 39.45 -68.38
CA ALA G 399 -41.80 40.83 -68.79
C ALA G 399 -41.17 41.77 -67.75
N LYS G 400 -41.74 42.96 -67.56
CA LYS G 400 -41.15 43.95 -66.67
C LYS G 400 -42.09 44.46 -65.59
N CYS G 401 -43.39 44.19 -65.68
CA CYS G 401 -44.38 44.67 -64.70
C CYS G 401 -44.34 46.21 -64.68
N THR G 402 -44.67 46.81 -63.54
CA THR G 402 -44.70 48.27 -63.42
C THR G 402 -44.07 48.68 -62.10
N THR G 403 -43.67 49.95 -62.02
CA THR G 403 -43.01 50.50 -60.85
C THR G 403 -43.82 51.68 -60.32
N LEU G 404 -43.83 51.83 -58.99
CA LEU G 404 -44.54 52.90 -58.31
C LEU G 404 -43.53 53.89 -57.75
N THR G 405 -43.69 55.16 -58.12
CA THR G 405 -42.80 56.22 -57.67
C THR G 405 -43.60 57.31 -56.96
N HIS G 406 -43.08 57.80 -55.85
CA HIS G 406 -43.71 58.85 -55.06
C HIS G 406 -43.05 60.19 -55.36
N HIS G 407 -43.85 61.26 -55.23
CA HIS G 407 -43.33 62.60 -55.45
C HIS G 407 -42.27 62.98 -54.41
N LYS G 408 -42.43 62.49 -53.18
CA LYS G 408 -41.50 62.86 -52.10
C LYS G 408 -40.80 61.63 -51.55
N CYS G 409 -40.32 60.76 -52.43
CA CYS G 409 -39.59 59.55 -52.04
C CYS G 409 -38.10 59.81 -52.20
N GLY G 410 -37.41 60.04 -51.09
CA GLY G 410 -35.98 60.30 -51.12
C GLY G 410 -35.17 59.35 -50.26
N ALA G 411 -35.82 58.74 -49.27
CA ALA G 411 -35.14 57.86 -48.32
C ALA G 411 -35.15 56.43 -48.85
N ALA G 412 -34.73 55.49 -48.00
CA ALA G 412 -34.63 54.08 -48.37
C ALA G 412 -35.80 53.32 -47.76
N ILE G 413 -36.54 52.62 -48.61
CA ILE G 413 -37.67 51.81 -48.15
C ILE G 413 -37.14 50.48 -47.63
N ARG G 414 -37.52 50.12 -46.40
CA ARG G 414 -37.07 48.89 -45.79
C ARG G 414 -38.13 47.80 -45.70
N GLN G 415 -39.40 48.15 -45.88
CA GLN G 415 -40.45 47.14 -45.91
C GLN G 415 -41.69 47.72 -46.57
N THR G 416 -42.48 46.83 -47.16
CA THR G 416 -43.74 47.18 -47.80
C THR G 416 -44.81 46.18 -47.36
N SER G 417 -46.04 46.65 -47.25
CA SER G 417 -47.14 45.81 -46.80
C SER G 417 -48.40 46.13 -47.59
N PHE G 418 -49.09 45.08 -48.02
CA PHE G 418 -50.41 45.21 -48.63
C PHE G 418 -51.48 44.98 -47.57
N SER G 419 -52.73 45.23 -47.96
CA SER G 419 -53.87 44.91 -47.12
C SER G 419 -54.42 43.55 -47.53
N ARG G 420 -55.36 43.04 -46.72
CA ARG G 420 -55.99 41.76 -47.04
C ARG G 420 -56.74 41.86 -48.37
N ASP G 421 -57.48 42.95 -48.57
CA ASP G 421 -58.02 43.28 -49.87
C ASP G 421 -57.00 44.11 -50.63
N SER G 422 -56.70 43.71 -51.86
CA SER G 422 -55.63 44.35 -52.62
C SER G 422 -56.01 45.74 -53.07
N SER G 423 -56.15 46.67 -52.13
CA SER G 423 -56.51 48.05 -52.43
C SER G 423 -55.63 49.09 -51.76
N ILE G 424 -54.93 48.76 -50.68
CA ILE G 424 -54.13 49.73 -49.93
C ILE G 424 -52.71 49.17 -49.80
N LEU G 425 -51.72 50.00 -50.12
CA LEU G 425 -50.32 49.65 -49.95
C LEU G 425 -49.58 50.85 -49.35
N ILE G 426 -48.80 50.61 -48.30
CA ILE G 426 -48.05 51.65 -47.61
C ILE G 426 -46.59 51.28 -47.58
N ALA G 427 -45.72 52.23 -47.93
CA ALA G 427 -44.28 52.02 -47.96
C ALA G 427 -43.64 52.94 -46.93
N VAL G 428 -42.74 52.37 -46.12
CA VAL G 428 -42.04 53.13 -45.09
C VAL G 428 -40.69 53.57 -45.63
N CYS G 429 -40.16 54.67 -45.12
CA CYS G 429 -38.87 55.21 -45.54
C CYS G 429 -37.89 55.13 -44.37
N ASP G 430 -36.69 55.68 -44.59
CA ASP G 430 -35.65 55.67 -43.58
C ASP G 430 -35.80 56.85 -42.62
N ASP G 431 -37.01 57.41 -42.55
CA ASP G 431 -37.31 58.47 -41.59
C ASP G 431 -38.68 58.26 -40.93
N ALA G 432 -39.19 57.03 -40.95
CA ALA G 432 -40.51 56.71 -40.42
C ALA G 432 -41.60 57.57 -41.05
N SER G 433 -41.47 57.82 -42.34
CA SER G 433 -42.40 58.63 -43.10
C SER G 433 -43.21 57.69 -44.00
N ILE G 434 -44.34 57.22 -43.48
CA ILE G 434 -45.17 56.26 -44.21
C ILE G 434 -45.79 56.94 -45.42
N TRP G 435 -45.77 56.25 -46.55
CA TRP G 435 -46.40 56.72 -47.79
C TRP G 435 -47.47 55.70 -48.18
N ARG G 436 -48.73 56.02 -47.89
CA ARG G 436 -49.83 55.13 -48.23
C ARG G 436 -50.27 55.33 -49.67
N TRP G 437 -50.56 54.24 -50.35
CA TRP G 437 -51.07 54.25 -51.71
C TRP G 437 -52.46 53.60 -51.73
N ASP G 438 -53.17 53.77 -52.84
CA ASP G 438 -54.51 53.22 -52.97
C ASP G 438 -54.75 52.79 -54.41
N ARG G 439 -55.25 51.58 -54.58
CA ARG G 439 -55.54 51.06 -55.91
C ARG G 439 -56.91 51.53 -56.39
N LEU G 440 -57.06 51.59 -57.72
CA LEU G 440 -58.33 52.00 -58.29
C LEU G 440 -59.45 51.01 -57.94
N ARG G 441 -59.14 49.71 -57.99
CA ARG G 441 -60.10 48.65 -57.68
C ARG G 441 -61.36 48.74 -58.54
N GLU H 21 84.70 14.77 31.99
CA GLU H 21 83.57 15.58 31.56
C GLU H 21 82.38 14.71 31.17
N TYR H 22 81.96 14.80 29.92
CA TYR H 22 80.85 13.98 29.44
C TYR H 22 81.20 12.50 29.49
N MET H 23 82.44 12.16 29.12
CA MET H 23 82.86 10.76 29.17
C MET H 23 82.85 10.24 30.61
N ARG H 24 83.28 11.06 31.57
CA ARG H 24 83.24 10.65 32.97
C ARG H 24 81.81 10.41 33.44
N LEU H 25 80.88 11.29 33.05
CA LEU H 25 79.48 11.10 33.43
C LEU H 25 78.92 9.84 32.81
N ARG H 26 79.25 9.57 31.54
CA ARG H 26 78.81 8.35 30.89
C ARG H 26 79.36 7.11 31.58
N GLN H 27 80.64 7.16 31.98
CA GLN H 27 81.24 6.04 32.69
C GLN H 27 80.56 5.81 34.04
N LEU H 28 80.27 6.89 34.76
CA LEU H 28 79.59 6.76 36.04
C LEU H 28 78.19 6.18 35.87
N LYS H 29 77.47 6.62 34.84
CA LYS H 29 76.15 6.07 34.57
C LYS H 29 76.23 4.60 34.21
N ARG H 30 77.23 4.22 33.41
CA ARG H 30 77.41 2.82 33.05
C ARG H 30 77.73 1.98 34.27
N PHE H 31 78.56 2.50 35.18
CA PHE H 31 78.87 1.79 36.41
C PHE H 31 77.62 1.60 37.27
N ARG H 32 76.81 2.65 37.39
CA ARG H 32 75.58 2.55 38.16
C ARG H 32 74.63 1.53 37.53
N ARG H 33 74.52 1.52 36.21
CA ARG H 33 73.66 0.55 35.54
C ARG H 33 74.18 -0.87 35.71
N ALA H 34 75.50 -1.06 35.66
CA ALA H 34 76.07 -2.38 35.87
C ALA H 34 75.81 -2.87 37.29
N ASP H 35 75.95 -1.97 38.27
CA ASP H 35 75.63 -2.34 39.65
C ASP H 35 74.14 -2.69 39.79
N GLU H 36 73.28 -1.92 39.12
CA GLU H 36 71.85 -2.19 39.18
C GLU H 36 71.50 -3.56 38.58
N VAL H 37 72.09 -3.88 37.42
CA VAL H 37 71.77 -5.15 36.78
C VAL H 37 72.34 -6.31 37.59
N LYS H 38 73.53 -6.14 38.17
CA LYS H 38 74.08 -7.18 39.04
C LYS H 38 73.18 -7.38 40.26
N SER H 39 72.70 -6.30 40.86
CA SER H 39 71.85 -6.41 42.05
C SER H 39 70.53 -7.09 41.73
N MET H 40 69.90 -6.72 40.60
CA MET H 40 68.63 -7.36 40.27
C MET H 40 68.82 -8.81 39.91
N PHE H 41 69.92 -9.14 39.21
CA PHE H 41 70.20 -10.54 38.91
C PHE H 41 70.41 -11.34 40.20
N SER H 42 71.11 -10.76 41.18
CA SER H 42 71.34 -11.45 42.43
C SER H 42 70.05 -11.64 43.22
N SER H 43 69.19 -10.62 43.25
CA SER H 43 67.93 -10.72 43.99
C SER H 43 67.00 -11.75 43.35
N ASN H 44 66.85 -11.69 42.03
CA ASN H 44 66.07 -12.71 41.33
C ASN H 44 66.70 -14.09 41.49
N ARG H 45 68.03 -14.15 41.60
CA ARG H 45 68.69 -15.42 41.85
C ARG H 45 68.34 -15.98 43.21
N GLN H 46 68.29 -15.12 44.24
CA GLN H 46 67.89 -15.60 45.56
C GLN H 46 66.43 -16.09 45.56
N LYS H 47 65.54 -15.32 44.94
CA LYS H 47 64.14 -15.71 44.88
C LYS H 47 63.97 -17.02 44.12
N ILE H 48 64.62 -17.14 42.97
CA ILE H 48 64.57 -18.37 42.19
C ILE H 48 65.30 -19.50 42.88
N LEU H 49 66.26 -19.19 43.76
CA LEU H 49 66.91 -20.24 44.54
C LEU H 49 65.94 -20.85 45.53
N GLU H 50 65.16 -20.02 46.22
CA GLU H 50 64.11 -20.56 47.09
C GLU H 50 63.07 -21.34 46.29
N ARG H 51 62.65 -20.79 45.15
CA ARG H 51 61.64 -21.45 44.33
C ARG H 51 62.16 -22.78 43.78
N THR H 52 63.41 -22.83 43.32
CA THR H 52 63.98 -24.07 42.80
C THR H 52 64.29 -25.04 43.93
N GLU H 53 64.54 -24.55 45.14
CA GLU H 53 64.64 -25.44 46.29
C GLU H 53 63.34 -26.17 46.52
N ILE H 54 62.22 -25.43 46.53
CA ILE H 54 60.94 -26.11 46.69
C ILE H 54 60.64 -26.97 45.47
N LEU H 55 61.12 -26.58 44.28
CA LEU H 55 60.88 -27.36 43.08
C LEU H 55 61.61 -28.70 43.12
N ASN H 56 62.89 -28.68 43.50
CA ASN H 56 63.65 -29.92 43.62
C ASN H 56 63.15 -30.75 44.79
N GLN H 57 62.63 -30.12 45.84
CA GLN H 57 61.99 -30.87 46.91
C GLN H 57 60.78 -31.63 46.38
N GLU H 58 59.94 -30.95 45.59
CA GLU H 58 58.80 -31.61 44.95
C GLU H 58 59.26 -32.71 43.99
N TRP H 59 60.37 -32.47 43.28
CA TRP H 59 60.92 -33.48 42.39
C TRP H 59 61.32 -34.73 43.17
N LYS H 60 61.91 -34.55 44.35
CA LYS H 60 62.30 -35.66 45.20
C LYS H 60 61.19 -36.12 46.14
N GLN H 61 60.02 -35.50 46.08
CA GLN H 61 58.92 -35.89 46.96
C GLN H 61 58.44 -37.31 46.66
N ARG H 62 58.27 -37.64 45.38
CA ARG H 62 57.73 -38.94 44.98
C ARG H 62 58.61 -39.56 43.91
N ARG H 63 58.72 -40.89 43.96
CA ARG H 63 59.48 -41.64 42.96
C ARG H 63 58.62 -41.87 41.72
N ILE H 64 59.12 -42.70 40.80
CA ILE H 64 58.38 -43.07 39.61
C ILE H 64 58.49 -44.59 39.44
N GLN H 65 57.56 -45.14 38.67
CA GLN H 65 57.61 -46.56 38.37
C GLN H 65 58.86 -46.86 37.54
N PRO H 66 59.64 -47.90 37.90
CA PRO H 66 60.87 -48.18 37.18
C PRO H 66 60.63 -48.49 35.70
N VAL H 67 61.09 -47.60 34.82
CA VAL H 67 60.93 -47.79 33.39
C VAL H 67 62.04 -48.69 32.89
N HIS H 68 61.77 -49.99 32.79
CA HIS H 68 62.77 -50.92 32.31
C HIS H 68 63.12 -50.67 30.85
N ILE H 69 62.20 -50.09 30.09
CA ILE H 69 62.38 -49.81 28.66
C ILE H 69 62.78 -51.11 27.96
N LEU H 70 61.99 -52.17 28.18
CA LEU H 70 62.29 -53.45 27.57
C LEU H 70 62.22 -53.35 26.06
N THR H 71 63.03 -54.16 25.37
CA THR H 71 63.13 -54.10 23.92
C THR H 71 61.97 -54.83 23.26
N SER H 72 60.76 -54.43 23.65
CA SER H 72 59.51 -54.94 23.09
C SER H 72 59.50 -56.46 22.97
N VAL H 73 59.42 -56.96 21.74
CA VAL H 73 59.47 -58.38 21.44
C VAL H 73 60.41 -58.57 20.26
N SER H 74 60.51 -59.82 19.79
CA SER H 74 61.33 -60.17 18.65
C SER H 74 60.40 -60.55 17.50
N SER H 75 59.94 -59.55 16.76
CA SER H 75 59.05 -59.75 15.60
C SER H 75 57.80 -60.51 16.01
N LEU H 76 57.01 -59.91 16.89
CA LEU H 76 55.80 -60.56 17.39
C LEU H 76 54.81 -60.83 16.27
N ARG H 77 54.61 -59.86 15.38
CA ARG H 77 53.69 -60.00 14.27
C ARG H 77 54.38 -60.44 12.99
N GLY H 78 55.68 -60.72 13.04
CA GLY H 78 56.41 -61.08 11.83
C GLY H 78 56.46 -59.96 10.81
N THR H 79 56.63 -58.72 11.27
CA THR H 79 56.69 -57.55 10.42
C THR H 79 58.13 -57.06 10.33
N ARG H 80 58.31 -55.92 9.66
CA ARG H 80 59.64 -55.34 9.52
C ARG H 80 60.19 -54.94 10.88
N GLU H 81 61.51 -55.09 11.03
CA GLU H 81 62.20 -54.79 12.27
C GLU H 81 63.16 -53.62 12.06
N CYS H 82 63.51 -52.96 13.16
CA CYS H 82 64.38 -51.80 13.09
C CYS H 82 65.83 -52.21 12.85
N SER H 83 66.58 -51.31 12.24
CA SER H 83 68.01 -51.50 11.99
C SER H 83 68.77 -50.34 12.61
N VAL H 84 69.09 -50.48 13.91
CA VAL H 84 69.81 -49.45 14.63
C VAL H 84 71.31 -49.69 14.48
N THR H 85 71.87 -49.21 13.37
CA THR H 85 73.29 -49.40 13.06
C THR H 85 74.10 -48.34 13.81
N SER H 86 74.48 -48.68 15.04
CA SER H 86 75.28 -47.78 15.86
C SER H 86 76.59 -47.43 15.16
N ASP H 87 76.87 -46.13 15.08
CA ASP H 87 78.10 -45.69 14.43
C ASP H 87 79.33 -46.18 15.17
N LEU H 88 79.30 -46.16 16.49
CA LEU H 88 80.40 -46.69 17.28
C LEU H 88 80.38 -48.22 17.21
N ASP H 89 81.42 -48.86 17.72
CA ASP H 89 81.59 -50.30 17.57
C ASP H 89 80.60 -51.04 18.48
N PHE H 90 79.36 -51.15 17.98
CA PHE H 90 78.29 -51.86 18.67
C PHE H 90 77.47 -52.63 17.65
N PRO H 91 76.95 -53.81 18.01
CA PRO H 91 76.11 -54.55 17.07
C PRO H 91 74.80 -53.82 16.79
N THR H 92 74.28 -54.01 15.58
CA THR H 92 73.01 -53.40 15.21
C THR H 92 71.87 -54.03 16.01
N GLN H 93 71.04 -53.18 16.59
CA GLN H 93 69.88 -53.64 17.37
C GLN H 93 68.65 -53.74 16.47
N VAL H 94 67.88 -54.80 16.67
CA VAL H 94 66.69 -55.05 15.87
C VAL H 94 65.46 -54.98 16.79
N ILE H 95 64.45 -54.25 16.33
CA ILE H 95 63.20 -54.04 17.06
C ILE H 95 62.07 -53.98 16.04
N PRO H 96 61.00 -54.77 16.20
CA PRO H 96 59.86 -54.66 15.29
C PRO H 96 59.25 -53.26 15.28
N LEU H 97 58.92 -52.76 14.10
CA LEU H 97 58.32 -51.44 13.98
C LEU H 97 56.86 -51.48 14.40
N LYS H 98 56.56 -51.04 15.63
CA LYS H 98 55.20 -51.06 16.12
C LYS H 98 54.39 -49.93 15.47
N THR H 99 53.80 -50.21 14.32
CA THR H 99 53.05 -49.19 13.59
C THR H 99 51.81 -48.78 14.37
N LEU H 100 51.52 -47.49 14.36
CA LEU H 100 50.38 -46.92 15.06
C LEU H 100 49.28 -46.56 14.08
N ASN H 101 48.04 -46.61 14.56
CA ASN H 101 46.89 -46.32 13.71
C ASN H 101 46.88 -44.84 13.31
N ALA H 102 46.30 -44.57 12.15
CA ALA H 102 46.18 -43.22 11.63
C ALA H 102 44.83 -42.63 11.97
N VAL H 103 44.72 -41.31 11.81
CA VAL H 103 43.50 -40.58 12.12
C VAL H 103 43.15 -39.67 10.94
N ALA H 104 41.87 -39.33 10.84
CA ALA H 104 41.40 -38.50 9.75
C ALA H 104 41.93 -37.08 9.90
N SER H 105 42.44 -36.52 8.80
CA SER H 105 42.98 -35.18 8.80
C SER H 105 41.86 -34.17 8.66
N VAL H 106 42.22 -32.90 8.48
CA VAL H 106 41.25 -31.80 8.39
C VAL H 106 41.79 -30.76 7.42
N PRO H 107 40.95 -30.17 6.57
CA PRO H 107 41.45 -29.15 5.63
C PRO H 107 42.01 -27.94 6.37
N ILE H 108 43.01 -27.31 5.75
CA ILE H 108 43.69 -26.20 6.38
C ILE H 108 42.83 -24.95 6.37
N MET H 109 42.99 -24.13 7.40
CA MET H 109 42.37 -22.82 7.49
C MET H 109 43.05 -22.06 8.61
N TYR H 110 42.72 -20.78 8.74
CA TYR H 110 43.28 -19.93 9.78
C TYR H 110 42.18 -19.47 10.72
N SER H 111 42.59 -18.88 11.84
CA SER H 111 41.64 -18.35 12.80
C SER H 111 40.99 -17.07 12.28
N TRP H 112 39.72 -16.89 12.63
CA TRP H 112 38.95 -15.74 12.16
C TRP H 112 38.17 -15.15 13.33
N SER H 113 37.84 -13.87 13.20
CA SER H 113 37.14 -13.15 14.25
C SER H 113 35.65 -13.14 13.98
N PRO H 114 34.82 -13.67 14.87
CA PRO H 114 33.37 -13.63 14.67
C PRO H 114 32.87 -12.19 14.61
N LEU H 115 31.82 -11.97 13.81
CA LEU H 115 31.35 -10.61 13.59
C LEU H 115 29.95 -10.66 12.99
N GLN H 116 29.17 -9.61 13.22
CA GLN H 116 27.83 -9.51 12.67
C GLN H 116 27.47 -8.16 12.07
N GLN H 117 28.24 -7.10 12.32
CA GLN H 117 28.06 -5.82 11.66
C GLN H 117 29.40 -5.32 11.14
N ASN H 118 29.34 -4.48 10.11
CA ASN H 118 30.57 -4.03 9.46
C ASN H 118 31.43 -3.20 10.41
N PHE H 119 32.71 -3.09 10.06
CA PHE H 119 33.73 -2.52 10.93
C PHE H 119 34.75 -1.80 10.05
N MET H 120 34.67 -0.47 10.00
CA MET H 120 35.58 0.33 9.17
C MET H 120 36.93 0.43 9.89
N VAL H 121 37.91 -0.34 9.41
CA VAL H 121 39.26 -0.25 9.95
C VAL H 121 39.90 1.06 9.49
N GLU H 122 40.58 1.74 10.42
CA GLU H 122 41.23 2.99 10.10
C GLU H 122 42.26 2.79 9.00
N ASP H 123 42.27 3.72 8.04
CA ASP H 123 43.20 3.66 6.92
C ASP H 123 43.53 5.05 6.40
N PRO H 257 45.01 24.04 30.20
CA PRO H 257 44.14 24.63 29.20
C PRO H 257 43.69 23.63 28.14
N GLU H 258 44.03 22.35 28.35
CA GLU H 258 43.65 21.32 27.39
C GLU H 258 42.13 21.16 27.33
N CYS H 259 41.47 21.16 28.49
CA CYS H 259 40.02 21.01 28.54
C CYS H 259 39.53 21.49 29.90
N THR H 260 38.22 21.46 30.08
CA THR H 260 37.57 21.89 31.32
C THR H 260 37.51 20.74 32.31
N PRO H 261 37.43 21.03 33.60
CA PRO H 261 37.28 19.97 34.60
C PRO H 261 35.87 19.39 34.57
N ASN H 262 35.68 18.35 35.38
CA ASN H 262 34.41 17.63 35.45
C ASN H 262 33.57 18.15 36.62
N ILE H 263 32.27 18.29 36.37
CA ILE H 263 31.34 18.68 37.43
C ILE H 263 31.32 17.60 38.51
N ASP H 264 31.42 16.34 38.11
CA ASP H 264 31.58 15.25 39.07
C ASP H 264 32.84 15.49 39.90
N GLY H 265 32.72 15.34 41.21
CA GLY H 265 33.82 15.57 42.12
C GLY H 265 33.77 16.95 42.73
N PRO H 266 34.52 17.15 43.82
CA PRO H 266 34.50 18.45 44.50
C PRO H 266 35.04 19.59 43.65
N ASN H 267 36.00 19.32 42.77
CA ASN H 267 36.64 20.37 41.97
C ASN H 267 35.74 20.72 40.79
N ALA H 268 35.09 21.87 40.87
CA ALA H 268 34.23 22.35 39.80
C ALA H 268 34.30 23.87 39.75
N LYS H 269 34.05 24.42 38.56
CA LYS H 269 34.10 25.86 38.35
C LYS H 269 33.12 26.23 37.25
N SER H 270 33.24 27.44 36.73
CA SER H 270 32.38 27.95 35.67
C SER H 270 33.21 28.23 34.43
N VAL H 271 32.81 27.62 33.30
CA VAL H 271 33.49 27.84 32.04
C VAL H 271 32.48 27.71 30.90
N GLN H 272 32.33 28.78 30.13
CA GLN H 272 31.39 28.80 29.00
C GLN H 272 32.01 29.49 27.80
N ARG H 273 33.28 29.19 27.50
CA ARG H 273 33.94 29.78 26.34
C ARG H 273 33.22 29.35 25.07
N GLU H 274 33.30 28.06 24.75
CA GLU H 274 32.44 27.47 23.72
C GLU H 274 31.27 26.73 24.38
N GLN H 275 30.54 27.48 25.22
CA GLN H 275 29.47 26.93 26.07
C GLN H 275 30.02 25.87 27.02
N SER H 276 29.18 25.35 27.89
CA SER H 276 29.58 24.30 28.83
C SER H 276 29.40 22.91 28.27
N LEU H 277 28.96 22.77 27.02
CA LEU H 277 28.69 21.48 26.39
C LEU H 277 29.69 21.30 25.24
N HIS H 278 30.85 20.74 25.57
CA HIS H 278 31.92 20.55 24.58
C HIS H 278 32.33 19.11 24.40
N SER H 279 32.28 18.29 25.46
CA SER H 279 32.74 16.92 25.35
C SER H 279 31.73 16.05 24.61
N PHE H 280 30.44 16.20 24.89
CA PHE H 280 29.42 15.35 24.31
C PHE H 280 28.94 15.81 22.95
N HIS H 281 29.40 16.97 22.47
CA HIS H 281 29.04 17.46 21.14
C HIS H 281 30.11 17.21 20.10
N THR H 282 31.36 17.03 20.52
CA THR H 282 32.45 16.84 19.57
C THR H 282 32.43 15.43 18.98
N LEU H 283 32.58 14.42 19.82
CA LEU H 283 32.47 13.03 19.39
C LEU H 283 30.99 12.68 19.32
N PHE H 284 30.50 12.41 18.11
CA PHE H 284 29.08 12.10 17.92
C PHE H 284 28.87 11.47 16.56
N CYS H 285 27.78 10.72 16.44
CA CYS H 285 27.36 10.14 15.16
C CYS H 285 25.86 9.92 15.24
N ARG H 286 25.09 10.82 14.62
CA ARG H 286 23.64 10.74 14.70
C ARG H 286 23.08 9.49 14.03
N ARG H 287 23.84 8.87 13.13
CA ARG H 287 23.35 7.68 12.44
C ARG H 287 23.24 6.50 13.41
N CYS H 288 24.35 6.10 14.02
CA CYS H 288 24.40 4.92 14.88
C CYS H 288 24.32 5.25 16.37
N PHE H 289 24.17 6.53 16.72
CA PHE H 289 24.07 6.96 18.12
C PHE H 289 25.26 6.46 18.93
N LYS H 290 26.46 6.69 18.42
CA LYS H 290 27.67 6.20 19.07
C LYS H 290 28.68 7.33 19.22
N TYR H 291 29.46 7.24 20.30
CA TYR H 291 30.51 8.21 20.60
C TYR H 291 31.82 7.67 20.03
N ASP H 292 32.38 8.39 19.06
CA ASP H 292 33.59 7.99 18.36
C ASP H 292 33.43 6.57 17.80
N CYS H 293 32.46 6.44 16.92
CA CYS H 293 32.11 5.13 16.36
C CYS H 293 33.17 4.65 15.38
N PHE H 294 33.17 3.35 15.16
CA PHE H 294 34.02 2.74 14.14
C PHE H 294 33.28 2.42 12.85
N LEU H 295 31.94 2.44 12.87
CA LEU H 295 31.18 2.18 11.65
C LEU H 295 31.30 3.34 10.67
N HIS H 296 31.14 4.57 11.16
CA HIS H 296 31.21 5.78 10.33
C HIS H 296 32.46 6.56 10.72
N ARG H 297 33.58 6.23 10.08
CA ARG H 297 34.84 6.93 10.32
C ARG H 297 34.99 8.06 9.31
N LYS H 298 34.17 9.08 9.48
CA LYS H 298 34.16 10.23 8.58
C LYS H 298 35.33 11.16 8.92
N CYS H 299 35.31 12.34 8.29
CA CYS H 299 36.34 13.34 8.54
C CYS H 299 36.35 13.79 9.99
N ASN H 300 35.17 13.96 10.59
CA ASN H 300 35.02 14.36 11.99
C ASN H 300 35.71 15.70 12.25
N TYR H 301 35.16 16.74 11.60
CA TYR H 301 35.71 18.09 11.72
C TYR H 301 35.80 18.53 13.17
N SER H 302 34.83 18.15 14.00
CA SER H 302 34.91 18.41 15.42
C SER H 302 36.00 17.57 16.04
N PHE H 303 36.86 18.21 16.85
CA PHE H 303 38.00 17.53 17.42
C PHE H 303 38.35 18.14 18.77
N HIS H 304 39.12 17.38 19.56
CA HIS H 304 39.67 17.84 20.84
C HIS H 304 38.58 18.19 21.86
N ALA H 305 37.45 17.47 21.79
CA ALA H 305 36.34 17.64 22.73
C ALA H 305 35.90 19.10 22.82
N THR H 306 35.83 19.76 21.67
CA THR H 306 35.44 21.16 21.61
C THR H 306 33.92 21.32 21.66
N THR H 315 8.28 25.74 21.15
CA THR H 315 9.07 26.51 22.10
C THR H 315 8.17 27.40 22.96
N GLU H 316 7.03 27.79 22.41
CA GLU H 316 6.09 28.64 23.13
C GLU H 316 5.47 27.87 24.30
N THR H 317 5.33 28.55 25.44
CA THR H 317 4.77 27.94 26.63
C THR H 317 4.07 29.01 27.45
N ALA H 318 3.16 28.58 28.31
CA ALA H 318 2.41 29.50 29.14
C ALA H 318 3.29 30.04 30.27
N LEU H 319 2.97 31.25 30.71
CA LEU H 319 3.71 31.87 31.80
C LEU H 319 3.44 31.15 33.12
N ASP H 320 4.46 31.11 33.98
CA ASP H 320 4.36 30.43 35.27
C ASP H 320 3.99 31.46 36.35
N ASN H 321 2.75 31.94 36.26
CA ASN H 321 2.25 32.88 37.24
C ASN H 321 2.08 32.19 38.59
N LYS H 322 2.00 33.02 39.64
CA LYS H 322 1.82 32.60 41.03
C LYS H 322 3.08 31.89 41.53
N PRO H 323 3.26 31.75 42.86
CA PRO H 323 4.45 31.05 43.35
C PRO H 323 4.31 29.54 43.31
N CYS H 324 4.65 28.94 42.16
CA CYS H 324 4.57 27.50 41.98
C CYS H 324 5.33 26.77 43.09
N GLY H 325 4.60 26.04 43.93
CA GLY H 325 5.19 25.47 45.12
C GLY H 325 5.75 26.55 46.03
N PRO H 326 7.08 26.64 46.10
CA PRO H 326 7.70 27.79 46.78
C PRO H 326 7.59 29.06 45.96
N GLN H 327 8.22 30.14 46.42
CA GLN H 327 8.13 31.42 45.73
C GLN H 327 8.71 31.33 44.33
N CYS H 328 7.90 31.69 43.33
CA CYS H 328 8.33 31.64 41.94
C CYS H 328 8.92 32.99 41.52
N TYR H 329 9.69 32.94 40.42
CA TYR H 329 10.29 34.16 39.90
C TYR H 329 9.25 35.11 39.34
N GLN H 330 8.24 34.58 38.65
CA GLN H 330 7.23 35.44 38.04
C GLN H 330 6.28 36.03 39.08
N HIS H 331 6.10 35.35 40.22
CA HIS H 331 5.25 35.87 41.27
C HIS H 331 5.86 37.09 41.95
N LEU H 332 7.15 37.33 41.77
CA LEU H 332 7.80 38.51 42.34
C LEU H 332 7.19 39.77 41.73
N GLU H 333 7.09 40.82 42.56
CA GLU H 333 6.42 42.05 42.16
C GLU H 333 7.25 42.77 41.11
N GLY H 334 6.80 42.73 39.87
CA GLY H 334 7.42 43.50 38.79
C GLY H 334 8.74 42.94 38.28
N ALA H 335 8.71 41.70 37.78
CA ALA H 335 9.89 41.11 37.14
C ALA H 335 9.60 40.42 35.82
N LYS H 336 8.36 39.98 35.57
CA LYS H 336 8.04 39.33 34.31
C LYS H 336 8.20 40.30 33.15
N GLU H 337 7.74 41.54 33.30
CA GLU H 337 7.93 42.53 32.25
C GLU H 337 9.41 42.85 32.07
N PHE H 338 10.20 42.80 33.15
CA PHE H 338 11.64 42.99 33.01
C PHE H 338 12.26 41.86 32.20
N ALA H 339 11.84 40.62 32.44
CA ALA H 339 12.34 39.50 31.65
C ALA H 339 11.95 39.64 30.20
N ALA H 340 10.71 40.06 29.94
CA ALA H 340 10.25 40.27 28.56
C ALA H 340 11.08 41.35 27.88
N ALA H 341 11.33 42.47 28.57
CA ALA H 341 12.12 43.55 27.99
C ALA H 341 13.55 43.11 27.73
N LEU H 342 14.14 42.34 28.65
CA LEU H 342 15.49 41.85 28.44
C LEU H 342 15.57 40.93 27.24
N THR H 343 14.59 40.03 27.08
CA THR H 343 14.57 39.15 25.93
C THR H 343 14.40 39.95 24.63
N ALA H 344 13.53 40.96 24.65
CA ALA H 344 13.32 41.78 23.46
C ALA H 344 14.57 42.56 23.10
N GLU H 345 15.30 43.07 24.10
CA GLU H 345 16.50 43.87 23.85
C GLU H 345 17.62 43.05 23.24
N ARG H 346 17.55 41.72 23.32
CA ARG H 346 18.58 40.85 22.75
C ARG H 346 18.47 40.72 21.23
N ILE H 347 17.62 41.52 20.60
CA ILE H 347 17.46 41.47 19.15
C ILE H 347 18.69 42.04 18.46
N LYS H 425 8.91 49.89 39.28
CA LYS H 425 8.16 48.65 39.26
C LYS H 425 8.95 47.44 38.69
N PRO H 426 9.60 47.60 37.50
CA PRO H 426 10.33 46.45 36.95
C PRO H 426 11.60 46.12 37.72
N ASN H 427 11.55 45.05 38.52
CA ASN H 427 12.71 44.54 39.26
C ASN H 427 13.39 45.63 40.08
N ILE H 428 12.59 46.49 40.69
CA ILE H 428 13.15 47.57 41.51
C ILE H 428 13.48 47.10 42.92
N GLU H 429 12.92 45.98 43.36
CA GLU H 429 13.22 45.48 44.69
C GLU H 429 14.64 44.93 44.74
N PRO H 430 15.36 45.15 45.84
CA PRO H 430 16.72 44.58 45.96
C PRO H 430 16.68 43.06 45.97
N PRO H 431 17.68 42.41 45.39
CA PRO H 431 17.71 40.96 45.36
C PRO H 431 18.43 40.38 46.57
N GLU H 432 18.35 39.06 46.69
CA GLU H 432 19.03 38.35 47.76
C GLU H 432 20.49 38.10 47.41
N ASN H 433 21.25 37.66 48.42
CA ASN H 433 22.67 37.36 48.26
C ASN H 433 22.92 35.93 48.74
N VAL H 434 23.02 35.00 47.80
CA VAL H 434 23.29 33.60 48.08
C VAL H 434 24.47 33.16 47.23
N GLU H 435 25.43 32.48 47.86
CA GLU H 435 26.62 32.02 47.15
C GLU H 435 26.23 30.96 46.11
N TRP H 436 26.81 31.08 44.93
CA TRP H 436 26.55 30.15 43.83
C TRP H 436 27.87 29.52 43.39
N SER H 437 27.93 28.19 43.46
CA SER H 437 29.14 27.47 43.10
C SER H 437 29.31 27.41 41.59
N GLY H 438 30.51 27.04 41.16
CA GLY H 438 30.79 26.97 39.74
C GLY H 438 29.96 25.92 39.03
N ALA H 439 29.81 24.75 39.64
CA ALA H 439 29.00 23.70 39.04
C ALA H 439 27.54 24.12 38.90
N GLU H 440 26.99 24.69 39.97
CA GLU H 440 25.60 25.17 39.93
C GLU H 440 25.45 26.27 38.90
N ALA H 441 26.41 27.19 38.83
CA ALA H 441 26.34 28.27 37.86
C ALA H 441 26.35 27.74 36.44
N SER H 442 27.26 26.80 36.14
CA SER H 442 27.34 26.25 34.80
C SER H 442 26.08 25.48 34.43
N MET H 443 25.58 24.66 35.36
CA MET H 443 24.38 23.88 35.08
C MET H 443 23.18 24.79 34.85
N PHE H 444 23.02 25.81 35.70
CA PHE H 444 21.91 26.74 35.51
C PHE H 444 22.05 27.49 34.19
N ARG H 445 23.27 27.92 33.84
CA ARG H 445 23.46 28.64 32.58
C ARG H 445 23.09 27.78 31.39
N VAL H 446 23.56 26.54 31.36
CA VAL H 446 23.25 25.66 30.23
C VAL H 446 21.76 25.37 30.16
N LEU H 447 21.14 25.06 31.31
CA LEU H 447 19.72 24.71 31.31
C LEU H 447 18.85 25.90 30.95
N ILE H 448 19.23 27.11 31.36
CA ILE H 448 18.48 28.30 30.98
C ILE H 448 18.66 28.59 29.50
N GLY H 449 19.88 28.42 28.97
CA GLY H 449 20.10 28.60 27.56
C GLY H 449 19.30 27.64 26.71
N THR H 450 19.09 26.42 27.20
CA THR H 450 18.29 25.43 26.49
C THR H 450 16.82 25.45 26.85
N TYR H 451 16.41 26.25 27.84
CA TYR H 451 15.01 26.24 28.29
C TYR H 451 14.40 27.63 28.31
N TYR H 452 15.22 28.65 28.53
CA TYR H 452 14.81 30.05 28.48
C TYR H 452 13.80 30.42 29.56
N ASP H 453 12.61 30.87 29.15
CA ASP H 453 11.71 31.58 30.05
C ASP H 453 11.16 30.71 31.17
N ASN H 454 11.12 29.39 31.00
CA ASN H 454 10.55 28.52 32.02
C ASN H 454 11.39 28.59 33.30
N PHE H 455 10.70 28.67 34.44
CA PHE H 455 11.42 28.84 35.70
C PHE H 455 11.06 27.77 36.74
N CYS H 456 9.78 27.37 36.83
CA CYS H 456 9.42 26.35 37.80
C CYS H 456 10.11 25.03 37.50
N ALA H 457 10.15 24.63 36.22
CA ALA H 457 10.78 23.36 35.85
C ALA H 457 12.30 23.41 36.08
N ILE H 458 12.96 24.49 35.69
CA ILE H 458 14.40 24.59 35.87
C ILE H 458 14.75 24.61 37.35
N ALA H 459 13.90 25.25 38.17
CA ALA H 459 14.10 25.20 39.61
C ALA H 459 13.91 23.79 40.14
N ARG H 460 12.93 23.05 39.59
CA ARG H 460 12.70 21.68 40.02
C ARG H 460 13.90 20.80 39.73
N LEU H 461 14.49 20.93 38.54
CA LEU H 461 15.60 20.07 38.17
C LEU H 461 16.94 20.54 38.73
N ILE H 462 17.03 21.77 39.23
CA ILE H 462 18.26 22.29 39.81
C ILE H 462 18.27 22.01 41.31
N GLY H 463 19.45 22.11 41.92
CA GLY H 463 19.57 21.97 43.36
C GLY H 463 19.33 23.31 44.05
N THR H 464 18.48 23.28 45.08
CA THR H 464 18.01 24.49 45.74
C THR H 464 17.44 25.44 44.70
N LYS H 465 18.13 26.55 44.46
CA LYS H 465 17.86 27.45 43.33
C LYS H 465 16.41 27.96 43.37
N THR H 466 16.14 28.75 44.40
CA THR H 466 14.85 29.43 44.49
C THR H 466 14.62 30.27 43.24
N CYS H 467 13.39 30.23 42.72
CA CYS H 467 13.11 30.85 41.43
C CYS H 467 13.35 32.36 41.46
N ARG H 468 13.03 33.00 42.59
CA ARG H 468 13.37 34.41 42.74
C ARG H 468 14.87 34.63 42.62
N GLN H 469 15.67 33.75 43.24
CA GLN H 469 17.12 33.82 43.06
C GLN H 469 17.51 33.53 41.63
N VAL H 470 16.75 32.68 40.93
CA VAL H 470 17.04 32.41 39.52
C VAL H 470 16.88 33.68 38.70
N TYR H 471 15.80 34.43 38.95
CA TYR H 471 15.62 35.72 38.29
C TYR H 471 16.71 36.71 38.69
N GLU H 472 17.15 36.65 39.95
CA GLU H 472 18.21 37.53 40.41
C GLU H 472 19.50 37.29 39.62
N PHE H 473 19.89 36.02 39.47
CA PHE H 473 21.07 35.71 38.66
C PHE H 473 20.86 36.06 37.19
N ARG H 474 19.65 35.85 36.66
CA ARG H 474 19.39 36.19 35.27
C ARG H 474 19.57 37.69 35.05
N VAL H 475 19.14 38.51 36.00
CA VAL H 475 19.33 39.96 35.90
C VAL H 475 20.80 40.32 36.07
N LYS H 476 21.47 39.69 37.04
CA LYS H 476 22.86 40.04 37.34
C LYS H 476 23.78 39.72 36.17
N GLU H 477 23.57 38.56 35.52
CA GLU H 477 24.42 38.19 34.41
C GLU H 477 24.32 39.20 33.26
N SER H 478 23.10 39.66 32.96
CA SER H 478 22.95 40.72 31.97
C SER H 478 23.61 42.00 32.42
N SER H 479 23.55 42.31 33.72
CA SER H 479 24.25 43.48 34.25
C SER H 479 25.75 43.35 34.06
N ILE H 480 26.30 42.16 34.31
CA ILE H 480 27.73 41.95 34.10
C ILE H 480 28.06 41.95 32.61
N ILE H 481 27.25 41.27 31.81
CA ILE H 481 27.47 41.20 30.38
C ILE H 481 26.16 40.92 29.65
N HIS H 520 28.10 2.05 -8.31
CA HIS H 520 28.13 3.50 -8.44
C HIS H 520 27.19 4.15 -7.41
N VAL H 521 26.53 3.31 -6.62
CA VAL H 521 25.58 3.78 -5.62
C VAL H 521 26.34 4.00 -4.31
N TYR H 522 26.25 5.22 -3.79
CA TYR H 522 26.94 5.58 -2.56
C TYR H 522 25.97 5.60 -1.38
N ASN H 523 26.51 5.52 -0.19
CA ASN H 523 25.70 5.62 1.02
C ASN H 523 25.24 7.05 1.24
N TYR H 524 24.05 7.19 1.80
CA TYR H 524 23.41 8.51 1.94
C TYR H 524 24.13 9.32 3.00
N GLN H 525 24.98 10.25 2.56
CA GLN H 525 25.68 11.14 3.47
C GLN H 525 24.74 12.28 3.88
N PRO H 526 24.45 12.45 5.17
CA PRO H 526 23.52 13.50 5.58
C PRO H 526 24.06 14.89 5.29
N CYS H 527 23.14 15.81 5.02
CA CYS H 527 23.46 17.21 4.79
C CYS H 527 22.66 18.07 5.77
N ASP H 528 23.31 19.08 6.34
CA ASP H 528 22.68 19.96 7.31
C ASP H 528 22.75 21.39 6.79
N HIS H 529 21.62 21.92 6.33
CA HIS H 529 21.53 23.30 5.86
C HIS H 529 20.08 23.76 5.90
N PRO H 530 19.62 24.31 7.02
CA PRO H 530 18.22 24.74 7.12
C PRO H 530 17.93 25.89 6.18
N ARG H 531 16.69 25.94 5.69
CA ARG H 531 16.22 26.98 4.77
C ARG H 531 17.09 27.05 3.52
N GLN H 532 17.46 25.89 2.99
CA GLN H 532 18.30 25.83 1.79
C GLN H 532 17.92 24.62 0.95
N PRO H 533 17.38 24.82 -0.25
CA PRO H 533 17.05 23.68 -1.11
C PRO H 533 18.30 22.92 -1.55
N CYS H 534 18.13 21.61 -1.72
CA CYS H 534 19.20 20.72 -2.17
C CYS H 534 19.04 20.55 -3.69
N ASP H 535 19.72 21.40 -4.44
CA ASP H 535 19.63 21.36 -5.91
C ASP H 535 20.91 21.94 -6.49
N SER H 536 21.74 21.08 -7.08
CA SER H 536 23.00 21.44 -7.72
C SER H 536 23.99 22.11 -6.77
N SER H 537 23.71 22.10 -5.47
CA SER H 537 24.62 22.66 -4.48
C SER H 537 24.68 21.80 -3.22
N CYS H 538 24.28 20.54 -3.31
CA CYS H 538 24.21 19.64 -2.18
C CYS H 538 24.96 18.35 -2.49
N PRO H 539 25.71 17.81 -1.52
CA PRO H 539 26.41 16.54 -1.77
C PRO H 539 25.49 15.39 -2.11
N CYS H 540 24.27 15.37 -1.56
CA CYS H 540 23.33 14.31 -1.90
C CYS H 540 22.96 14.37 -3.38
N VAL H 541 22.76 15.58 -3.92
CA VAL H 541 22.45 15.71 -5.34
C VAL H 541 23.64 15.31 -6.19
N ILE H 542 24.84 15.70 -5.78
CA ILE H 542 26.04 15.36 -6.54
C ILE H 542 26.26 13.86 -6.58
N ALA H 543 25.77 13.12 -5.58
CA ALA H 543 25.92 11.68 -5.51
C ALA H 543 24.71 10.93 -6.05
N GLN H 544 23.76 11.64 -6.68
CA GLN H 544 22.50 11.05 -7.15
C GLN H 544 21.85 10.20 -6.07
N ASN H 545 21.78 10.75 -4.85
CA ASN H 545 21.20 10.06 -3.72
C ASN H 545 20.15 10.94 -3.06
N PHE H 546 19.15 10.30 -2.47
CA PHE H 546 18.06 11.00 -1.80
C PHE H 546 18.49 11.44 -0.41
N CYS H 547 17.98 12.60 0.01
CA CYS H 547 18.13 13.01 1.40
C CYS H 547 17.31 12.10 2.30
N GLU H 548 17.90 11.67 3.41
CA GLU H 548 17.26 10.79 4.35
C GLU H 548 16.84 11.55 5.60
N LYS H 549 16.33 10.83 6.60
CA LYS H 549 15.91 11.45 7.84
C LYS H 549 17.07 12.15 8.53
N PHE H 550 18.28 11.61 8.41
CA PHE H 550 19.44 12.24 9.05
C PHE H 550 19.80 13.58 8.42
N CYS H 551 19.39 13.81 7.17
CA CYS H 551 19.59 15.12 6.57
C CYS H 551 18.79 16.17 7.33
N GLN H 552 19.41 17.32 7.57
CA GLN H 552 18.81 18.40 8.34
C GLN H 552 18.26 19.51 7.45
N CYS H 553 18.10 19.26 6.15
CA CYS H 553 17.58 20.26 5.24
C CYS H 553 16.09 20.47 5.50
N SER H 554 15.47 21.33 4.68
CA SER H 554 14.06 21.62 4.83
C SER H 554 13.22 20.36 4.62
N SER H 555 12.13 20.25 5.38
CA SER H 555 11.28 19.07 5.30
C SER H 555 10.63 18.91 3.94
N GLU H 556 10.60 19.97 3.13
CA GLU H 556 10.08 19.92 1.77
C GLU H 556 11.22 19.93 0.75
N CYS H 557 12.32 19.25 1.06
CA CYS H 557 13.47 19.22 0.17
C CYS H 557 13.14 18.50 -1.14
N GLN H 558 13.81 18.92 -2.21
CA GLN H 558 13.55 18.35 -3.52
C GLN H 558 14.03 16.90 -3.62
N ASN H 559 15.19 16.60 -3.04
CA ASN H 559 15.77 15.27 -3.14
C ASN H 559 15.25 14.30 -2.08
N ARG H 560 14.37 14.75 -1.19
CA ARG H 560 13.86 13.86 -0.15
C ARG H 560 13.10 12.70 -0.77
N PHE H 561 13.42 11.49 -0.32
CA PHE H 561 12.79 10.30 -0.85
C PHE H 561 11.42 10.11 -0.19
N PRO H 562 10.33 10.09 -0.96
CA PRO H 562 9.01 9.84 -0.35
C PRO H 562 8.92 8.40 0.12
N GLY H 563 8.45 8.21 1.34
CA GLY H 563 8.24 6.86 1.86
C GLY H 563 7.23 6.11 1.05
N CYS H 564 7.62 4.96 0.50
CA CYS H 564 6.71 4.19 -0.35
C CYS H 564 5.57 3.61 0.49
N ARG H 565 4.35 3.72 -0.04
CA ARG H 565 3.14 3.29 0.71
C ARG H 565 2.67 1.91 0.23
N CYS H 566 3.56 0.92 0.25
CA CYS H 566 3.18 -0.44 -0.12
C CYS H 566 2.16 -1.00 0.85
N LYS H 567 1.29 -1.85 0.31
CA LYS H 567 0.30 -2.54 1.19
C LYS H 567 1.07 -3.58 2.02
N ALA H 568 2.04 -4.28 1.41
CA ALA H 568 2.81 -5.28 2.12
C ALA H 568 3.94 -5.80 1.24
N GLN H 569 4.98 -6.31 1.91
CA GLN H 569 6.00 -7.21 1.38
C GLN H 569 7.01 -6.56 0.45
N CYS H 570 6.75 -5.33 -0.01
CA CYS H 570 7.73 -4.50 -0.70
C CYS H 570 8.66 -5.26 -1.64
N ASN H 571 8.15 -6.31 -2.29
CA ASN H 571 9.04 -7.18 -3.11
C ASN H 571 8.73 -7.05 -4.60
N THR H 572 7.71 -6.27 -4.96
CA THR H 572 7.43 -6.05 -6.39
C THR H 572 8.27 -4.88 -6.87
N LYS H 573 8.63 -4.87 -8.15
CA LYS H 573 9.39 -3.73 -8.72
C LYS H 573 8.54 -2.46 -8.59
N GLN H 574 7.27 -2.62 -8.26
CA GLN H 574 6.34 -1.46 -8.12
C GLN H 574 6.91 -0.44 -7.12
N CYS H 575 7.43 -0.90 -5.98
CA CYS H 575 7.88 0.08 -4.95
C CYS H 575 9.19 0.77 -5.44
N PRO H 576 9.23 2.13 -5.53
CA PRO H 576 10.39 2.96 -5.86
C PRO H 576 11.66 2.55 -5.12
N CYS H 577 11.55 2.11 -3.87
CA CYS H 577 12.71 1.56 -3.18
C CYS H 577 13.19 0.30 -3.88
N TYR H 578 12.26 -0.61 -4.18
CA TYR H 578 12.62 -1.85 -4.87
C TYR H 578 13.08 -1.57 -6.30
N LEU H 579 12.41 -0.65 -7.00
CA LEU H 579 12.74 -0.37 -8.38
C LEU H 579 14.09 0.31 -8.55
N ALA H 580 14.59 0.99 -7.52
CA ALA H 580 15.85 1.70 -7.60
C ALA H 580 16.94 1.05 -6.76
N VAL H 581 16.79 -0.23 -6.43
CA VAL H 581 17.74 -1.00 -5.63
C VAL H 581 17.97 -0.29 -4.30
N ARG H 582 16.96 -0.33 -3.43
CA ARG H 582 17.04 0.35 -2.14
C ARG H 582 16.20 -0.40 -1.12
N GLU H 583 16.53 -0.18 0.15
CA GLU H 583 15.76 -0.71 1.26
C GLU H 583 14.73 0.33 1.69
N CYS H 584 14.10 0.13 2.84
CA CYS H 584 13.07 1.03 3.35
C CYS H 584 13.54 1.64 4.66
N ASP H 585 13.52 2.97 4.74
CA ASP H 585 13.83 3.67 5.97
C ASP H 585 12.60 3.69 6.88
N PRO H 586 12.73 3.28 8.14
CA PRO H 586 11.55 3.28 9.03
C PRO H 586 10.92 4.65 9.23
N ASP H 587 11.70 5.73 9.10
CA ASP H 587 11.15 7.06 9.30
C ASP H 587 10.27 7.52 8.15
N LEU H 588 10.58 7.11 6.92
CA LEU H 588 9.81 7.53 5.74
C LEU H 588 8.67 6.57 5.44
N CYS H 589 9.00 5.30 5.19
CA CYS H 589 7.99 4.29 4.86
C CYS H 589 7.35 3.82 6.16
N LEU H 590 6.14 4.32 6.45
CA LEU H 590 5.45 3.99 7.69
C LEU H 590 4.58 2.74 7.56
N THR H 591 3.60 2.78 6.65
CA THR H 591 2.67 1.67 6.50
C THR H 591 3.27 0.50 5.72
N CYS H 592 4.44 0.68 5.11
CA CYS H 592 5.07 -0.43 4.39
C CYS H 592 5.45 -1.56 5.33
N GLY H 593 5.65 -1.27 6.60
CA GLY H 593 6.01 -2.28 7.58
C GLY H 593 7.46 -2.29 8.00
N ALA H 594 8.26 -1.32 7.55
CA ALA H 594 9.69 -1.27 7.89
C ALA H 594 9.96 -0.54 9.20
N ALA H 595 8.91 -0.09 9.90
CA ALA H 595 9.07 0.59 11.19
C ALA H 595 8.32 -0.09 12.32
N ASP H 596 7.13 -0.60 12.07
CA ASP H 596 6.35 -1.24 13.12
C ASP H 596 6.98 -2.54 13.56
N HIS H 597 6.84 -2.85 14.86
CA HIS H 597 7.36 -4.07 15.46
C HIS H 597 8.87 -4.19 15.23
N TRP H 598 9.61 -3.19 15.73
CA TRP H 598 11.05 -3.18 15.54
C TRP H 598 11.71 -4.36 16.25
N ASP H 599 11.25 -4.68 17.46
CA ASP H 599 11.81 -5.80 18.23
C ASP H 599 11.03 -7.05 17.90
N SER H 600 11.31 -7.61 16.73
CA SER H 600 10.64 -8.82 16.25
C SER H 600 11.52 -9.47 15.19
N LYS H 601 10.96 -10.42 14.45
CA LYS H 601 11.66 -11.11 13.38
C LYS H 601 11.68 -10.21 12.14
N ASN H 602 12.02 -10.79 11.00
CA ASN H 602 12.02 -10.04 9.75
C ASN H 602 10.64 -9.44 9.49
N VAL H 603 10.63 -8.15 9.16
CA VAL H 603 9.38 -7.41 9.02
C VAL H 603 8.63 -7.86 7.78
N SER H 604 7.37 -7.44 7.65
CA SER H 604 6.57 -7.82 6.49
C SER H 604 7.22 -7.36 5.19
N CYS H 605 7.73 -6.13 5.18
CA CYS H 605 8.46 -5.62 4.02
C CYS H 605 9.73 -6.43 3.83
N LYS H 606 9.79 -7.19 2.74
CA LYS H 606 10.94 -8.04 2.46
C LYS H 606 12.13 -7.26 1.93
N ASN H 607 12.08 -5.93 1.98
CA ASN H 607 13.20 -5.09 1.58
C ASN H 607 13.86 -4.40 2.77
N CYS H 608 13.73 -5.00 3.96
CA CYS H 608 14.37 -4.46 5.16
C CYS H 608 14.94 -5.54 6.06
N SER H 609 15.17 -6.75 5.54
CA SER H 609 15.67 -7.84 6.38
C SER H 609 17.16 -7.70 6.69
N ILE H 610 17.91 -6.93 5.89
CA ILE H 610 19.32 -6.72 6.19
C ILE H 610 19.48 -5.85 7.43
N GLN H 611 18.71 -4.77 7.51
CA GLN H 611 18.80 -3.89 8.67
C GLN H 611 18.34 -4.60 9.94
N ARG H 612 17.28 -5.40 9.84
CA ARG H 612 16.76 -6.10 11.01
C ARG H 612 17.74 -7.14 11.56
N GLY H 613 18.66 -7.62 10.74
CA GLY H 613 19.67 -8.56 11.18
C GLY H 613 19.28 -10.03 11.09
N SER H 614 18.05 -10.34 10.71
CA SER H 614 17.62 -11.73 10.62
C SER H 614 18.18 -12.37 9.34
N LYS H 615 18.79 -13.54 9.49
CA LYS H 615 19.37 -14.26 8.38
C LYS H 615 19.21 -15.76 8.64
N LYS H 616 19.82 -16.57 7.77
CA LYS H 616 19.69 -18.02 7.83
C LYS H 616 20.93 -18.65 8.42
N HIS H 617 20.73 -19.77 9.13
CA HIS H 617 21.82 -20.47 9.79
C HIS H 617 22.65 -21.23 8.77
N LEU H 618 23.97 -21.11 8.88
CA LEU H 618 24.90 -21.78 7.98
C LEU H 618 25.79 -22.72 8.78
N LEU H 619 26.22 -23.79 8.12
CA LEU H 619 27.04 -24.82 8.76
C LEU H 619 28.38 -24.94 8.03
N LEU H 620 29.33 -25.58 8.70
CA LEU H 620 30.70 -25.70 8.21
C LEU H 620 31.07 -27.18 8.08
N ALA H 621 31.65 -27.54 6.94
CA ALA H 621 32.03 -28.92 6.66
C ALA H 621 33.09 -28.90 5.58
N PRO H 622 33.86 -29.98 5.43
CA PRO H 622 34.82 -30.06 4.31
C PRO H 622 34.07 -30.08 2.98
N SER H 623 34.42 -29.14 2.10
CA SER H 623 33.69 -28.99 0.86
C SER H 623 33.94 -30.18 -0.06
N ASP H 624 32.90 -30.59 -0.77
CA ASP H 624 33.02 -31.66 -1.75
C ASP H 624 33.78 -31.23 -3.00
N VAL H 625 34.07 -29.95 -3.15
CA VAL H 625 34.82 -29.47 -4.30
C VAL H 625 36.27 -29.21 -3.88
N ALA H 626 36.46 -28.35 -2.87
CA ALA H 626 37.79 -28.02 -2.40
C ALA H 626 37.69 -27.29 -1.07
N GLY H 627 38.53 -27.67 -0.12
CA GLY H 627 38.61 -26.96 1.14
C GLY H 627 37.32 -27.04 1.94
N TRP H 628 36.91 -25.90 2.48
CA TRP H 628 35.72 -25.79 3.30
C TRP H 628 34.57 -25.17 2.50
N GLY H 629 33.36 -25.42 2.97
CA GLY H 629 32.18 -24.86 2.33
C GLY H 629 31.09 -24.61 3.35
N ILE H 630 30.27 -23.60 3.08
CA ILE H 630 29.16 -23.23 3.95
C ILE H 630 27.94 -24.00 3.48
N PHE H 631 27.35 -24.79 4.39
CA PHE H 631 26.26 -25.69 4.06
C PHE H 631 25.01 -25.23 4.81
N ILE H 632 24.01 -24.71 4.09
CA ILE H 632 22.83 -24.21 4.78
C ILE H 632 22.02 -25.37 5.32
N LYS H 633 21.51 -25.20 6.54
CA LYS H 633 20.71 -26.22 7.19
C LYS H 633 19.25 -26.19 6.76
N ASP H 634 18.77 -25.07 6.24
CA ASP H 634 17.38 -24.93 5.84
C ASP H 634 17.28 -24.58 4.35
N PRO H 635 16.17 -24.93 3.70
CA PRO H 635 16.02 -24.62 2.28
C PRO H 635 15.67 -23.16 2.05
N VAL H 636 16.22 -22.60 0.96
CA VAL H 636 16.00 -21.21 0.58
C VAL H 636 15.40 -21.19 -0.82
N GLN H 637 14.31 -20.44 -0.99
CA GLN H 637 13.60 -20.38 -2.25
C GLN H 637 14.28 -19.37 -3.19
N LYS H 638 13.61 -19.05 -4.28
CA LYS H 638 14.16 -18.13 -5.28
C LYS H 638 14.15 -16.70 -4.75
N ASN H 639 15.30 -16.04 -4.85
CA ASN H 639 15.44 -14.63 -4.45
C ASN H 639 15.01 -14.42 -3.01
N GLU H 640 15.72 -15.07 -2.10
CA GLU H 640 15.44 -14.98 -0.68
C GLU H 640 16.73 -14.67 0.08
N PHE H 641 16.60 -13.89 1.15
CA PHE H 641 17.75 -13.54 1.95
C PHE H 641 18.28 -14.77 2.69
N ILE H 642 19.59 -14.97 2.63
CA ILE H 642 20.27 -16.05 3.31
C ILE H 642 21.15 -15.54 4.45
N SER H 643 22.03 -14.59 4.15
CA SER H 643 22.90 -13.97 5.14
C SER H 643 23.52 -12.72 4.55
N GLU H 644 24.05 -11.88 5.41
CA GLU H 644 24.74 -10.66 5.01
C GLU H 644 26.23 -10.93 4.98
N TYR H 645 26.88 -10.56 3.87
CA TYR H 645 28.31 -10.75 3.72
C TYR H 645 29.03 -9.58 4.40
N CYS H 646 29.18 -9.70 5.72
CA CYS H 646 29.79 -8.66 6.52
C CYS H 646 31.31 -8.74 6.40
N GLY H 647 32.01 -7.97 7.21
CA GLY H 647 33.45 -7.95 7.19
C GLY H 647 33.95 -6.63 7.74
N GLU H 648 35.06 -6.16 7.16
CA GLU H 648 35.70 -4.90 7.56
C GLU H 648 35.81 -4.00 6.34
N ILE H 649 35.24 -2.79 6.44
CA ILE H 649 35.39 -1.82 5.37
C ILE H 649 36.84 -1.40 5.23
N ILE H 650 37.35 -1.46 4.02
CA ILE H 650 38.66 -0.90 3.69
C ILE H 650 38.57 -0.22 2.33
N SER H 651 39.32 0.86 2.18
CA SER H 651 39.34 1.57 0.93
C SER H 651 39.89 0.69 -0.18
N GLN H 652 39.76 1.16 -1.42
CA GLN H 652 40.17 0.37 -2.57
C GLN H 652 41.66 0.05 -2.50
N ASP H 653 42.47 1.00 -2.04
CA ASP H 653 43.90 0.76 -1.89
C ASP H 653 44.17 -0.22 -0.76
N GLU H 654 43.53 -0.01 0.39
CA GLU H 654 43.64 -0.98 1.48
C GLU H 654 43.04 -2.31 1.09
N ALA H 655 41.99 -2.30 0.26
CA ALA H 655 41.48 -3.55 -0.29
C ALA H 655 42.53 -4.26 -1.12
N ASP H 656 43.30 -3.51 -1.91
CA ASP H 656 44.35 -4.10 -2.73
C ASP H 656 45.41 -4.75 -1.84
N ARG H 657 45.87 -4.03 -0.81
CA ARG H 657 46.88 -4.59 0.08
C ARG H 657 46.36 -5.82 0.82
N ARG H 658 45.14 -5.75 1.36
CA ARG H 658 44.58 -6.89 2.07
C ARG H 658 44.40 -8.08 1.15
N GLY H 659 43.94 -7.84 -0.08
CA GLY H 659 43.77 -8.93 -1.02
C GLY H 659 45.07 -9.58 -1.41
N LYS H 660 46.13 -8.77 -1.57
CA LYS H 660 47.45 -9.34 -1.84
C LYS H 660 47.92 -10.20 -0.67
N VAL H 661 47.72 -9.72 0.55
CA VAL H 661 48.11 -10.50 1.72
C VAL H 661 47.34 -11.81 1.77
N TYR H 662 46.03 -11.77 1.49
CA TYR H 662 45.21 -12.98 1.54
C TYR H 662 45.59 -13.95 0.41
N ASP H 663 45.89 -13.42 -0.78
CA ASP H 663 46.26 -14.26 -1.90
C ASP H 663 47.69 -14.78 -1.80
N LYS H 664 48.48 -14.25 -0.87
CA LYS H 664 49.80 -14.84 -0.60
C LYS H 664 49.69 -16.34 -0.31
N TYR H 665 48.63 -16.75 0.38
CA TYR H 665 48.34 -18.16 0.58
C TYR H 665 47.20 -18.66 -0.31
N MET H 666 46.82 -17.86 -1.31
CA MET H 666 45.92 -18.29 -2.39
C MET H 666 44.51 -18.63 -1.87
N CYS H 667 43.96 -17.72 -1.08
CA CYS H 667 42.55 -17.83 -0.66
C CYS H 667 42.08 -16.43 -0.29
N SER H 668 41.32 -15.80 -1.19
CA SER H 668 40.85 -14.44 -1.00
C SER H 668 39.37 -14.41 -0.62
N PHE H 669 38.99 -13.39 0.14
CA PHE H 669 37.61 -13.20 0.56
C PHE H 669 37.10 -11.81 0.22
N LEU H 670 37.79 -11.10 -0.67
CA LEU H 670 37.42 -9.73 -1.00
C LEU H 670 36.13 -9.70 -1.81
N PHE H 671 35.29 -8.71 -1.54
CA PHE H 671 34.02 -8.53 -2.23
C PHE H 671 33.74 -7.05 -2.36
N ASN H 672 33.01 -6.67 -3.40
CA ASN H 672 32.73 -5.28 -3.72
C ASN H 672 31.36 -4.88 -3.19
N LEU H 673 31.30 -3.74 -2.51
CA LEU H 673 30.07 -3.22 -1.92
C LEU H 673 29.61 -1.94 -2.59
N ASN H 674 30.47 -0.93 -2.66
CA ASN H 674 30.14 0.32 -3.35
C ASN H 674 31.29 0.72 -4.27
N ASN H 675 31.23 1.93 -4.83
CA ASN H 675 32.29 2.38 -5.72
C ASN H 675 33.62 2.53 -4.99
N ASP H 676 33.59 3.08 -3.78
CA ASP H 676 34.80 3.33 -3.00
C ASP H 676 34.85 2.49 -1.72
N PHE H 677 34.01 1.47 -1.61
CA PHE H 677 33.95 0.63 -0.43
C PHE H 677 34.10 -0.83 -0.84
N VAL H 678 34.92 -1.57 -0.09
CA VAL H 678 35.16 -2.99 -0.33
C VAL H 678 35.12 -3.72 1.00
N VAL H 679 34.40 -4.83 1.05
CA VAL H 679 34.28 -5.64 2.26
C VAL H 679 35.21 -6.83 2.12
N ASP H 680 36.13 -6.99 3.09
CA ASP H 680 37.06 -8.10 3.13
C ASP H 680 36.86 -8.83 4.46
N ALA H 681 36.58 -10.13 4.39
CA ALA H 681 36.19 -10.91 5.55
C ALA H 681 37.14 -12.07 5.80
N THR H 682 38.45 -11.82 5.68
CA THR H 682 39.42 -12.86 5.99
C THR H 682 39.71 -12.92 7.48
N ARG H 683 40.23 -11.83 8.04
CA ARG H 683 40.52 -11.79 9.47
C ARG H 683 39.27 -11.61 10.32
N LYS H 684 38.18 -11.09 9.73
CA LYS H 684 36.96 -10.84 10.49
C LYS H 684 35.79 -10.97 9.52
N GLY H 685 34.94 -11.96 9.75
CA GLY H 685 33.80 -12.19 8.88
C GLY H 685 32.76 -13.05 9.56
N ASN H 686 32.03 -13.82 8.75
CA ASN H 686 31.00 -14.73 9.25
C ASN H 686 31.11 -16.05 8.50
N LYS H 687 30.17 -16.96 8.77
CA LYS H 687 30.16 -18.26 8.12
C LYS H 687 29.88 -18.16 6.62
N ILE H 688 29.35 -17.03 6.15
CA ILE H 688 29.02 -16.87 4.73
C ILE H 688 30.25 -16.60 3.88
N ARG H 689 31.44 -16.58 4.46
CA ARG H 689 32.66 -16.36 3.69
C ARG H 689 33.14 -17.62 2.96
N PHE H 690 32.60 -18.79 3.31
CA PHE H 690 32.99 -20.04 2.65
C PHE H 690 32.01 -20.36 1.53
N ALA H 691 32.13 -19.62 0.44
CA ALA H 691 31.26 -19.76 -0.72
C ALA H 691 32.05 -20.34 -1.88
N ASN H 692 31.60 -21.48 -2.39
CA ASN H 692 32.25 -22.11 -3.52
C ASN H 692 31.74 -21.52 -4.84
N HIS H 693 32.42 -21.88 -5.92
CA HIS H 693 32.17 -21.28 -7.23
C HIS H 693 31.84 -22.34 -8.28
N SER H 694 30.97 -21.96 -9.21
CA SER H 694 30.69 -22.76 -10.40
C SER H 694 30.11 -21.86 -11.48
N VAL H 695 30.10 -22.39 -12.71
CA VAL H 695 29.46 -21.68 -13.82
C VAL H 695 27.94 -21.69 -13.72
N ASN H 696 27.37 -22.51 -12.84
CA ASN H 696 25.93 -22.57 -12.62
C ASN H 696 25.66 -22.41 -11.12
N PRO H 697 25.79 -21.21 -10.58
CA PRO H 697 25.59 -21.01 -9.15
C PRO H 697 24.15 -21.24 -8.74
N ASN H 698 23.98 -21.55 -7.46
CA ASN H 698 22.66 -21.64 -6.84
C ASN H 698 22.32 -20.40 -6.03
N CYS H 699 23.16 -19.36 -6.10
CA CYS H 699 22.95 -18.14 -5.34
C CYS H 699 23.54 -16.96 -6.10
N TYR H 700 23.10 -15.75 -5.73
CA TYR H 700 23.59 -14.54 -6.35
C TYR H 700 23.60 -13.43 -5.31
N ALA H 701 24.41 -12.39 -5.58
CA ALA H 701 24.61 -11.31 -4.65
C ALA H 701 24.04 -10.01 -5.20
N LYS H 702 23.37 -9.25 -4.32
CA LYS H 702 22.80 -7.95 -4.70
C LYS H 702 22.91 -7.01 -3.50
N VAL H 703 23.55 -5.86 -3.72
CA VAL H 703 23.77 -4.90 -2.65
C VAL H 703 22.59 -3.95 -2.58
N MET H 704 22.10 -3.72 -1.36
CA MET H 704 20.95 -2.85 -1.11
C MET H 704 21.34 -1.81 -0.06
N MET H 705 20.95 -0.55 -0.31
CA MET H 705 21.29 0.55 0.59
C MET H 705 20.24 0.61 1.71
N VAL H 706 20.67 0.29 2.94
CA VAL H 706 19.78 0.24 4.10
C VAL H 706 20.13 1.39 5.03
N ASN H 707 19.17 2.28 5.24
CA ASN H 707 19.28 3.39 6.20
C ASN H 707 20.55 4.21 5.97
N GLY H 708 20.77 4.57 4.70
CA GLY H 708 21.95 5.35 4.37
C GLY H 708 23.25 4.58 4.48
N ASP H 709 23.20 3.26 4.49
CA ASP H 709 24.38 2.42 4.57
C ASP H 709 24.25 1.29 3.55
N HIS H 710 25.39 0.84 3.04
CA HIS H 710 25.43 -0.22 2.05
C HIS H 710 25.82 -1.53 2.72
N ARG H 711 24.98 -2.55 2.57
CA ARG H 711 25.20 -3.85 3.21
C ARG H 711 24.87 -4.94 2.20
N ILE H 712 25.84 -5.82 1.93
CA ILE H 712 25.67 -6.86 0.93
C ILE H 712 24.74 -7.94 1.44
N GLY H 713 23.74 -8.29 0.64
CA GLY H 713 22.84 -9.38 0.97
C GLY H 713 22.95 -10.53 0.00
N ILE H 714 23.03 -11.76 0.51
CA ILE H 714 23.17 -12.94 -0.33
C ILE H 714 21.79 -13.52 -0.60
N PHE H 715 21.50 -13.76 -1.89
CA PHE H 715 20.19 -14.22 -2.32
C PHE H 715 20.34 -15.50 -3.13
N ALA H 716 19.38 -16.41 -2.95
CA ALA H 716 19.40 -17.70 -3.64
C ALA H 716 18.84 -17.56 -5.06
N LYS H 717 19.53 -18.16 -6.03
CA LYS H 717 19.10 -18.05 -7.42
C LYS H 717 17.91 -18.93 -7.73
N ARG H 718 17.83 -20.11 -7.12
CA ARG H 718 16.75 -21.06 -7.37
C ARG H 718 16.29 -21.64 -6.04
N ALA H 719 15.28 -22.51 -6.11
CA ALA H 719 14.75 -23.16 -4.92
C ALA H 719 15.77 -24.20 -4.45
N ILE H 720 16.56 -23.83 -3.45
CA ILE H 720 17.62 -24.70 -2.94
C ILE H 720 17.02 -25.62 -1.89
N GLN H 721 17.16 -26.92 -2.09
CA GLN H 721 16.70 -27.88 -1.10
C GLN H 721 17.70 -28.01 0.06
N THR H 722 17.29 -28.71 1.11
CA THR H 722 18.04 -28.69 2.36
C THR H 722 19.40 -29.35 2.23
N GLY H 723 20.41 -28.69 2.78
CA GLY H 723 21.68 -29.32 3.11
C GLY H 723 22.68 -29.48 1.98
N GLU H 724 22.59 -28.72 0.90
CA GLU H 724 23.59 -28.87 -0.14
C GLU H 724 24.67 -27.81 -0.02
N GLU H 725 25.79 -28.06 -0.68
CA GLU H 725 26.85 -27.08 -0.80
C GLU H 725 26.45 -25.96 -1.76
N LEU H 726 26.63 -24.72 -1.32
CA LEU H 726 26.13 -23.56 -2.03
C LEU H 726 27.14 -23.12 -3.09
N PHE H 727 26.78 -22.05 -3.81
CA PHE H 727 27.66 -21.52 -4.84
C PHE H 727 27.48 -20.01 -4.92
N PHE H 728 28.41 -19.37 -5.63
CA PHE H 728 28.30 -17.95 -5.95
C PHE H 728 29.28 -17.62 -7.07
N ASP H 729 28.80 -16.99 -8.14
CA ASP H 729 29.63 -16.70 -9.30
C ASP H 729 30.67 -15.63 -8.94
N TYR H 730 31.94 -16.03 -8.89
CA TYR H 730 33.01 -15.07 -8.60
C TYR H 730 33.12 -13.99 -9.66
N ARG H 731 32.59 -14.22 -10.87
CA ARG H 731 32.67 -13.24 -11.93
C ARG H 731 31.95 -11.94 -11.57
N TYR H 732 30.94 -12.01 -10.70
CA TYR H 732 30.26 -10.80 -10.25
C TYR H 732 31.20 -9.91 -9.44
N SER H 733 32.04 -10.52 -8.60
CA SER H 733 32.95 -9.77 -7.76
C SER H 733 34.17 -9.32 -8.56
N GLN H 734 35.01 -8.50 -7.91
CA GLN H 734 36.26 -8.08 -8.53
C GLN H 734 37.18 -9.27 -8.76
N ALA H 735 37.25 -10.19 -7.80
CA ALA H 735 38.05 -11.40 -7.92
C ALA H 735 37.18 -12.47 -8.57
N ASP H 736 37.42 -12.71 -9.85
CA ASP H 736 36.65 -13.70 -10.61
C ASP H 736 37.37 -15.04 -10.62
N GLN I 68 66.62 -50.49 -8.40
CA GLN I 68 67.74 -49.59 -8.17
C GLN I 68 67.26 -48.20 -7.80
N ALA I 69 67.26 -47.90 -6.49
CA ALA I 69 66.82 -46.61 -5.97
C ALA I 69 65.41 -46.29 -6.45
N ASP I 70 65.31 -45.48 -7.51
CA ASP I 70 64.01 -45.13 -8.06
C ASP I 70 63.28 -46.36 -8.58
N HIS I 71 64.00 -47.27 -9.24
CA HIS I 71 63.38 -48.47 -9.79
C HIS I 71 62.85 -49.36 -8.67
N GLU I 72 63.65 -49.56 -7.62
CA GLU I 72 63.20 -50.37 -6.49
C GLU I 72 62.01 -49.73 -5.77
N LEU I 73 62.05 -48.41 -5.60
CA LEU I 73 60.93 -47.73 -4.95
C LEU I 73 59.66 -47.86 -5.79
N PHE I 74 59.79 -47.74 -7.12
CA PHE I 74 58.63 -47.91 -7.99
C PHE I 74 58.09 -49.33 -7.92
N LEU I 75 58.98 -50.32 -7.88
CA LEU I 75 58.54 -51.70 -7.75
C LEU I 75 57.79 -51.91 -6.45
N GLN I 76 58.30 -51.37 -5.34
CA GLN I 76 57.62 -51.51 -4.05
C GLN I 76 56.28 -50.79 -4.06
N ALA I 77 56.22 -49.59 -4.64
CA ALA I 77 55.00 -48.80 -4.68
C ALA I 77 53.99 -49.34 -5.69
N PHE I 78 54.40 -50.22 -6.58
CA PHE I 78 53.45 -50.97 -7.40
C PHE I 78 52.99 -52.23 -6.68
N GLU I 79 53.90 -52.89 -5.97
CA GLU I 79 53.55 -54.10 -5.23
C GLU I 79 52.53 -53.80 -4.14
N LYS I 80 52.73 -52.71 -3.40
CA LYS I 80 51.89 -52.43 -2.23
C LYS I 80 50.41 -52.36 -2.56
N PRO I 81 49.95 -51.59 -3.57
CA PRO I 81 48.53 -51.66 -3.91
C PRO I 81 48.16 -53.00 -4.52
N THR I 82 49.02 -53.55 -5.37
CA THR I 82 48.78 -54.88 -5.91
C THR I 82 48.72 -55.91 -4.80
N GLN I 83 49.61 -55.81 -3.80
CA GLN I 83 49.57 -56.75 -2.68
C GLN I 83 48.31 -56.59 -1.86
N ILE I 84 47.89 -55.34 -1.60
CA ILE I 84 46.68 -55.11 -0.82
C ILE I 84 45.47 -55.72 -1.52
N TYR I 85 45.35 -55.47 -2.82
CA TYR I 85 44.29 -56.10 -3.59
C TYR I 85 44.43 -57.61 -3.58
N ARG I 86 45.65 -58.12 -3.54
CA ARG I 86 45.86 -59.56 -3.49
C ARG I 86 45.29 -60.16 -2.22
N PHE I 87 45.57 -59.54 -1.06
CA PHE I 87 45.01 -60.09 0.16
C PHE I 87 43.49 -59.93 0.19
N LEU I 88 42.99 -58.80 -0.31
CA LEU I 88 41.54 -58.61 -0.36
C LEU I 88 40.87 -59.67 -1.22
N ARG I 89 41.49 -60.01 -2.36
CA ARG I 89 40.91 -61.01 -3.25
C ARG I 89 41.05 -62.42 -2.71
N THR I 90 42.16 -62.72 -2.03
CA THR I 90 42.31 -64.03 -1.41
C THR I 90 41.27 -64.20 -0.31
N ARG I 91 40.98 -63.13 0.44
CA ARG I 91 39.84 -63.17 1.35
C ARG I 91 38.55 -63.41 0.58
N ASN I 92 38.39 -62.73 -0.56
CA ASN I 92 37.28 -63.04 -1.46
C ASN I 92 37.40 -64.46 -2.00
N LEU I 93 38.63 -64.89 -2.30
CA LEU I 93 38.84 -66.28 -2.71
C LEU I 93 38.49 -67.25 -1.59
N ILE I 94 38.85 -66.91 -0.35
CA ILE I 94 38.55 -67.79 0.78
C ILE I 94 37.05 -67.81 1.05
N ALA I 95 36.39 -66.66 0.97
CA ALA I 95 34.96 -66.57 1.26
C ALA I 95 34.35 -65.43 0.44
N PRO I 96 33.70 -65.74 -0.67
CA PRO I 96 32.97 -64.72 -1.42
C PRO I 96 31.72 -64.27 -0.68
N ILE I 97 31.19 -63.13 -1.12
CA ILE I 97 30.09 -62.48 -0.41
C ILE I 97 28.75 -62.87 -1.01
N PHE I 98 28.62 -62.77 -2.33
CA PHE I 98 27.35 -62.98 -3.00
C PHE I 98 27.52 -63.99 -4.12
N LEU I 99 26.44 -64.72 -4.41
CA LEU I 99 26.45 -65.71 -5.48
C LEU I 99 26.63 -65.02 -6.82
N HIS I 100 27.71 -65.37 -7.54
CA HIS I 100 27.97 -64.78 -8.84
C HIS I 100 27.00 -65.27 -9.92
N ARG I 101 26.22 -66.32 -9.64
CA ARG I 101 25.26 -66.79 -10.62
C ARG I 101 24.04 -65.89 -10.73
N THR I 102 23.63 -65.26 -9.62
CA THR I 102 22.48 -64.37 -9.65
C THR I 102 22.72 -63.12 -10.47
N LEU I 103 23.98 -62.80 -10.80
CA LEU I 103 24.28 -61.70 -11.69
C LEU I 103 23.70 -61.98 -13.07
N THR I 104 22.71 -61.17 -13.48
CA THR I 104 22.01 -61.44 -14.72
C THR I 104 22.93 -61.38 -15.93
N TYR I 105 23.94 -60.50 -15.90
CA TYR I 105 24.87 -60.41 -17.02
C TYR I 105 25.79 -61.63 -17.11
N MET I 106 26.11 -62.25 -15.97
CA MET I 106 27.01 -63.39 -15.94
C MET I 106 26.25 -64.69 -16.25
N SER I 107 25.66 -64.72 -17.44
CA SER I 107 24.85 -65.86 -17.86
C SER I 107 25.68 -67.04 -18.33
N HIS I 108 26.97 -66.85 -18.61
CA HIS I 108 27.80 -67.95 -19.10
C HIS I 108 27.89 -69.07 -18.08
N ARG I 109 28.26 -68.73 -16.85
CA ARG I 109 28.42 -69.73 -15.81
C ARG I 109 27.09 -70.01 -15.11
N ASN I 110 27.00 -71.22 -14.55
CA ASN I 110 25.83 -71.64 -13.76
C ASN I 110 24.54 -71.55 -14.58
N SER I 111 24.61 -72.05 -15.81
CA SER I 111 23.43 -72.03 -16.69
C SER I 111 22.52 -73.21 -16.40
N ARG I 112 22.06 -73.32 -15.16
CA ARG I 112 21.17 -74.41 -14.78
C ARG I 112 19.77 -74.18 -15.35
N THR I 113 18.95 -75.21 -15.28
CA THR I 113 17.59 -75.13 -15.80
C THR I 113 16.74 -74.22 -14.92
N ASN I 114 15.96 -73.35 -15.56
CA ASN I 114 15.08 -72.41 -14.88
C ASN I 114 13.64 -72.75 -15.28
N ILE I 115 13.05 -73.69 -14.55
CA ILE I 115 11.68 -74.10 -14.80
C ILE I 115 10.95 -74.27 -13.47
N LYS I 116 10.12 -73.30 -13.12
CA LYS I 116 9.36 -73.33 -11.88
C LYS I 116 8.21 -74.31 -11.91
N ARG I 117 8.11 -75.15 -12.95
CA ARG I 117 7.04 -76.14 -13.01
C ARG I 117 7.07 -77.06 -11.80
N LYS I 118 8.24 -77.29 -11.22
CA LYS I 118 8.37 -78.05 -9.97
C LYS I 118 7.92 -77.15 -8.81
N THR I 119 6.60 -77.00 -8.71
CA THR I 119 6.02 -76.12 -7.70
C THR I 119 6.29 -76.65 -6.30
N PHE I 120 6.25 -75.73 -5.33
CA PHE I 120 6.56 -76.08 -3.95
C PHE I 120 5.55 -77.05 -3.35
N LYS I 121 4.39 -77.24 -3.99
CA LYS I 121 3.39 -78.16 -3.47
C LYS I 121 3.87 -79.61 -3.53
N VAL I 122 4.91 -79.90 -4.31
CA VAL I 122 5.45 -81.25 -4.43
C VAL I 122 6.68 -81.45 -3.56
N ASP I 123 6.82 -80.63 -2.51
CA ASP I 123 8.07 -80.55 -1.74
C ASP I 123 8.57 -81.91 -1.30
N ASP I 124 7.66 -82.77 -0.83
CA ASP I 124 8.07 -84.08 -0.31
C ASP I 124 8.74 -84.93 -1.38
N MET I 125 8.16 -84.97 -2.58
CA MET I 125 8.75 -85.76 -3.66
C MET I 125 9.98 -85.08 -4.24
N LEU I 126 9.92 -83.75 -4.42
CA LEU I 126 11.03 -83.03 -5.03
C LEU I 126 12.29 -83.10 -4.17
N SER I 127 12.14 -82.96 -2.86
CA SER I 127 13.28 -82.98 -1.95
C SER I 127 13.52 -84.37 -1.38
N HIS I 144 32.51 -103.91 16.50
CA HIS I 144 33.30 -104.52 17.56
C HIS I 144 34.78 -104.57 17.20
N LEU I 145 35.63 -104.07 18.08
CA LEU I 145 37.07 -104.04 17.86
C LEU I 145 37.77 -104.76 19.01
N GLN I 146 38.78 -105.56 18.67
CA GLN I 146 39.57 -106.32 19.64
C GLN I 146 41.03 -106.01 19.40
N LEU I 147 41.53 -104.96 20.06
CA LEU I 147 42.92 -104.54 19.91
C LEU I 147 43.80 -105.31 20.89
N THR I 148 45.06 -104.89 21.02
CA THR I 148 45.98 -105.54 21.94
C THR I 148 46.52 -104.54 22.96
N THR I 150 50.86 -104.90 23.31
CA THR I 150 52.19 -105.49 23.33
C THR I 150 53.15 -104.63 24.15
N GLY I 151 53.99 -103.88 23.45
CA GLY I 151 54.95 -103.02 24.13
C GLY I 151 55.64 -102.11 23.14
N PHE I 152 56.31 -101.10 23.68
CA PHE I 152 57.02 -100.13 22.85
C PHE I 152 58.28 -100.75 22.26
N PHE I 153 58.62 -100.30 21.05
CA PHE I 153 59.81 -100.75 20.34
C PHE I 153 60.81 -99.59 20.28
N HIS I 154 62.01 -99.82 20.77
CA HIS I 154 63.05 -98.80 20.78
C HIS I 154 64.44 -99.42 20.82
N VAL I 170 55.37 -100.63 32.42
CA VAL I 170 55.06 -99.27 31.99
C VAL I 170 53.56 -99.10 31.81
N THR I 171 52.91 -98.53 32.82
CA THR I 171 51.47 -98.31 32.76
C THR I 171 51.15 -97.18 31.78
N LEU I 172 50.16 -97.41 30.91
CA LEU I 172 49.75 -96.44 29.92
C LEU I 172 48.25 -96.28 29.94
N GLU I 173 47.78 -95.08 29.59
CA GLU I 173 46.36 -94.77 29.57
C GLU I 173 45.99 -94.19 28.21
N VAL I 174 44.74 -94.41 27.82
CA VAL I 174 44.20 -93.92 26.55
C VAL I 174 43.15 -92.86 26.86
N LEU I 175 43.30 -91.68 26.26
CA LEU I 175 42.41 -90.55 26.50
C LEU I 175 41.67 -90.20 25.21
N LEU I 176 40.62 -89.41 25.35
CA LEU I 176 39.80 -88.97 24.23
C LEU I 176 39.91 -87.46 24.06
N VAL I 177 40.19 -87.02 22.85
CA VAL I 177 40.28 -85.61 22.51
C VAL I 177 39.14 -85.28 21.54
N LYS I 178 38.30 -84.34 21.91
CA LYS I 178 37.11 -84.00 21.14
C LYS I 178 37.20 -82.56 20.66
N VAL I 179 36.92 -82.36 19.37
CA VAL I 179 36.81 -81.03 18.78
C VAL I 179 35.34 -80.74 18.53
N CYS I 180 34.92 -79.52 18.88
CA CYS I 180 33.51 -79.13 18.82
C CYS I 180 33.35 -77.90 17.93
N HIS I 181 32.14 -77.36 17.92
CA HIS I 181 31.81 -76.16 17.15
C HIS I 181 31.90 -74.94 18.04
N LYS I 182 32.58 -73.91 17.56
CA LYS I 182 32.76 -72.67 18.32
C LYS I 182 31.42 -71.93 18.37
N LYS I 183 30.72 -72.05 19.49
CA LYS I 183 29.43 -71.42 19.66
C LYS I 183 29.60 -69.93 19.98
N ARG I 184 28.46 -69.24 20.20
CA ARG I 184 28.52 -67.83 20.53
C ARG I 184 29.00 -67.61 21.96
N LYS I 185 28.52 -68.43 22.89
CA LYS I 185 28.89 -68.25 24.30
C LYS I 185 30.38 -68.49 24.53
N ASP I 186 30.93 -69.54 23.92
CA ASP I 186 32.33 -69.90 24.11
C ASP I 186 33.11 -69.59 22.85
N VAL I 187 34.18 -68.81 22.99
CA VAL I 187 35.00 -68.44 21.84
C VAL I 187 35.66 -69.67 21.23
N SER I 188 36.18 -70.55 22.08
CA SER I 188 36.84 -71.77 21.63
C SER I 188 35.91 -72.97 21.76
N CYS I 189 36.21 -74.00 20.99
CA CYS I 189 35.39 -75.21 21.02
C CYS I 189 35.64 -75.97 22.31
N PRO I 190 34.59 -76.31 23.07
CA PRO I 190 34.80 -77.08 24.30
C PRO I 190 35.39 -78.46 24.00
N ILE I 191 36.25 -78.91 24.91
CA ILE I 191 36.91 -80.21 24.78
C ILE I 191 36.65 -80.99 26.06
N ARG I 192 36.16 -82.22 25.92
CA ARG I 192 35.88 -83.11 27.04
C ARG I 192 36.79 -84.32 26.94
N GLN I 193 37.42 -84.69 28.05
CA GLN I 193 38.36 -85.80 28.10
C GLN I 193 37.72 -86.96 28.85
N VAL I 194 37.77 -88.15 28.25
CA VAL I 194 37.25 -89.37 28.86
C VAL I 194 38.34 -90.43 28.83
N PRO I 195 39.30 -90.40 29.76
CA PRO I 195 40.42 -91.33 29.71
C PRO I 195 40.00 -92.72 30.17
N THR I 196 40.97 -93.63 30.17
CA THR I 196 40.74 -95.01 30.58
C THR I 196 41.71 -95.43 31.67
N GLY I 197 41.73 -96.71 32.00
CA GLY I 197 42.61 -97.22 33.04
C GLY I 197 44.02 -97.48 32.53
N LYS I 198 44.80 -98.13 33.38
CA LYS I 198 46.19 -98.46 33.07
C LYS I 198 46.44 -99.93 33.35
N LYS I 199 47.36 -100.51 32.58
CA LYS I 199 47.71 -101.92 32.70
C LYS I 199 49.22 -102.07 32.72
N GLN I 200 49.69 -103.14 33.35
CA GLN I 200 51.13 -103.41 33.46
C GLN I 200 51.60 -104.17 32.23
N VAL I 201 51.59 -103.47 31.10
CA VAL I 201 52.04 -104.02 29.82
C VAL I 201 53.55 -104.25 29.88
N PRO I 202 54.07 -105.27 29.22
CA PRO I 202 55.53 -105.48 29.22
C PRO I 202 56.25 -104.30 28.58
N LEU I 203 57.42 -103.98 29.14
CA LEU I 203 58.25 -102.88 28.63
C LEU I 203 59.21 -103.45 27.60
N ASN I 204 58.90 -103.26 26.32
CA ASN I 204 59.70 -103.75 25.20
C ASN I 204 59.92 -105.26 25.30
N PRO I 205 58.86 -106.07 25.11
CA PRO I 205 59.00 -107.52 25.21
C PRO I 205 59.74 -108.13 24.03
N ALA I 219 43.18 -105.63 24.04
CA ALA I 219 42.30 -104.50 24.30
C ALA I 219 40.95 -104.68 23.59
N VAL I 220 39.89 -104.23 24.23
CA VAL I 220 38.53 -104.31 23.70
C VAL I 220 37.96 -102.91 23.62
N SER I 221 37.40 -102.57 22.46
CA SER I 221 36.83 -101.24 22.27
C SER I 221 35.58 -101.06 23.13
N SER I 222 35.47 -99.88 23.75
CA SER I 222 34.33 -99.54 24.58
C SER I 222 33.36 -98.64 23.82
N ASN I 223 32.11 -98.63 24.28
CA ASN I 223 31.07 -97.82 23.65
C ASN I 223 30.99 -96.42 24.26
N GLU I 224 32.14 -95.73 24.31
CA GLU I 224 32.15 -94.36 24.82
C GLU I 224 31.38 -93.43 23.90
N PHE I 225 31.54 -93.59 22.59
CA PHE I 225 30.83 -92.77 21.62
C PHE I 225 29.47 -93.38 21.33
N GLU I 226 28.78 -92.85 20.33
CA GLU I 226 27.45 -93.32 19.91
C GLU I 226 26.46 -93.30 21.08
N HIS I 231 23.62 -84.41 18.33
CA HIS I 231 24.81 -84.34 17.49
C HIS I 231 25.62 -83.08 17.78
N MET I 232 25.65 -82.68 19.06
CA MET I 232 26.43 -81.52 19.45
C MET I 232 27.92 -81.74 19.21
N VAL I 233 28.41 -82.93 19.52
CA VAL I 233 29.83 -83.23 19.34
C VAL I 233 30.13 -83.40 17.85
N LYS I 234 31.13 -82.66 17.36
CA LYS I 234 31.49 -82.73 15.95
C LYS I 234 32.05 -84.09 15.59
N SER I 235 32.95 -84.63 16.42
CA SER I 235 33.58 -85.90 16.13
C SER I 235 34.11 -86.51 17.41
N TYR I 236 34.41 -87.80 17.35
CA TYR I 236 34.97 -88.56 18.47
C TYR I 236 36.36 -89.05 18.08
N SER I 237 37.33 -88.82 18.96
CA SER I 237 38.70 -89.25 18.73
C SER I 237 39.30 -89.77 20.03
N LEU I 238 40.27 -90.68 19.89
CA LEU I 238 40.97 -91.26 21.02
C LEU I 238 42.47 -91.12 20.82
N LEU I 239 43.16 -90.75 21.90
CA LEU I 239 44.61 -90.56 21.88
C LEU I 239 45.25 -91.39 22.97
N PHE I 240 46.37 -92.02 22.64
CA PHE I 240 47.10 -92.85 23.59
C PHE I 240 48.18 -92.03 24.30
N ARG I 241 48.82 -92.66 25.28
CA ARG I 241 49.89 -92.03 26.06
C ARG I 241 50.96 -93.07 26.32
N VAL I 242 51.97 -93.11 25.45
CA VAL I 242 53.07 -94.07 25.58
C VAL I 242 54.30 -93.56 24.86
N PHE I 283 55.83 -90.01 25.97
CA PHE I 283 54.71 -90.59 26.71
C PHE I 283 53.38 -90.04 26.20
N VAL I 284 53.38 -89.57 24.95
CA VAL I 284 52.19 -89.02 24.32
C VAL I 284 52.01 -89.70 22.96
N ALA I 285 50.78 -89.64 22.46
CA ALA I 285 50.44 -90.22 21.17
C ALA I 285 49.19 -89.54 20.64
N GLN I 286 49.31 -88.87 19.51
CA GLN I 286 48.20 -88.16 18.88
C GLN I 286 47.85 -88.83 17.57
N MET I 287 46.56 -89.12 17.39
CA MET I 287 46.07 -89.78 16.19
C MET I 287 44.78 -89.13 15.74
N THR I 288 44.48 -89.27 14.45
CA THR I 288 43.27 -88.73 13.84
C THR I 288 42.27 -89.86 13.67
N VAL I 289 41.47 -90.10 14.70
CA VAL I 289 40.52 -91.21 14.68
C VAL I 289 39.40 -90.94 13.68
N PHE I 290 38.85 -89.73 13.69
CA PHE I 290 37.74 -89.36 12.83
C PHE I 290 38.11 -88.15 11.99
N ASP I 291 37.83 -88.22 10.70
CA ASP I 291 38.07 -87.10 9.81
C ASP I 291 37.07 -85.97 10.07
N LYS I 292 37.47 -84.75 9.71
CA LYS I 292 36.60 -83.59 9.91
C LYS I 292 35.39 -83.60 8.99
N ASN I 293 35.40 -84.42 7.95
CA ASN I 293 34.28 -84.53 7.02
C ASN I 293 33.44 -85.79 7.27
N ARG I 294 33.50 -86.34 8.49
CA ARG I 294 32.80 -87.57 8.84
C ARG I 294 33.24 -88.74 7.96
N ARG I 295 34.46 -88.67 7.43
CA ARG I 295 34.99 -89.73 6.59
C ARG I 295 35.58 -90.85 7.44
N LEU I 296 35.79 -92.00 6.81
CA LEU I 296 36.31 -93.16 7.53
C LEU I 296 37.80 -92.97 7.84
N GLN I 297 38.16 -93.20 9.09
CA GLN I 297 39.55 -93.12 9.52
C GLN I 297 39.72 -94.02 10.74
N LEU I 298 40.97 -94.40 10.99
CA LEU I 298 41.32 -95.33 12.07
C LEU I 298 40.51 -96.62 11.95
N LEU I 299 40.48 -97.16 10.73
CA LEU I 299 39.66 -98.32 10.42
C LEU I 299 40.35 -99.59 10.91
N ASP I 300 39.85 -100.75 10.45
CA ASP I 300 40.35 -102.03 10.92
C ASP I 300 41.79 -102.25 10.49
N GLY I 301 42.44 -103.21 11.15
CA GLY I 301 43.80 -103.58 10.81
C GLY I 301 44.82 -103.22 11.89
N GLU I 302 45.62 -104.20 12.29
CA GLU I 302 46.66 -103.94 13.28
C GLU I 302 47.77 -103.09 12.67
N TYR I 303 48.26 -102.13 13.45
CA TYR I 303 49.31 -101.23 12.98
C TYR I 303 50.15 -100.79 14.18
N GLU I 304 51.43 -100.50 13.90
CA GLU I 304 52.33 -99.97 14.91
C GLU I 304 52.18 -98.45 14.93
N VAL I 305 51.19 -97.99 15.71
CA VAL I 305 50.88 -96.57 15.80
C VAL I 305 52.03 -95.85 16.50
N ALA I 306 52.79 -95.07 15.73
CA ALA I 306 53.95 -94.37 16.28
C ALA I 306 53.51 -93.29 17.26
N MET I 307 54.34 -93.07 18.27
CA MET I 307 54.10 -92.06 19.30
C MET I 307 54.97 -90.85 19.01
N GLN I 308 54.35 -89.68 18.91
CA GLN I 308 55.08 -88.47 18.63
C GLN I 308 55.99 -88.10 19.80
N GLU I 309 57.20 -87.66 19.49
CA GLU I 309 58.14 -87.26 20.53
C GLU I 309 57.66 -86.00 21.23
N MET I 310 57.82 -85.97 22.55
CA MET I 310 57.40 -84.85 23.39
C MET I 310 55.92 -84.53 23.20
N PHE I 337 53.24 -97.80 10.36
CA PHE I 337 54.33 -98.13 11.28
C PHE I 337 55.51 -97.17 11.10
N SER I 338 56.36 -97.10 12.12
CA SER I 338 57.52 -96.22 12.08
C SER I 338 58.59 -96.77 13.01
N GLN I 339 59.81 -96.27 12.85
CA GLN I 339 60.93 -96.72 13.66
C GLN I 339 60.81 -96.27 15.11
N GLY I 340 59.93 -95.31 15.40
CA GLY I 340 59.76 -94.83 16.76
C GLY I 340 58.95 -95.79 17.60
N PRO I 341 58.79 -95.44 18.87
CA PRO I 341 58.02 -96.28 19.78
C PRO I 341 56.56 -96.38 19.33
N THR I 342 55.98 -97.57 19.51
CA THR I 342 54.61 -97.82 19.10
C THR I 342 54.01 -98.92 19.98
N LEU I 343 52.69 -98.92 20.06
CA LEU I 343 51.94 -99.93 20.79
C LEU I 343 51.10 -100.71 19.79
N GLN I 344 51.47 -101.97 19.56
CA GLN I 344 50.79 -102.80 18.58
C GLN I 344 49.37 -103.10 19.06
N PHE I 345 48.38 -102.55 18.36
CA PHE I 345 46.97 -102.75 18.66
C PHE I 345 46.26 -103.29 17.43
N THR I 346 45.48 -104.36 17.62
CA THR I 346 44.74 -104.98 16.52
C THR I 346 43.42 -104.22 16.31
N LEU I 347 43.56 -103.04 15.68
CA LEU I 347 42.40 -102.20 15.42
C LEU I 347 41.44 -102.91 14.47
N ARG I 348 40.15 -102.83 14.79
CA ARG I 348 39.12 -103.46 13.98
C ARG I 348 37.99 -102.49 13.69
N TRP I 349 36.90 -102.98 13.09
CA TRP I 349 35.76 -102.14 12.78
C TRP I 349 35.13 -101.60 14.06
N THR I 350 34.76 -100.32 14.02
CA THR I 350 34.16 -99.63 15.16
C THR I 350 35.01 -99.73 16.41
N ARG I 415 44.06 -67.81 -25.65
CA ARG I 415 45.24 -67.12 -25.15
C ARG I 415 44.86 -65.81 -24.46
N ILE I 416 44.50 -65.90 -23.18
CA ILE I 416 44.09 -64.74 -22.41
C ILE I 416 45.32 -64.08 -21.83
N PHE I 417 45.44 -62.76 -22.04
CA PHE I 417 46.58 -61.99 -21.57
C PHE I 417 46.10 -60.93 -20.58
N TYR I 418 46.72 -60.90 -19.40
CA TYR I 418 46.43 -59.90 -18.39
C TYR I 418 47.50 -58.82 -18.41
N GLN I 419 47.10 -57.60 -18.02
CA GLN I 419 48.01 -56.46 -17.98
C GLN I 419 47.75 -55.70 -16.68
N PHE I 420 48.52 -56.05 -15.64
CA PHE I 420 48.39 -55.36 -14.36
C PHE I 420 49.01 -53.97 -14.46
N LEU I 421 48.28 -52.97 -13.96
CA LEU I 421 48.68 -51.59 -14.14
C LEU I 421 48.40 -50.81 -12.86
N TYR I 422 48.98 -49.60 -12.80
CA TYR I 422 48.71 -48.66 -11.72
C TYR I 422 48.94 -47.27 -12.29
N ASN I 423 47.85 -46.57 -12.63
CA ASN I 423 47.92 -45.27 -13.29
C ASN I 423 48.70 -45.35 -14.59
N ASN I 424 48.49 -46.43 -15.34
CA ASN I 424 49.14 -46.66 -16.64
C ASN I 424 50.66 -46.57 -16.53
N ASN I 425 51.22 -47.23 -15.51
CA ASN I 425 52.66 -47.18 -15.28
C ASN I 425 53.40 -48.17 -16.18
N THR I 426 53.14 -49.46 -16.00
CA THR I 426 53.81 -50.50 -16.77
C THR I 426 52.96 -51.76 -16.72
N ARG I 427 52.65 -52.30 -17.89
CA ARG I 427 51.78 -53.48 -17.97
C ARG I 427 52.53 -54.72 -17.51
N GLN I 428 51.81 -55.84 -17.44
CA GLN I 428 52.37 -57.11 -17.04
C GLN I 428 51.98 -58.16 -18.08
N GLN I 429 52.53 -59.36 -17.93
CA GLN I 429 52.29 -60.47 -18.86
C GLN I 429 52.03 -61.73 -18.04
N THR I 430 50.76 -62.07 -17.85
CA THR I 430 50.35 -63.29 -17.18
C THR I 430 49.22 -63.95 -17.96
N GLU I 431 49.27 -65.26 -18.08
CA GLU I 431 48.28 -66.03 -18.82
C GLU I 431 47.22 -66.57 -17.85
N ALA I 432 46.37 -67.47 -18.35
CA ALA I 432 45.28 -68.03 -17.55
C ALA I 432 45.50 -69.52 -17.36
N ARG I 433 44.96 -70.04 -16.25
CA ARG I 433 45.04 -71.46 -15.94
C ARG I 433 43.82 -72.21 -16.46
N ASP I 434 42.64 -71.82 -16.01
CA ASP I 434 41.39 -72.43 -16.44
C ASP I 434 40.62 -71.46 -17.34
N ASP I 435 39.65 -72.01 -18.07
CA ASP I 435 38.87 -71.23 -19.02
C ASP I 435 38.18 -70.08 -18.32
N LEU I 436 38.60 -68.85 -18.63
CA LEU I 436 38.04 -67.63 -18.03
C LEU I 436 38.07 -67.70 -16.51
N HIS I 437 39.13 -68.31 -15.98
CA HIS I 437 39.33 -68.34 -14.54
C HIS I 437 39.84 -66.99 -14.06
N CYS I 438 39.22 -66.46 -13.02
CA CYS I 438 39.69 -65.19 -12.45
C CYS I 438 40.96 -65.42 -11.67
N PRO I 439 42.08 -64.79 -12.04
CA PRO I 439 43.35 -65.12 -11.37
C PRO I 439 43.37 -64.78 -9.89
N TRP I 440 42.66 -63.72 -9.49
CA TRP I 440 42.66 -63.32 -8.09
C TRP I 440 41.93 -64.34 -7.22
N CYS I 441 40.64 -64.52 -7.49
CA CYS I 441 39.81 -65.50 -6.78
C CYS I 441 39.32 -66.52 -7.79
N THR I 442 39.44 -67.80 -7.43
CA THR I 442 39.08 -68.88 -8.35
C THR I 442 37.62 -68.81 -8.77
N LEU I 443 37.37 -68.54 -10.05
CA LEU I 443 36.03 -68.48 -10.60
C LEU I 443 36.08 -68.93 -12.05
N ASN I 444 35.64 -70.16 -12.30
CA ASN I 444 35.66 -70.73 -13.65
C ASN I 444 34.46 -70.15 -14.41
N CYS I 445 34.65 -68.97 -14.98
CA CYS I 445 33.64 -68.41 -15.86
C CYS I 445 33.56 -69.25 -17.13
N ARG I 446 32.34 -69.59 -17.54
CA ARG I 446 32.19 -70.42 -18.74
C ARG I 446 32.70 -69.69 -19.97
N LYS I 447 32.40 -68.39 -20.08
CA LYS I 447 32.96 -67.55 -21.13
C LYS I 447 33.08 -66.13 -20.58
N LEU I 448 33.48 -65.19 -21.44
CA LEU I 448 33.72 -63.82 -21.02
C LEU I 448 32.47 -63.14 -20.48
N TYR I 449 31.29 -63.65 -20.80
CA TYR I 449 30.07 -63.02 -20.34
C TYR I 449 29.86 -63.16 -18.83
N SER I 450 30.64 -64.00 -18.15
CA SER I 450 30.59 -64.10 -16.71
C SER I 450 31.81 -63.49 -16.04
N LEU I 451 32.68 -62.83 -16.81
CA LEU I 451 33.93 -62.28 -16.30
C LEU I 451 34.09 -60.80 -16.58
N LEU I 452 33.65 -60.33 -17.76
CA LEU I 452 33.92 -58.96 -18.20
C LEU I 452 33.44 -57.92 -17.20
N LYS I 453 32.12 -57.82 -17.02
CA LYS I 453 31.60 -56.89 -16.02
C LYS I 453 31.68 -57.44 -14.61
N HIS I 454 31.90 -58.75 -14.46
CA HIS I 454 32.09 -59.33 -13.14
C HIS I 454 33.32 -58.74 -12.46
N LEU I 455 34.41 -58.59 -13.21
CA LEU I 455 35.63 -58.05 -12.63
C LEU I 455 35.41 -56.62 -12.13
N LYS I 456 34.70 -55.80 -12.90
CA LYS I 456 34.48 -54.42 -12.49
C LYS I 456 33.52 -54.33 -11.32
N LEU I 457 32.40 -55.04 -11.39
CA LEU I 457 31.35 -54.92 -10.38
C LEU I 457 31.60 -55.79 -9.15
N CYS I 458 32.66 -56.59 -9.15
CA CYS I 458 33.01 -57.40 -7.99
C CYS I 458 34.40 -57.09 -7.43
N HIS I 459 35.28 -56.50 -8.23
CA HIS I 459 36.56 -55.98 -7.76
C HIS I 459 36.56 -54.48 -8.05
N SER I 460 35.98 -53.70 -7.12
CA SER I 460 35.90 -52.27 -7.31
C SER I 460 37.26 -51.60 -7.20
N ARG I 461 38.23 -52.25 -6.53
CA ARG I 461 39.56 -51.70 -6.39
C ARG I 461 40.31 -51.59 -7.71
N PHE I 462 39.83 -52.23 -8.77
CA PHE I 462 40.49 -52.24 -10.05
C PHE I 462 39.57 -51.69 -11.14
N ILE I 463 40.17 -51.17 -12.20
CA ILE I 463 39.46 -50.67 -13.37
C ILE I 463 39.89 -51.52 -14.56
N PHE I 464 38.91 -52.09 -15.26
CA PHE I 464 39.16 -53.04 -16.33
C PHE I 464 38.75 -52.44 -17.67
N ASN I 465 39.66 -52.56 -18.65
CA ASN I 465 39.42 -52.06 -20.01
C ASN I 465 39.62 -53.24 -20.96
N TYR I 466 38.54 -53.97 -21.22
CA TYR I 466 38.60 -55.09 -22.16
C TYR I 466 38.91 -54.60 -23.56
N VAL I 467 39.81 -55.30 -24.25
CA VAL I 467 40.30 -54.86 -25.55
C VAL I 467 40.18 -55.97 -26.59
N TYR I 468 39.90 -57.19 -26.12
CA TYR I 468 39.74 -58.37 -26.98
C TYR I 468 41.05 -58.78 -27.63
N HIS I 469 41.21 -60.07 -27.90
CA HIS I 469 42.42 -60.61 -28.49
C HIS I 469 42.06 -61.46 -29.70
N PRO I 470 42.92 -61.47 -30.74
CA PRO I 470 42.62 -62.32 -31.91
C PRO I 470 42.50 -63.80 -31.58
N LYS I 471 43.30 -64.28 -30.61
CA LYS I 471 43.24 -65.69 -30.23
C LYS I 471 42.33 -65.91 -29.02
N GLY I 472 42.36 -65.01 -28.05
CA GLY I 472 41.53 -65.14 -26.86
C GLY I 472 40.90 -63.84 -26.43
N ALA I 473 41.06 -63.48 -25.16
CA ALA I 473 40.54 -62.23 -24.62
C ALA I 473 41.65 -61.54 -23.83
N ARG I 474 41.87 -60.25 -24.11
CA ARG I 474 42.89 -59.46 -23.45
C ARG I 474 42.21 -58.50 -22.47
N ILE I 475 42.58 -58.59 -21.20
CA ILE I 475 41.99 -57.80 -20.14
C ILE I 475 43.08 -57.08 -19.38
N ASP I 476 42.85 -55.79 -19.10
CA ASP I 476 43.79 -54.98 -18.34
C ASP I 476 43.23 -54.69 -16.94
N VAL I 477 44.13 -54.60 -15.97
CA VAL I 477 43.77 -54.36 -14.58
C VAL I 477 44.58 -53.18 -14.07
N SER I 478 43.90 -52.22 -13.44
CA SER I 478 44.55 -51.05 -12.87
C SER I 478 43.71 -50.53 -11.72
N ILE I 479 44.37 -50.10 -10.66
CA ILE I 479 43.68 -49.64 -9.45
C ILE I 479 43.03 -48.30 -9.73
N ASN I 480 41.76 -48.17 -9.36
CA ASN I 480 41.03 -46.93 -9.58
C ASN I 480 41.54 -45.84 -8.65
N GLU I 481 41.80 -44.66 -9.22
CA GLU I 481 42.39 -43.58 -8.44
C GLU I 481 41.42 -43.05 -7.39
N CYS I 482 40.17 -42.80 -7.79
CA CYS I 482 39.18 -42.23 -6.89
C CYS I 482 38.92 -43.19 -5.73
N TYR I 483 38.34 -44.34 -6.02
CA TYR I 483 38.14 -45.43 -5.05
C TYR I 483 37.58 -44.91 -3.72
N ASP I 484 36.34 -44.43 -3.80
CA ASP I 484 35.69 -43.89 -2.60
C ASP I 484 35.35 -45.03 -1.65
N GLY I 485 36.37 -45.68 -1.10
CA GLY I 485 36.19 -46.78 -0.18
C GLY I 485 36.60 -46.42 1.24
N SER I 486 36.30 -45.19 1.65
CA SER I 486 36.56 -44.75 3.01
C SER I 486 35.47 -45.32 3.92
N TYR I 487 35.42 -44.82 5.16
CA TYR I 487 34.41 -45.29 6.10
C TYR I 487 33.02 -44.98 5.57
N ALA I 488 32.13 -45.97 5.67
CA ALA I 488 30.78 -45.86 5.13
C ALA I 488 29.71 -45.99 6.23
N GLY I 489 30.08 -45.77 7.47
CA GLY I 489 29.12 -45.82 8.56
C GLY I 489 28.84 -44.45 9.14
N ASN I 490 28.92 -44.33 10.46
CA ASN I 490 28.71 -43.05 11.12
C ASN I 490 29.96 -42.19 10.99
N PRO I 491 29.87 -41.00 10.39
CA PRO I 491 31.08 -40.16 10.24
C PRO I 491 31.65 -39.68 11.57
N GLN I 492 30.90 -39.76 12.67
CA GLN I 492 31.37 -39.27 13.95
C GLN I 492 32.51 -40.10 14.53
N ASP I 493 32.78 -41.29 14.00
CA ASP I 493 33.85 -42.14 14.51
C ASP I 493 35.16 -41.97 13.76
N ILE I 494 35.21 -41.09 12.75
CA ILE I 494 36.44 -40.89 12.01
C ILE I 494 37.48 -40.17 12.85
N HIS I 495 37.07 -39.13 13.58
CA HIS I 495 37.96 -38.29 14.35
C HIS I 495 37.96 -38.61 15.83
N ARG I 496 37.30 -39.69 16.25
CA ARG I 496 37.28 -40.05 17.65
C ARG I 496 38.67 -40.47 18.12
N GLN I 497 38.91 -40.32 19.42
CA GLN I 497 40.22 -40.61 19.98
C GLN I 497 40.56 -42.09 19.87
N PRO I 498 41.84 -42.44 19.77
CA PRO I 498 42.22 -43.85 19.69
C PRO I 498 41.72 -44.62 20.91
N GLY I 499 41.29 -45.86 20.66
CA GLY I 499 40.59 -46.63 21.65
C GLY I 499 39.08 -46.42 21.64
N PHE I 500 38.60 -45.46 20.86
CA PHE I 500 37.17 -45.22 20.70
C PHE I 500 36.73 -45.04 19.26
N ALA I 501 37.64 -44.68 18.34
CA ALA I 501 37.27 -44.54 16.94
C ALA I 501 36.86 -45.89 16.37
N PHE I 502 35.78 -45.88 15.59
CA PHE I 502 35.26 -47.05 14.87
C PHE I 502 35.05 -48.24 15.80
N SER I 503 35.10 -47.99 17.11
CA SER I 503 35.02 -49.06 18.11
C SER I 503 33.63 -49.68 18.20
N ARG I 504 32.63 -49.10 17.53
CA ARG I 504 31.24 -49.58 17.51
C ARG I 504 30.78 -50.03 18.89
N ASN I 505 31.19 -49.30 19.93
CA ASN I 505 30.87 -49.69 21.30
C ASN I 505 29.37 -49.66 21.55
N GLY I 506 28.70 -48.62 21.09
CA GLY I 506 27.29 -48.45 21.37
C GLY I 506 26.59 -47.47 20.46
N PRO I 507 25.33 -47.16 20.78
CA PRO I 507 24.54 -46.25 19.93
C PRO I 507 25.19 -44.88 19.79
N VAL I 508 25.11 -44.33 18.58
CA VAL I 508 25.59 -42.98 18.29
C VAL I 508 24.53 -42.27 17.47
N LYS I 509 24.19 -41.05 17.87
CA LYS I 509 23.25 -40.24 17.11
C LYS I 509 23.86 -39.80 15.79
N ARG I 510 23.01 -39.60 14.79
CA ARG I 510 23.46 -39.21 13.46
C ARG I 510 22.37 -38.43 12.75
N THR I 511 22.79 -37.67 11.74
CA THR I 511 21.88 -36.86 10.94
C THR I 511 21.19 -37.72 9.89
N PRO I 512 19.96 -37.36 9.50
CA PRO I 512 19.26 -38.15 8.48
C PRO I 512 19.89 -37.98 7.11
N ILE I 513 19.76 -39.02 6.29
CA ILE I 513 20.29 -39.01 4.94
C ILE I 513 19.49 -40.00 4.11
N THR I 514 19.31 -39.69 2.83
CA THR I 514 18.60 -40.55 1.90
C THR I 514 19.45 -40.74 0.66
N HIS I 515 19.69 -42.00 0.29
CA HIS I 515 20.55 -42.32 -0.84
C HIS I 515 19.84 -43.26 -1.79
N ILE I 516 20.09 -43.08 -3.08
CA ILE I 516 19.55 -43.97 -4.13
C ILE I 516 20.49 -43.89 -5.32
N LEU I 517 20.91 -45.06 -5.81
CA LEU I 517 21.86 -45.13 -6.92
C LEU I 517 21.49 -46.14 -7.99
N VAL I 518 20.55 -47.05 -7.75
CA VAL I 518 20.08 -47.96 -8.79
C VAL I 518 18.60 -47.69 -9.03
N CYS I 519 18.29 -46.83 -10.00
CA CYS I 519 16.91 -46.39 -10.23
C CYS I 519 16.11 -47.42 -11.02
N ARG I 520 16.51 -47.68 -12.27
CA ARG I 520 15.83 -48.67 -13.08
C ARG I 520 16.74 -49.19 -14.18
N PRO I 521 17.32 -50.38 -14.01
CA PRO I 521 18.11 -50.97 -15.10
C PRO I 521 17.22 -51.27 -16.30
N LYS I 522 17.81 -51.09 -17.49
CA LYS I 522 17.06 -51.30 -18.73
C LYS I 522 16.75 -52.78 -18.98
N ARG I 523 17.47 -53.69 -18.33
CA ARG I 523 17.30 -55.13 -18.53
C ARG I 523 17.43 -55.49 -20.01
N THR I 524 18.43 -54.89 -20.66
CA THR I 524 18.66 -55.10 -22.08
C THR I 524 19.59 -56.29 -22.29
N LYS I 525 20.06 -56.47 -23.52
CA LYS I 525 20.94 -57.58 -23.87
C LYS I 525 22.40 -57.12 -23.89
N ALA I 526 23.30 -58.09 -24.02
CA ALA I 526 24.72 -57.81 -24.04
C ALA I 526 25.10 -57.05 -25.31
N SER I 527 26.04 -56.12 -25.18
CA SER I 527 26.56 -55.35 -26.30
C SER I 527 28.07 -55.32 -26.25
N MET I 528 28.70 -55.54 -27.41
CA MET I 528 30.16 -55.51 -27.47
C MET I 528 30.70 -54.11 -27.17
N SER I 529 30.02 -53.07 -27.65
CA SER I 529 30.49 -51.71 -27.44
C SER I 529 30.57 -51.35 -25.96
N GLU I 530 29.76 -52.01 -25.12
CA GLU I 530 29.88 -51.80 -23.68
C GLU I 530 31.25 -52.23 -23.17
N PHE I 531 31.74 -53.38 -23.65
CA PHE I 531 33.08 -53.82 -23.25
C PHE I 531 34.16 -52.89 -23.78
N LEU I 532 34.00 -52.40 -25.00
CA LEU I 532 34.98 -51.49 -25.60
C LEU I 532 34.94 -50.13 -24.93
N GLN I 541 26.13 -41.64 -17.34
CA GLN I 541 26.75 -41.23 -16.08
C GLN I 541 26.00 -41.81 -14.89
N GLN I 542 26.71 -42.05 -13.79
CA GLN I 542 26.08 -42.58 -12.58
C GLN I 542 25.06 -41.59 -12.02
N ARG I 543 25.52 -40.41 -11.60
CA ARG I 543 24.66 -39.35 -11.07
C ARG I 543 23.81 -39.88 -9.92
N THR I 544 24.49 -40.29 -8.85
CA THR I 544 23.81 -40.85 -7.70
C THR I 544 22.95 -39.80 -7.01
N TYR I 545 21.91 -40.26 -6.31
CA TYR I 545 20.97 -39.38 -5.63
C TYR I 545 21.25 -39.37 -4.14
N SER I 546 21.28 -38.18 -3.57
CA SER I 546 21.49 -38.00 -2.13
C SER I 546 20.58 -36.89 -1.63
N SER I 547 20.15 -37.03 -0.37
CA SER I 547 19.29 -36.05 0.26
C SER I 547 19.62 -35.96 1.74
N GLY I 548 19.40 -34.78 2.32
CA GLY I 548 19.65 -34.58 3.72
C GLY I 548 21.12 -34.35 4.03
N HIS I 549 21.42 -34.32 5.32
CA HIS I 549 22.78 -34.10 5.81
C HIS I 549 23.45 -35.46 5.98
N ASN I 550 24.40 -35.77 5.09
CA ASN I 550 25.09 -37.05 5.09
C ASN I 550 26.58 -36.87 5.36
N ARG I 551 26.91 -36.03 6.35
CA ARG I 551 28.30 -35.69 6.61
C ARG I 551 28.42 -35.24 8.06
N LEU I 552 29.66 -35.04 8.50
CA LEU I 552 29.97 -34.50 9.81
C LEU I 552 30.43 -33.06 9.65
N TYR I 553 29.94 -32.18 10.53
CA TYR I 553 30.17 -30.76 10.41
C TYR I 553 31.18 -30.29 11.45
N PHE I 554 31.64 -29.05 11.27
CA PHE I 554 32.69 -28.47 12.09
C PHE I 554 32.18 -27.23 12.81
N HIS I 555 32.90 -26.84 13.86
CA HIS I 555 32.61 -25.59 14.55
C HIS I 555 33.28 -24.42 13.83
N SER I 556 32.65 -23.25 13.92
CA SER I 556 33.08 -22.11 13.12
C SER I 556 34.36 -21.49 13.65
N ASP I 557 34.51 -21.40 14.97
CA ASP I 557 35.64 -20.66 15.56
C ASP I 557 36.97 -21.31 15.21
N THR I 558 37.06 -22.63 15.35
CA THR I 558 38.31 -23.35 15.10
C THR I 558 38.05 -24.55 14.20
N CYS I 559 39.06 -25.41 14.03
CA CYS I 559 38.93 -26.62 13.25
C CYS I 559 38.29 -27.76 14.03
N LEU I 560 37.76 -27.48 15.21
CA LEU I 560 37.14 -28.53 16.02
C LEU I 560 35.86 -29.01 15.35
N PRO I 561 35.67 -30.32 15.18
CA PRO I 561 34.45 -30.82 14.55
C PRO I 561 33.22 -30.55 15.41
N LEU I 562 32.09 -30.38 14.74
CA LEU I 562 30.82 -30.10 15.39
C LEU I 562 30.03 -31.40 15.50
N ARG I 563 29.71 -31.79 16.74
CA ARG I 563 28.89 -32.96 16.95
C ARG I 563 27.48 -32.72 16.41
N PRO I 564 26.80 -33.78 15.94
CA PRO I 564 25.41 -33.60 15.49
C PRO I 564 24.49 -33.08 16.58
N GLN I 565 24.81 -33.33 17.85
CA GLN I 565 24.02 -32.75 18.94
C GLN I 565 24.19 -31.24 18.98
N GLU I 566 25.28 -30.71 18.44
CA GLU I 566 25.52 -29.27 18.37
C GLU I 566 24.90 -28.62 17.15
N MET I 567 23.89 -29.25 16.57
CA MET I 567 23.19 -28.72 15.40
C MET I 567 21.93 -27.94 15.77
N GLU I 568 21.62 -27.78 17.06
CA GLU I 568 20.38 -27.15 17.46
C GLU I 568 20.31 -25.71 16.97
N VAL I 569 21.19 -24.85 17.49
CA VAL I 569 21.28 -23.49 16.98
C VAL I 569 22.71 -23.23 16.50
N ASP I 570 23.66 -23.25 17.44
CA ASP I 570 25.08 -23.06 17.16
C ASP I 570 25.34 -21.95 16.15
N SER I 571 24.57 -20.86 16.25
CA SER I 571 24.64 -19.82 15.23
C SER I 571 26.01 -19.16 15.18
N GLU I 572 26.63 -18.94 16.34
CA GLU I 572 27.95 -18.31 16.44
C GLU I 572 27.97 -16.97 15.72
N ASP I 573 26.87 -16.22 15.84
CA ASP I 573 26.79 -14.84 15.37
C ASP I 573 26.36 -13.97 16.53
N GLU I 574 27.00 -12.80 16.65
CA GLU I 574 26.73 -11.92 17.78
C GLU I 574 26.84 -10.48 17.31
N LYS I 575 25.83 -9.68 17.65
CA LYS I 575 25.87 -8.26 17.31
C LYS I 575 27.01 -7.55 18.03
N ASP I 576 27.24 -7.89 19.30
CA ASP I 576 28.29 -7.28 20.11
C ASP I 576 29.19 -8.38 20.66
N PRO I 577 30.24 -8.74 19.93
CA PRO I 577 31.19 -9.72 20.45
C PRO I 577 32.02 -9.14 21.59
N GLU I 578 32.61 -10.04 22.38
CA GLU I 578 33.36 -9.62 23.56
C GLU I 578 34.55 -8.73 23.19
N TRP I 579 35.27 -9.08 22.13
CA TRP I 579 36.40 -8.26 21.72
C TRP I 579 35.95 -6.87 21.28
N LEU I 580 34.76 -6.76 20.72
CA LEU I 580 34.22 -5.44 20.38
C LEU I 580 34.02 -4.60 21.63
N ARG I 581 33.46 -5.18 22.68
CA ARG I 581 33.28 -4.45 23.93
C ARG I 581 34.61 -4.04 24.52
N GLU I 582 35.59 -4.95 24.51
CA GLU I 582 36.91 -4.63 25.05
C GLU I 582 37.56 -3.49 24.27
N LYS I 583 37.47 -3.53 22.94
CA LYS I 583 38.06 -2.48 22.13
C LYS I 583 37.35 -1.14 22.37
N THR I 584 36.02 -1.16 22.50
CA THR I 584 35.30 0.07 22.79
C THR I 584 35.72 0.67 24.12
N ILE I 585 35.83 -0.17 25.16
CA ILE I 585 36.25 0.30 26.47
C ILE I 585 37.66 0.89 26.39
N THR I 586 38.57 0.21 25.70
CA THR I 586 39.93 0.70 25.58
C THR I 586 39.97 2.04 24.85
N GLN I 587 39.23 2.16 23.74
CA GLN I 587 39.23 3.40 22.98
C GLN I 587 38.64 4.55 23.79
N ILE I 588 37.59 4.28 24.57
CA ILE I 588 37.00 5.34 25.38
C ILE I 588 37.99 5.77 26.46
N GLU I 589 38.58 4.81 27.18
CA GLU I 589 39.49 5.14 28.25
C GLU I 589 40.83 5.67 27.76
N GLU I 590 41.10 5.60 26.46
CA GLU I 590 42.36 6.08 25.90
C GLU I 590 42.27 7.52 25.43
N PHE I 591 41.16 8.21 25.69
CA PHE I 591 41.02 9.60 25.28
C PHE I 591 42.01 10.49 26.04
N SER I 592 42.47 11.54 25.36
CA SER I 592 43.47 12.44 25.92
C SER I 592 42.91 13.75 26.44
N ASP I 593 41.69 14.11 26.06
CA ASP I 593 41.09 15.40 26.41
C ASP I 593 39.67 15.22 26.91
N VAL I 594 39.47 14.25 27.81
CA VAL I 594 38.16 13.97 28.36
C VAL I 594 38.26 13.84 29.88
N ASN I 595 37.12 14.00 30.54
CA ASN I 595 37.04 13.94 31.99
C ASN I 595 36.70 12.53 32.46
N GLU I 596 36.98 12.26 33.73
CA GLU I 596 36.77 10.92 34.29
C GLU I 596 35.30 10.53 34.25
N GLY I 597 34.43 11.38 34.79
CA GLY I 597 33.00 11.12 34.67
C GLY I 597 32.54 11.14 33.23
N GLU I 598 33.08 12.05 32.43
CA GLU I 598 32.75 12.09 31.01
C GLU I 598 33.18 10.80 30.33
N LYS I 599 34.38 10.30 30.63
CA LYS I 599 34.83 9.04 30.05
C LYS I 599 33.93 7.88 30.47
N GLU I 600 33.55 7.85 31.75
CA GLU I 600 32.72 6.75 32.24
C GLU I 600 31.37 6.75 31.54
N VAL I 601 30.71 7.91 31.47
CA VAL I 601 29.38 7.96 30.85
C VAL I 601 29.48 7.71 29.35
N MET I 602 30.54 8.19 28.70
CA MET I 602 30.73 7.95 27.28
C MET I 602 30.92 6.47 27.00
N LYS I 603 31.73 5.80 27.82
CA LYS I 603 31.89 4.36 27.68
C LYS I 603 30.58 3.64 27.88
N LEU I 604 29.81 4.04 28.90
CA LEU I 604 28.54 3.38 29.16
C LEU I 604 27.60 3.51 27.97
N TRP I 605 27.47 4.72 27.42
CA TRP I 605 26.55 4.92 26.30
C TRP I 605 27.04 4.20 25.05
N ASN I 606 28.34 4.27 24.76
CA ASN I 606 28.86 3.60 23.56
C ASN I 606 28.68 2.09 23.66
N LEU I 607 28.95 1.51 24.84
CA LEU I 607 28.75 0.08 25.02
C LEU I 607 27.28 -0.29 24.89
N HIS I 608 26.38 0.55 25.44
CA HIS I 608 24.95 0.29 25.29
C HIS I 608 24.54 0.31 23.83
N VAL I 609 25.02 1.28 23.06
CA VAL I 609 24.63 1.40 21.66
C VAL I 609 25.17 0.21 20.85
N MET I 610 26.42 -0.19 21.11
CA MET I 610 26.98 -1.34 20.39
C MET I 610 26.26 -2.63 20.77
N LYS I 611 25.94 -2.82 22.05
CA LYS I 611 25.32 -4.05 22.50
C LYS I 611 23.84 -4.14 22.12
N HIS I 612 23.18 -3.01 21.88
CA HIS I 612 21.77 -3.05 21.49
C HIS I 612 21.56 -2.85 20.00
N GLY I 613 22.50 -2.23 19.30
CA GLY I 613 22.38 -2.04 17.86
C GLY I 613 21.18 -1.22 17.46
N PHE I 614 20.96 -0.10 18.14
CA PHE I 614 19.82 0.75 17.85
C PHE I 614 20.03 1.48 16.53
N ILE I 615 19.08 1.36 15.62
CA ILE I 615 19.14 2.03 14.32
C ILE I 615 17.88 2.85 14.12
N ALA I 616 16.81 2.49 14.83
CA ALA I 616 15.56 3.22 14.73
C ALA I 616 15.71 4.62 15.33
N ASP I 617 15.32 5.63 14.55
CA ASP I 617 15.46 7.01 15.00
C ASP I 617 14.51 7.31 16.15
N ASN I 618 13.23 6.96 16.00
CA ASN I 618 12.27 7.23 17.07
C ASN I 618 12.63 6.49 18.35
N GLN I 619 13.04 5.22 18.22
CA GLN I 619 13.48 4.46 19.39
C GLN I 619 14.70 5.09 20.05
N MET I 620 15.42 5.96 19.33
CA MET I 620 16.50 6.72 19.96
C MET I 620 15.98 7.48 21.17
N ASN I 621 14.80 8.10 21.05
CA ASN I 621 14.15 8.67 22.23
C ASN I 621 13.96 7.60 23.30
N HIS I 622 13.35 6.48 22.92
CA HIS I 622 13.22 5.36 23.85
C HIS I 622 14.58 4.87 24.33
N ALA I 623 15.62 5.05 23.51
CA ALA I 623 16.96 4.67 23.94
C ALA I 623 17.35 5.43 25.21
N CYS I 624 17.01 6.71 25.29
CA CYS I 624 17.32 7.48 26.48
C CYS I 624 16.62 6.92 27.71
N MET I 625 15.49 6.23 27.54
CA MET I 625 14.86 5.55 28.67
C MET I 625 15.58 4.26 29.04
N LEU I 626 16.14 3.56 28.05
CA LEU I 626 16.73 2.25 28.32
C LEU I 626 17.86 2.32 29.33
N PHE I 627 18.55 3.46 29.40
CA PHE I 627 19.62 3.63 30.36
C PHE I 627 19.13 3.41 31.78
N VAL I 628 17.90 3.85 32.07
CA VAL I 628 17.33 3.68 33.40
C VAL I 628 17.01 2.21 33.67
N GLU I 629 16.67 1.45 32.62
CA GLU I 629 16.14 0.11 32.82
C GLU I 629 17.15 -0.81 33.50
N ASN I 630 18.42 -0.72 33.11
CA ASN I 630 19.44 -1.65 33.58
C ASN I 630 20.51 -0.98 34.44
N TYR I 631 21.03 0.17 34.00
CA TYR I 631 22.22 0.75 34.62
C TYR I 631 21.91 1.64 35.82
N GLY I 632 20.65 1.74 36.25
CA GLY I 632 20.29 2.69 37.29
C GLY I 632 21.09 2.50 38.57
N GLN I 633 21.29 1.25 38.98
CA GLN I 633 22.07 0.98 40.18
C GLN I 633 23.51 1.44 40.01
N LYS I 634 24.10 1.22 38.84
CA LYS I 634 25.47 1.64 38.60
C LYS I 634 25.61 3.15 38.63
N ILE I 635 24.65 3.87 38.05
CA ILE I 635 24.70 5.33 38.08
C ILE I 635 24.50 5.85 39.50
N ILE I 636 23.65 5.17 40.28
CA ILE I 636 23.46 5.57 41.67
C ILE I 636 24.75 5.38 42.46
N LYS I 637 25.42 4.24 42.27
CA LYS I 637 26.61 3.93 43.05
C LYS I 637 27.79 4.82 42.65
N LYS I 638 28.02 4.96 41.35
CA LYS I 638 29.13 5.79 40.86
C LYS I 638 28.87 7.27 41.05
N ASN I 639 27.61 7.67 41.28
CA ASN I 639 27.21 9.07 41.42
C ASN I 639 27.58 9.87 40.17
N LEU I 640 26.96 9.49 39.06
CA LEU I 640 27.19 10.11 37.76
C LEU I 640 25.93 10.80 37.26
N CYS I 641 25.23 11.52 38.15
CA CYS I 641 23.99 12.18 37.76
C CYS I 641 24.26 13.40 36.87
N ARG I 642 25.24 14.22 37.24
CA ARG I 642 25.50 15.44 36.48
C ARG I 642 26.02 15.13 35.08
N ASN I 643 26.94 14.18 34.97
CA ASN I 643 27.45 13.79 33.65
C ASN I 643 26.34 13.23 32.77
N PHE I 644 25.48 12.39 33.34
CA PHE I 644 24.38 11.82 32.56
C PHE I 644 23.43 12.91 32.12
N MET I 645 23.11 13.85 33.00
CA MET I 645 22.20 14.94 32.62
C MET I 645 22.80 15.80 31.52
N LEU I 646 24.09 16.11 31.62
CA LEU I 646 24.75 16.90 30.58
C LEU I 646 24.75 16.17 29.25
N HIS I 647 25.04 14.86 29.26
CA HIS I 647 25.03 14.09 28.02
C HIS I 647 23.62 14.01 27.44
N LEU I 648 22.62 13.82 28.29
CA LEU I 648 21.23 13.76 27.83
C LEU I 648 20.79 15.09 27.23
N VAL I 649 21.25 16.21 27.80
CA VAL I 649 20.96 17.51 27.21
C VAL I 649 21.68 17.64 25.87
N SER I 650 22.88 17.07 25.75
CA SER I 650 23.67 17.24 24.54
C SER I 650 23.20 16.34 23.40
N MET I 651 21.91 16.38 23.09
CA MET I 651 21.42 15.78 21.85
C MET I 651 20.46 16.67 21.07
N HIS I 652 19.87 17.70 21.69
CA HIS I 652 18.96 18.58 20.97
C HIS I 652 19.65 19.31 19.83
N ASP I 653 20.97 19.47 19.88
CA ASP I 653 21.70 20.07 18.76
C ASP I 653 21.67 19.18 17.52
N PHE I 654 21.44 17.88 17.68
CA PHE I 654 21.31 16.95 16.57
C PHE I 654 19.91 16.39 16.45
N ASN I 655 18.91 17.09 16.98
CA ASN I 655 17.53 16.62 17.05
C ASN I 655 17.43 15.33 17.85
N LEU I 656 16.36 14.57 17.63
CA LEU I 656 16.04 13.37 18.41
C LEU I 656 15.69 13.74 19.85
N ILE I 657 14.88 12.92 20.49
CA ILE I 657 14.34 13.19 21.82
C ILE I 657 13.67 14.57 21.84
N SER I 658 13.46 15.11 23.02
CA SER I 658 12.84 16.42 23.20
C SER I 658 13.08 16.85 24.65
N ILE I 659 12.45 17.96 25.04
CA ILE I 659 12.51 18.38 26.44
C ILE I 659 11.75 17.41 27.33
N MET I 660 10.63 16.88 26.84
CA MET I 660 9.83 15.94 27.63
C MET I 660 10.63 14.69 27.94
N SER I 661 11.38 14.17 26.97
CA SER I 661 12.22 13.00 27.22
C SER I 661 13.30 13.30 28.23
N ILE I 662 13.91 14.49 28.15
CA ILE I 662 14.92 14.88 29.12
C ILE I 662 14.34 14.91 30.53
N ASP I 663 13.16 15.51 30.66
CA ASP I 663 12.49 15.57 31.96
C ASP I 663 12.18 14.16 32.47
N LYS I 664 11.67 13.29 31.59
CA LYS I 664 11.35 11.93 32.00
C LYS I 664 12.59 11.19 32.48
N ALA I 665 13.69 11.29 31.75
CA ALA I 665 14.91 10.58 32.13
C ALA I 665 15.48 11.12 33.44
N VAL I 666 15.49 12.45 33.60
CA VAL I 666 16.02 13.04 34.83
C VAL I 666 15.17 12.62 36.03
N THR I 667 13.84 12.64 35.87
CA THR I 667 12.97 12.21 36.95
C THR I 667 13.19 10.73 37.27
N LYS I 668 13.32 9.89 36.24
CA LYS I 668 13.54 8.46 36.46
C LYS I 668 14.82 8.21 37.22
N LEU I 669 15.91 8.90 36.87
CA LEU I 669 17.15 8.71 37.63
C LEU I 669 17.07 9.35 39.00
N ARG I 670 16.31 10.44 39.14
CA ARG I 670 16.20 11.12 40.43
C ARG I 670 15.73 10.17 41.52
N GLU I 671 14.88 9.21 41.17
CA GLU I 671 14.43 8.22 42.16
C GLU I 671 15.60 7.39 42.68
N MET I 672 16.53 7.01 41.80
CA MET I 672 17.66 6.19 42.22
C MET I 672 18.55 6.93 43.23
N GLN I 673 18.89 8.19 42.91
CA GLN I 673 19.68 8.97 43.85
C GLN I 673 18.91 9.22 45.15
N GLN I 674 17.61 9.51 45.04
CA GLN I 674 16.78 9.66 46.23
C GLN I 674 16.63 8.35 46.97
N LYS I 675 16.59 7.21 46.24
CA LYS I 675 16.56 5.92 46.91
C LYS I 675 17.84 5.71 47.73
N LEU I 676 18.99 6.10 47.18
CA LEU I 676 20.21 6.08 47.97
C LEU I 676 20.14 7.10 49.11
N GLU I 677 19.54 8.26 48.84
CA GLU I 677 19.41 9.31 49.85
C GLU I 677 18.42 8.90 50.95
N ASP J 3 42.61 -58.55 25.74
CA ASP J 3 43.81 -59.02 25.05
C ASP J 3 44.09 -58.18 23.80
N LYS J 4 45.37 -57.96 23.51
CA LYS J 4 45.74 -57.20 22.32
C LYS J 4 45.34 -57.93 21.05
N GLU J 5 45.49 -59.25 21.04
CA GLU J 5 45.14 -60.03 19.85
C GLU J 5 43.65 -59.91 19.53
N ALA J 6 42.79 -59.94 20.56
CA ALA J 6 41.36 -59.84 20.31
C ALA J 6 40.99 -58.50 19.70
N ALA J 7 41.54 -57.40 20.23
CA ALA J 7 41.26 -56.09 19.68
C ALA J 7 41.82 -55.97 18.27
N PHE J 8 43.01 -56.52 18.02
CA PHE J 8 43.57 -56.50 16.69
C PHE J 8 42.68 -57.23 15.70
N ASP J 9 42.20 -58.41 16.06
CA ASP J 9 41.32 -59.18 15.19
C ASP J 9 40.00 -58.45 14.96
N ASP J 10 39.47 -57.81 16.00
CA ASP J 10 38.23 -57.06 15.84
C ASP J 10 38.41 -55.91 14.87
N ALA J 11 39.52 -55.18 14.96
CA ALA J 11 39.80 -54.10 14.03
C ALA J 11 39.94 -54.62 12.59
N VAL J 12 40.67 -55.72 12.43
CA VAL J 12 40.85 -56.31 11.11
C VAL J 12 39.50 -56.70 10.51
N GLU J 13 38.65 -57.35 11.31
CA GLU J 13 37.36 -57.79 10.79
C GLU J 13 36.43 -56.62 10.52
N GLU J 14 36.54 -55.54 11.31
CA GLU J 14 35.75 -54.35 11.04
C GLU J 14 36.10 -53.75 9.69
N ARG J 15 37.40 -53.59 9.41
CA ARG J 15 37.77 -53.04 8.11
C ARG J 15 37.46 -54.02 6.98
N VAL J 16 37.53 -55.33 7.23
CA VAL J 16 37.14 -56.31 6.22
C VAL J 16 35.67 -56.17 5.89
N ILE J 17 34.82 -56.00 6.91
CA ILE J 17 33.39 -55.82 6.68
C ILE J 17 33.13 -54.54 5.89
N ASN J 18 33.87 -53.47 6.21
CA ASN J 18 33.71 -52.23 5.46
C ASN J 18 34.07 -52.43 3.98
N GLU J 19 35.18 -53.11 3.72
CA GLU J 19 35.57 -53.36 2.32
C GLU J 19 34.55 -54.24 1.60
N GLU J 20 34.01 -55.24 2.30
CA GLU J 20 33.01 -56.11 1.69
C GLU J 20 31.75 -55.33 1.34
N TYR J 21 31.32 -54.43 2.22
CA TYR J 21 30.14 -53.61 1.93
C TYR J 21 30.42 -52.67 0.75
N LYS J 22 31.61 -52.08 0.71
CA LYS J 22 31.96 -51.22 -0.42
C LYS J 22 31.96 -51.99 -1.73
N ILE J 23 32.46 -53.23 -1.71
CA ILE J 23 32.41 -54.09 -2.90
C ILE J 23 30.96 -54.37 -3.28
N TRP J 24 30.13 -54.70 -2.29
CA TRP J 24 28.74 -55.08 -2.57
C TRP J 24 27.95 -53.92 -3.16
N LYS J 25 28.32 -52.68 -2.82
CA LYS J 25 27.62 -51.54 -3.39
C LYS J 25 27.64 -51.56 -4.92
N LYS J 26 28.77 -51.96 -5.50
CA LYS J 26 28.93 -51.85 -6.95
C LYS J 26 27.98 -52.76 -7.72
N ASN J 27 27.65 -53.93 -7.18
CA ASN J 27 26.69 -54.81 -7.83
C ASN J 27 25.25 -54.51 -7.42
N THR J 28 24.84 -53.24 -7.48
CA THR J 28 23.45 -52.89 -7.24
C THR J 28 22.61 -52.99 -8.51
N PRO J 29 23.02 -52.40 -9.65
CA PRO J 29 22.15 -52.46 -10.83
C PRO J 29 21.99 -53.85 -11.39
N PHE J 30 22.94 -54.76 -11.16
CA PHE J 30 22.94 -56.07 -11.78
C PHE J 30 22.39 -57.16 -10.87
N LEU J 31 21.84 -56.79 -9.71
CA LEU J 31 21.34 -57.80 -8.78
C LEU J 31 19.92 -57.48 -8.32
N TYR J 32 19.56 -56.20 -8.30
CA TYR J 32 18.27 -55.75 -7.80
C TYR J 32 17.59 -54.88 -8.85
N ASP J 33 16.43 -54.35 -8.46
CA ASP J 33 15.67 -53.43 -9.30
C ASP J 33 15.62 -52.01 -8.75
N LEU J 34 15.41 -51.86 -7.44
CA LEU J 34 15.44 -50.58 -6.77
C LEU J 34 16.40 -50.66 -5.58
N VAL J 35 17.17 -49.60 -5.38
CA VAL J 35 18.15 -49.54 -4.29
C VAL J 35 17.86 -48.26 -3.51
N MET J 36 17.05 -48.37 -2.46
CA MET J 36 16.74 -47.25 -1.58
C MET J 36 17.21 -47.60 -0.18
N THR J 37 18.03 -46.73 0.42
CA THR J 37 18.56 -46.94 1.75
C THR J 37 18.63 -45.60 2.46
N HIS J 38 17.79 -45.42 3.48
CA HIS J 38 17.71 -44.17 4.23
C HIS J 38 18.16 -44.40 5.65
N ALA J 39 19.05 -43.55 6.15
CA ALA J 39 19.60 -43.68 7.50
C ALA J 39 18.77 -42.84 8.45
N LEU J 40 18.08 -43.52 9.39
CA LEU J 40 17.26 -42.81 10.36
C LEU J 40 18.12 -41.96 11.29
N GLU J 41 17.60 -40.80 11.68
CA GLU J 41 18.32 -39.93 12.60
C GLU J 41 18.53 -40.62 13.95
N TRP J 42 17.45 -41.12 14.53
CA TRP J 42 17.56 -41.99 15.68
C TRP J 42 17.83 -43.40 15.18
N PRO J 43 18.90 -44.06 15.65
CA PRO J 43 19.42 -45.25 14.95
C PRO J 43 18.40 -46.34 14.67
N SER J 44 18.49 -46.93 13.48
CA SER J 44 17.53 -47.92 13.05
C SER J 44 17.69 -49.21 13.83
N LEU J 45 16.56 -49.75 14.29
CA LEU J 45 16.53 -51.06 14.95
C LEU J 45 15.40 -51.95 14.49
N THR J 46 14.40 -51.44 13.78
CA THR J 46 13.26 -52.22 13.34
C THR J 46 12.77 -51.70 12.00
N ALA J 47 12.11 -52.58 11.24
CA ALA J 47 11.50 -52.20 9.98
C ALA J 47 10.17 -52.92 9.83
N GLN J 48 9.28 -52.34 9.03
CA GLN J 48 7.97 -52.92 8.75
C GLN J 48 7.43 -52.26 7.49
N TRP J 49 6.19 -52.60 7.15
CA TRP J 49 5.54 -52.08 5.94
C TRP J 49 4.05 -51.93 6.20
N LEU J 50 3.61 -50.71 6.48
CA LEU J 50 2.18 -50.44 6.53
C LEU J 50 1.58 -50.59 5.13
N PRO J 51 0.39 -51.20 5.01
CA PRO J 51 -0.16 -51.50 3.69
C PRO J 51 -0.78 -50.30 2.98
N ASP J 52 -0.72 -49.11 3.57
CA ASP J 52 -1.29 -47.93 2.93
C ASP J 52 -0.60 -47.64 1.60
N VAL J 53 -1.39 -47.36 0.57
CA VAL J 53 -0.90 -47.08 -0.77
C VAL J 53 -1.80 -46.06 -1.43
N THR J 54 -1.20 -45.14 -2.17
CA THR J 54 -1.93 -44.13 -2.92
C THR J 54 -1.06 -43.60 -4.06
N ARG J 55 -1.56 -43.73 -5.29
CA ARG J 55 -0.85 -43.28 -6.48
C ARG J 55 -1.76 -42.37 -7.29
N PRO J 56 -1.82 -41.10 -6.95
CA PRO J 56 -2.73 -40.18 -7.65
C PRO J 56 -2.28 -39.94 -9.09
N GLU J 57 -3.26 -39.56 -9.92
CA GLU J 57 -2.98 -39.26 -11.31
C GLU J 57 -1.95 -38.15 -11.42
N GLY J 58 -0.95 -38.35 -12.27
CA GLY J 58 0.18 -37.44 -12.36
C GLY J 58 1.28 -37.72 -11.37
N LYS J 59 1.07 -38.63 -10.42
CA LYS J 59 2.08 -39.05 -9.45
C LYS J 59 2.09 -40.57 -9.48
N ASP J 60 2.93 -41.14 -10.35
CA ASP J 60 2.93 -42.59 -10.52
C ASP J 60 3.43 -43.31 -9.28
N PHE J 61 4.17 -42.62 -8.41
CA PHE J 61 4.61 -43.23 -7.16
C PHE J 61 3.41 -43.54 -6.27
N SER J 62 3.48 -44.69 -5.60
CA SER J 62 2.47 -45.05 -4.62
C SER J 62 2.89 -44.54 -3.25
N ILE J 63 1.91 -44.09 -2.46
CA ILE J 63 2.21 -43.58 -1.12
C ILE J 63 2.63 -44.76 -0.26
N HIS J 64 3.92 -44.83 0.08
CA HIS J 64 4.47 -45.93 0.84
C HIS J 64 4.95 -45.42 2.20
N ARG J 65 4.55 -46.12 3.25
CA ARG J 65 4.93 -45.78 4.62
C ARG J 65 5.59 -46.98 5.27
N LEU J 66 6.69 -46.74 5.98
CA LEU J 66 7.40 -47.78 6.71
C LEU J 66 7.70 -47.28 8.11
N VAL J 67 7.66 -48.20 9.08
CA VAL J 67 7.86 -47.88 10.48
C VAL J 67 9.32 -48.11 10.83
N LEU J 68 10.03 -47.03 11.15
CA LEU J 68 11.42 -47.10 11.53
C LEU J 68 11.54 -47.21 13.05
N GLY J 69 12.78 -47.19 13.54
CA GLY J 69 13.03 -47.35 14.96
C GLY J 69 13.86 -46.23 15.57
N THR J 70 14.29 -46.43 16.81
CA THR J 70 15.03 -45.40 17.55
C THR J 70 16.00 -46.11 18.49
N HIS J 71 17.29 -46.00 18.21
CA HIS J 71 18.31 -46.78 18.93
C HIS J 71 19.53 -45.93 19.29
N THR J 72 19.29 -44.73 19.82
CA THR J 72 20.33 -43.93 20.43
C THR J 72 20.27 -44.05 21.95
N SER J 73 21.31 -43.56 22.62
CA SER J 73 21.41 -43.76 24.06
C SER J 73 20.27 -43.08 24.81
N ASP J 74 20.25 -41.75 24.85
CA ASP J 74 19.10 -41.02 25.38
C ASP J 74 19.16 -39.58 24.88
N GLU J 75 18.41 -39.27 23.82
CA GLU J 75 18.14 -37.88 23.43
C GLU J 75 16.68 -37.81 22.95
N GLN J 76 15.76 -37.62 23.89
CA GLN J 76 14.33 -37.51 23.59
C GLN J 76 13.88 -38.61 22.63
N ASN J 77 13.95 -39.85 23.12
CA ASN J 77 13.65 -41.03 22.31
C ASN J 77 12.30 -40.88 21.62
N HIS J 78 12.26 -41.30 20.35
CA HIS J 78 11.13 -41.00 19.48
C HIS J 78 10.65 -42.28 18.80
N LEU J 79 9.66 -42.11 17.92
CA LEU J 79 9.14 -43.18 17.09
C LEU J 79 8.85 -42.57 15.71
N VAL J 80 9.66 -42.94 14.73
CA VAL J 80 9.68 -42.25 13.43
C VAL J 80 8.87 -43.05 12.41
N ILE J 81 7.99 -42.36 11.70
CA ILE J 81 7.29 -42.91 10.54
C ILE J 81 7.67 -42.06 9.33
N ALA J 82 8.31 -42.69 8.35
CA ALA J 82 8.80 -42.00 7.17
C ALA J 82 7.93 -42.30 5.95
N SER J 83 7.97 -41.39 4.99
CA SER J 83 7.23 -41.54 3.75
C SER J 83 8.21 -41.95 2.65
N VAL J 84 7.92 -43.08 1.99
CA VAL J 84 8.75 -43.60 0.92
C VAL J 84 7.89 -43.78 -0.33
N GLN J 85 8.56 -44.08 -1.44
CA GLN J 85 7.92 -44.13 -2.75
C GLN J 85 8.46 -45.31 -3.53
N LEU J 86 7.68 -45.74 -4.53
CA LEU J 86 8.08 -46.82 -5.41
C LEU J 86 8.06 -46.35 -6.87
N PRO J 87 9.02 -46.80 -7.69
CA PRO J 87 9.07 -46.34 -9.09
C PRO J 87 7.86 -46.75 -9.92
N ASN J 88 7.09 -47.75 -9.49
CA ASN J 88 5.91 -48.22 -10.21
C ASN J 88 6.34 -48.77 -11.57
N ASP J 89 5.38 -49.13 -12.43
CA ASP J 89 5.72 -49.66 -13.74
C ASP J 89 6.45 -48.61 -14.58
N ASP J 90 5.98 -47.36 -14.54
CA ASP J 90 6.66 -46.26 -15.24
C ASP J 90 7.75 -45.69 -14.34
N ALA J 91 8.88 -46.42 -14.32
CA ALA J 91 10.00 -46.02 -13.47
C ALA J 91 10.75 -44.82 -14.02
N GLN J 92 10.73 -44.62 -15.34
CA GLN J 92 11.40 -43.50 -15.98
C GLN J 92 12.88 -43.44 -15.58
N PHE J 93 13.59 -44.50 -15.98
CA PHE J 93 15.02 -44.64 -15.68
C PHE J 93 15.79 -43.36 -15.97
N ASP J 94 15.74 -42.89 -17.21
CA ASP J 94 16.30 -41.60 -17.57
C ASP J 94 15.22 -40.62 -18.04
N ALA J 95 14.57 -40.92 -19.16
CA ALA J 95 13.45 -40.14 -19.69
C ALA J 95 13.78 -38.65 -19.83
N SER J 96 15.07 -38.31 -19.85
CA SER J 96 15.54 -36.93 -19.93
C SER J 96 14.97 -36.05 -18.82
N HIS J 97 14.48 -36.67 -17.73
CA HIS J 97 13.92 -35.91 -16.62
C HIS J 97 14.33 -36.49 -15.26
N TYR J 98 15.25 -37.44 -15.22
CA TYR J 98 15.68 -38.01 -13.96
C TYR J 98 16.48 -36.99 -13.16
N ASP J 99 16.16 -36.88 -11.87
CA ASP J 99 16.83 -35.92 -10.99
C ASP J 99 16.63 -36.30 -9.53
N GLU J 104 11.57 -33.95 -8.24
CA GLU J 104 11.46 -35.40 -8.22
C GLU J 104 11.56 -35.98 -9.63
N PHE J 105 11.90 -37.26 -9.72
CA PHE J 105 12.00 -37.92 -11.01
C PHE J 105 10.62 -38.11 -11.63
N GLY J 106 10.61 -38.34 -12.95
CA GLY J 106 9.36 -38.57 -13.64
C GLY J 106 8.76 -39.93 -13.37
N GLY J 107 9.51 -40.82 -12.73
CA GLY J 107 9.02 -42.16 -12.44
C GLY J 107 8.67 -42.37 -10.98
N PHE J 108 9.23 -41.56 -10.10
CA PHE J 108 9.00 -41.65 -8.66
C PHE J 108 9.61 -40.42 -8.01
N GLY J 109 9.34 -40.25 -6.71
CA GLY J 109 9.87 -39.13 -5.98
C GLY J 109 11.38 -39.20 -5.79
N SER J 110 12.10 -38.33 -6.50
CA SER J 110 13.56 -38.27 -6.39
C SER J 110 14.04 -36.95 -5.82
N VAL J 111 13.15 -36.14 -5.25
CA VAL J 111 13.50 -34.88 -4.61
C VAL J 111 12.45 -34.56 -3.57
N SER J 112 12.81 -33.65 -2.66
CA SER J 112 11.92 -33.18 -1.59
C SER J 112 11.56 -34.38 -0.71
N GLY J 113 10.28 -34.75 -0.57
CA GLY J 113 9.89 -35.79 0.35
C GLY J 113 10.23 -37.20 -0.08
N LYS J 114 11.50 -37.46 -0.34
CA LYS J 114 11.93 -38.83 -0.64
C LYS J 114 11.81 -39.72 0.59
N ILE J 115 12.32 -39.25 1.73
CA ILE J 115 12.28 -40.00 2.97
C ILE J 115 11.67 -39.14 4.07
N GLU J 116 10.75 -38.25 3.69
CA GLU J 116 10.21 -37.27 4.63
C GLU J 116 9.52 -37.97 5.79
N ILE J 117 9.63 -37.36 6.97
CA ILE J 117 9.03 -37.89 8.19
C ILE J 117 7.60 -37.38 8.30
N GLU J 118 6.70 -38.24 8.78
CA GLU J 118 5.29 -37.89 8.91
C GLU J 118 4.87 -37.68 10.35
N ILE J 119 5.10 -38.65 11.23
CA ILE J 119 4.76 -38.54 12.64
C ILE J 119 5.94 -39.04 13.46
N LYS J 120 6.38 -38.24 14.42
CA LYS J 120 7.51 -38.57 15.29
C LYS J 120 7.06 -38.38 16.74
N ILE J 121 6.44 -39.41 17.30
CA ILE J 121 5.98 -39.35 18.68
C ILE J 121 7.12 -39.71 19.62
N ASN J 122 7.19 -39.03 20.75
CA ASN J 122 8.26 -39.25 21.72
C ASN J 122 8.08 -40.60 22.42
N HIS J 123 9.20 -41.26 22.67
CA HIS J 123 9.22 -42.59 23.29
C HIS J 123 10.05 -42.54 24.57
N GLU J 124 9.75 -43.45 25.49
CA GLU J 124 10.44 -43.56 26.77
C GLU J 124 11.27 -44.84 26.76
N GLY J 125 12.51 -44.73 26.31
CA GLY J 125 13.39 -45.88 26.26
C GLY J 125 13.81 -46.26 24.85
N GLU J 126 13.76 -47.55 24.54
CA GLU J 126 14.12 -48.06 23.23
C GLU J 126 12.89 -48.63 22.53
N VAL J 127 12.99 -48.73 21.21
CA VAL J 127 11.96 -49.35 20.37
C VAL J 127 12.58 -50.60 19.76
N ASN J 128 12.05 -51.76 20.11
CA ASN J 128 12.58 -53.04 19.64
C ASN J 128 11.85 -53.52 18.39
N ARG J 129 10.53 -53.63 18.45
CA ARG J 129 9.73 -54.06 17.31
C ARG J 129 8.79 -52.94 16.88
N ALA J 130 8.32 -53.04 15.63
CA ALA J 130 7.42 -52.06 15.05
C ALA J 130 6.25 -52.77 14.35
N ARG J 131 5.78 -53.85 14.95
CA ARG J 131 4.67 -54.62 14.39
C ARG J 131 3.37 -53.85 14.59
N TYR J 132 2.73 -53.47 13.49
CA TYR J 132 1.44 -52.81 13.53
C TYR J 132 0.32 -53.82 13.34
N MET J 133 -0.89 -53.41 13.68
CA MET J 133 -2.06 -54.23 13.39
C MET J 133 -2.39 -54.13 11.91
N PRO J 134 -2.37 -55.23 11.15
CA PRO J 134 -2.65 -55.12 9.71
C PRO J 134 -4.11 -54.79 9.41
N GLN J 135 -5.04 -55.23 10.26
CA GLN J 135 -6.45 -54.90 10.04
C GLN J 135 -6.69 -53.40 10.13
N ASN J 136 -6.08 -52.75 11.13
CA ASN J 136 -6.18 -51.30 11.32
C ASN J 136 -4.77 -50.74 11.36
N PRO J 137 -4.24 -50.27 10.22
CA PRO J 137 -2.85 -49.80 10.19
C PRO J 137 -2.59 -48.54 11.01
N CYS J 138 -3.61 -47.98 11.68
CA CYS J 138 -3.38 -46.79 12.49
C CYS J 138 -2.64 -47.13 13.77
N ILE J 139 -2.96 -48.26 14.40
CA ILE J 139 -2.34 -48.64 15.66
C ILE J 139 -1.01 -49.30 15.37
N ILE J 140 0.07 -48.77 15.96
CA ILE J 140 1.42 -49.29 15.80
C ILE J 140 2.01 -49.53 17.18
N ALA J 141 2.59 -50.70 17.38
CA ALA J 141 3.14 -51.10 18.67
C ALA J 141 4.64 -50.87 18.73
N THR J 142 5.17 -50.89 19.95
CA THR J 142 6.59 -50.70 20.20
C THR J 142 6.99 -51.48 21.43
N LYS J 143 8.22 -52.01 21.42
CA LYS J 143 8.77 -52.78 22.53
C LYS J 143 9.91 -52.01 23.18
N THR J 144 9.86 -51.90 24.50
CA THR J 144 10.80 -51.11 25.27
C THR J 144 11.58 -52.01 26.24
N PRO J 145 12.77 -51.59 26.67
CA PRO J 145 13.52 -52.40 27.65
C PRO J 145 12.79 -52.58 28.97
N SER J 146 11.85 -51.70 29.29
CA SER J 146 11.07 -51.85 30.51
C SER J 146 10.12 -53.04 30.40
N SER J 147 9.35 -53.26 31.45
CA SER J 147 8.40 -54.37 31.49
C SER J 147 7.18 -54.14 30.62
N ASP J 148 7.02 -52.95 30.04
CA ASP J 148 5.81 -52.60 29.30
C ASP J 148 6.12 -52.34 27.84
N VAL J 149 5.16 -52.65 26.98
CA VAL J 149 5.22 -52.33 25.58
C VAL J 149 4.42 -51.06 25.34
N LEU J 150 4.69 -50.40 24.21
CA LEU J 150 4.07 -49.13 23.88
C LEU J 150 3.29 -49.25 22.58
N VAL J 151 2.06 -48.77 22.60
CA VAL J 151 1.18 -48.75 21.42
C VAL J 151 0.81 -47.30 21.16
N PHE J 152 1.13 -46.82 19.96
CA PHE J 152 0.93 -45.43 19.58
C PHE J 152 -0.15 -45.30 18.51
N ASP J 153 -0.34 -44.06 18.02
CA ASP J 153 -1.28 -43.77 16.95
C ASP J 153 -0.76 -42.53 16.24
N TYR J 154 -0.15 -42.72 15.07
CA TYR J 154 0.49 -41.61 14.37
C TYR J 154 -0.51 -40.54 13.93
N THR J 155 -1.78 -40.88 13.82
CA THR J 155 -2.79 -39.88 13.43
C THR J 155 -3.24 -39.07 14.63
N LYS J 156 -3.64 -39.74 15.71
CA LYS J 156 -4.10 -39.03 16.90
C LYS J 156 -2.99 -38.19 17.51
N HIS J 157 -1.77 -38.73 17.58
CA HIS J 157 -0.66 -37.98 18.09
C HIS J 157 -0.24 -36.91 17.09
N PRO J 158 0.06 -35.69 17.56
CA PRO J 158 0.47 -34.63 16.64
C PRO J 158 1.91 -34.80 16.18
N SER J 159 2.22 -34.15 15.07
CA SER J 159 3.58 -34.12 14.53
C SER J 159 4.36 -32.98 15.19
N LYS J 160 5.58 -32.74 14.71
CA LYS J 160 6.47 -31.70 15.22
C LYS J 160 6.62 -31.81 16.72
N PRO J 161 7.34 -32.82 17.22
CA PRO J 161 7.44 -33.02 18.67
C PRO J 161 8.11 -31.84 19.36
N ASP J 162 7.62 -31.53 20.56
CA ASP J 162 8.20 -30.48 21.38
C ASP J 162 9.55 -30.93 21.93
N PRO J 163 10.40 -29.99 22.37
CA PRO J 163 11.69 -30.40 22.95
C PRO J 163 11.54 -31.10 24.28
N SER J 164 10.91 -32.28 24.25
CA SER J 164 10.70 -33.11 25.42
C SER J 164 10.47 -34.53 24.96
N GLY J 165 10.57 -35.47 25.91
CA GLY J 165 10.41 -36.87 25.58
C GLY J 165 9.35 -37.59 26.38
N GLU J 166 9.25 -38.90 26.17
CA GLU J 166 8.31 -39.76 26.91
C GLU J 166 6.87 -39.31 26.71
N CYS J 167 6.46 -39.21 25.45
CA CYS J 167 5.07 -38.91 25.15
C CYS J 167 4.17 -40.08 25.54
N ASN J 168 3.02 -39.76 26.13
CA ASN J 168 2.10 -40.80 26.57
C ASN J 168 1.49 -41.49 25.36
N PRO J 169 1.65 -42.82 25.21
CA PRO J 169 1.09 -43.50 24.04
C PRO J 169 -0.39 -43.85 24.17
N ASP J 170 -0.99 -43.60 25.33
CA ASP J 170 -2.38 -43.92 25.67
C ASP J 170 -2.64 -45.41 25.70
N LEU J 171 -1.63 -46.25 25.49
CA LEU J 171 -1.81 -47.71 25.56
C LEU J 171 -0.45 -48.31 25.91
N ARG J 172 -0.28 -48.65 27.18
CA ARG J 172 0.96 -49.25 27.69
C ARG J 172 0.64 -50.65 28.17
N LEU J 173 1.09 -51.66 27.43
CA LEU J 173 0.85 -53.05 27.77
C LEU J 173 2.00 -53.55 28.63
N ARG J 174 1.75 -53.68 29.93
CA ARG J 174 2.77 -54.07 30.91
C ARG J 174 2.43 -55.48 31.41
N GLY J 175 3.04 -56.48 30.78
CA GLY J 175 2.85 -57.86 31.21
C GLY J 175 4.15 -58.60 31.43
N HIS J 176 5.24 -58.08 30.88
CA HIS J 176 6.54 -58.73 30.96
C HIS J 176 7.26 -58.35 32.25
N GLN J 177 8.45 -58.93 32.43
CA GLN J 177 9.32 -58.59 33.55
C GLN J 177 10.66 -58.02 33.10
N LYS J 178 11.34 -58.71 32.19
CA LYS J 178 12.63 -58.29 31.69
C LYS J 178 12.47 -57.67 30.30
N GLU J 179 13.60 -57.39 29.64
CA GLU J 179 13.58 -56.80 28.31
C GLU J 179 12.88 -57.72 27.32
N GLY J 180 12.10 -57.12 26.42
CA GLY J 180 11.40 -57.83 25.38
C GLY J 180 12.10 -57.69 24.05
N TYR J 181 12.03 -58.75 23.23
CA TYR J 181 12.68 -58.73 21.92
C TYR J 181 11.83 -59.28 20.78
N GLY J 182 10.70 -59.93 21.06
CA GLY J 182 9.83 -60.45 20.03
C GLY J 182 8.48 -59.75 20.05
N LEU J 183 7.83 -59.70 18.89
CA LEU J 183 6.50 -59.13 18.78
C LEU J 183 5.90 -59.53 17.43
N SER J 184 4.61 -59.88 17.44
CA SER J 184 3.91 -60.20 16.21
C SER J 184 2.41 -60.02 16.44
N TRP J 185 1.70 -59.64 15.38
CA TRP J 185 0.26 -59.46 15.40
C TRP J 185 -0.42 -60.62 14.69
N ASN J 186 -1.74 -60.60 14.70
CA ASN J 186 -2.54 -61.63 14.05
C ASN J 186 -3.16 -61.08 12.78
N PRO J 187 -2.70 -61.48 11.59
CA PRO J 187 -3.32 -60.97 10.35
C PRO J 187 -4.79 -61.32 10.23
N ASN J 188 -5.20 -62.51 10.69
CA ASN J 188 -6.60 -62.91 10.53
C ASN J 188 -7.53 -62.18 11.49
N LEU J 189 -7.12 -62.04 12.75
CA LEU J 189 -7.96 -61.43 13.79
C LEU J 189 -7.31 -60.14 14.27
N SER J 190 -8.08 -59.06 14.26
CA SER J 190 -7.58 -57.77 14.74
C SER J 190 -7.17 -57.88 16.20
N GLY J 191 -5.98 -57.40 16.52
CA GLY J 191 -5.45 -57.52 17.86
C GLY J 191 -4.52 -58.72 18.01
N HIS J 192 -4.47 -59.29 19.21
CA HIS J 192 -3.68 -60.49 19.49
C HIS J 192 -2.21 -60.28 19.16
N LEU J 193 -1.58 -59.37 19.90
CA LEU J 193 -0.16 -59.06 19.75
C LEU J 193 0.64 -60.00 20.65
N LEU J 194 1.42 -60.88 20.03
CA LEU J 194 2.26 -61.82 20.77
C LEU J 194 3.68 -61.29 20.86
N SER J 195 4.23 -61.26 22.06
CA SER J 195 5.56 -60.69 22.31
C SER J 195 6.41 -61.69 23.07
N ALA J 196 7.60 -61.96 22.56
CA ALA J 196 8.57 -62.83 23.21
C ALA J 196 9.71 -61.98 23.78
N SER J 197 10.09 -62.26 25.02
CA SER J 197 11.06 -61.46 25.74
C SER J 197 12.27 -62.31 26.14
N ASP J 198 13.21 -61.66 26.81
CA ASP J 198 14.43 -62.33 27.28
C ASP J 198 14.21 -63.11 28.57
N ASP J 199 13.06 -62.99 29.20
CA ASP J 199 12.79 -63.73 30.43
C ASP J 199 12.11 -65.07 30.16
N HIS J 200 12.70 -65.83 29.22
CA HIS J 200 12.29 -67.17 28.85
C HIS J 200 10.77 -67.33 28.73
N THR J 201 10.10 -66.35 28.11
CA THR J 201 8.65 -66.41 28.00
C THR J 201 8.20 -65.60 26.79
N ILE J 202 6.98 -65.89 26.35
CA ILE J 202 6.33 -65.16 25.26
C ILE J 202 4.98 -64.69 25.78
N CYS J 203 4.70 -63.40 25.62
CA CYS J 203 3.52 -62.78 26.20
C CYS J 203 2.49 -62.44 25.12
N LEU J 204 1.21 -62.61 25.45
CA LEU J 204 0.09 -62.32 24.59
C LEU J 204 -0.76 -61.22 25.18
N TRP J 205 -1.07 -60.21 24.36
CA TRP J 205 -2.02 -59.17 24.71
C TRP J 205 -3.19 -59.23 23.75
N ASP J 206 -4.41 -59.29 24.30
CA ASP J 206 -5.60 -59.36 23.45
C ASP J 206 -5.77 -58.08 22.64
N ILE J 207 -5.56 -56.92 23.27
CA ILE J 207 -5.71 -55.61 22.63
C ILE J 207 -7.09 -55.51 22.01
N SER J 208 -7.13 -55.28 20.69
CA SER J 208 -8.38 -55.17 19.94
C SER J 208 -9.31 -54.13 20.55
N ALA J 209 -10.31 -54.59 21.29
CA ALA J 209 -11.26 -53.69 21.96
C ALA J 209 -10.59 -53.15 23.22
N VAL J 210 -9.66 -52.22 23.02
CA VAL J 210 -8.93 -51.62 24.14
C VAL J 210 -9.86 -50.67 24.88
N PRO J 211 -9.93 -50.73 26.21
CA PRO J 211 -10.78 -49.80 26.95
C PRO J 211 -10.29 -48.37 26.80
N LYS J 212 -11.23 -47.43 26.88
CA LYS J 212 -10.89 -46.01 26.78
C LYS J 212 -9.98 -45.61 27.93
N GLU J 213 -9.02 -44.72 27.62
CA GLU J 213 -8.01 -44.28 28.59
C GLU J 213 -7.26 -45.47 29.19
N GLY J 214 -6.92 -46.44 28.33
CA GLY J 214 -6.22 -47.63 28.77
C GLY J 214 -4.74 -47.41 28.98
N LYS J 215 -4.39 -46.69 30.04
CA LYS J 215 -2.99 -46.42 30.35
C LYS J 215 -2.24 -47.69 30.77
N VAL J 216 -2.92 -48.64 31.40
CA VAL J 216 -2.31 -49.88 31.86
C VAL J 216 -3.05 -51.05 31.23
N VAL J 217 -2.30 -51.95 30.59
CA VAL J 217 -2.88 -53.13 29.96
C VAL J 217 -2.11 -54.35 30.45
N ASP J 218 -2.83 -55.32 31.02
CA ASP J 218 -2.20 -56.54 31.51
C ASP J 218 -2.09 -57.58 30.39
N ALA J 219 -1.19 -58.53 30.59
CA ALA J 219 -0.98 -59.58 29.61
C ALA J 219 -2.17 -60.54 29.60
N LYS J 220 -2.83 -60.65 28.45
CA LYS J 220 -3.96 -61.56 28.33
C LYS J 220 -3.54 -63.01 28.52
N THR J 221 -2.43 -63.41 27.91
CA THR J 221 -1.90 -64.76 28.05
C THR J 221 -0.38 -64.70 28.03
N ILE J 222 0.24 -65.67 28.70
CA ILE J 222 1.70 -65.77 28.78
C ILE J 222 2.10 -67.20 28.43
N PHE J 223 3.06 -67.34 27.53
CA PHE J 223 3.56 -68.64 27.09
C PHE J 223 4.99 -68.79 27.60
N THR J 224 5.14 -69.39 28.77
CA THR J 224 6.44 -69.63 29.40
C THR J 224 6.65 -71.14 29.45
N GLY J 225 7.19 -71.70 28.38
CA GLY J 225 7.45 -73.12 28.31
C GLY J 225 8.88 -73.43 27.91
N HIS J 226 9.59 -72.42 27.41
CA HIS J 226 10.99 -72.58 27.01
C HIS J 226 11.89 -72.17 28.17
N THR J 227 12.85 -73.05 28.50
CA THR J 227 13.74 -72.78 29.63
C THR J 227 14.59 -71.55 29.38
N ALA J 228 15.09 -71.38 28.16
CA ALA J 228 15.98 -70.28 27.83
C ALA J 228 15.19 -69.12 27.21
N VAL J 229 15.91 -68.04 26.90
CA VAL J 229 15.27 -66.82 26.43
C VAL J 229 14.77 -67.01 25.01
N VAL J 230 13.50 -66.70 24.78
CA VAL J 230 12.90 -66.79 23.45
C VAL J 230 13.29 -65.54 22.68
N GLU J 231 14.01 -65.73 21.57
CA GLU J 231 14.50 -64.59 20.80
C GLU J 231 13.50 -64.11 19.75
N ASP J 232 12.45 -64.87 19.46
CA ASP J 232 11.43 -64.44 18.50
C ASP J 232 10.24 -65.39 18.58
N VAL J 233 9.05 -64.83 18.38
CA VAL J 233 7.81 -65.60 18.28
C VAL J 233 7.02 -65.07 17.09
N SER J 234 6.57 -65.98 16.24
CA SER J 234 5.84 -65.60 15.03
C SER J 234 4.63 -66.49 14.85
N TRP J 235 3.54 -65.90 14.36
CA TRP J 235 2.32 -66.63 14.10
C TRP J 235 2.41 -67.39 12.78
N HIS J 236 1.49 -68.33 12.59
CA HIS J 236 1.33 -68.99 11.31
C HIS J 236 0.46 -68.13 10.40
N LEU J 237 0.97 -67.80 9.22
CA LEU J 237 0.27 -66.86 8.36
C LEU J 237 -1.05 -67.43 7.84
N LEU J 238 -1.06 -68.73 7.50
CA LEU J 238 -2.28 -69.34 6.99
C LEU J 238 -3.34 -69.50 8.08
N HIS J 239 -2.93 -70.02 9.24
CA HIS J 239 -3.86 -70.35 10.30
C HIS J 239 -3.56 -69.52 11.54
N GLU J 240 -4.56 -68.84 12.07
CA GLU J 240 -4.38 -67.94 13.21
C GLU J 240 -4.60 -68.63 14.55
N SER J 241 -5.01 -69.89 14.57
CA SER J 241 -5.25 -70.59 15.83
C SER J 241 -3.99 -71.19 16.43
N LEU J 242 -2.85 -71.10 15.75
CA LEU J 242 -1.60 -71.64 16.26
C LEU J 242 -0.44 -70.76 15.82
N PHE J 243 0.65 -70.84 16.57
CA PHE J 243 1.85 -70.06 16.28
C PHE J 243 3.07 -70.89 16.69
N GLY J 244 4.24 -70.29 16.58
CA GLY J 244 5.48 -70.97 16.90
C GLY J 244 6.35 -70.15 17.82
N SER J 245 7.10 -70.84 18.67
CA SER J 245 8.04 -70.23 19.59
C SER J 245 9.37 -70.98 19.52
N VAL J 246 10.44 -70.30 19.88
CA VAL J 246 11.77 -70.89 19.85
C VAL J 246 12.67 -70.10 20.80
N ALA J 247 13.64 -70.79 21.40
CA ALA J 247 14.56 -70.17 22.33
C ALA J 247 15.93 -70.85 22.18
N ASP J 248 16.85 -70.51 23.09
CA ASP J 248 18.20 -71.07 23.05
C ASP J 248 18.23 -72.56 23.34
N ASP J 249 17.14 -73.13 23.85
CA ASP J 249 17.08 -74.56 24.19
C ASP J 249 16.99 -75.47 22.95
N GLN J 250 17.18 -74.94 21.74
CA GLN J 250 17.19 -75.74 20.51
C GLN J 250 15.86 -76.48 20.32
N LYS J 251 14.80 -75.72 20.14
CA LYS J 251 13.47 -76.29 19.89
C LYS J 251 12.65 -75.27 19.12
N LEU J 252 12.53 -75.47 17.80
CA LEU J 252 11.68 -74.63 16.97
C LEU J 252 10.23 -75.06 17.15
N MET J 253 9.73 -74.84 18.35
CA MET J 253 8.42 -75.33 18.74
C MET J 253 7.31 -74.57 18.01
N ILE J 254 6.14 -75.21 17.95
CA ILE J 254 4.93 -74.59 17.43
C ILE J 254 3.85 -74.74 18.49
N TRP J 255 3.28 -73.63 18.92
CA TRP J 255 2.32 -73.59 20.02
C TRP J 255 0.93 -73.29 19.47
N ASP J 256 -0.05 -74.11 19.85
CA ASP J 256 -1.43 -73.93 19.41
C ASP J 256 -2.20 -73.13 20.46
N THR J 257 -2.85 -72.06 20.01
CA THR J 257 -3.61 -71.22 20.92
C THR J 257 -4.85 -71.94 21.41
N ARG J 258 -5.32 -71.53 22.59
CA ARG J 258 -6.50 -72.11 23.23
C ARG J 258 -6.36 -73.62 23.44
N SER J 259 -5.15 -74.07 23.72
CA SER J 259 -4.88 -75.48 23.99
C SER J 259 -4.88 -75.81 25.47
N ASN J 260 -5.09 -74.83 26.34
CA ASN J 260 -5.09 -75.03 27.80
C ASN J 260 -3.77 -75.64 28.28
N ASN J 261 -2.67 -75.21 27.67
CA ASN J 261 -1.35 -75.70 28.05
C ASN J 261 -0.33 -74.61 27.68
N THR J 262 0.11 -73.85 28.67
CA THR J 262 1.06 -72.76 28.46
C THR J 262 2.49 -73.17 28.76
N SER J 263 2.74 -74.42 29.13
CA SER J 263 4.08 -74.88 29.47
C SER J 263 4.63 -75.90 28.49
N LYS J 264 3.78 -76.72 27.88
CA LYS J 264 4.23 -77.74 26.93
C LYS J 264 3.82 -77.33 25.52
N PRO J 265 4.75 -76.97 24.64
CA PRO J 265 4.37 -76.63 23.27
C PRO J 265 3.81 -77.83 22.54
N SER J 266 2.90 -77.57 21.60
CA SER J 266 2.29 -78.65 20.82
C SER J 266 3.34 -79.39 20.00
N HIS J 267 4.26 -78.65 19.40
CA HIS J 267 5.35 -79.23 18.63
C HIS J 267 6.62 -79.20 19.46
N SER J 268 7.25 -80.36 19.63
CA SER J 268 8.45 -80.50 20.44
C SER J 268 9.66 -80.91 19.59
N VAL J 269 9.67 -80.50 18.31
CA VAL J 269 10.78 -80.83 17.44
C VAL J 269 11.98 -79.95 17.80
N ASP J 270 13.10 -80.58 18.11
CA ASP J 270 14.31 -79.83 18.44
C ASP J 270 14.78 -79.00 17.25
N ALA J 271 14.83 -79.62 16.06
CA ALA J 271 15.17 -79.00 14.79
C ALA J 271 16.60 -78.50 14.71
N HIS J 272 17.37 -78.62 15.79
CA HIS J 272 18.75 -78.14 15.83
C HIS J 272 19.44 -78.75 17.04
N THR J 273 20.66 -78.30 17.31
CA THR J 273 21.40 -78.66 18.51
C THR J 273 21.86 -77.45 19.30
N ALA J 274 22.25 -76.37 18.61
CA ALA J 274 22.66 -75.14 19.27
C ALA J 274 21.46 -74.20 19.40
N GLU J 275 21.71 -72.94 19.74
CA GLU J 275 20.64 -71.98 19.91
C GLU J 275 19.88 -71.78 18.60
N VAL J 276 18.56 -71.59 18.72
CA VAL J 276 17.69 -71.29 17.58
C VAL J 276 16.85 -70.08 17.96
N ASN J 277 16.82 -69.08 17.07
CA ASN J 277 16.23 -67.79 17.40
C ASN J 277 15.05 -67.39 16.53
N CYS J 278 15.10 -67.64 15.22
CA CYS J 278 14.10 -67.13 14.30
C CYS J 278 13.00 -68.16 14.04
N LEU J 279 11.87 -67.67 13.56
CA LEU J 279 10.71 -68.51 13.25
C LEU J 279 9.77 -67.73 12.35
N SER J 280 9.20 -68.42 11.36
CA SER J 280 8.22 -67.81 10.46
C SER J 280 7.46 -68.92 9.74
N PHE J 281 6.65 -68.51 8.77
CA PHE J 281 5.84 -69.41 7.96
C PHE J 281 5.74 -68.83 6.56
N ASN J 282 4.81 -69.36 5.76
CA ASN J 282 4.50 -68.84 4.43
C ASN J 282 3.01 -68.98 4.20
N PRO J 283 2.32 -67.93 3.73
CA PRO J 283 0.89 -68.05 3.45
C PRO J 283 0.59 -68.93 2.26
N TYR J 284 1.26 -68.66 1.13
CA TYR J 284 1.06 -69.47 -0.07
C TYR J 284 1.57 -70.90 0.14
N SER J 285 2.80 -71.03 0.64
CA SER J 285 3.34 -72.34 1.00
C SER J 285 2.84 -72.66 2.41
N GLU J 286 1.66 -73.30 2.45
CA GLU J 286 0.99 -73.55 3.71
C GLU J 286 1.76 -74.49 4.62
N PHE J 287 2.76 -75.20 4.09
CA PHE J 287 3.53 -76.16 4.88
C PHE J 287 4.99 -75.78 5.03
N ILE J 288 5.57 -75.06 4.06
CA ILE J 288 6.99 -74.73 4.11
C ILE J 288 7.24 -73.70 5.20
N LEU J 289 8.22 -73.97 6.05
CA LEU J 289 8.59 -73.05 7.13
C LEU J 289 10.08 -72.77 7.11
N ALA J 290 10.57 -72.02 8.09
CA ALA J 290 11.98 -71.71 8.21
C ALA J 290 12.28 -71.30 9.63
N THR J 291 13.55 -71.44 10.03
CA THR J 291 13.97 -71.09 11.37
C THR J 291 15.47 -70.82 11.38
N GLY J 292 15.88 -69.71 12.00
CA GLY J 292 17.28 -69.41 12.17
C GLY J 292 17.81 -69.96 13.47
N SER J 293 19.12 -70.19 13.51
CA SER J 293 19.71 -70.88 14.65
C SER J 293 21.20 -70.55 14.76
N ALA J 294 21.78 -70.95 15.88
CA ALA J 294 23.22 -70.81 16.09
C ALA J 294 24.00 -71.84 15.29
N ASP J 295 23.43 -73.01 15.05
CA ASP J 295 24.10 -74.08 14.32
C ASP J 295 24.23 -73.78 12.83
N LYS J 296 23.82 -72.59 12.39
CA LYS J 296 23.94 -72.16 10.99
C LYS J 296 23.31 -73.19 10.05
N THR J 297 22.18 -73.75 10.47
CA THR J 297 21.53 -74.84 9.77
C THR J 297 20.04 -74.55 9.60
N VAL J 298 19.73 -73.35 9.12
CA VAL J 298 18.35 -72.98 8.82
C VAL J 298 17.77 -74.00 7.85
N ALA J 299 16.71 -74.69 8.27
CA ALA J 299 16.18 -75.82 7.53
C ALA J 299 14.68 -75.69 7.37
N LEU J 300 14.19 -75.89 6.15
CA LEU J 300 12.76 -75.94 5.90
C LEU J 300 12.15 -77.17 6.54
N TRP J 301 10.90 -77.06 6.95
CA TRP J 301 10.20 -78.16 7.60
C TRP J 301 8.79 -78.28 7.05
N ASP J 302 8.27 -79.50 7.07
CA ASP J 302 6.90 -79.76 6.66
C ASP J 302 6.02 -79.96 7.89
N LEU J 303 4.85 -79.32 7.88
CA LEU J 303 3.95 -79.42 9.02
C LEU J 303 3.48 -80.86 9.24
N ARG J 304 3.14 -81.56 8.15
CA ARG J 304 2.68 -82.95 8.28
C ARG J 304 3.84 -83.87 8.65
N ASN J 305 5.01 -83.65 8.06
CA ASN J 305 6.20 -84.48 8.29
C ASN J 305 7.33 -83.57 8.74
N LEU J 306 7.45 -83.38 10.05
CA LEU J 306 8.49 -82.52 10.61
C LEU J 306 9.62 -83.30 11.26
N LYS J 307 9.41 -84.57 11.61
CA LYS J 307 10.49 -85.37 12.17
C LYS J 307 11.64 -85.52 11.19
N LEU J 308 11.31 -85.79 9.92
CA LEU J 308 12.34 -85.81 8.88
C LEU J 308 12.80 -84.39 8.58
N LYS J 309 13.99 -84.29 8.00
CA LYS J 309 14.60 -83.02 7.67
C LYS J 309 14.54 -82.80 6.16
N LEU J 310 14.07 -81.63 5.75
CA LEU J 310 14.08 -81.23 4.35
C LEU J 310 15.48 -80.76 3.97
N HIS J 311 15.60 -80.06 2.84
CA HIS J 311 16.92 -79.62 2.41
C HIS J 311 17.41 -78.54 3.36
N SER J 312 18.19 -78.94 4.36
CA SER J 312 18.69 -78.03 5.37
C SER J 312 19.63 -77.01 4.73
N PHE J 313 19.19 -75.76 4.65
CA PHE J 313 19.98 -74.73 3.99
C PHE J 313 21.19 -74.36 4.84
N GLU J 314 22.14 -75.28 4.95
CA GLU J 314 23.33 -75.08 5.78
C GLU J 314 24.24 -74.08 5.06
N SER J 315 23.88 -72.81 5.17
CA SER J 315 24.62 -71.74 4.51
C SER J 315 24.90 -70.56 5.42
N HIS J 316 24.26 -70.47 6.59
CA HIS J 316 24.56 -69.41 7.54
C HIS J 316 25.95 -69.62 8.13
N LYS J 317 26.38 -68.69 8.98
CA LYS J 317 27.68 -68.77 9.61
C LYS J 317 27.65 -68.49 11.10
N ASP J 318 26.52 -68.05 11.65
CA ASP J 318 26.36 -67.86 13.09
C ASP J 318 24.87 -67.77 13.40
N GLU J 319 24.56 -67.29 14.61
CA GLU J 319 23.17 -67.15 15.04
C GLU J 319 22.38 -66.31 14.04
N ILE J 320 21.14 -66.75 13.78
CA ILE J 320 20.23 -66.05 12.88
C ILE J 320 19.02 -65.62 13.70
N PHE J 321 18.66 -64.34 13.60
CA PHE J 321 17.62 -63.76 14.45
C PHE J 321 16.32 -63.53 13.72
N GLN J 322 16.26 -63.70 12.40
CA GLN J 322 15.05 -63.37 11.65
C GLN J 322 14.93 -64.24 10.41
N VAL J 323 13.76 -64.85 10.23
CA VAL J 323 13.40 -65.57 9.02
C VAL J 323 11.99 -65.17 8.65
N GLN J 324 11.72 -65.10 7.34
CA GLN J 324 10.39 -64.85 6.81
C GLN J 324 10.33 -65.39 5.39
N TRP J 325 9.11 -65.66 4.91
CA TRP J 325 8.89 -66.14 3.57
C TRP J 325 7.99 -65.18 2.80
N SER J 326 8.24 -65.06 1.50
CA SER J 326 7.55 -64.07 0.68
C SER J 326 6.08 -64.44 0.50
N PRO J 327 5.15 -63.57 0.89
CA PRO J 327 3.73 -63.86 0.63
C PRO J 327 3.39 -63.89 -0.85
N HIS J 328 4.09 -63.11 -1.69
CA HIS J 328 3.74 -63.02 -3.10
C HIS J 328 3.88 -64.36 -3.79
N ASN J 329 5.02 -65.01 -3.64
CA ASN J 329 5.29 -66.28 -4.30
C ASN J 329 5.00 -67.44 -3.34
N GLU J 330 5.36 -68.64 -3.75
CA GLU J 330 5.13 -69.85 -2.97
C GLU J 330 6.42 -70.55 -2.57
N THR J 331 7.39 -70.68 -3.49
CA THR J 331 8.61 -71.42 -3.24
C THR J 331 9.78 -70.50 -2.90
N ILE J 332 9.54 -69.41 -2.19
CA ILE J 332 10.58 -68.47 -1.79
C ILE J 332 10.45 -68.19 -0.30
N LEU J 333 11.58 -68.25 0.41
CA LEU J 333 11.64 -67.88 1.82
C LEU J 333 12.89 -67.00 2.00
N ALA J 334 13.11 -66.53 3.22
CA ALA J 334 14.24 -65.63 3.49
C ALA J 334 14.68 -65.80 4.94
N SER J 335 15.91 -65.37 5.21
CA SER J 335 16.50 -65.54 6.53
C SER J 335 17.67 -64.59 6.69
N SER J 336 17.71 -63.87 7.81
CA SER J 336 18.80 -62.96 8.12
C SER J 336 19.19 -63.12 9.58
N GLY J 337 20.44 -62.82 9.89
CA GLY J 337 20.95 -62.99 11.23
C GLY J 337 22.22 -62.21 11.51
N THR J 338 23.01 -62.72 12.46
CA THR J 338 24.23 -62.03 12.87
C THR J 338 25.28 -61.99 11.76
N ASP J 339 25.16 -62.89 10.78
CA ASP J 339 26.09 -62.89 9.67
C ASP J 339 25.86 -61.76 8.67
N ARG J 340 25.03 -60.77 9.04
CA ARG J 340 24.70 -59.62 8.19
C ARG J 340 24.41 -60.03 6.75
N ARG J 341 23.68 -61.13 6.59
CA ARG J 341 23.28 -61.62 5.28
C ARG J 341 21.81 -62.03 5.36
N LEU J 342 21.01 -61.51 4.43
CA LEU J 342 19.60 -61.90 4.32
C LEU J 342 19.50 -63.02 3.29
N ASN J 343 19.62 -64.26 3.78
CA ASN J 343 19.63 -65.44 2.91
C ASN J 343 18.21 -65.76 2.48
N VAL J 344 17.94 -65.60 1.18
CA VAL J 344 16.62 -65.90 0.64
C VAL J 344 16.59 -67.35 0.18
N TRP J 345 15.61 -68.11 0.65
CA TRP J 345 15.52 -69.54 0.37
C TRP J 345 14.69 -69.81 -0.87
N ASP J 346 14.83 -71.04 -1.39
CA ASP J 346 14.05 -71.50 -2.54
C ASP J 346 13.96 -73.02 -2.48
N LEU J 347 12.77 -73.56 -2.70
CA LEU J 347 12.56 -75.00 -2.59
C LEU J 347 12.42 -75.68 -3.94
N SER J 348 12.07 -74.94 -5.00
CA SER J 348 11.86 -75.56 -6.30
C SER J 348 13.10 -76.28 -6.82
N LYS J 349 14.28 -75.92 -6.32
CA LYS J 349 15.53 -76.57 -6.71
C LYS J 349 16.04 -77.54 -5.65
N ILE J 350 15.24 -77.86 -4.64
CA ILE J 350 15.64 -78.78 -3.59
C ILE J 350 15.52 -80.21 -4.09
N GLY J 351 16.46 -81.05 -3.70
CA GLY J 351 16.47 -82.43 -4.17
C GLY J 351 16.72 -82.55 -5.66
N GLU J 352 17.58 -81.71 -6.20
CA GLU J 352 17.91 -81.74 -7.62
C GLU J 352 19.39 -81.42 -7.80
N GLU J 353 19.93 -81.83 -8.94
CA GLU J 353 21.33 -81.64 -9.27
C GLU J 353 21.49 -80.55 -10.31
N GLN J 354 22.74 -80.17 -10.56
CA GLN J 354 23.06 -79.13 -11.53
C GLN J 354 24.52 -79.29 -11.95
N SER J 355 25.03 -78.31 -12.69
CA SER J 355 26.41 -78.34 -13.13
C SER J 355 27.35 -78.19 -11.94
N PRO J 356 28.60 -78.64 -12.08
CA PRO J 356 29.55 -78.52 -10.95
C PRO J 356 29.77 -77.09 -10.50
N GLU J 357 29.77 -76.13 -11.42
CA GLU J 357 29.91 -74.73 -11.03
C GLU J 357 28.73 -74.27 -10.17
N ASP J 358 27.53 -74.76 -10.49
CA ASP J 358 26.36 -74.41 -9.69
C ASP J 358 26.49 -74.93 -8.26
N ALA J 359 27.01 -76.15 -8.11
CA ALA J 359 27.26 -76.67 -6.76
C ALA J 359 28.39 -75.91 -6.07
N GLU J 360 29.37 -75.43 -6.84
CA GLU J 360 30.45 -74.64 -6.26
C GLU J 360 29.93 -73.30 -5.74
N ASP J 361 28.96 -72.71 -6.42
CA ASP J 361 28.37 -71.46 -5.95
C ASP J 361 27.68 -71.65 -4.60
N GLY J 362 27.14 -72.84 -4.34
CA GLY J 362 26.42 -73.11 -3.12
C GLY J 362 25.40 -74.21 -3.34
N PRO J 363 24.57 -74.47 -2.33
CA PRO J 363 23.49 -75.43 -2.50
C PRO J 363 22.57 -75.00 -3.64
N PRO J 364 22.15 -75.94 -4.48
CA PRO J 364 21.24 -75.56 -5.58
C PRO J 364 19.92 -75.00 -5.09
N GLU J 365 19.44 -75.44 -3.93
CA GLU J 365 18.16 -74.94 -3.42
C GLU J 365 18.26 -73.48 -3.02
N LEU J 366 19.32 -73.11 -2.29
CA LEU J 366 19.50 -71.72 -1.89
C LEU J 366 19.67 -70.85 -3.12
N LEU J 367 18.98 -69.71 -3.13
CA LEU J 367 18.86 -68.89 -4.33
C LEU J 367 19.47 -67.50 -4.17
N PHE J 368 19.14 -66.78 -3.09
CA PHE J 368 19.58 -65.41 -2.92
C PHE J 368 20.06 -65.17 -1.50
N ILE J 369 20.97 -64.20 -1.37
CA ILE J 369 21.46 -63.75 -0.08
C ILE J 369 21.84 -62.28 -0.21
N HIS J 370 21.32 -61.45 0.69
CA HIS J 370 21.52 -60.00 0.62
C HIS J 370 22.70 -59.62 1.50
N GLY J 371 23.70 -58.98 0.90
CA GLY J 371 24.93 -58.64 1.61
C GLY J 371 25.22 -57.15 1.69
N GLY J 372 24.20 -56.35 1.97
CA GLY J 372 24.39 -54.91 2.05
C GLY J 372 24.35 -54.34 3.46
N HIS J 373 24.85 -55.10 4.43
CA HIS J 373 24.84 -54.69 5.81
C HIS J 373 26.25 -54.68 6.37
N THR J 374 26.51 -53.78 7.32
CA THR J 374 27.77 -53.73 8.04
C THR J 374 27.65 -54.25 9.46
N ALA J 375 26.49 -54.11 10.09
CA ALA J 375 26.24 -54.57 11.44
C ALA J 375 25.16 -55.64 11.45
N LYS J 376 24.88 -56.17 12.63
CA LYS J 376 23.91 -57.23 12.78
C LYS J 376 22.52 -56.76 12.35
N ILE J 377 21.84 -57.59 11.57
CA ILE J 377 20.48 -57.29 11.12
C ILE J 377 19.52 -57.54 12.28
N SER J 378 18.64 -56.57 12.53
CA SER J 378 17.66 -56.69 13.60
C SER J 378 16.24 -56.96 13.13
N ASP J 379 15.90 -56.58 11.90
CA ASP J 379 14.58 -56.87 11.35
C ASP J 379 14.63 -56.75 9.83
N PHE J 380 13.65 -57.36 9.18
CA PHE J 380 13.49 -57.27 7.74
C PHE J 380 12.06 -57.69 7.39
N SER J 381 11.56 -57.18 6.27
CA SER J 381 10.19 -57.48 5.88
C SER J 381 10.01 -57.25 4.38
N TRP J 382 9.13 -58.06 3.79
CA TRP J 382 8.70 -57.87 2.41
C TRP J 382 7.64 -56.77 2.33
N ASN J 383 7.43 -56.27 1.11
CA ASN J 383 6.37 -55.30 0.87
C ASN J 383 5.09 -56.01 0.51
N PRO J 384 3.98 -55.81 1.24
CA PRO J 384 2.72 -56.46 0.86
C PRO J 384 2.23 -56.08 -0.52
N ASN J 385 2.47 -54.85 -0.96
CA ASN J 385 1.96 -54.40 -2.26
C ASN J 385 2.86 -54.85 -3.40
N GLU J 386 4.11 -54.38 -3.41
CA GLU J 386 5.03 -54.76 -4.46
C GLU J 386 5.51 -56.19 -4.25
N PRO J 387 5.72 -56.95 -5.33
CA PRO J 387 6.06 -58.38 -5.17
C PRO J 387 7.45 -58.62 -4.57
N TRP J 388 8.48 -57.99 -5.15
CA TRP J 388 9.87 -58.30 -4.81
C TRP J 388 10.49 -57.32 -3.82
N VAL J 389 9.77 -56.29 -3.38
CA VAL J 389 10.38 -55.25 -2.56
C VAL J 389 10.61 -55.78 -1.15
N ILE J 390 11.85 -55.63 -0.66
CA ILE J 390 12.26 -56.09 0.66
C ILE J 390 12.82 -54.88 1.42
N CYS J 391 12.49 -54.79 2.70
CA CYS J 391 13.06 -53.78 3.59
C CYS J 391 13.73 -54.48 4.76
N SER J 392 15.02 -54.22 4.96
CA SER J 392 15.80 -54.82 6.03
C SER J 392 16.58 -53.74 6.77
N VAL J 393 16.73 -53.91 8.08
CA VAL J 393 17.42 -52.94 8.92
C VAL J 393 18.50 -53.67 9.71
N SER J 394 19.47 -52.89 10.19
CA SER J 394 20.55 -53.41 11.01
C SER J 394 20.79 -52.48 12.19
N GLU J 395 21.88 -52.70 12.93
CA GLU J 395 22.21 -51.87 14.09
C GLU J 395 23.19 -50.76 13.74
N ASP J 396 23.53 -50.60 12.46
CA ASP J 396 24.35 -49.49 12.00
C ASP J 396 23.52 -48.27 11.66
N ASN J 397 22.23 -48.28 12.00
CA ASN J 397 21.32 -47.15 11.75
C ASN J 397 21.16 -46.90 10.25
N ILE J 398 20.84 -47.97 9.52
CA ILE J 398 20.58 -47.89 8.08
C ILE J 398 19.30 -48.66 7.80
N MET J 399 18.33 -47.99 7.18
CA MET J 399 17.09 -48.62 6.76
C MET J 399 17.04 -48.63 5.23
N GLN J 400 16.81 -49.82 4.67
CA GLN J 400 16.89 -50.02 3.24
C GLN J 400 15.56 -50.50 2.69
N VAL J 401 15.26 -50.07 1.45
CA VAL J 401 14.12 -50.57 0.70
C VAL J 401 14.65 -51.01 -0.66
N TRP J 402 14.49 -52.30 -0.97
CA TRP J 402 15.04 -52.85 -2.21
C TRP J 402 14.15 -53.96 -2.70
N GLN J 403 14.22 -54.22 -4.01
CA GLN J 403 13.46 -55.27 -4.66
C GLN J 403 14.41 -56.23 -5.37
N MET J 404 14.24 -57.52 -5.11
CA MET J 404 15.07 -58.52 -5.76
C MET J 404 14.72 -58.61 -7.25
N ALA J 405 15.73 -58.83 -8.08
CA ALA J 405 15.54 -58.77 -9.53
C ALA J 405 14.61 -59.89 -10.00
N GLU J 406 13.70 -59.53 -10.90
CA GLU J 406 12.75 -60.50 -11.44
C GLU J 406 13.27 -61.22 -12.68
N ASN J 407 14.51 -60.96 -13.09
CA ASN J 407 15.05 -61.59 -14.29
C ASN J 407 15.18 -63.10 -14.11
N ILE J 408 15.60 -63.54 -12.93
CA ILE J 408 15.90 -64.95 -12.72
C ILE J 408 14.64 -65.80 -12.79
N TYR J 409 13.52 -65.29 -12.28
CA TYR J 409 12.27 -66.06 -12.24
C TYR J 409 11.39 -65.72 -13.45
N ASN J 410 11.89 -66.10 -14.62
CA ASN J 410 11.17 -65.93 -15.87
C ASN J 410 10.87 -67.31 -16.45
N ASP J 411 9.59 -67.59 -16.69
CA ASP J 411 9.14 -68.88 -17.22
C ASP J 411 9.63 -70.04 -16.37
N SER K 181 40.49 -31.96 -7.74
CA SER K 181 39.33 -32.46 -7.02
C SER K 181 39.72 -32.98 -5.63
N LEU K 182 38.72 -33.28 -4.82
CA LEU K 182 38.98 -33.80 -3.48
C LEU K 182 39.59 -35.20 -3.60
N PRO K 183 40.73 -35.46 -2.94
CA PRO K 183 41.34 -36.80 -3.04
C PRO K 183 40.53 -37.85 -2.31
N ARG K 184 41.00 -39.09 -2.31
CA ARG K 184 40.35 -40.14 -1.55
C ARG K 184 40.34 -39.76 -0.07
N PRO K 185 39.21 -39.89 0.62
CA PRO K 185 39.13 -39.43 2.01
C PRO K 185 40.16 -40.06 2.91
N HIS K 186 40.12 -41.39 3.03
CA HIS K 186 41.12 -42.13 3.80
C HIS K 186 40.92 -43.61 3.53
N ASP K 187 42.02 -44.32 3.30
CA ASP K 187 41.98 -45.77 3.11
C ASP K 187 41.75 -46.40 4.47
N PHE K 188 40.48 -46.66 4.79
CA PHE K 188 40.14 -47.26 6.07
C PHE K 188 40.74 -48.67 6.18
N PHE K 189 40.65 -49.45 5.11
CA PHE K 189 41.32 -50.73 5.06
C PHE K 189 42.82 -50.52 4.88
N ASP K 190 43.60 -51.52 5.32
CA ASP K 190 45.05 -51.60 5.13
C ASP K 190 45.80 -50.52 5.89
N ALA K 191 45.13 -49.78 6.77
CA ALA K 191 45.85 -48.81 7.61
C ALA K 191 46.83 -49.52 8.54
N GLN K 192 46.39 -50.61 9.16
CA GLN K 192 47.23 -51.36 10.10
C GLN K 192 47.18 -52.86 9.88
N THR K 193 46.13 -53.40 9.26
CA THR K 193 45.94 -54.84 9.16
C THR K 193 46.65 -55.45 7.95
N LEU K 194 47.33 -54.66 7.13
CA LEU K 194 48.04 -55.23 5.99
C LEU K 194 49.11 -56.22 6.45
N ASP K 195 49.88 -55.86 7.47
CA ASP K 195 50.94 -56.74 7.95
C ASP K 195 50.35 -58.00 8.59
N ALA K 196 49.24 -57.86 9.32
CA ALA K 196 48.58 -59.03 9.90
C ALA K 196 48.08 -59.97 8.80
N ILE K 197 47.54 -59.40 7.72
CA ILE K 197 47.08 -60.21 6.60
C ILE K 197 48.26 -60.93 5.95
N ARG K 198 49.39 -60.23 5.78
CA ARG K 198 50.58 -60.88 5.22
C ARG K 198 51.06 -62.01 6.12
N HIS K 199 51.04 -61.80 7.43
CA HIS K 199 51.47 -62.84 8.36
C HIS K 199 50.54 -64.06 8.28
N ARG K 200 49.22 -63.82 8.24
CA ARG K 200 48.28 -64.93 8.14
C ARG K 200 48.44 -65.68 6.83
N ALA K 201 48.64 -64.96 5.73
CA ALA K 201 48.86 -65.60 4.44
C ALA K 201 50.15 -66.40 4.43
N ILE K 202 51.20 -65.87 5.04
CA ILE K 202 52.47 -66.60 5.12
C ILE K 202 52.28 -67.89 5.91
N CYS K 203 51.57 -67.82 7.04
CA CYS K 203 51.32 -69.03 7.82
C CYS K 203 50.51 -70.05 7.02
N PHE K 204 49.48 -69.58 6.32
CA PHE K 204 48.65 -70.49 5.52
C PHE K 204 49.47 -71.17 4.43
N ASN K 205 50.27 -70.39 3.70
CA ASN K 205 51.07 -70.96 2.62
C ASN K 205 52.12 -71.93 3.15
N LEU K 206 52.78 -71.58 4.25
CA LEU K 206 53.77 -72.48 4.82
C LEU K 206 53.14 -73.78 5.33
N SER K 207 51.93 -73.69 5.89
CA SER K 207 51.30 -74.88 6.44
C SER K 207 50.74 -75.79 5.36
N ALA K 208 50.16 -75.23 4.30
CA ALA K 208 49.46 -76.04 3.31
C ALA K 208 50.03 -75.94 1.90
N HIS K 209 50.65 -74.83 1.53
CA HIS K 209 51.05 -74.58 0.14
C HIS K 209 49.85 -74.69 -0.80
N ILE K 210 48.68 -74.25 -0.34
CA ILE K 210 47.48 -74.33 -1.16
C ILE K 210 47.61 -73.47 -2.40
N GLU K 211 48.41 -72.39 -2.32
CA GLU K 211 48.67 -71.56 -3.49
C GLU K 211 49.70 -72.16 -4.44
N SER K 212 50.44 -73.18 -4.01
CA SER K 212 51.46 -73.81 -4.84
C SER K 212 50.98 -75.12 -5.44
N LEU K 213 50.56 -76.07 -4.60
CA LEU K 213 50.13 -77.38 -5.06
C LEU K 213 48.62 -77.60 -4.97
N GLY K 214 47.89 -76.70 -4.31
CA GLY K 214 46.46 -76.78 -4.21
C GLY K 214 45.71 -76.14 -5.35
N LYS K 215 46.43 -75.65 -6.37
CA LYS K 215 45.84 -75.03 -7.56
C LYS K 215 45.04 -73.78 -7.22
N GLY K 216 45.26 -73.19 -6.05
CA GLY K 216 44.59 -71.96 -5.68
C GLY K 216 43.16 -72.16 -5.22
N HIS K 217 42.49 -73.18 -5.74
CA HIS K 217 41.10 -73.46 -5.42
C HIS K 217 40.92 -74.73 -4.62
N SER K 218 42.00 -75.29 -4.08
CA SER K 218 41.90 -76.51 -3.28
C SER K 218 43.03 -76.53 -2.26
N VAL K 219 42.88 -77.40 -1.27
CA VAL K 219 43.82 -77.47 -0.15
C VAL K 219 44.90 -78.49 -0.48
N VAL K 220 46.15 -78.03 -0.51
CA VAL K 220 47.31 -78.90 -0.70
C VAL K 220 47.80 -79.34 0.68
N PHE K 221 48.27 -80.59 0.76
CA PHE K 221 48.73 -81.14 2.02
C PHE K 221 49.72 -82.26 1.75
N HIS K 222 50.44 -82.65 2.79
CA HIS K 222 51.39 -83.75 2.75
C HIS K 222 50.96 -84.82 3.74
N SER K 223 51.07 -86.08 3.34
CA SER K 223 50.58 -87.19 4.13
C SER K 223 51.73 -88.09 4.56
N THR K 224 51.48 -88.81 5.65
CA THR K 224 52.42 -89.78 6.19
C THR K 224 51.65 -90.98 6.69
N VAL K 225 52.32 -92.12 6.80
CA VAL K 225 51.66 -93.36 7.20
C VAL K 225 51.64 -93.46 8.72
N ILE K 226 50.66 -92.81 9.35
CA ILE K 226 50.52 -92.90 10.79
C ILE K 226 50.04 -94.28 11.20
N ALA K 227 49.04 -94.82 10.49
CA ALA K 227 48.48 -96.12 10.78
C ALA K 227 48.32 -96.89 9.49
N LYS K 228 47.95 -98.17 9.61
CA LYS K 228 47.79 -99.05 8.47
C LYS K 228 46.84 -100.17 8.85
N ARG K 229 46.41 -100.93 7.84
CA ARG K 229 45.52 -102.06 8.02
C ARG K 229 46.28 -103.35 7.69
N LYS K 230 46.26 -104.29 8.63
CA LYS K 230 46.91 -105.58 8.40
C LYS K 230 46.18 -106.35 7.31
N GLU K 231 46.94 -106.87 6.36
CA GLU K 231 46.37 -107.63 5.25
C GLU K 231 47.42 -108.54 4.63
N LYS K 237 45.09 -102.13 3.92
CA LYS K 237 44.89 -100.70 3.73
C LYS K 237 45.89 -99.90 4.56
N LEU K 238 45.76 -98.58 4.53
CA LEU K 238 46.70 -97.70 5.22
C LEU K 238 45.95 -96.44 5.66
N LEU K 239 46.67 -95.56 6.35
CA LEU K 239 46.13 -94.30 6.86
C LEU K 239 47.12 -93.18 6.53
N LEU K 240 46.95 -92.55 5.38
CA LEU K 240 47.79 -91.44 4.98
C LEU K 240 47.38 -90.17 5.71
N HIS K 241 47.66 -90.10 7.01
CA HIS K 241 47.24 -88.97 7.81
C HIS K 241 47.95 -87.69 7.37
N TRP K 242 47.22 -86.59 7.34
CA TRP K 242 47.73 -85.30 6.92
C TRP K 242 48.00 -84.42 8.14
N MET K 243 49.07 -83.63 8.06
CA MET K 243 49.53 -82.86 9.22
C MET K 243 48.51 -81.84 9.72
N PRO K 244 47.90 -80.98 8.88
CA PRO K 244 47.00 -79.96 9.43
C PRO K 244 45.74 -80.55 10.07
N GLU K 245 45.64 -80.44 11.39
CA GLU K 245 44.47 -80.95 12.10
C GLU K 245 43.30 -80.00 11.93
N ASP K 246 42.13 -80.57 11.66
CA ASP K 246 40.88 -79.83 11.45
C ASP K 246 40.97 -78.86 10.28
N ILE K 247 41.88 -79.11 9.34
CA ILE K 247 41.97 -78.33 8.12
C ILE K 247 41.84 -79.26 6.92
N LEU K 248 42.77 -80.22 6.82
CA LEU K 248 42.69 -81.28 5.82
C LEU K 248 42.45 -82.60 6.54
N PRO K 249 41.24 -83.13 6.53
CA PRO K 249 40.95 -84.34 7.30
C PRO K 249 41.77 -85.52 6.83
N ASP K 250 42.18 -86.36 7.79
CA ASP K 250 42.90 -87.57 7.49
C ASP K 250 41.92 -88.67 7.13
N VAL K 251 42.21 -89.37 6.02
CA VAL K 251 41.30 -90.38 5.49
C VAL K 251 41.97 -91.75 5.57
N TRP K 252 41.19 -92.78 5.26
CA TRP K 252 41.65 -94.16 5.25
C TRP K 252 41.61 -94.69 3.82
N VAL K 253 42.74 -95.21 3.34
CA VAL K 253 42.86 -95.68 1.97
C VAL K 253 43.55 -97.03 1.95
N ASN K 254 43.38 -97.74 0.84
CA ASN K 254 44.00 -99.04 0.67
C ASN K 254 45.52 -98.91 0.56
N GLU K 255 46.22 -100.02 0.77
CA GLU K 255 47.67 -100.00 0.78
C GLU K 255 48.24 -99.52 -0.55
N SER K 256 47.81 -100.14 -1.65
CA SER K 256 48.19 -99.66 -2.97
C SER K 256 47.60 -98.27 -3.22
N GLU K 257 46.35 -98.06 -2.81
CA GLU K 257 45.72 -96.76 -2.98
C GLU K 257 46.48 -95.68 -2.24
N ARG K 258 46.90 -95.96 -1.00
CA ARG K 258 47.70 -94.98 -0.26
C ARG K 258 49.05 -94.76 -0.93
N HIS K 259 49.72 -95.86 -1.31
CA HIS K 259 51.04 -95.73 -1.93
C HIS K 259 50.98 -94.96 -3.24
N GLN K 260 49.83 -94.96 -3.90
CA GLN K 260 49.71 -94.19 -5.15
C GLN K 260 49.24 -92.76 -4.90
N LEU K 261 48.03 -92.60 -4.36
CA LEU K 261 47.50 -91.28 -4.04
C LEU K 261 47.62 -91.02 -2.53
N LYS K 262 48.87 -90.93 -2.08
CA LYS K 262 49.13 -90.58 -0.68
C LYS K 262 48.57 -89.20 -0.36
N THR K 263 48.72 -88.24 -1.27
CA THR K 263 48.26 -86.88 -1.05
C THR K 263 46.90 -86.69 -1.72
N LYS K 264 45.95 -86.16 -0.96
CA LYS K 264 44.61 -85.85 -1.45
C LYS K 264 44.41 -84.34 -1.44
N VAL K 265 43.93 -83.79 -2.54
CA VAL K 265 43.70 -82.36 -2.69
C VAL K 265 42.19 -82.14 -2.71
N VAL K 266 41.69 -81.31 -1.80
CA VAL K 266 40.26 -81.11 -1.62
C VAL K 266 39.94 -79.63 -1.81
N HIS K 267 38.86 -79.36 -2.54
CA HIS K 267 38.39 -78.00 -2.74
C HIS K 267 37.95 -77.37 -1.44
N LEU K 268 38.18 -76.06 -1.30
CA LEU K 268 37.69 -75.36 -0.12
C LEU K 268 36.17 -75.33 -0.09
N SER K 269 35.53 -75.37 -1.26
CA SER K 269 34.07 -75.43 -1.29
C SER K 269 33.55 -76.71 -0.66
N LYS K 270 34.26 -77.83 -0.88
CA LYS K 270 33.87 -79.11 -0.30
C LYS K 270 34.39 -79.31 1.11
N LEU K 271 35.15 -78.35 1.65
CA LEU K 271 35.65 -78.47 3.00
C LEU K 271 34.49 -78.46 4.01
N PRO K 272 34.61 -79.22 5.10
CA PRO K 272 33.54 -79.23 6.09
C PRO K 272 33.35 -77.85 6.72
N LYS K 273 32.08 -77.53 7.01
CA LYS K 273 31.77 -76.25 7.65
C LYS K 273 32.02 -76.27 9.15
N ASP K 274 32.22 -77.45 9.75
CA ASP K 274 32.40 -77.52 11.19
C ASP K 274 33.80 -77.04 11.60
N THR K 275 34.82 -77.41 10.83
CA THR K 275 36.20 -77.08 11.15
C THR K 275 36.76 -75.94 10.30
N ALA K 276 35.97 -75.44 9.33
CA ALA K 276 36.45 -74.33 8.51
C ALA K 276 36.69 -73.08 9.37
N LEU K 277 35.81 -72.84 10.33
CA LEU K 277 36.01 -71.70 11.23
C LEU K 277 37.28 -71.84 12.05
N LEU K 278 37.58 -73.05 12.51
CA LEU K 278 38.80 -73.31 13.26
C LEU K 278 40.04 -73.28 12.38
N LEU K 279 39.88 -73.42 11.05
CA LEU K 279 41.03 -73.39 10.17
C LEU K 279 41.75 -72.05 10.21
N ASP K 280 40.99 -70.95 10.23
CA ASP K 280 41.59 -69.63 10.24
C ASP K 280 40.59 -68.64 10.85
N PRO K 281 41.03 -67.73 11.71
CA PRO K 281 40.10 -66.78 12.33
C PRO K 281 39.87 -65.48 11.56
N ASN K 282 40.32 -65.39 10.31
CA ASN K 282 40.15 -64.19 9.51
C ASN K 282 39.05 -64.32 8.45
N ILE K 283 38.25 -65.38 8.52
CA ILE K 283 37.20 -65.58 7.52
C ILE K 283 35.85 -65.07 8.02
N TYR K 284 35.48 -65.35 9.27
CA TYR K 284 34.25 -64.83 9.84
C TYR K 284 34.32 -64.94 11.35
N ARG K 285 34.31 -63.80 12.05
CA ARG K 285 34.20 -63.77 13.49
C ARG K 285 33.39 -62.53 13.88
N THR K 286 32.42 -62.72 14.75
CA THR K 286 31.54 -61.62 15.14
C THR K 286 32.30 -60.56 15.91
N MET K 287 32.29 -59.33 15.40
CA MET K 287 32.98 -58.21 16.03
C MET K 287 32.22 -57.67 17.24
N PRO K 288 30.94 -57.31 17.14
CA PRO K 288 30.25 -56.70 18.28
C PRO K 288 29.52 -57.66 19.21
N GLN K 289 29.72 -58.97 19.06
CA GLN K 289 29.01 -59.96 19.86
C GLN K 289 29.47 -60.01 21.31
N LYS K 290 30.55 -59.31 21.67
CA LYS K 290 31.02 -59.32 23.05
C LYS K 290 29.97 -58.77 23.99
N ARG K 291 29.29 -57.70 23.60
CA ARG K 291 28.25 -57.08 24.42
C ARG K 291 27.04 -56.81 23.53
N LEU K 292 25.98 -56.28 24.16
CA LEU K 292 24.73 -55.97 23.48
C LEU K 292 24.19 -57.20 22.74
N LYS K 293 24.29 -57.18 21.41
CA LYS K 293 23.85 -58.27 20.56
C LYS K 293 22.38 -58.60 20.80
N ARG K 294 22.11 -59.57 21.65
CA ARG K 294 20.74 -59.96 21.98
C ARG K 294 20.03 -58.85 22.75
N PRO L 21 56.15 -64.64 -20.15
CA PRO L 21 55.00 -65.55 -20.10
C PRO L 21 55.21 -66.69 -19.11
N PRO L 22 54.99 -66.43 -17.80
CA PRO L 22 55.19 -67.43 -16.77
C PRO L 22 54.00 -68.38 -16.58
N ALA L 23 53.47 -68.88 -17.69
CA ALA L 23 52.36 -69.83 -17.71
C ALA L 23 51.20 -69.38 -16.83
N THR L 24 50.98 -70.10 -15.73
CA THR L 24 49.88 -69.77 -14.83
C THR L 24 50.12 -68.44 -14.14
N GLN L 25 49.09 -67.60 -14.11
CA GLN L 25 49.22 -66.28 -13.49
C GLN L 25 49.46 -66.39 -12.00
N ILE L 26 48.83 -67.38 -11.35
CA ILE L 26 48.96 -67.52 -9.91
C ILE L 26 50.41 -67.72 -9.51
N SER L 27 51.10 -68.64 -10.18
CA SER L 27 52.46 -69.03 -9.79
C SER L 27 53.45 -67.87 -9.84
N ASP L 28 53.14 -66.81 -10.59
CA ASP L 28 54.02 -65.65 -10.67
C ASP L 28 53.51 -64.42 -9.95
N LEU L 29 52.20 -64.31 -9.73
CA LEU L 29 51.63 -63.13 -9.09
C LEU L 29 51.19 -63.36 -7.65
N SER L 30 50.51 -64.46 -7.36
CA SER L 30 50.03 -64.71 -6.01
C SER L 30 51.15 -65.06 -5.03
N LYS L 31 52.40 -65.08 -5.49
CA LYS L 31 53.56 -65.27 -4.63
C LYS L 31 53.98 -63.98 -3.94
N ARG L 32 53.12 -62.97 -3.93
CA ARG L 32 53.42 -61.69 -3.28
C ARG L 32 52.84 -61.58 -1.89
N LYS L 33 51.62 -62.11 -1.67
CA LYS L 33 51.11 -62.16 -0.30
C LYS L 33 51.96 -63.08 0.57
N PRO L 34 52.27 -64.33 0.17
CA PRO L 34 53.35 -65.07 0.85
C PRO L 34 54.72 -64.79 0.23
N LYS L 35 55.30 -63.64 0.58
CA LYS L 35 56.57 -63.20 0.01
C LYS L 35 57.72 -63.44 0.99
N THR L 36 57.68 -64.57 1.68
CA THR L 36 58.73 -65.00 2.60
C THR L 36 58.78 -66.52 2.53
N GLU L 37 59.42 -67.15 3.51
CA GLU L 37 59.67 -68.59 3.42
C GLU L 37 58.38 -69.39 3.56
N ASP L 38 57.45 -69.19 2.63
CA ASP L 38 56.25 -70.01 2.53
C ASP L 38 55.88 -70.27 1.07
N PHE L 39 56.74 -69.94 0.12
CA PHE L 39 56.43 -70.05 -1.29
C PHE L 39 56.40 -71.48 -1.80
N LEU L 40 56.83 -72.45 -0.98
CA LEU L 40 56.87 -73.86 -1.37
C LEU L 40 57.74 -74.07 -2.61
N THR L 41 58.88 -73.40 -2.65
CA THR L 41 59.89 -73.52 -3.71
C THR L 41 59.22 -73.16 -5.03
N PHE L 42 59.29 -74.00 -6.07
CA PHE L 42 58.70 -73.74 -7.37
C PHE L 42 59.27 -72.47 -8.00
N LEU L 43 58.57 -71.91 -8.98
CA LEU L 43 59.04 -70.68 -9.62
C LEU L 43 58.96 -69.48 -8.69
N CYS L 44 58.15 -69.56 -7.63
CA CYS L 44 58.07 -68.45 -6.68
C CYS L 44 59.40 -68.23 -5.97
N LEU L 45 60.09 -69.32 -5.61
CA LEU L 45 61.40 -69.19 -4.98
C LEU L 45 62.42 -68.57 -5.93
N ARG L 46 62.23 -68.73 -7.23
CA ARG L 46 63.11 -68.14 -8.23
C ARG L 46 62.74 -66.66 -8.41
N GLY L 47 63.30 -66.04 -9.45
CA GLY L 47 63.03 -64.64 -9.70
C GLY L 47 61.66 -64.38 -10.29
N SER L 48 60.61 -64.69 -9.52
CA SER L 48 59.24 -64.47 -9.95
C SER L 48 58.82 -63.01 -9.80
N PRO L 49 59.04 -62.35 -8.65
CA PRO L 49 58.71 -60.92 -8.56
C PRO L 49 59.48 -60.06 -9.54
N ALA L 50 60.72 -60.41 -9.84
CA ALA L 50 61.55 -59.62 -10.75
C ALA L 50 61.58 -60.31 -12.12
N LEU L 51 62.40 -59.78 -13.02
CA LEU L 51 62.54 -60.36 -14.36
C LEU L 51 63.42 -61.61 -14.33
N LYS M 77 86.30 -22.69 31.17
CA LYS M 77 86.27 -21.80 32.32
C LYS M 77 85.19 -22.22 33.32
N CYS M 78 84.11 -22.79 32.80
CA CYS M 78 83.03 -23.25 33.65
C CYS M 78 83.44 -24.50 34.42
N LYS M 79 82.70 -24.77 35.50
CA LYS M 79 82.97 -25.92 36.35
C LYS M 79 82.32 -27.20 35.85
N TYR M 80 81.95 -27.26 34.57
CA TYR M 80 81.33 -28.43 33.97
C TYR M 80 82.21 -28.99 32.87
N SER M 81 82.16 -30.32 32.72
CA SER M 81 82.98 -31.01 31.71
C SER M 81 82.29 -32.32 31.35
N PHE M 82 81.72 -32.39 30.16
CA PHE M 82 80.98 -33.55 29.69
C PHE M 82 81.87 -34.42 28.79
N LYS M 83 81.57 -35.72 28.75
CA LYS M 83 82.30 -36.67 27.93
C LYS M 83 81.32 -37.59 27.24
N CYS M 84 81.52 -37.80 25.93
CA CYS M 84 80.61 -38.62 25.16
C CYS M 84 80.75 -40.10 25.53
N VAL M 85 79.65 -40.84 25.43
CA VAL M 85 79.65 -42.25 25.78
C VAL M 85 79.51 -43.13 24.55
N ASN M 86 78.39 -43.02 23.83
CA ASN M 86 78.14 -43.86 22.67
C ASN M 86 76.96 -43.30 21.90
N SER M 87 76.84 -43.74 20.65
CA SER M 87 75.80 -43.23 19.75
C SER M 87 75.04 -44.36 19.07
N LEU M 88 74.16 -44.02 18.13
CA LEU M 88 73.36 -44.99 17.40
C LEU M 88 72.76 -44.28 16.19
N LYS M 89 71.92 -45.00 15.44
CA LYS M 89 71.30 -44.49 14.22
C LYS M 89 69.83 -44.87 14.22
N GLU M 90 69.16 -44.63 13.09
CA GLU M 90 67.73 -44.92 12.97
C GLU M 90 67.46 -45.58 11.63
N ASP M 91 66.32 -46.28 11.57
CA ASP M 91 65.96 -47.00 10.35
C ASP M 91 65.56 -46.05 9.23
N HIS M 92 64.82 -44.98 9.56
CA HIS M 92 64.27 -44.11 8.52
C HIS M 92 65.31 -43.20 7.90
N ASN M 93 66.32 -42.78 8.67
CA ASN M 93 67.36 -41.86 8.22
C ASN M 93 66.74 -40.55 7.70
N GLN M 94 66.11 -39.83 8.62
CA GLN M 94 65.40 -38.60 8.32
C GLN M 94 65.74 -37.57 9.39
N PRO M 95 65.53 -36.28 9.10
CA PRO M 95 65.84 -35.24 10.09
C PRO M 95 65.04 -35.44 11.38
N LEU M 96 65.70 -35.13 12.50
CA LEU M 96 65.12 -35.31 13.83
C LEU M 96 65.01 -33.96 14.51
N PHE M 97 63.78 -33.56 14.84
CA PHE M 97 63.52 -32.26 15.46
C PHE M 97 63.28 -32.36 16.96
N GLY M 98 62.27 -33.12 17.37
CA GLY M 98 61.87 -33.16 18.77
C GLY M 98 62.66 -34.13 19.62
N VAL M 99 63.39 -33.62 20.60
CA VAL M 99 64.26 -34.45 21.44
C VAL M 99 64.30 -33.86 22.84
N GLN M 100 64.03 -34.70 23.85
CA GLN M 100 64.28 -34.34 25.23
C GLN M 100 64.74 -35.58 26.00
N PHE M 101 65.35 -35.32 27.15
CA PHE M 101 65.64 -36.36 28.11
C PHE M 101 64.45 -36.56 29.03
N ASN M 102 64.41 -37.72 29.68
CA ASN M 102 63.36 -38.02 30.65
C ASN M 102 63.79 -37.49 32.02
N TRP M 103 63.61 -36.18 32.20
CA TRP M 103 63.96 -35.55 33.46
C TRP M 103 63.08 -36.00 34.61
N HIS M 104 61.89 -36.54 34.32
CA HIS M 104 61.00 -37.03 35.35
C HIS M 104 61.47 -38.35 35.95
N SER M 105 62.46 -39.00 35.35
CA SER M 105 62.99 -40.24 35.90
C SER M 105 63.84 -39.95 37.14
N LYS M 106 63.59 -40.69 38.21
CA LYS M 106 64.28 -40.46 39.47
C LYS M 106 65.53 -41.33 39.54
N GLU M 107 66.14 -41.40 40.72
CA GLU M 107 67.35 -42.19 40.91
C GLU M 107 67.02 -43.69 40.82
N GLY M 108 67.99 -44.44 40.33
CA GLY M 108 67.82 -45.87 40.12
C GLY M 108 67.36 -46.27 38.74
N ASP M 109 66.32 -45.60 38.25
CA ASP M 109 65.83 -45.87 36.90
C ASP M 109 66.86 -45.38 35.88
N PRO M 110 67.30 -46.24 34.95
CA PRO M 110 68.28 -45.79 33.95
C PRO M 110 67.72 -44.65 33.10
N LEU M 111 68.61 -43.75 32.70
CA LEU M 111 68.20 -42.58 31.94
C LEU M 111 67.79 -42.98 30.52
N VAL M 112 66.73 -42.33 30.03
CA VAL M 112 66.22 -42.55 28.68
C VAL M 112 65.90 -41.20 28.05
N PHE M 113 65.75 -41.21 26.73
CA PHE M 113 65.36 -40.01 26.00
C PHE M 113 64.52 -40.44 24.80
N ALA M 114 64.31 -39.51 23.87
CA ALA M 114 63.52 -39.80 22.68
C ALA M 114 63.98 -38.92 21.54
N THR M 115 63.74 -39.39 20.31
CA THR M 115 64.06 -38.64 19.11
C THR M 115 63.06 -39.00 18.03
N VAL M 116 62.93 -38.13 17.04
CA VAL M 116 61.92 -38.29 15.99
C VAL M 116 62.59 -38.33 14.63
N GLY M 117 61.80 -38.39 13.56
CA GLY M 117 62.34 -38.41 12.21
C GLY M 117 61.44 -39.15 11.24
N SER M 118 61.19 -38.54 10.07
CA SER M 118 60.24 -39.07 9.11
C SER M 118 58.90 -39.34 9.79
N ASN M 119 58.29 -40.48 9.48
CA ASN M 119 57.09 -40.92 10.16
C ASN M 119 57.36 -41.99 11.20
N ARG M 120 58.63 -42.22 11.54
CA ARG M 120 59.03 -43.27 12.46
C ARG M 120 59.81 -42.66 13.61
N VAL M 121 59.18 -42.59 14.78
CA VAL M 121 59.83 -42.11 16.00
C VAL M 121 60.65 -43.25 16.60
N THR M 122 61.78 -42.90 17.23
CA THR M 122 62.67 -43.88 17.81
C THR M 122 63.06 -43.47 19.22
N LEU M 123 63.06 -44.44 20.14
CA LEU M 123 63.56 -44.26 21.49
C LEU M 123 64.91 -44.95 21.63
N TYR M 124 65.55 -44.74 22.78
CA TYR M 124 66.86 -45.32 23.03
C TYR M 124 67.13 -45.36 24.53
N GLU M 125 68.14 -46.15 24.90
CA GLU M 125 68.62 -46.20 26.27
C GLU M 125 70.11 -46.55 26.21
N CYS M 126 70.95 -45.60 26.59
CA CYS M 126 72.40 -45.79 26.57
C CYS M 126 72.92 -45.85 27.99
N HIS M 127 73.58 -46.95 28.33
CA HIS M 127 74.06 -47.19 29.68
C HIS M 127 75.39 -46.48 29.90
N SER M 128 76.05 -46.77 31.01
CA SER M 128 77.34 -46.19 31.32
C SER M 128 78.44 -46.95 30.58
N GLN M 129 79.70 -46.65 30.90
CA GLN M 129 80.86 -47.29 30.29
C GLN M 129 80.89 -47.09 28.78
N GLY M 130 80.29 -46.01 28.31
CA GLY M 130 80.31 -45.69 26.89
C GLY M 130 79.57 -46.66 25.99
N GLU M 131 78.37 -47.07 26.38
CA GLU M 131 77.57 -48.00 25.60
C GLU M 131 76.19 -47.40 25.31
N ILE M 132 75.65 -47.75 24.14
CA ILE M 132 74.34 -47.27 23.71
C ILE M 132 73.51 -48.46 23.25
N ARG M 133 72.19 -48.27 23.27
CA ARG M 133 71.26 -49.32 22.88
C ARG M 133 69.94 -48.68 22.48
N LEU M 134 69.11 -49.46 21.78
CA LEU M 134 67.80 -49.05 21.34
C LEU M 134 66.73 -49.92 21.99
N LEU M 135 65.56 -49.33 22.19
CA LEU M 135 64.48 -50.04 22.89
C LEU M 135 63.20 -50.11 22.09
N GLN M 136 62.85 -49.07 21.34
CA GLN M 136 61.59 -49.05 20.62
C GLN M 136 61.72 -48.15 19.40
N SER M 137 60.81 -48.36 18.44
CA SER M 137 60.75 -47.53 17.24
C SER M 137 59.35 -47.67 16.65
N TYR M 138 58.58 -46.59 16.68
CA TYR M 138 57.20 -46.58 16.21
C TYR M 138 57.13 -45.81 14.89
N VAL M 139 56.50 -46.43 13.89
CA VAL M 139 56.36 -45.83 12.56
C VAL M 139 54.89 -45.48 12.35
N ASP M 140 54.66 -44.34 11.70
CA ASP M 140 53.32 -43.86 11.36
C ASP M 140 53.28 -43.39 9.91
N ALA M 141 53.81 -44.22 9.00
CA ALA M 141 53.93 -43.88 7.59
C ALA M 141 52.72 -44.33 6.78
N ASP M 142 51.55 -44.47 7.41
CA ASP M 142 50.33 -44.75 6.65
C ASP M 142 50.01 -43.60 5.71
N ALA M 143 50.14 -42.37 6.18
CA ALA M 143 49.98 -41.17 5.37
C ALA M 143 51.32 -40.46 5.23
N ASP M 144 51.30 -39.29 4.59
CA ASP M 144 52.52 -38.50 4.43
C ASP M 144 52.76 -37.66 5.68
N GLU M 145 52.81 -38.31 6.84
CA GLU M 145 52.98 -37.60 8.10
C GLU M 145 54.45 -37.21 8.32
N ASN M 146 54.67 -36.43 9.36
CA ASN M 146 56.01 -35.99 9.76
C ASN M 146 55.94 -35.56 11.21
N PHE M 147 57.04 -35.77 11.93
CA PHE M 147 57.10 -35.46 13.35
C PHE M 147 57.97 -34.21 13.58
N TYR M 148 57.56 -33.41 14.56
CA TYR M 148 58.25 -32.16 14.87
C TYR M 148 58.70 -32.05 16.32
N THR M 149 57.87 -32.51 17.27
CA THR M 149 58.16 -32.34 18.68
C THR M 149 58.00 -33.65 19.43
N CYS M 150 58.77 -33.80 20.50
CA CYS M 150 58.77 -35.00 21.35
C CYS M 150 58.72 -34.60 22.82
N ALA M 151 57.79 -33.72 23.17
CA ALA M 151 57.69 -33.24 24.54
C ALA M 151 57.48 -34.39 25.51
N TRP M 152 58.27 -34.40 26.59
CA TRP M 152 58.20 -35.46 27.59
C TRP M 152 57.23 -35.07 28.70
N THR M 153 56.58 -36.08 29.28
CA THR M 153 55.61 -35.88 30.34
C THR M 153 55.41 -37.21 31.07
N TYR M 154 54.39 -37.25 31.92
CA TYR M 154 54.07 -38.46 32.67
C TYR M 154 52.60 -38.39 33.09
N ASP M 155 52.02 -39.56 33.34
CA ASP M 155 50.62 -39.67 33.74
C ASP M 155 50.56 -39.97 35.24
N SER M 156 49.89 -39.08 35.99
CA SER M 156 49.83 -39.25 37.44
C SER M 156 49.03 -40.49 37.82
N ASN M 157 47.95 -40.78 37.10
CA ASN M 157 47.11 -41.91 37.44
C ASN M 157 47.85 -43.24 37.27
N THR M 158 48.81 -43.30 36.36
CA THR M 158 49.55 -44.53 36.09
C THR M 158 51.02 -44.46 36.46
N SER M 159 51.56 -43.27 36.71
CA SER M 159 52.98 -43.08 37.05
C SER M 159 53.90 -43.62 35.96
N HIS M 160 53.44 -43.60 34.71
CA HIS M 160 54.22 -44.06 33.58
C HIS M 160 54.66 -42.87 32.72
N PRO M 161 55.86 -42.91 32.15
CA PRO M 161 56.27 -41.82 31.26
C PRO M 161 55.44 -41.78 30.00
N LEU M 162 55.22 -40.56 29.50
CA LEU M 162 54.47 -40.33 28.28
C LEU M 162 55.30 -39.49 27.32
N LEU M 163 55.02 -39.65 26.03
CA LEU M 163 55.74 -38.92 24.99
C LEU M 163 54.74 -38.44 23.96
N ALA M 164 54.51 -37.13 23.92
CA ALA M 164 53.56 -36.55 22.98
C ALA M 164 54.30 -36.07 21.72
N VAL M 165 53.79 -36.45 20.56
CA VAL M 165 54.40 -36.10 19.27
C VAL M 165 53.33 -35.50 18.38
N ALA M 166 53.72 -34.49 17.61
CA ALA M 166 52.80 -33.84 16.68
C ALA M 166 53.60 -33.15 15.59
N GLY M 167 52.92 -32.79 14.52
CA GLY M 167 53.54 -32.07 13.43
C GLY M 167 52.86 -32.40 12.12
N SER M 168 53.37 -31.78 11.05
CA SER M 168 52.91 -32.00 9.69
C SER M 168 51.40 -31.79 9.58
N ARG M 169 50.65 -32.88 9.64
CA ARG M 169 49.19 -32.78 9.60
C ARG M 169 48.66 -31.99 10.78
N GLY M 170 49.24 -32.18 11.97
CA GLY M 170 48.83 -31.45 13.14
C GLY M 170 48.00 -32.29 14.11
N ILE M 171 48.41 -33.55 14.29
CA ILE M 171 47.76 -34.46 15.22
C ILE M 171 48.71 -34.73 16.37
N ILE M 172 48.25 -34.45 17.60
CA ILE M 172 49.07 -34.64 18.78
C ILE M 172 48.88 -36.09 19.23
N ARG M 173 49.89 -36.91 18.98
CA ARG M 173 49.87 -38.33 19.36
C ARG M 173 50.64 -38.51 20.66
N ILE M 174 50.01 -39.18 21.62
CA ILE M 174 50.63 -39.42 22.92
C ILE M 174 51.05 -40.88 23.02
N ILE M 175 52.30 -41.16 22.66
CA ILE M 175 52.80 -42.53 22.70
C ILE M 175 53.06 -42.94 24.15
N ASN M 176 52.85 -44.23 24.42
CA ASN M 176 53.13 -44.83 25.73
C ASN M 176 54.16 -45.93 25.50
N PRO M 177 55.46 -45.61 25.61
CA PRO M 177 56.49 -46.61 25.26
C PRO M 177 56.44 -47.86 26.12
N ILE M 178 55.92 -47.78 27.34
CA ILE M 178 55.88 -48.96 28.20
C ILE M 178 54.98 -50.03 27.59
N THR M 179 53.76 -49.64 27.20
CA THR M 179 52.83 -50.56 26.55
C THR M 179 52.94 -50.55 25.03
N MET M 180 53.73 -49.63 24.47
CA MET M 180 53.96 -49.56 23.02
C MET M 180 52.66 -49.41 22.24
N GLN M 181 51.72 -48.63 22.79
CA GLN M 181 50.43 -48.39 22.16
C GLN M 181 50.09 -46.91 22.23
N CYS M 182 49.42 -46.43 21.19
CA CYS M 182 48.97 -45.04 21.17
C CYS M 182 47.88 -44.81 22.21
N ILE M 183 47.80 -43.57 22.71
CA ILE M 183 46.86 -43.25 23.77
C ILE M 183 45.87 -42.20 23.28
N LYS M 184 46.36 -41.04 22.84
CA LYS M 184 45.50 -39.93 22.49
C LYS M 184 45.95 -39.30 21.19
N HIS M 185 44.97 -38.90 20.37
CA HIS M 185 45.20 -38.15 19.16
C HIS M 185 44.35 -36.89 19.20
N TYR M 186 44.93 -35.77 18.77
CA TYR M 186 44.31 -34.46 18.94
C TYR M 186 44.22 -33.76 17.60
N VAL M 187 43.02 -33.28 17.28
CA VAL M 187 42.79 -32.59 16.02
C VAL M 187 42.14 -31.24 16.30
N GLY M 188 42.38 -30.29 15.40
CA GLY M 188 41.84 -28.95 15.56
C GLY M 188 42.81 -27.86 15.12
N HIS M 189 44.05 -28.23 14.82
CA HIS M 189 45.03 -27.26 14.38
C HIS M 189 44.88 -26.99 12.89
N GLY M 190 44.99 -25.71 12.51
CA GLY M 190 44.87 -25.34 11.11
C GLY M 190 46.08 -25.64 10.26
N ASN M 191 47.21 -25.98 10.88
CA ASN M 191 48.43 -26.31 10.15
C ASN M 191 49.34 -27.12 11.07
N ALA M 192 50.59 -27.27 10.66
CA ALA M 192 51.53 -28.10 11.41
C ALA M 192 51.85 -27.48 12.77
N ILE M 193 51.83 -28.32 13.80
CA ILE M 193 52.25 -27.90 15.14
C ILE M 193 53.77 -27.80 15.15
N ASN M 194 54.29 -26.69 15.66
CA ASN M 194 55.73 -26.41 15.62
C ASN M 194 56.44 -26.69 16.92
N GLU M 195 55.83 -26.42 18.07
CA GLU M 195 56.50 -26.59 19.35
C GLU M 195 55.53 -27.16 20.37
N LEU M 196 56.11 -27.68 21.46
CA LEU M 196 55.33 -28.26 22.55
C LEU M 196 56.09 -28.02 23.84
N LYS M 197 55.34 -27.73 24.91
CA LYS M 197 55.93 -27.50 26.22
C LYS M 197 54.89 -27.86 27.27
N PHE M 198 55.36 -28.18 28.47
CA PHE M 198 54.48 -28.66 29.52
C PHE M 198 54.54 -27.74 30.73
N HIS M 199 53.43 -27.71 31.47
CA HIS M 199 53.28 -26.82 32.62
C HIS M 199 53.96 -27.43 33.83
N PRO M 200 54.90 -26.73 34.47
CA PRO M 200 55.60 -27.32 35.63
C PRO M 200 54.67 -27.72 36.76
N ARG M 201 53.63 -26.94 37.03
CA ARG M 201 52.72 -27.27 38.12
C ARG M 201 51.78 -28.41 37.75
N ASP M 202 51.31 -28.43 36.51
CA ASP M 202 50.37 -29.46 36.07
C ASP M 202 50.93 -30.18 34.84
N PRO M 203 51.24 -31.48 34.94
CA PRO M 203 51.78 -32.19 33.77
C PRO M 203 50.76 -32.44 32.68
N ASN M 204 49.49 -32.09 32.89
CA ASN M 204 48.44 -32.33 31.91
C ASN M 204 48.21 -31.14 30.99
N LEU M 205 48.98 -30.06 31.14
CA LEU M 205 48.82 -28.87 30.31
C LEU M 205 49.97 -28.83 29.30
N LEU M 206 49.63 -29.03 28.03
CA LEU M 206 50.59 -28.97 26.94
C LEU M 206 50.27 -27.77 26.07
N LEU M 207 51.27 -26.93 25.84
CA LEU M 207 51.10 -25.73 25.01
C LEU M 207 51.52 -26.07 23.59
N SER M 208 50.59 -25.92 22.64
CA SER M 208 50.86 -26.19 21.24
C SER M 208 50.85 -24.87 20.48
N VAL M 209 52.01 -24.49 19.94
CA VAL M 209 52.13 -23.27 19.14
C VAL M 209 51.85 -23.68 17.70
N SER M 210 50.57 -23.74 17.34
CA SER M 210 50.17 -24.16 16.01
C SER M 210 50.53 -23.08 14.99
N LYS M 211 50.61 -23.51 13.72
CA LYS M 211 50.99 -22.62 12.64
C LYS M 211 49.82 -21.79 12.10
N ASP M 212 48.60 -22.00 12.60
CA ASP M 212 47.46 -21.25 12.11
C ASP M 212 47.37 -19.89 12.78
N HIS M 213 48.48 -19.16 12.82
CA HIS M 213 48.53 -17.81 13.38
C HIS M 213 47.92 -17.74 14.78
N ALA M 214 48.23 -18.73 15.60
CA ALA M 214 47.65 -18.79 16.94
C ALA M 214 48.50 -19.75 17.79
N LEU M 215 48.15 -19.81 19.07
CA LEU M 215 48.71 -20.76 20.01
C LEU M 215 47.57 -21.33 20.85
N ARG M 216 47.72 -22.60 21.24
CA ARG M 216 46.64 -23.32 21.89
C ARG M 216 47.15 -23.99 23.15
N LEU M 217 46.28 -24.08 24.15
CA LEU M 217 46.57 -24.73 25.43
C LEU M 217 45.61 -25.91 25.59
N TRP M 218 46.16 -27.12 25.57
CA TRP M 218 45.36 -28.33 25.69
C TRP M 218 45.42 -28.89 27.10
N ASN M 219 44.34 -29.53 27.51
CA ASN M 219 44.27 -30.23 28.79
C ASN M 219 44.16 -31.71 28.48
N ILE M 220 45.30 -32.41 28.52
CA ILE M 220 45.34 -33.82 28.17
C ILE M 220 44.49 -34.65 29.13
N GLN M 221 44.42 -34.24 30.40
CA GLN M 221 43.68 -35.00 31.39
C GLN M 221 42.21 -35.14 31.02
N THR M 222 41.58 -34.06 30.58
CA THR M 222 40.17 -34.08 30.22
C THR M 222 39.93 -33.95 28.73
N ASP M 223 40.98 -33.82 27.92
CA ASP M 223 40.88 -33.77 26.47
C ASP M 223 39.98 -32.62 26.01
N THR M 224 40.37 -31.40 26.41
CA THR M 224 39.67 -30.19 26.02
C THR M 224 40.68 -29.12 25.66
N LEU M 225 40.25 -28.17 24.83
CA LEU M 225 41.07 -27.02 24.45
C LEU M 225 40.79 -25.91 25.46
N VAL M 226 41.68 -25.78 26.44
CA VAL M 226 41.42 -24.91 27.58
C VAL M 226 41.29 -23.45 27.13
N ALA M 227 42.27 -22.97 26.36
CA ALA M 227 42.29 -21.56 25.98
C ALA M 227 42.91 -21.43 24.61
N ILE M 228 42.31 -20.56 23.80
CA ILE M 228 42.81 -20.28 22.46
C ILE M 228 43.42 -18.88 22.45
N PHE M 229 44.72 -18.80 22.68
CA PHE M 229 45.39 -17.50 22.70
C PHE M 229 45.53 -16.98 21.27
N GLY M 230 44.95 -15.81 21.02
CA GLY M 230 44.95 -15.21 19.70
C GLY M 230 43.60 -14.59 19.39
N GLY M 231 43.61 -13.61 18.50
CA GLY M 231 42.40 -12.91 18.15
C GLY M 231 42.62 -11.64 17.36
N VAL M 232 41.99 -10.55 17.79
CA VAL M 232 42.09 -9.29 17.06
C VAL M 232 43.52 -8.75 17.10
N GLU M 233 44.16 -8.80 18.27
CA GLU M 233 45.50 -8.28 18.46
C GLU M 233 46.45 -9.35 19.00
N GLY M 234 46.36 -10.57 18.45
CA GLY M 234 47.21 -11.65 18.90
C GLY M 234 47.63 -12.59 17.80
N HIS M 235 48.93 -12.80 17.65
CA HIS M 235 49.51 -13.72 16.67
C HIS M 235 49.06 -13.37 15.25
N ARG M 236 49.54 -12.21 14.79
CA ARG M 236 49.31 -11.80 13.41
C ARG M 236 49.86 -12.83 12.43
N ASP M 237 50.88 -13.58 12.84
CA ASP M 237 51.42 -14.66 12.01
C ASP M 237 51.53 -15.94 12.84
N GLU M 238 52.16 -16.96 12.28
CA GLU M 238 52.26 -18.25 12.96
C GLU M 238 53.13 -18.14 14.21
N VAL M 239 52.66 -18.74 15.30
CA VAL M 239 53.38 -18.77 16.56
C VAL M 239 54.28 -19.99 16.56
N LEU M 240 55.60 -19.77 16.68
CA LEU M 240 56.55 -20.86 16.59
C LEU M 240 56.68 -21.62 17.91
N SER M 241 57.11 -20.93 18.97
CA SER M 241 57.33 -21.59 20.24
C SER M 241 56.97 -20.65 21.39
N ALA M 242 56.54 -21.23 22.50
CA ALA M 242 56.20 -20.47 23.70
C ALA M 242 56.67 -21.25 24.92
N ASP M 243 57.23 -20.53 25.88
CA ASP M 243 57.86 -21.13 27.05
C ASP M 243 57.03 -20.86 28.31
N TYR M 244 57.59 -21.25 29.45
CA TYR M 244 56.96 -21.04 30.75
C TYR M 244 57.98 -20.41 31.70
N ASP M 245 57.46 -19.74 32.72
CA ASP M 245 58.31 -19.09 33.71
C ASP M 245 58.98 -20.13 34.60
N LEU M 246 59.73 -19.64 35.58
CA LEU M 246 60.34 -20.56 36.56
C LEU M 246 59.27 -21.31 37.33
N LEU M 247 58.20 -20.63 37.71
CA LEU M 247 57.03 -21.26 38.31
C LEU M 247 55.84 -21.27 37.36
N GLY M 248 56.03 -20.83 36.12
CA GLY M 248 54.93 -20.79 35.17
C GLY M 248 53.94 -19.68 35.38
N GLU M 249 54.32 -18.62 36.08
CA GLU M 249 53.38 -17.52 36.36
C GLU M 249 52.98 -16.81 35.07
N LYS M 250 53.94 -16.57 34.17
CA LYS M 250 53.69 -15.83 32.95
C LYS M 250 54.17 -16.65 31.75
N ILE M 251 53.49 -16.45 30.62
CA ILE M 251 53.78 -17.17 29.38
C ILE M 251 54.16 -16.17 28.32
N MET M 252 55.31 -16.38 27.68
CA MET M 252 55.72 -15.61 26.52
C MET M 252 55.70 -16.51 25.29
N SER M 253 55.44 -15.92 24.13
CA SER M 253 55.27 -16.67 22.90
C SER M 253 55.95 -15.94 21.75
N CYS M 254 57.14 -16.39 21.39
CA CYS M 254 57.78 -15.91 20.17
C CYS M 254 56.96 -16.35 18.95
N GLY M 255 57.05 -15.56 17.88
CA GLY M 255 56.25 -15.82 16.71
C GLY M 255 56.92 -15.35 15.44
N MET M 256 56.21 -15.51 14.33
CA MET M 256 56.70 -15.10 13.02
C MET M 256 56.31 -13.67 12.67
N ASP M 257 55.56 -12.99 13.54
CA ASP M 257 55.16 -11.60 13.33
C ASP M 257 56.03 -10.63 14.11
N HIS M 258 57.29 -11.01 14.39
CA HIS M 258 58.23 -10.23 15.18
C HIS M 258 57.68 -9.93 16.58
N SER M 259 56.68 -10.69 17.02
CA SER M 259 56.01 -10.44 18.28
C SER M 259 56.58 -11.28 19.39
N LEU M 260 56.67 -10.70 20.58
CA LEU M 260 57.09 -11.39 21.80
C LEU M 260 56.10 -11.12 22.91
N LYS M 261 54.82 -11.06 22.57
CA LYS M 261 53.80 -10.69 23.54
C LYS M 261 53.68 -11.74 24.64
N LEU M 262 53.56 -11.26 25.87
CA LEU M 262 53.51 -12.12 27.05
C LEU M 262 52.06 -12.38 27.41
N TRP M 263 51.52 -13.47 26.89
CA TRP M 263 50.15 -13.85 27.25
C TRP M 263 50.13 -14.38 28.68
N ARG M 264 49.88 -13.49 29.63
CA ARG M 264 49.98 -13.85 31.04
C ARG M 264 48.88 -14.83 31.42
N ILE M 265 49.24 -15.76 32.32
CA ILE M 265 48.28 -16.70 32.88
C ILE M 265 48.01 -16.30 34.32
N ASN M 266 48.20 -15.02 34.63
CA ASN M 266 48.03 -14.50 35.98
C ASN M 266 46.64 -13.92 36.23
N SER M 267 45.83 -13.75 35.20
CA SER M 267 44.49 -13.24 35.39
C SER M 267 43.60 -14.29 36.06
N LYS M 268 42.55 -13.81 36.72
CA LYS M 268 41.64 -14.72 37.41
C LYS M 268 40.81 -15.55 36.43
N ARG M 269 40.55 -15.01 35.24
CA ARG M 269 39.78 -15.75 34.24
C ARG M 269 40.50 -17.02 33.81
N MET M 270 41.82 -16.95 33.64
CA MET M 270 42.57 -18.13 33.24
C MET M 270 42.50 -19.21 34.31
N MET M 271 42.65 -18.82 35.59
CA MET M 271 42.54 -19.79 36.67
C MET M 271 41.15 -20.39 36.76
N ASN M 272 40.12 -19.56 36.58
CA ASN M 272 38.76 -20.07 36.61
C ASN M 272 38.51 -21.06 35.48
N ALA M 273 39.01 -20.74 34.28
CA ALA M 273 38.86 -21.66 33.15
C ALA M 273 39.61 -22.96 33.38
N ILE M 274 40.81 -22.88 33.96
CA ILE M 274 41.58 -24.07 34.27
C ILE M 274 40.82 -24.96 35.26
N LYS M 275 40.25 -24.35 36.30
CA LYS M 275 39.47 -25.12 37.26
C LYS M 275 38.25 -25.75 36.59
N GLU M 276 37.56 -24.99 35.73
CA GLU M 276 36.40 -25.51 35.02
C GLU M 276 36.79 -26.73 34.18
N SER M 277 37.87 -26.60 33.39
CA SER M 277 38.34 -27.72 32.59
C SER M 277 38.75 -28.90 33.47
N TYR M 278 39.26 -28.62 34.68
CA TYR M 278 39.56 -29.69 35.61
C TYR M 278 38.29 -30.44 36.00
N ASP M 279 37.19 -29.72 36.18
CA ASP M 279 35.91 -30.34 36.52
C ASP M 279 34.92 -30.28 35.36
N TYR M 280 35.39 -30.47 34.13
CA TYR M 280 34.55 -30.45 32.94
C TYR M 280 34.54 -31.83 32.28
N ASN M 281 33.41 -32.14 31.65
CA ASN M 281 33.27 -33.38 30.89
C ASN M 281 32.47 -33.10 29.62
N PRO M 282 33.04 -33.36 28.43
CA PRO M 282 32.29 -33.11 27.20
C PRO M 282 31.02 -33.96 27.08
N ASN M 283 31.02 -35.15 27.67
CA ASN M 283 29.82 -35.98 27.64
C ASN M 283 28.70 -35.35 28.45
N LYS M 284 29.04 -34.74 29.60
CA LYS M 284 28.02 -34.25 30.52
C LYS M 284 27.15 -33.18 29.87
N THR M 285 27.75 -32.25 29.14
CA THR M 285 27.03 -31.12 28.56
C THR M 285 26.96 -31.24 27.04
N ASN M 286 25.84 -30.78 26.48
CA ASN M 286 25.67 -30.84 25.03
C ASN M 286 26.49 -29.77 24.33
N ARG M 287 26.54 -28.58 24.90
CA ARG M 287 27.29 -27.49 24.29
C ARG M 287 28.80 -27.80 24.32
N PRO M 288 29.54 -27.28 23.36
CA PRO M 288 31.00 -27.50 23.36
C PRO M 288 31.65 -26.80 24.54
N PHE M 289 32.95 -27.06 24.71
CA PHE M 289 33.72 -26.41 25.76
C PHE M 289 33.83 -24.92 25.47
N ILE M 290 33.46 -24.10 26.44
CA ILE M 290 33.50 -22.65 26.25
C ILE M 290 34.93 -22.18 26.47
N SER M 291 35.71 -22.14 25.39
CA SER M 291 37.09 -21.71 25.49
C SER M 291 37.16 -20.20 25.66
N GLN M 292 38.32 -19.74 26.12
CA GLN M 292 38.58 -18.32 26.32
C GLN M 292 39.59 -17.86 25.27
N LYS M 293 39.15 -16.98 24.37
CA LYS M 293 40.01 -16.45 23.33
C LYS M 293 40.61 -15.15 23.83
N ILE M 294 41.93 -15.14 24.02
CA ILE M 294 42.64 -13.96 24.52
C ILE M 294 43.09 -13.18 23.29
N HIS M 295 42.21 -12.30 22.81
CA HIS M 295 42.54 -11.47 21.66
C HIS M 295 43.65 -10.48 22.00
N PHE M 296 43.63 -9.93 23.22
CA PHE M 296 44.57 -8.91 23.63
C PHE M 296 45.52 -9.46 24.68
N PRO M 297 46.81 -9.53 24.41
CA PRO M 297 47.75 -10.00 25.43
C PRO M 297 47.94 -8.97 26.54
N ASP M 298 48.39 -9.46 27.69
CA ASP M 298 48.64 -8.58 28.83
C ASP M 298 49.87 -7.71 28.64
N PHE M 299 50.66 -7.97 27.60
CA PHE M 299 51.87 -7.21 27.30
C PHE M 299 52.34 -7.65 25.92
N SER M 300 52.89 -6.71 25.16
CA SER M 300 53.34 -7.01 23.81
C SER M 300 54.50 -6.10 23.46
N THR M 301 55.28 -6.54 22.46
CA THR M 301 56.39 -5.75 21.94
C THR M 301 56.71 -6.25 20.54
N ARG M 302 57.18 -5.33 19.68
CA ARG M 302 57.52 -5.66 18.31
C ARG M 302 58.90 -5.19 17.89
N ASP M 303 59.73 -4.69 18.82
CA ASP M 303 60.98 -4.06 18.46
C ASP M 303 62.22 -4.73 19.04
N ILE M 304 62.06 -5.75 19.90
CA ILE M 304 63.23 -6.39 20.49
C ILE M 304 64.01 -7.17 19.43
N HIS M 305 63.31 -7.89 18.57
CA HIS M 305 63.94 -8.65 17.49
C HIS M 305 63.52 -8.07 16.14
N ARG M 306 64.51 -7.79 15.29
CA ARG M 306 64.21 -7.22 13.98
C ARG M 306 63.53 -8.23 13.07
N ASN M 307 63.87 -9.51 13.20
CA ASN M 307 63.24 -10.58 12.44
C ASN M 307 62.36 -11.41 13.37
N TYR M 308 61.78 -12.47 12.82
CA TYR M 308 60.91 -13.34 13.61
C TYR M 308 61.71 -14.11 14.66
N VAL M 309 61.06 -14.37 15.79
CA VAL M 309 61.68 -15.03 16.93
C VAL M 309 61.12 -16.44 17.02
N ASP M 310 62.01 -17.42 17.19
CA ASP M 310 61.64 -18.83 17.17
C ASP M 310 61.74 -19.53 18.51
N CYS M 311 62.59 -19.08 19.41
CA CYS M 311 62.74 -19.70 20.72
C CYS M 311 62.59 -18.65 21.83
N VAL M 312 61.97 -19.07 22.93
CA VAL M 312 61.74 -18.20 24.07
C VAL M 312 61.92 -19.01 25.34
N ARG M 313 62.36 -18.36 26.41
CA ARG M 313 62.52 -19.01 27.70
C ARG M 313 62.50 -17.93 28.79
N TRP M 314 62.53 -18.38 30.04
CA TRP M 314 62.40 -17.51 31.21
C TRP M 314 63.63 -17.70 32.10
N LEU M 315 64.66 -16.91 31.85
CA LEU M 315 65.83 -16.93 32.73
C LEU M 315 65.51 -16.18 34.01
N GLY M 316 65.13 -16.94 35.04
CA GLY M 316 64.64 -16.33 36.26
C GLY M 316 63.39 -15.52 35.98
N ASP M 317 63.37 -14.28 36.48
CA ASP M 317 62.27 -13.36 36.21
C ASP M 317 62.48 -12.57 34.93
N LEU M 318 63.61 -12.74 34.26
CA LEU M 318 63.90 -12.06 33.00
C LEU M 318 63.52 -12.97 31.84
N ILE M 319 63.82 -12.54 30.61
CA ILE M 319 63.40 -13.25 29.41
C ILE M 319 64.62 -13.80 28.70
N LEU M 320 64.53 -15.07 28.29
CA LEU M 320 65.59 -15.76 27.57
C LEU M 320 65.15 -16.09 26.15
N SER M 321 64.45 -15.16 25.51
CA SER M 321 63.98 -15.40 24.15
C SER M 321 65.13 -15.39 23.16
N LYS M 322 64.97 -16.12 22.06
CA LYS M 322 66.00 -16.24 21.03
C LYS M 322 65.38 -16.08 19.66
N SER M 323 66.09 -15.41 18.76
CA SER M 323 65.65 -15.25 17.38
C SER M 323 66.78 -15.60 16.43
N CYS M 324 66.61 -15.29 15.14
CA CYS M 324 67.64 -15.57 14.15
C CYS M 324 68.79 -14.58 14.25
N GLU M 325 68.80 -13.77 15.30
CA GLU M 325 69.87 -12.82 15.57
C GLU M 325 71.03 -13.44 16.33
N ASN M 326 71.17 -14.77 16.28
CA ASN M 326 72.21 -15.56 16.94
C ASN M 326 72.52 -15.08 18.35
N ALA M 327 71.48 -14.73 19.11
CA ALA M 327 71.66 -14.28 20.48
C ALA M 327 70.36 -14.50 21.25
N ILE M 328 70.49 -14.95 22.49
CA ILE M 328 69.35 -15.09 23.40
C ILE M 328 69.42 -13.88 24.33
N VAL M 329 68.74 -12.79 23.93
CA VAL M 329 68.80 -11.55 24.69
C VAL M 329 68.10 -11.73 26.02
N CYS M 330 68.77 -11.31 27.10
CA CYS M 330 68.21 -11.40 28.45
C CYS M 330 67.72 -10.01 28.85
N TRP M 331 66.51 -9.68 28.43
CA TRP M 331 65.89 -8.39 28.73
C TRP M 331 64.77 -8.58 29.74
N LYS M 332 64.28 -7.44 30.24
CA LYS M 332 63.20 -7.46 31.22
C LYS M 332 62.09 -6.51 30.78
N PRO M 333 60.83 -6.85 31.06
CA PRO M 333 59.73 -5.97 30.69
C PRO M 333 59.75 -4.68 31.49
N GLY M 334 59.25 -3.61 30.85
CA GLY M 334 59.17 -2.34 31.53
C GLY M 334 60.54 -1.67 31.69
N LYS M 335 60.58 -0.73 32.64
CA LYS M 335 61.79 0.03 32.91
C LYS M 335 62.76 -0.80 33.74
N MET M 336 63.83 -0.17 34.23
CA MET M 336 64.83 -0.88 35.00
C MET M 336 64.43 -1.11 36.46
N GLU M 337 63.43 -0.37 36.96
CA GLU M 337 63.04 -0.45 38.36
C GLU M 337 61.67 -1.04 38.60
N ASP M 338 60.75 -0.90 37.64
CA ASP M 338 59.37 -1.34 37.85
C ASP M 338 59.29 -2.86 37.93
N ASP M 339 58.39 -3.35 38.78
CA ASP M 339 58.16 -4.77 38.91
C ASP M 339 57.50 -5.33 37.66
N ILE M 340 57.92 -6.52 37.25
CA ILE M 340 57.34 -7.16 36.07
C ILE M 340 55.89 -7.56 36.35
N ASP M 341 55.61 -8.03 37.56
CA ASP M 341 54.27 -8.49 37.89
C ASP M 341 53.26 -7.35 37.96
N LYS M 342 53.72 -6.11 38.15
CA LYS M 342 52.84 -4.96 38.24
C LYS M 342 52.98 -4.01 37.06
N ILE M 343 53.59 -4.48 35.97
CA ILE M 343 53.78 -3.65 34.79
C ILE M 343 52.43 -3.38 34.14
N LYS M 344 52.18 -2.13 33.78
CA LYS M 344 50.92 -1.77 33.14
C LYS M 344 50.85 -2.34 31.72
N PRO M 345 49.66 -2.71 31.26
CA PRO M 345 49.54 -3.26 29.90
C PRO M 345 49.94 -2.29 28.80
N SER M 346 49.98 -0.99 29.08
CA SER M 346 50.32 0.01 28.07
C SER M 346 51.79 0.35 28.02
N GLU M 347 52.63 -0.35 28.80
CA GLU M 347 54.06 -0.09 28.77
C GLU M 347 54.62 -0.34 27.37
N SER M 348 55.51 0.53 26.92
CA SER M 348 56.04 0.46 25.57
C SER M 348 57.55 0.68 25.51
N ASN M 349 58.26 0.59 26.63
CA ASN M 349 59.71 0.78 26.67
C ASN M 349 60.33 -0.27 27.58
N VAL M 350 60.75 -1.39 27.00
CA VAL M 350 61.42 -2.45 27.74
C VAL M 350 62.91 -2.14 27.78
N THR M 351 63.64 -2.79 28.69
CA THR M 351 65.07 -2.58 28.84
C THR M 351 65.82 -3.90 28.64
N ILE M 352 66.90 -3.83 27.87
CA ILE M 352 67.74 -4.99 27.57
C ILE M 352 68.96 -4.97 28.48
N LEU M 353 69.39 -6.15 28.91
CA LEU M 353 70.54 -6.29 29.80
C LEU M 353 71.74 -6.93 29.12
N GLY M 354 71.57 -8.11 28.54
CA GLY M 354 72.68 -8.79 27.88
C GLY M 354 72.17 -9.90 27.00
N ARG M 355 73.09 -10.42 26.18
CA ARG M 355 72.76 -11.48 25.23
C ARG M 355 73.96 -12.40 25.06
N PHE M 356 73.69 -13.70 25.01
CA PHE M 356 74.72 -14.70 24.72
C PHE M 356 74.86 -14.80 23.21
N ASP M 357 76.06 -14.51 22.71
CA ASP M 357 76.30 -14.36 21.27
C ASP M 357 77.18 -15.49 20.75
N TYR M 358 76.80 -16.06 19.61
CA TYR M 358 77.60 -17.03 18.91
C TYR M 358 77.51 -16.81 17.41
N SER M 359 77.99 -17.77 16.60
CA SER M 359 78.07 -17.59 15.16
C SER M 359 77.67 -18.87 14.45
N GLN M 360 77.40 -18.73 13.15
CA GLN M 360 77.05 -19.86 12.28
C GLN M 360 75.83 -20.61 12.79
N CYS M 361 74.84 -19.87 13.28
CA CYS M 361 73.62 -20.45 13.84
C CYS M 361 72.41 -19.64 13.35
N ASP M 362 72.37 -19.35 12.05
CA ASP M 362 71.37 -18.45 11.49
C ASP M 362 70.15 -19.17 10.91
N ILE M 363 70.07 -20.50 11.03
CA ILE M 363 68.93 -21.24 10.50
C ILE M 363 67.73 -21.05 11.41
N TRP M 364 66.55 -21.43 10.94
CA TRP M 364 65.31 -21.25 11.67
C TRP M 364 64.77 -22.58 12.19
N TYR M 365 63.79 -22.48 13.08
CA TYR M 365 63.16 -23.63 13.74
C TYR M 365 64.19 -24.50 14.45
N MET M 366 64.80 -23.92 15.48
CA MET M 366 65.68 -24.64 16.38
C MET M 366 65.28 -24.33 17.81
N ARG M 367 65.53 -25.28 18.71
CA ARG M 367 65.13 -25.16 20.10
C ARG M 367 66.33 -25.33 21.01
N PHE M 368 66.40 -24.49 22.04
CA PHE M 368 67.43 -24.58 23.06
C PHE M 368 66.79 -24.92 24.40
N SER M 369 67.62 -25.40 25.32
CA SER M 369 67.13 -25.81 26.63
C SER M 369 68.25 -25.74 27.65
N MET M 370 67.90 -25.28 28.85
CA MET M 370 68.82 -25.26 29.97
C MET M 370 68.64 -26.56 30.77
N ASP M 371 69.22 -26.61 31.97
CA ASP M 371 69.05 -27.76 32.84
C ASP M 371 67.91 -27.50 33.84
N PHE M 372 67.74 -28.40 34.80
CA PHE M 372 66.72 -28.20 35.82
C PHE M 372 67.13 -27.08 36.78
N TRP M 373 68.42 -26.96 37.08
CA TRP M 373 68.90 -25.99 38.04
C TRP M 373 69.30 -24.66 37.39
N GLN M 374 69.09 -24.51 36.08
CA GLN M 374 69.27 -23.29 35.30
C GLN M 374 70.74 -22.91 35.19
N LYS M 375 71.65 -23.64 35.84
CA LYS M 375 73.06 -23.31 35.79
C LYS M 375 73.72 -23.65 34.46
N MET M 376 73.13 -24.56 33.68
CA MET M 376 73.67 -24.98 32.39
C MET M 376 72.62 -24.75 31.33
N LEU M 377 72.86 -23.81 30.43
CA LEU M 377 71.98 -23.53 29.31
C LEU M 377 72.67 -23.92 28.01
N ALA M 378 71.97 -24.65 27.16
CA ALA M 378 72.56 -25.19 25.94
C ALA M 378 71.69 -24.89 24.73
N LEU M 379 72.37 -24.74 23.58
CA LEU M 379 71.71 -24.52 22.31
C LEU M 379 72.52 -25.22 21.22
N GLY M 380 71.80 -25.80 20.24
CA GLY M 380 72.44 -26.50 19.16
C GLY M 380 72.89 -25.58 18.03
N ASN M 381 73.78 -26.11 17.19
CA ASN M 381 74.28 -25.39 16.03
C ASN M 381 74.22 -26.29 14.82
N GLN M 382 73.95 -25.68 13.66
CA GLN M 382 73.81 -26.44 12.43
C GLN M 382 75.14 -27.01 11.94
N VAL M 383 76.25 -26.33 12.24
CA VAL M 383 77.56 -26.87 11.89
C VAL M 383 77.81 -28.17 12.65
N GLY M 384 77.49 -28.18 13.94
CA GLY M 384 77.65 -29.38 14.74
C GLY M 384 78.15 -29.10 16.14
N LYS M 385 78.63 -27.88 16.38
CA LYS M 385 79.16 -27.52 17.68
C LYS M 385 78.04 -27.40 18.72
N LEU M 386 78.42 -27.55 19.99
CA LEU M 386 77.48 -27.47 21.10
C LEU M 386 78.00 -26.47 22.12
N TYR M 387 77.07 -25.77 22.78
CA TYR M 387 77.41 -24.76 23.77
C TYR M 387 76.68 -25.06 25.07
N VAL M 388 77.35 -24.80 26.19
CA VAL M 388 76.76 -24.86 27.53
C VAL M 388 77.06 -23.55 28.24
N TRP M 389 76.02 -22.94 28.82
CA TRP M 389 76.12 -21.62 29.43
C TRP M 389 76.02 -21.73 30.94
N ASP M 390 76.94 -21.09 31.64
CA ASP M 390 76.94 -21.06 33.10
C ASP M 390 76.24 -19.80 33.57
N LEU M 391 75.05 -19.96 34.15
CA LEU M 391 74.25 -18.83 34.61
C LEU M 391 74.03 -18.81 36.12
N GLU M 392 74.57 -19.79 36.85
CA GLU M 392 74.44 -19.77 38.30
C GLU M 392 75.34 -18.72 38.94
N VAL M 393 76.38 -18.26 38.24
CA VAL M 393 77.30 -17.28 38.78
C VAL M 393 76.60 -15.93 38.86
N GLU M 394 77.19 -14.99 39.59
CA GLU M 394 76.61 -13.67 39.76
C GLU M 394 76.71 -12.89 38.45
N ASP M 395 76.14 -11.68 38.48
CA ASP M 395 76.18 -10.71 37.38
C ASP M 395 75.38 -11.21 36.17
N PRO M 396 75.07 -10.32 35.21
CA PRO M 396 74.44 -10.79 33.97
C PRO M 396 75.41 -11.57 33.09
N HIS M 397 74.97 -11.90 31.88
CA HIS M 397 75.77 -12.72 30.98
C HIS M 397 77.15 -12.14 30.75
N LYS M 398 78.17 -12.98 30.88
CA LYS M 398 79.55 -12.58 30.69
C LYS M 398 80.37 -13.82 30.39
N ALA M 399 81.70 -13.68 30.43
CA ALA M 399 82.64 -14.77 30.21
C ALA M 399 82.46 -15.42 28.85
N LYS M 400 83.01 -16.62 28.66
CA LYS M 400 82.92 -17.32 27.40
C LYS M 400 82.39 -18.75 27.50
N CYS M 401 82.29 -19.31 28.71
CA CYS M 401 81.77 -20.66 28.92
C CYS M 401 82.59 -21.70 28.16
N THR M 402 81.98 -22.86 27.88
CA THR M 402 82.66 -23.97 27.23
C THR M 402 81.85 -24.45 26.04
N THR M 403 82.56 -24.87 24.99
CA THR M 403 81.96 -25.39 23.77
C THR M 403 82.26 -26.87 23.65
N LEU M 404 81.23 -27.67 23.40
CA LEU M 404 81.35 -29.12 23.29
C LEU M 404 81.39 -29.52 21.82
N THR M 405 82.39 -30.31 21.45
CA THR M 405 82.54 -30.83 20.09
C THR M 405 82.61 -32.35 20.14
N HIS M 406 81.94 -33.00 19.19
CA HIS M 406 81.89 -34.45 19.11
C HIS M 406 82.72 -34.95 17.94
N HIS M 407 83.23 -36.17 18.08
CA HIS M 407 84.04 -36.77 17.02
C HIS M 407 83.20 -37.15 15.81
N LYS M 408 81.91 -37.42 16.02
CA LYS M 408 81.03 -37.82 14.92
C LYS M 408 79.86 -36.85 14.78
N CYS M 409 80.15 -35.55 14.81
CA CYS M 409 79.14 -34.51 14.69
C CYS M 409 79.36 -33.77 13.38
N GLY M 410 78.50 -34.03 12.40
CA GLY M 410 78.61 -33.39 11.10
C GLY M 410 77.33 -32.67 10.67
N ALA M 411 76.19 -33.09 11.22
CA ALA M 411 74.89 -32.58 10.80
C ALA M 411 74.42 -31.48 11.74
N ALA M 412 73.17 -31.05 11.54
CA ALA M 412 72.59 -29.94 12.29
C ALA M 412 71.83 -30.46 13.49
N ILE M 413 72.20 -29.98 14.67
CA ILE M 413 71.50 -30.34 15.91
C ILE M 413 70.22 -29.53 16.02
N ARG M 414 69.10 -30.19 16.25
CA ARG M 414 67.82 -29.52 16.36
C ARG M 414 67.34 -29.33 17.79
N GLN M 415 67.87 -30.10 18.74
CA GLN M 415 67.47 -29.96 20.13
C GLN M 415 68.47 -30.65 21.06
N THR M 416 68.88 -29.95 22.12
CA THR M 416 69.79 -30.48 23.12
C THR M 416 69.06 -30.64 24.45
N SER M 417 69.47 -31.64 25.22
CA SER M 417 68.78 -31.95 26.47
C SER M 417 69.78 -32.51 27.47
N PHE M 418 69.92 -31.85 28.63
CA PHE M 418 70.66 -32.41 29.75
C PHE M 418 69.78 -33.44 30.46
N SER M 419 70.30 -34.03 31.53
CA SER M 419 69.50 -34.81 32.45
C SER M 419 69.10 -33.94 33.62
N ARG M 420 68.21 -34.46 34.46
CA ARG M 420 67.82 -33.73 35.67
C ARG M 420 69.04 -33.46 36.55
N ASP M 421 69.85 -34.48 36.77
CA ASP M 421 71.13 -34.32 37.44
C ASP M 421 72.18 -33.90 36.43
N SER M 422 73.13 -33.08 36.88
CA SER M 422 74.14 -32.54 35.99
C SER M 422 75.18 -33.60 35.63
N SER M 423 74.75 -34.65 34.95
CA SER M 423 75.69 -35.70 34.57
C SER M 423 75.62 -36.08 33.09
N ILE M 424 74.44 -36.10 32.49
CA ILE M 424 74.25 -36.67 31.16
C ILE M 424 73.49 -35.69 30.28
N LEU M 425 74.00 -35.50 29.06
CA LEU M 425 73.34 -34.70 28.03
C LEU M 425 73.58 -35.35 26.68
N ILE M 426 72.58 -35.28 25.79
CA ILE M 426 72.67 -35.88 24.47
C ILE M 426 72.21 -34.89 23.42
N ALA M 427 72.98 -34.76 22.35
CA ALA M 427 72.64 -33.95 21.19
C ALA M 427 72.17 -34.84 20.05
N VAL M 428 71.22 -34.34 19.26
CA VAL M 428 70.60 -35.10 18.20
C VAL M 428 70.70 -34.32 16.90
N CYS M 429 71.22 -34.95 15.86
CA CYS M 429 71.41 -34.32 14.57
C CYS M 429 70.18 -34.53 13.69
N ASP M 430 70.32 -34.23 12.40
CA ASP M 430 69.24 -34.39 11.43
C ASP M 430 69.24 -35.76 10.77
N ASP M 431 69.70 -36.78 11.48
CA ASP M 431 69.62 -38.16 11.01
C ASP M 431 69.13 -39.10 12.11
N ALA M 432 68.54 -38.54 13.16
CA ALA M 432 68.11 -39.31 14.34
C ALA M 432 69.28 -40.11 14.90
N SER M 433 70.46 -39.51 14.93
CA SER M 433 71.68 -40.13 15.41
C SER M 433 72.06 -39.45 16.72
N ILE M 434 71.57 -39.99 17.83
CA ILE M 434 71.81 -39.39 19.13
C ILE M 434 73.27 -39.59 19.52
N TRP M 435 73.87 -38.52 20.06
CA TRP M 435 75.20 -38.59 20.66
C TRP M 435 75.07 -38.18 22.12
N ARG M 436 75.23 -39.13 23.04
CA ARG M 436 75.06 -38.88 24.45
C ARG M 436 76.39 -38.56 25.12
N TRP M 437 76.38 -37.57 26.00
CA TRP M 437 77.54 -37.16 26.77
C TRP M 437 77.31 -37.45 28.25
N ASP M 438 78.41 -37.67 28.97
CA ASP M 438 78.38 -37.88 30.40
C ASP M 438 79.37 -36.93 31.06
N ARG M 439 78.89 -36.17 32.06
CA ARG M 439 79.73 -35.21 32.74
C ARG M 439 80.68 -35.91 33.70
N LEU M 440 81.85 -35.29 33.92
CA LEU M 440 82.82 -35.85 34.85
C LEU M 440 82.28 -35.89 36.27
N ARG M 441 81.60 -34.84 36.69
CA ARG M 441 81.00 -34.75 38.03
C ARG M 441 82.03 -34.98 39.13
#